data_7YR1
#
_entry.id   7YR1
#
_cell.length_a   1.00
_cell.length_b   1.00
_cell.length_c   1.00
_cell.angle_alpha   90.00
_cell.angle_beta   90.00
_cell.angle_gamma   90.00
#
_symmetry.space_group_name_H-M   'P 1'
#
loop_
_entity.id
_entity.type
_entity.pdbx_description
1 polymer 'Spike glycoprotein'
2 polymer 'XG2v024 Heavy chain'
3 polymer 'XG2v024 Light chain'
4 branched 2-acetamido-2-deoxy-beta-D-glucopyranose-(1-4)-2-acetamido-2-deoxy-beta-D-glucopyranose
5 branched beta-D-mannopyranose-(1-4)-2-acetamido-2-deoxy-beta-D-glucopyranose-(1-4)-2-acetamido-2-deoxy-beta-D-glucopyranose
6 non-polymer 2-acetamido-2-deoxy-beta-D-glucopyranose
#
loop_
_entity_poly.entity_id
_entity_poly.type
_entity_poly.pdbx_seq_one_letter_code
_entity_poly.pdbx_strand_id
1 'polypeptide(L)'
;MFVFLVLLPLVSSQCVNLITRTQSYTNSFTRGVYYPDKVFRSSVLHSTQDLFLPFFSNVTWFHAIHVSGTNGTKRFDNPV
LPFNDGVYFASTEKSNIIRGWIFGTTLDSKTQSLLIVNNATNVVIKVCEFQFCNDPFLDVYYHENNKSRMESELRVYSSA
NNCTFEYVSQPFLMDLEGKQGNFKNLREFVFKNIDGYFKIYSKHTPVNLGRDLPQGFSALEPLVDLPIGINITRFQTLLA
LHRSYLTPGDSSSSWTAGAAAYYVGYLQPRTFLLKYNENGTITDAVDCALDPLSETKCTLKSFTVEKGIYQTSNFRVQPT
ESIVRFPNITNLCPFHEVFNATRFASVYAWNRKRISNCVADYSVLYNFAPFFAFKCYGVSPTKLNDLCFTNVYADSFVIR
GNEVSQIAPGQTGNIADYNYKLPDDFTGCVIAWNSNKLDSKVSGNYNYLYRLFRKSKLKPFERDISTEIYQAGNKPCNGV
AGFNCYFPLQSYGFRPTYGVGHQPYRVVVLSFELLHAPATVCGPKKSTNLVKNKCVNFNFNGLTGTGVLTESNKKFLPFQ
QFGRDIADTTDAVRDPQTLEILDITPCSFGGVSVITPGTNTSNQVAVLYQGVNCTEVPVAIHADQLTPTWRVYSTGSNVF
QTRAGCLIGAEYVNNSYECDIPIGAGICASYQTQTKSHRAAASVASQSIIAYTMSLGAENSVAYSNNSIAIPTNFTISVT
TEILPVSMTKTSVDCTMYICGDSTECSNLLLQYGSFCTQLKRALTGIAVEQDKNTQEVFAQVKQIYKTPPIKYFGGFNFS
QILPDPSKPSKRSPIEDLLFNKVTLADAGFIKQYGDCLGDIAARDLICAQKFNGLTVLPPLLTDEMIAQYTSALLAGTIT
SGWTFGAGPALQIPFPMQMAYRFNGIGVTQNVLYENQKLIANQFNSAIGKIQDSLSSTPSALGKLQDVVNHNAQALNTLV
KQLSSKFGAISSVLNDILSRLDPPEAEVQIDRLITGRLQSLQTYVTQQLIRAAEIRASANLAATKMSECVLGQSKRVDFC
GKGYHLMSFPQSAPHGVVFLHVTYVPAQEKNFTTAPAICHDGKAHFPREGVFVSNGTHWFVTQRNFYEPQIITTDNTFVS
GNCDVVIGIVNNTVYDPLQPELDSFKEELDKYFKNHTSPDVDLGDISGINASVVNIQKEIDRLNEVAKNLNESLIDLQEL
GKYEQYIKWPWYIWLGFIAGLIAIVMVTIMLCCMTSCCSCLKGCCSCGSCCKFDEDDSEPVLKGVKLHYT
;
A,B,C
2 'polypeptide(L)'
;VQLVESGGGLVQPGGSLRLSCSASGLTVSSNHMTWVRQAPGKGLEWVSVIYRGGSTYYADSVKGRLTISRDNSKNTLYLQ
MNSLRAEDTAVYYCARAQGGWELPGAGYYYFYGMDVWGQGTTVTVS
;
H,D,E
3 'polypeptide(L)'
;IVMTQSPSSLSASVGDRVTITCRASQSISTYLNWYQQKPGKAPKLLIYAASSLQSGVPSRFSGSASGTDFTLTISSLQPE
DFATYYCQQSFSTSFTFGPGTKVDI
;
L,F,G
#
loop_
_chem_comp.id
_chem_comp.type
_chem_comp.name
_chem_comp.formula
BMA D-saccharide, beta linking beta-D-mannopyranose 'C6 H12 O6'
NAG D-saccharide, beta linking 2-acetamido-2-deoxy-beta-D-glucopyranose 'C8 H15 N O6'
#
# COMPACT_ATOMS: atom_id res chain seq x y z
N THR A 22 16.83 5.78 63.22
CA THR A 22 16.61 7.06 62.57
C THR A 22 16.39 6.88 61.08
N GLN A 23 15.15 6.58 60.70
CA GLN A 23 14.79 6.34 59.29
C GLN A 23 14.40 7.64 58.59
N SER A 24 15.29 8.62 58.63
CA SER A 24 15.03 9.87 57.93
C SER A 24 15.14 9.68 56.42
N TYR A 25 14.53 10.59 55.67
CA TYR A 25 14.47 10.52 54.22
C TYR A 25 15.43 11.53 53.62
N THR A 26 16.15 11.12 52.57
CA THR A 26 17.07 12.01 51.90
C THR A 26 16.88 11.94 50.39
N ASN A 27 17.14 13.06 49.73
CA ASN A 27 17.00 13.13 48.27
C ASN A 27 18.07 12.30 47.60
N SER A 28 17.68 11.58 46.54
CA SER A 28 18.61 10.73 45.80
C SER A 28 19.23 11.42 44.60
N PHE A 29 18.78 12.63 44.25
CA PHE A 29 19.31 13.40 43.12
C PHE A 29 19.19 12.53 41.86
N THR A 30 20.19 12.55 40.97
CA THR A 30 20.16 11.83 39.70
C THR A 30 21.19 10.71 39.75
N ARG A 31 20.77 9.53 40.18
CA ARG A 31 21.68 8.43 40.39
C ARG A 31 20.92 7.12 40.33
N GLY A 32 21.47 6.14 39.62
CA GLY A 32 20.87 4.82 39.58
C GLY A 32 20.78 4.21 38.19
N VAL A 33 21.26 4.92 37.17
CA VAL A 33 21.21 4.39 35.82
C VAL A 33 22.26 3.31 35.63
N TYR A 34 22.06 2.49 34.60
CA TYR A 34 22.96 1.39 34.33
C TYR A 34 22.85 1.00 32.86
N TYR A 35 23.80 0.20 32.40
CA TYR A 35 23.77 -0.27 31.03
C TYR A 35 22.64 -1.27 30.86
N PRO A 36 21.69 -1.03 29.96
CA PRO A 36 20.54 -1.94 29.86
C PRO A 36 20.81 -3.15 28.96
N ASP A 37 21.75 -3.04 28.03
CA ASP A 37 22.02 -4.10 27.09
C ASP A 37 23.53 -4.31 26.96
N LYS A 38 23.91 -5.53 26.59
CA LYS A 38 25.32 -5.89 26.47
C LYS A 38 25.81 -5.72 25.04
N VAL A 39 25.66 -4.51 24.52
CA VAL A 39 26.15 -4.15 23.20
C VAL A 39 26.83 -2.79 23.29
N PHE A 40 27.64 -2.50 22.29
CA PHE A 40 28.46 -1.29 22.27
C PHE A 40 27.90 -0.30 21.25
N ARG A 41 27.68 0.93 21.69
CA ARG A 41 27.20 2.00 20.83
C ARG A 41 28.13 3.19 20.97
N SER A 42 28.55 3.76 19.84
CA SER A 42 29.61 4.76 19.87
C SER A 42 29.08 6.12 20.31
N SER A 43 28.18 6.71 19.52
CA SER A 43 27.65 8.04 19.83
C SER A 43 26.22 8.09 19.29
N VAL A 44 25.26 7.79 20.16
CA VAL A 44 23.84 7.78 19.81
C VAL A 44 23.07 8.38 20.97
N LEU A 45 21.75 8.46 20.81
CA LEU A 45 20.83 8.84 21.88
C LEU A 45 19.72 7.78 21.90
N HIS A 46 19.97 6.71 22.64
CA HIS A 46 19.03 5.61 22.71
C HIS A 46 17.84 5.95 23.59
N SER A 47 16.76 5.20 23.40
CA SER A 47 15.52 5.39 24.17
C SER A 47 15.05 4.01 24.63
N THR A 48 15.33 3.66 25.87
CA THR A 48 14.96 2.37 26.43
C THR A 48 13.67 2.48 27.22
N GLN A 49 13.24 1.35 27.78
CA GLN A 49 12.04 1.30 28.61
C GLN A 49 12.21 0.13 29.56
N ASP A 50 12.42 0.43 30.84
CA ASP A 50 12.80 -0.63 31.78
C ASP A 50 12.59 -0.11 33.19
N LEU A 51 12.86 -0.97 34.18
CA LEU A 51 12.77 -0.58 35.58
C LEU A 51 13.98 0.29 35.93
N PHE A 52 13.72 1.42 36.58
CA PHE A 52 14.77 2.35 36.95
C PHE A 52 14.43 2.95 38.32
N LEU A 53 15.31 3.83 38.79
CA LEU A 53 15.03 4.62 39.99
C LEU A 53 14.65 6.03 39.54
N PRO A 54 13.43 6.48 39.82
CA PRO A 54 13.02 7.80 39.32
C PRO A 54 13.92 8.91 39.84
N PHE A 55 14.15 9.89 38.98
CA PHE A 55 15.04 11.00 39.33
C PHE A 55 14.41 11.87 40.42
N PHE A 56 15.28 12.48 41.22
CA PHE A 56 14.85 13.40 42.28
C PHE A 56 13.84 12.75 43.21
N SER A 57 14.07 11.48 43.53
CA SER A 57 13.19 10.74 44.41
C SER A 57 13.67 10.88 45.86
N ASN A 58 13.11 10.09 46.76
CA ASN A 58 13.53 10.05 48.15
C ASN A 58 13.95 8.64 48.51
N VAL A 59 14.93 8.53 49.39
CA VAL A 59 15.40 7.23 49.86
C VAL A 59 15.48 7.23 51.37
N THR A 60 15.36 6.02 51.95
CA THR A 60 15.24 5.84 53.38
C THR A 60 16.60 5.50 53.99
N TRP A 61 17.25 6.49 54.57
CA TRP A 61 18.45 6.24 55.35
C TRP A 61 18.13 5.36 56.56
N PHE A 62 18.97 4.35 56.80
CA PHE A 62 18.78 3.45 57.93
C PHE A 62 19.95 3.48 58.89
N HIS A 63 20.37 4.67 59.34
CA HIS A 63 21.40 4.77 60.35
C HIS A 63 21.08 3.86 61.53
N ALA A 64 22.07 3.08 61.95
CA ALA A 64 21.86 2.12 63.03
C ALA A 64 22.96 2.24 64.09
N PHE A 76 18.17 -4.50 67.31
CA PHE A 76 17.02 -3.66 67.00
C PHE A 76 17.02 -3.29 65.52
N ASP A 77 18.21 -3.28 64.93
CA ASP A 77 18.39 -2.87 63.55
C ASP A 77 18.02 -4.00 62.60
N ASN A 78 18.37 -3.86 61.32
CA ASN A 78 18.16 -4.84 60.28
C ASN A 78 16.67 -5.19 60.10
N PRO A 79 15.86 -4.27 59.59
CA PRO A 79 14.47 -4.62 59.27
C PRO A 79 14.41 -5.55 58.08
N VAL A 80 13.32 -6.32 58.02
CA VAL A 80 13.08 -7.24 56.91
C VAL A 80 12.26 -6.48 55.87
N LEU A 81 12.95 -5.91 54.88
CA LEU A 81 12.31 -5.02 53.95
C LEU A 81 11.60 -5.82 52.84
N PRO A 82 10.57 -5.23 52.23
CA PRO A 82 9.92 -5.87 51.08
C PRO A 82 10.77 -5.74 49.82
N PHE A 83 10.51 -6.64 48.88
CA PHE A 83 11.20 -6.69 47.60
C PHE A 83 10.12 -6.65 46.52
N ASN A 84 9.84 -5.46 46.00
CA ASN A 84 8.71 -5.30 45.08
C ASN A 84 9.10 -5.57 43.64
N ASP A 85 9.98 -4.75 43.09
CA ASP A 85 10.52 -4.90 41.75
C ASP A 85 12.04 -4.92 41.74
N GLY A 86 12.67 -4.14 42.60
CA GLY A 86 14.11 -4.08 42.67
C GLY A 86 14.54 -3.29 43.88
N VAL A 87 15.84 -3.28 44.12
CA VAL A 87 16.42 -2.55 45.23
C VAL A 87 17.69 -1.86 44.73
N TYR A 88 18.02 -0.73 45.37
CA TYR A 88 19.15 0.10 45.00
C TYR A 88 20.08 0.26 46.20
N PHE A 89 20.48 -0.87 46.78
CA PHE A 89 21.25 -0.84 48.02
C PHE A 89 22.55 -0.07 47.85
N ALA A 90 22.67 1.08 48.52
CA ALA A 90 23.86 1.90 48.45
C ALA A 90 24.45 2.07 49.84
N SER A 91 25.77 1.97 49.94
CA SER A 91 26.47 2.02 51.22
C SER A 91 27.65 2.97 51.14
N THR A 92 28.07 3.46 52.31
CA THR A 92 29.18 4.40 52.36
C THR A 92 30.13 4.15 53.51
N GLU A 93 30.16 2.93 54.06
CA GLU A 93 31.06 2.60 55.16
C GLU A 93 32.30 1.89 54.65
N LYS A 94 33.40 2.04 55.39
CA LYS A 94 34.70 1.52 54.99
C LYS A 94 35.15 0.32 55.82
N SER A 95 34.69 0.20 57.06
CA SER A 95 35.16 -0.88 57.94
C SER A 95 34.64 -2.25 57.53
N ASN A 96 33.74 -2.31 56.55
CA ASN A 96 33.24 -3.56 56.00
C ASN A 96 32.53 -4.40 57.07
N ILE A 97 31.75 -3.74 57.92
CA ILE A 97 30.81 -4.48 58.75
C ILE A 97 29.76 -5.13 57.87
N ILE A 98 29.40 -4.47 56.78
CA ILE A 98 28.35 -4.95 55.89
C ILE A 98 28.82 -6.18 55.13
N ARG A 99 28.34 -7.35 55.53
CA ARG A 99 28.52 -8.56 54.76
C ARG A 99 27.41 -8.64 53.72
N GLY A 100 27.24 -9.81 53.11
CA GLY A 100 26.22 -9.98 52.11
C GLY A 100 24.80 -9.87 52.66
N TRP A 101 23.85 -10.09 51.76
CA TRP A 101 22.43 -9.96 52.05
C TRP A 101 21.76 -11.33 52.07
N ILE A 102 20.52 -11.36 52.53
CA ILE A 102 19.69 -12.56 52.51
C ILE A 102 18.41 -12.23 51.75
N PHE A 103 18.07 -13.08 50.79
CA PHE A 103 16.88 -12.91 49.97
C PHE A 103 16.00 -14.15 50.14
N GLY A 104 14.69 -13.94 50.13
CA GLY A 104 13.80 -15.08 50.29
C GLY A 104 12.36 -14.73 50.03
N THR A 105 11.48 -15.69 50.30
CA THR A 105 10.05 -15.48 50.25
C THR A 105 9.44 -15.72 51.62
N THR A 106 9.70 -16.90 52.19
CA THR A 106 9.24 -17.22 53.53
C THR A 106 10.34 -17.05 54.57
N LEU A 107 11.61 -17.08 54.15
CA LEU A 107 12.75 -16.96 55.06
C LEU A 107 12.69 -18.02 56.16
N ASP A 108 12.21 -19.20 55.80
CA ASP A 108 12.09 -20.30 56.74
C ASP A 108 12.38 -21.59 55.99
N SER A 109 12.16 -22.73 56.66
CA SER A 109 12.50 -24.03 56.10
C SER A 109 11.48 -24.52 55.08
N LYS A 110 10.61 -23.65 54.58
CA LYS A 110 9.63 -24.06 53.58
C LYS A 110 9.99 -23.61 52.17
N THR A 111 10.79 -22.56 52.04
CA THR A 111 11.16 -22.03 50.74
C THR A 111 12.65 -21.70 50.71
N GLN A 112 13.25 -21.83 49.54
CA GLN A 112 14.66 -21.58 49.37
C GLN A 112 14.96 -20.09 49.55
N SER A 113 16.23 -19.78 49.81
CA SER A 113 16.63 -18.42 50.10
C SER A 113 18.09 -18.20 49.73
N LEU A 114 18.37 -17.11 49.02
CA LEU A 114 19.75 -16.76 48.68
C LEU A 114 20.53 -16.39 49.93
N LEU A 115 21.83 -16.67 49.90
CA LEU A 115 22.71 -16.46 51.06
C LEU A 115 24.00 -15.81 50.62
N ILE A 116 23.90 -14.72 49.86
CA ILE A 116 25.09 -14.00 49.43
C ILE A 116 25.88 -13.57 50.66
N VAL A 117 27.15 -13.98 50.73
CA VAL A 117 28.04 -13.64 51.83
C VAL A 117 29.41 -13.32 51.25
N ASN A 118 30.00 -12.21 51.71
CA ASN A 118 31.32 -11.80 51.25
C ASN A 118 32.39 -12.36 52.17
N ASN A 119 33.31 -13.12 51.60
CA ASN A 119 34.43 -13.70 52.33
C ASN A 119 35.52 -12.67 52.52
N ALA A 120 36.69 -13.11 53.02
CA ALA A 120 37.85 -12.23 53.04
C ALA A 120 38.39 -12.01 51.63
N THR A 121 38.49 -13.07 50.84
CA THR A 121 38.99 -13.01 49.47
C THR A 121 38.17 -13.90 48.55
N ASN A 122 36.84 -13.89 48.72
CA ASN A 122 35.97 -14.73 47.93
C ASN A 122 34.54 -14.20 48.04
N VAL A 123 33.68 -14.70 47.17
CA VAL A 123 32.24 -14.46 47.24
C VAL A 123 31.52 -15.79 47.15
N VAL A 124 30.56 -16.02 48.03
CA VAL A 124 29.84 -17.29 48.12
C VAL A 124 28.35 -17.04 47.95
N ILE A 125 27.72 -17.85 47.10
CA ILE A 125 26.28 -17.80 46.88
C ILE A 125 25.70 -19.19 47.10
N LYS A 126 24.64 -19.27 47.89
CA LYS A 126 23.84 -20.47 48.02
C LYS A 126 22.39 -20.10 47.76
N VAL A 127 21.59 -21.09 47.36
CA VAL A 127 20.21 -20.86 46.98
C VAL A 127 19.23 -21.67 47.82
N CYS A 128 19.49 -22.95 48.01
CA CYS A 128 18.46 -23.86 48.48
C CYS A 128 18.21 -23.67 49.98
N GLU A 129 17.33 -24.50 50.53
CA GLU A 129 16.59 -24.18 51.74
C GLU A 129 17.50 -23.90 52.93
N PHE A 130 17.04 -22.99 53.79
CA PHE A 130 17.73 -22.64 55.02
C PHE A 130 16.69 -22.43 56.11
N GLN A 131 17.14 -22.46 57.36
CA GLN A 131 16.29 -22.17 58.51
C GLN A 131 16.74 -20.92 59.26
N PHE A 132 17.96 -20.93 59.79
CA PHE A 132 18.47 -19.78 60.54
C PHE A 132 19.99 -19.90 60.62
N CYS A 133 20.70 -19.00 59.94
CA CYS A 133 22.15 -19.03 59.95
C CYS A 133 22.69 -18.63 61.31
N SER A 158 20.16 -22.93 59.87
CA SER A 158 21.27 -23.74 60.37
C SER A 158 21.15 -25.18 59.87
N SER A 159 20.27 -25.40 58.89
CA SER A 159 19.98 -26.75 58.43
C SER A 159 20.51 -27.02 57.03
N ALA A 160 20.07 -26.25 56.02
CA ALA A 160 20.51 -26.41 54.65
C ALA A 160 20.43 -27.87 54.20
N ASN A 161 19.32 -28.52 54.54
CA ASN A 161 19.22 -29.96 54.29
C ASN A 161 18.95 -30.25 52.82
N ASN A 162 17.81 -29.80 52.30
CA ASN A 162 17.43 -30.09 50.92
C ASN A 162 18.23 -29.22 49.97
N CYS A 163 18.82 -29.87 48.95
CA CYS A 163 19.41 -29.17 47.80
C CYS A 163 20.66 -28.36 48.15
N THR A 164 21.39 -27.94 47.11
CA THR A 164 22.60 -27.14 47.30
C THR A 164 22.91 -26.44 45.99
N PHE A 165 23.26 -25.15 46.07
CA PHE A 165 23.70 -24.37 44.93
C PHE A 165 24.90 -23.56 45.35
N GLU A 166 25.87 -23.43 44.45
CA GLU A 166 27.13 -22.81 44.81
C GLU A 166 27.71 -22.06 43.62
N TYR A 167 28.44 -20.98 43.91
CA TYR A 167 29.15 -20.20 42.92
C TYR A 167 30.15 -19.32 43.66
N VAL A 168 31.42 -19.36 43.28
CA VAL A 168 32.45 -18.55 43.92
C VAL A 168 33.13 -17.69 42.87
N SER A 169 33.63 -16.55 43.32
CA SER A 169 34.30 -15.59 42.44
C SER A 169 35.00 -14.56 43.32
N GLN A 170 35.57 -13.53 42.69
CA GLN A 170 36.30 -12.50 43.39
C GLN A 170 35.39 -11.71 44.31
N PRO A 171 35.94 -11.11 45.36
CA PRO A 171 35.10 -10.39 46.33
C PRO A 171 34.34 -9.24 45.69
N PHE A 172 33.43 -8.67 46.47
CA PHE A 172 32.69 -7.47 46.08
C PHE A 172 33.16 -6.23 46.83
N LEU A 173 34.23 -6.35 47.62
CA LEU A 173 34.68 -5.31 48.54
C LEU A 173 36.19 -5.09 48.42
N MET A 174 36.66 -4.97 47.18
CA MET A 174 38.09 -4.75 46.96
C MET A 174 38.56 -3.48 47.65
N ASP A 175 37.81 -2.39 47.51
CA ASP A 175 38.17 -1.13 48.13
C ASP A 175 37.65 -1.05 49.55
N LYS A 184 36.34 9.20 51.81
CA LYS A 184 35.55 8.00 52.08
C LYS A 184 35.28 7.22 50.81
N ASN A 185 34.38 6.24 50.88
CA ASN A 185 34.08 5.38 49.75
C ASN A 185 32.56 5.24 49.61
N LEU A 186 32.13 4.91 48.40
CA LEU A 186 30.72 4.77 48.08
C LEU A 186 30.50 3.56 47.19
N ARG A 187 29.49 2.76 47.52
CA ARG A 187 29.19 1.53 46.78
C ARG A 187 27.71 1.48 46.43
N GLU A 188 27.41 0.95 45.25
CA GLU A 188 26.04 0.77 44.79
C GLU A 188 25.81 -0.67 44.37
N PHE A 189 24.58 -1.15 44.54
CA PHE A 189 24.21 -2.50 44.14
C PHE A 189 22.74 -2.51 43.74
N VAL A 190 22.47 -2.79 42.48
CA VAL A 190 21.10 -2.85 41.97
C VAL A 190 20.69 -4.31 41.83
N PHE A 191 19.56 -4.67 42.42
CA PHE A 191 19.08 -6.06 42.40
C PHE A 191 17.81 -6.14 41.57
N LYS A 192 17.83 -6.97 40.52
CA LYS A 192 16.65 -7.18 39.69
C LYS A 192 16.42 -8.67 39.49
N ASN A 193 15.15 -9.05 39.34
CA ASN A 193 14.76 -10.44 39.16
C ASN A 193 13.67 -10.51 38.09
N ILE A 194 14.02 -11.05 36.93
CA ILE A 194 13.06 -11.29 35.85
C ILE A 194 13.30 -12.69 35.31
N ASP A 195 12.24 -13.27 34.71
CA ASP A 195 12.22 -14.53 34.00
C ASP A 195 13.17 -15.58 34.56
N GLY A 196 13.13 -15.77 35.89
CA GLY A 196 14.00 -16.74 36.53
C GLY A 196 15.48 -16.42 36.44
N TYR A 197 15.84 -15.15 36.60
CA TYR A 197 17.23 -14.71 36.58
C TYR A 197 17.48 -13.84 37.81
N PHE A 198 18.70 -13.32 37.91
CA PHE A 198 19.07 -12.47 39.03
C PHE A 198 20.21 -11.57 38.57
N LYS A 199 19.90 -10.31 38.30
CA LYS A 199 20.87 -9.37 37.78
C LYS A 199 21.31 -8.41 38.88
N ILE A 200 22.62 -8.28 39.05
CA ILE A 200 23.20 -7.37 40.03
C ILE A 200 24.27 -6.53 39.35
N TYR A 201 24.18 -5.21 39.52
CA TYR A 201 25.14 -4.28 38.96
C TYR A 201 25.73 -3.45 40.07
N SER A 202 27.04 -3.19 39.99
CA SER A 202 27.76 -2.49 41.04
C SER A 202 28.78 -1.54 40.43
N LYS A 203 29.16 -0.54 41.21
CA LYS A 203 30.17 0.44 40.82
C LYS A 203 30.63 1.23 42.04
N HIS A 204 31.94 1.27 42.29
CA HIS A 204 32.50 1.90 43.48
C HIS A 204 33.11 3.25 43.11
N THR A 205 32.75 4.29 43.88
CA THR A 205 33.26 5.63 43.61
C THR A 205 33.64 6.33 44.91
N PRO A 206 34.74 7.09 44.93
CA PRO A 206 35.16 7.77 46.15
C PRO A 206 34.62 9.18 46.29
N VAL A 207 34.01 9.49 47.44
CA VAL A 207 33.60 10.84 47.78
C VAL A 207 33.89 11.08 49.26
N ASN A 208 33.89 12.36 49.64
CA ASN A 208 34.16 12.75 51.02
C ASN A 208 33.09 13.66 51.60
N LEU A 209 31.93 13.76 50.94
CA LEU A 209 30.89 14.68 51.41
C LEU A 209 30.37 14.25 52.78
N GLY A 210 30.14 12.97 52.98
CA GLY A 210 29.63 12.47 54.24
C GLY A 210 28.45 11.54 54.10
N ARG A 211 27.40 11.78 54.88
CA ARG A 211 26.21 10.92 54.86
C ARG A 211 25.14 11.50 53.92
N ASP A 212 25.53 11.66 52.66
CA ASP A 212 24.62 12.16 51.63
C ASP A 212 25.11 11.69 50.27
N LEU A 213 24.17 11.42 49.38
CA LEU A 213 24.50 10.95 48.04
C LEU A 213 25.01 12.11 47.19
N PRO A 214 26.14 11.95 46.51
CA PRO A 214 26.69 13.06 45.72
C PRO A 214 25.78 13.42 44.56
N GLN A 215 25.81 14.70 44.20
CA GLN A 215 25.02 15.20 43.07
C GLN A 215 25.77 15.04 41.76
N GLY A 216 26.27 13.82 41.51
CA GLY A 216 27.01 13.53 40.30
C GLY A 216 26.32 12.48 39.46
N PHE A 217 26.98 12.01 38.41
CA PHE A 217 26.40 11.02 37.51
C PHE A 217 27.41 9.90 37.27
N SER A 218 26.98 8.66 37.46
CA SER A 218 27.86 7.51 37.27
C SER A 218 27.00 6.28 36.99
N ALA A 219 27.24 5.64 35.86
CA ALA A 219 26.49 4.45 35.47
C ALA A 219 27.05 3.23 36.18
N LEU A 220 26.39 2.09 35.98
CA LEU A 220 26.80 0.83 36.58
C LEU A 220 27.06 -0.20 35.49
N GLU A 221 27.83 -1.23 35.85
CA GLU A 221 28.19 -2.29 34.93
C GLU A 221 27.86 -3.64 35.54
N PRO A 222 27.42 -4.59 34.71
CA PRO A 222 26.97 -5.87 35.25
C PRO A 222 28.10 -6.67 35.88
N LEU A 223 27.73 -7.53 36.82
CA LEU A 223 28.66 -8.42 37.50
C LEU A 223 28.37 -9.89 37.23
N VAL A 224 27.12 -10.32 37.40
CA VAL A 224 26.75 -11.70 37.15
C VAL A 224 25.25 -11.75 36.88
N ASP A 225 24.83 -12.67 36.02
CA ASP A 225 23.44 -12.87 35.64
C ASP A 225 23.05 -14.32 35.83
N LEU A 226 23.38 -14.88 36.99
CA LEU A 226 23.14 -16.28 37.24
C LEU A 226 21.63 -16.57 37.28
N PRO A 227 21.20 -17.69 36.70
CA PRO A 227 19.78 -18.05 36.74
C PRO A 227 19.43 -18.94 37.92
N ILE A 228 18.31 -18.62 38.56
CA ILE A 228 17.87 -19.35 39.75
C ILE A 228 16.48 -19.92 39.52
N GLY A 229 15.50 -19.05 39.29
CA GLY A 229 14.13 -19.46 39.14
C GLY A 229 13.33 -19.54 40.43
N ILE A 230 13.40 -18.52 41.28
CA ILE A 230 12.77 -18.53 42.60
C ILE A 230 11.97 -17.24 42.78
N ASN A 231 10.81 -17.35 43.43
CA ASN A 231 10.13 -16.16 43.91
C ASN A 231 10.96 -15.46 44.97
N ILE A 232 11.04 -14.13 44.88
CA ILE A 232 11.74 -13.30 45.86
C ILE A 232 10.80 -12.21 46.31
N THR A 233 10.56 -12.12 47.62
CA THR A 233 9.66 -11.11 48.13
C THR A 233 10.18 -10.41 49.40
N ARG A 234 11.20 -10.96 50.07
CA ARG A 234 11.70 -10.38 51.30
C ARG A 234 13.22 -10.27 51.24
N PHE A 235 13.72 -9.16 51.78
CA PHE A 235 15.11 -8.76 51.61
C PHE A 235 15.66 -8.28 52.94
N GLN A 236 16.82 -8.81 53.35
CA GLN A 236 17.38 -8.45 54.65
C GLN A 236 18.88 -8.24 54.52
N THR A 237 19.40 -7.30 55.31
CA THR A 237 20.84 -7.06 55.36
C THR A 237 21.46 -7.87 56.49
N LEU A 238 22.68 -8.35 56.25
CA LEU A 238 23.41 -9.16 57.21
C LEU A 238 24.74 -8.50 57.52
N LEU A 239 25.05 -8.36 58.81
CA LEU A 239 26.29 -7.73 59.24
C LEU A 239 27.02 -8.67 60.20
N ALA A 240 28.34 -8.47 60.30
CA ALA A 240 29.15 -9.26 61.21
C ALA A 240 28.81 -8.89 62.66
N LEU A 241 28.55 -9.91 63.48
CA LEU A 241 28.04 -9.65 64.83
C LEU A 241 29.12 -9.06 65.73
N HIS A 242 30.32 -9.67 65.75
CA HIS A 242 31.35 -9.23 66.68
C HIS A 242 31.87 -7.84 66.31
N ARG A 243 32.05 -7.58 65.02
CA ARG A 243 32.58 -6.30 64.58
C ARG A 243 31.54 -5.55 63.75
N ALA A 261 24.14 4.46 57.49
CA ALA A 261 24.86 3.20 57.30
C ALA A 261 24.61 2.65 55.90
N TYR A 262 23.39 2.83 55.39
CA TYR A 262 23.06 2.44 54.03
C TYR A 262 21.76 3.09 53.63
N TYR A 263 21.46 3.02 52.33
CA TYR A 263 20.26 3.60 51.76
C TYR A 263 19.52 2.55 50.94
N VAL A 264 18.21 2.63 50.92
CA VAL A 264 17.38 1.71 50.14
C VAL A 264 16.34 2.51 49.37
N GLY A 265 16.28 2.30 48.07
CA GLY A 265 15.26 2.91 47.23
C GLY A 265 14.74 1.91 46.24
N TYR A 266 13.49 2.10 45.82
CA TYR A 266 12.78 1.11 45.03
C TYR A 266 12.70 1.53 43.56
N LEU A 267 12.56 0.54 42.70
CA LEU A 267 12.59 0.71 41.25
C LEU A 267 11.18 0.58 40.68
N GLN A 268 10.90 1.36 39.65
CA GLN A 268 9.60 1.39 39.00
C GLN A 268 9.80 1.41 37.50
N PRO A 269 8.81 0.96 36.72
CA PRO A 269 8.95 0.95 35.26
C PRO A 269 8.87 2.35 34.69
N ARG A 270 9.89 2.75 33.93
CA ARG A 270 9.96 4.08 33.34
C ARG A 270 10.59 3.99 31.96
N THR A 271 10.70 5.16 31.32
CA THR A 271 11.33 5.29 30.01
C THR A 271 12.42 6.35 30.11
N PHE A 272 13.61 6.00 29.64
CA PHE A 272 14.78 6.87 29.76
C PHE A 272 15.35 7.18 28.39
N LEU A 273 16.22 8.18 28.33
CA LEU A 273 16.93 8.52 27.10
C LEU A 273 18.39 8.75 27.45
N LEU A 274 19.30 8.08 26.72
CA LEU A 274 20.69 7.94 27.13
C LEU A 274 21.61 8.71 26.20
N LYS A 275 22.88 8.82 26.60
CA LYS A 275 23.84 9.71 25.96
C LYS A 275 25.21 9.05 25.81
N TYR A 276 25.26 7.86 25.21
CA TYR A 276 26.54 7.23 24.89
C TYR A 276 27.47 8.22 24.19
N ASN A 277 28.61 8.52 24.82
CA ASN A 277 29.43 9.62 24.35
C ASN A 277 30.36 9.27 23.19
N GLU A 278 31.42 8.50 23.47
CA GLU A 278 32.36 8.09 22.44
C GLU A 278 32.86 6.66 22.61
N ASN A 279 32.67 6.06 23.78
CA ASN A 279 33.23 4.74 24.03
C ASN A 279 32.21 3.88 24.77
N GLY A 280 30.94 4.13 24.54
CA GLY A 280 29.90 3.44 25.28
C GLY A 280 29.87 3.91 26.72
N THR A 281 30.46 5.07 26.99
CA THR A 281 30.45 5.67 28.32
C THR A 281 29.24 6.58 28.43
N ILE A 282 28.25 6.17 29.21
CA ILE A 282 27.06 6.98 29.41
C ILE A 282 27.44 8.22 30.22
N THR A 283 27.27 9.39 29.62
CA THR A 283 27.62 10.64 30.28
C THR A 283 26.41 11.46 30.70
N ASP A 284 25.22 11.18 30.18
CA ASP A 284 24.02 11.90 30.56
C ASP A 284 22.82 11.01 30.36
N ALA A 285 21.72 11.35 31.03
CA ALA A 285 20.47 10.63 30.86
C ALA A 285 19.33 11.54 31.25
N VAL A 286 18.18 11.33 30.63
CA VAL A 286 16.99 12.13 30.92
C VAL A 286 15.80 11.19 31.10
N ASP A 287 14.98 11.50 32.10
CA ASP A 287 13.79 10.71 32.43
C ASP A 287 12.57 11.35 31.76
N CYS A 288 11.75 10.52 31.12
CA CYS A 288 10.73 10.99 30.21
C CYS A 288 9.35 11.09 30.86
N ALA A 289 9.27 11.15 32.19
CA ALA A 289 7.98 11.21 32.84
C ALA A 289 7.97 12.12 34.07
N LEU A 290 8.97 12.99 34.22
CA LEU A 290 9.09 13.79 35.43
C LEU A 290 8.44 15.17 35.28
N ASP A 291 8.88 15.94 34.31
CA ASP A 291 8.39 17.29 34.08
C ASP A 291 8.02 17.47 32.61
N PRO A 292 7.17 18.45 32.30
CA PRO A 292 6.82 18.69 30.88
C PRO A 292 8.03 18.95 30.00
N LEU A 293 9.03 19.67 30.51
CA LEU A 293 10.22 19.93 29.72
C LEU A 293 10.92 18.63 29.35
N SER A 294 11.01 17.70 30.31
CA SER A 294 11.58 16.39 30.01
C SER A 294 10.73 15.64 28.99
N GLU A 295 9.40 15.78 29.08
CA GLU A 295 8.54 15.13 28.10
C GLU A 295 8.84 15.62 26.70
N THR A 296 8.96 16.94 26.53
CA THR A 296 9.29 17.49 25.21
C THR A 296 10.67 17.02 24.76
N LYS A 297 11.66 17.07 25.66
CA LYS A 297 13.00 16.59 25.32
C LYS A 297 13.00 15.12 24.92
N CYS A 298 12.01 14.37 25.38
CA CYS A 298 11.90 12.96 25.01
C CYS A 298 11.13 12.74 23.72
N THR A 299 10.20 13.63 23.37
CA THR A 299 9.46 13.47 22.12
C THR A 299 10.40 13.52 20.92
N LEU A 300 11.03 14.66 20.72
CA LEU A 300 12.09 14.77 19.72
C LEU A 300 13.42 14.47 20.39
N LYS A 301 14.23 13.60 19.78
CA LYS A 301 15.43 13.12 20.43
C LYS A 301 16.51 14.19 20.46
N SER A 302 16.48 15.03 21.51
CA SER A 302 17.49 16.06 21.66
C SER A 302 17.56 16.46 23.13
N PHE A 303 18.67 17.09 23.49
CA PHE A 303 18.87 17.61 24.83
C PHE A 303 18.66 19.11 24.93
N THR A 304 18.49 19.80 23.81
CA THR A 304 18.24 21.23 23.79
C THR A 304 17.03 21.51 22.91
N VAL A 305 16.16 22.40 23.39
CA VAL A 305 14.96 22.79 22.66
C VAL A 305 14.90 24.31 22.63
N GLU A 306 14.44 24.85 21.50
CA GLU A 306 14.34 26.29 21.32
C GLU A 306 12.88 26.72 21.50
N LYS A 307 12.62 28.00 21.28
CA LYS A 307 11.28 28.53 21.43
C LYS A 307 10.31 27.81 20.51
N GLY A 308 9.16 27.41 21.05
CA GLY A 308 8.18 26.71 20.23
C GLY A 308 6.99 26.31 21.06
N ILE A 309 6.05 25.64 20.38
CA ILE A 309 4.83 25.15 20.99
C ILE A 309 4.73 23.65 20.74
N TYR A 310 5.88 22.97 20.76
CA TYR A 310 5.96 21.55 20.44
C TYR A 310 4.86 20.74 21.12
N GLN A 311 4.31 19.79 20.39
CA GLN A 311 3.26 18.92 20.88
C GLN A 311 3.86 17.72 21.59
N THR A 312 3.04 17.09 22.44
CA THR A 312 3.44 15.91 23.19
C THR A 312 2.27 14.94 23.20
N SER A 313 2.30 13.98 24.12
CA SER A 313 1.31 12.90 24.15
C SER A 313 -0.08 13.44 24.46
N ASN A 314 -1.05 12.54 24.45
CA ASN A 314 -2.45 12.86 24.67
C ASN A 314 -2.85 12.49 26.09
N PHE A 315 -4.03 12.95 26.50
CA PHE A 315 -4.61 12.60 27.78
C PHE A 315 -6.03 12.13 27.58
N ARG A 316 -6.46 11.20 28.45
CA ARG A 316 -7.79 10.63 28.37
C ARG A 316 -8.23 10.24 29.77
N VAL A 317 -9.48 10.55 30.09
CA VAL A 317 -10.03 10.18 31.39
C VAL A 317 -10.22 8.67 31.46
N GLN A 318 -9.95 8.09 32.63
CA GLN A 318 -10.04 6.66 32.78
C GLN A 318 -11.34 6.27 33.50
N PRO A 319 -11.88 5.09 33.21
CA PRO A 319 -13.12 4.66 33.87
C PRO A 319 -12.88 4.28 35.33
N THR A 320 -13.98 4.16 36.06
CA THR A 320 -13.94 3.81 37.47
C THR A 320 -14.64 2.50 37.78
N GLU A 321 -15.86 2.30 37.29
CA GLU A 321 -16.68 1.15 37.65
C GLU A 321 -17.05 0.35 36.42
N SER A 322 -17.61 -0.83 36.65
CA SER A 322 -18.07 -1.74 35.62
C SER A 322 -19.51 -2.15 35.90
N ILE A 323 -20.33 -2.18 34.85
CA ILE A 323 -21.73 -2.57 34.97
C ILE A 323 -22.07 -3.56 33.86
N VAL A 324 -22.74 -4.64 34.24
CA VAL A 324 -23.22 -5.65 33.32
C VAL A 324 -24.70 -5.89 33.59
N ARG A 325 -25.51 -5.91 32.53
CA ARG A 325 -26.95 -6.14 32.66
C ARG A 325 -27.40 -7.18 31.64
N PHE A 326 -27.30 -8.46 32.02
CA PHE A 326 -27.92 -9.54 31.28
C PHE A 326 -29.42 -9.56 31.58
N PRO A 327 -30.25 -10.20 30.76
CA PRO A 327 -31.69 -9.95 30.81
C PRO A 327 -32.34 -10.42 32.10
N ASN A 328 -33.63 -10.14 32.19
CA ASN A 328 -34.39 -10.36 33.42
C ASN A 328 -34.55 -11.84 33.72
N ILE A 329 -34.72 -12.67 32.69
CA ILE A 329 -35.12 -14.05 32.88
C ILE A 329 -34.06 -14.81 33.67
N THR A 330 -34.51 -15.84 34.39
CA THR A 330 -33.64 -16.68 35.20
C THR A 330 -33.86 -18.16 35.01
N ASN A 331 -34.87 -18.57 34.25
CA ASN A 331 -35.12 -20.00 34.06
C ASN A 331 -33.97 -20.65 33.29
N LEU A 332 -33.70 -21.92 33.61
CA LEU A 332 -32.61 -22.66 33.01
C LEU A 332 -33.19 -23.69 32.07
N CYS A 333 -32.90 -23.54 30.77
CA CYS A 333 -33.34 -24.53 29.81
C CYS A 333 -32.65 -25.85 30.05
N PRO A 334 -33.31 -26.98 29.72
CA PRO A 334 -32.75 -28.29 30.05
C PRO A 334 -31.35 -28.51 29.48
N PHE A 335 -31.22 -28.39 28.16
CA PHE A 335 -29.92 -28.47 27.48
C PHE A 335 -29.21 -29.79 27.76
N HIS A 336 -29.91 -30.80 28.27
CA HIS A 336 -29.26 -32.00 28.76
C HIS A 336 -29.81 -33.29 28.15
N GLU A 337 -31.11 -33.37 27.88
CA GLU A 337 -31.66 -34.57 27.26
C GLU A 337 -31.04 -34.83 25.91
N VAL A 338 -30.65 -33.77 25.19
CA VAL A 338 -29.93 -33.93 23.94
C VAL A 338 -28.60 -34.61 24.19
N PHE A 339 -28.08 -34.51 25.41
CA PHE A 339 -26.76 -35.05 25.70
C PHE A 339 -26.84 -36.48 26.22
N ASN A 340 -27.73 -36.75 27.18
CA ASN A 340 -27.85 -38.08 27.74
C ASN A 340 -29.13 -38.74 27.22
N ALA A 341 -28.96 -39.69 26.29
CA ALA A 341 -30.06 -40.43 25.70
C ALA A 341 -29.52 -41.59 24.89
N THR A 342 -30.41 -42.40 24.31
CA THR A 342 -30.00 -43.57 23.55
C THR A 342 -30.67 -43.55 22.19
N ARG A 343 -29.91 -43.91 21.16
CA ARG A 343 -30.40 -43.98 19.78
C ARG A 343 -30.98 -42.64 19.33
N PHE A 344 -30.10 -41.64 19.27
CA PHE A 344 -30.51 -40.30 18.87
C PHE A 344 -31.14 -40.31 17.49
N ALA A 345 -30.35 -40.65 16.47
CA ALA A 345 -30.81 -40.74 15.09
C ALA A 345 -29.65 -41.28 14.26
N SER A 346 -29.96 -41.68 13.04
CA SER A 346 -28.94 -42.04 12.08
C SER A 346 -28.25 -40.78 11.56
N VAL A 347 -27.19 -40.98 10.78
CA VAL A 347 -26.46 -39.84 10.24
C VAL A 347 -27.34 -39.06 9.27
N TYR A 348 -28.19 -39.74 8.51
CA TYR A 348 -29.22 -39.06 7.75
C TYR A 348 -30.51 -39.01 8.58
N ALA A 349 -31.43 -38.16 8.15
CA ALA A 349 -32.68 -37.91 8.88
C ALA A 349 -32.39 -37.50 10.32
N TRP A 350 -31.37 -36.67 10.49
CA TRP A 350 -30.96 -36.23 11.82
C TRP A 350 -32.02 -35.34 12.45
N ASN A 351 -32.22 -35.51 13.75
CA ASN A 351 -33.16 -34.68 14.48
C ASN A 351 -32.52 -33.34 14.83
N ARG A 352 -33.31 -32.28 14.73
CA ARG A 352 -32.84 -30.92 14.98
C ARG A 352 -33.60 -30.37 16.18
N LYS A 353 -32.85 -29.92 17.19
CA LYS A 353 -33.43 -29.38 18.41
C LYS A 353 -33.15 -27.88 18.49
N ARG A 354 -34.19 -27.10 18.69
CA ARG A 354 -34.05 -25.65 18.83
C ARG A 354 -34.14 -25.26 20.29
N ILE A 355 -33.16 -24.52 20.78
CA ILE A 355 -33.08 -24.11 22.17
C ILE A 355 -33.05 -22.60 22.22
N SER A 356 -33.92 -22.02 23.05
CA SER A 356 -34.04 -20.57 23.19
C SER A 356 -34.78 -20.27 24.48
N ASN A 357 -34.89 -18.98 24.80
CA ASN A 357 -35.62 -18.50 25.98
C ASN A 357 -35.12 -19.16 27.26
N CYS A 358 -33.82 -19.06 27.49
CA CYS A 358 -33.22 -19.64 28.68
C CYS A 358 -31.90 -18.95 28.96
N VAL A 359 -31.38 -19.16 30.16
CA VAL A 359 -30.00 -18.85 30.50
C VAL A 359 -29.34 -20.15 30.93
N ALA A 360 -28.24 -20.49 30.28
CA ALA A 360 -27.61 -21.78 30.48
C ALA A 360 -26.11 -21.60 30.61
N ASP A 361 -25.48 -22.54 31.32
CA ASP A 361 -24.04 -22.53 31.52
C ASP A 361 -23.44 -23.78 30.86
N TYR A 362 -22.22 -23.62 30.36
CA TYR A 362 -21.51 -24.70 29.70
C TYR A 362 -20.55 -25.42 30.64
N SER A 363 -20.59 -25.12 31.93
CA SER A 363 -19.83 -25.92 32.88
C SER A 363 -20.39 -27.33 32.99
N VAL A 364 -21.70 -27.49 32.82
CA VAL A 364 -22.33 -28.79 32.94
C VAL A 364 -21.86 -29.76 31.87
N LEU A 365 -21.55 -29.27 30.66
CA LEU A 365 -21.10 -30.19 29.61
C LEU A 365 -19.73 -30.76 29.92
N TYR A 366 -18.91 -30.04 30.69
CA TYR A 366 -17.69 -30.64 31.21
C TYR A 366 -18.00 -31.82 32.12
N ASN A 367 -19.06 -31.72 32.92
CA ASN A 367 -19.50 -32.84 33.73
C ASN A 367 -20.18 -33.87 32.84
N PHE A 368 -19.38 -34.59 32.05
CA PHE A 368 -19.90 -35.53 31.07
C PHE A 368 -18.79 -36.50 30.73
N ALA A 369 -19.10 -37.45 29.85
CA ALA A 369 -18.12 -38.45 29.45
C ALA A 369 -16.94 -37.78 28.74
N PRO A 370 -15.75 -38.39 28.80
CA PRO A 370 -14.59 -37.80 28.12
C PRO A 370 -14.86 -37.63 26.63
N PHE A 371 -14.41 -36.51 26.09
CA PHE A 371 -14.72 -36.14 24.72
C PHE A 371 -13.69 -36.72 23.76
N PHE A 372 -14.18 -37.38 22.71
CA PHE A 372 -13.28 -37.89 21.67
C PHE A 372 -12.55 -36.74 20.99
N ALA A 373 -13.25 -35.64 20.72
CA ALA A 373 -12.65 -34.47 20.11
C ALA A 373 -13.44 -33.24 20.53
N PHE A 374 -12.94 -32.52 21.54
CA PHE A 374 -13.53 -31.25 21.95
C PHE A 374 -13.09 -30.10 21.05
N LYS A 375 -12.16 -30.34 20.14
CA LYS A 375 -11.77 -29.31 19.18
C LYS A 375 -13.00 -28.82 18.43
N CYS A 376 -13.12 -27.50 18.30
CA CYS A 376 -14.29 -26.96 17.63
C CYS A 376 -13.92 -25.62 17.00
N TYR A 377 -14.76 -25.21 16.04
CA TYR A 377 -14.40 -24.27 14.98
C TYR A 377 -14.78 -22.82 15.25
N GLY A 378 -15.95 -22.57 15.84
CA GLY A 378 -16.48 -21.22 15.87
C GLY A 378 -15.81 -20.22 16.80
N VAL A 379 -15.95 -20.44 18.11
CA VAL A 379 -15.60 -19.45 19.12
C VAL A 379 -14.77 -20.14 20.20
N SER A 380 -13.91 -19.35 20.87
CA SER A 380 -13.08 -19.89 21.94
C SER A 380 -13.95 -20.42 23.07
N PRO A 381 -13.72 -21.65 23.53
CA PRO A 381 -14.57 -22.22 24.58
C PRO A 381 -14.52 -21.46 25.90
N THR A 382 -13.43 -20.75 26.18
CA THR A 382 -13.30 -20.07 27.45
C THR A 382 -14.34 -18.97 27.63
N LYS A 383 -14.57 -18.19 26.57
CA LYS A 383 -15.49 -17.06 26.65
C LYS A 383 -16.91 -17.41 26.28
N LEU A 384 -17.20 -18.68 25.99
CA LEU A 384 -18.57 -19.08 25.70
C LEU A 384 -19.49 -18.81 26.89
N ASN A 385 -18.95 -18.92 28.10
CA ASN A 385 -19.77 -18.77 29.30
C ASN A 385 -20.36 -17.38 29.44
N ASP A 386 -19.80 -16.38 28.76
CA ASP A 386 -20.28 -15.00 28.85
C ASP A 386 -20.59 -14.51 27.44
N LEU A 387 -21.79 -14.82 26.94
CA LEU A 387 -22.23 -14.36 25.64
C LEU A 387 -23.75 -14.40 25.60
N CYS A 388 -24.32 -13.64 24.66
CA CYS A 388 -25.76 -13.58 24.47
C CYS A 388 -26.10 -13.96 23.03
N PHE A 389 -27.19 -14.72 22.87
CA PHE A 389 -27.48 -15.39 21.63
C PHE A 389 -28.94 -15.17 21.25
N THR A 390 -29.23 -15.29 19.96
CA THR A 390 -30.62 -15.23 19.50
C THR A 390 -31.30 -16.58 19.67
N ASN A 391 -30.72 -17.63 19.10
CA ASN A 391 -31.21 -19.00 19.26
C ASN A 391 -30.06 -19.95 19.03
N VAL A 392 -30.19 -21.18 19.53
CA VAL A 392 -29.16 -22.17 19.28
C VAL A 392 -29.82 -23.46 18.77
N TYR A 393 -29.02 -24.25 18.07
CA TYR A 393 -29.48 -25.49 17.47
C TYR A 393 -28.59 -26.64 17.92
N ALA A 394 -29.17 -27.83 17.98
CA ALA A 394 -28.44 -29.03 18.33
C ALA A 394 -28.80 -30.11 17.32
N ASP A 395 -27.78 -30.68 16.68
CA ASP A 395 -27.96 -31.73 15.69
C ASP A 395 -27.13 -32.93 16.15
N SER A 396 -27.80 -33.95 16.70
CA SER A 396 -27.13 -35.07 17.33
C SER A 396 -27.39 -36.34 16.52
N PHE A 397 -26.33 -37.10 16.25
CA PHE A 397 -26.47 -38.33 15.48
C PHE A 397 -25.24 -39.20 15.69
N VAL A 398 -25.12 -40.24 14.85
CA VAL A 398 -24.06 -41.24 14.97
C VAL A 398 -23.32 -41.35 13.65
N ILE A 399 -22.01 -41.52 13.72
CA ILE A 399 -21.15 -41.69 12.57
C ILE A 399 -20.15 -42.81 12.85
N ARG A 400 -19.21 -43.04 11.95
CA ARG A 400 -18.12 -43.97 12.16
C ARG A 400 -16.84 -43.20 12.46
N GLY A 401 -15.79 -43.94 12.83
CA GLY A 401 -14.50 -43.30 13.08
C GLY A 401 -13.94 -42.64 11.84
N ASN A 402 -13.95 -43.35 10.72
CA ASN A 402 -13.54 -42.76 9.44
C ASN A 402 -14.38 -41.56 9.06
N GLU A 403 -15.48 -41.31 9.78
CA GLU A 403 -16.36 -40.19 9.53
C GLU A 403 -16.19 -39.05 10.52
N VAL A 404 -15.38 -39.23 11.59
CA VAL A 404 -15.24 -38.17 12.57
C VAL A 404 -14.31 -37.07 12.10
N SER A 405 -13.53 -37.31 11.04
CA SER A 405 -12.56 -36.34 10.57
C SER A 405 -13.13 -35.34 9.56
N GLN A 406 -14.37 -35.54 9.11
CA GLN A 406 -14.98 -34.67 8.11
C GLN A 406 -16.07 -33.79 8.69
N ILE A 407 -16.10 -33.61 10.01
CA ILE A 407 -17.11 -32.76 10.63
C ILE A 407 -16.93 -31.31 10.21
N ALA A 408 -15.69 -30.87 10.04
CA ALA A 408 -15.44 -29.52 9.56
C ALA A 408 -15.98 -29.37 8.14
N PRO A 409 -16.41 -28.16 7.76
CA PRO A 409 -17.02 -27.99 6.43
C PRO A 409 -16.11 -28.35 5.28
N GLY A 410 -14.81 -28.12 5.41
CA GLY A 410 -13.88 -28.31 4.31
C GLY A 410 -13.38 -29.72 4.07
N GLN A 411 -13.84 -30.70 4.86
CA GLN A 411 -13.37 -32.07 4.74
C GLN A 411 -14.42 -33.02 4.19
N THR A 412 -15.43 -32.50 3.51
CA THR A 412 -16.51 -33.32 2.98
C THR A 412 -15.97 -34.36 2.00
N GLY A 413 -16.83 -35.33 1.65
CA GLY A 413 -16.49 -36.29 0.64
C GLY A 413 -16.97 -37.71 0.87
N ASN A 414 -17.15 -38.13 2.12
CA ASN A 414 -17.51 -39.50 2.42
C ASN A 414 -18.93 -39.64 2.95
N ILE A 415 -19.26 -38.98 4.06
CA ILE A 415 -20.61 -38.98 4.58
C ILE A 415 -21.29 -37.63 4.40
N ALA A 416 -20.53 -36.54 4.37
CA ALA A 416 -21.10 -35.23 4.11
C ALA A 416 -21.50 -35.04 2.65
N ASP A 417 -21.16 -36.00 1.79
CA ASP A 417 -21.46 -35.86 0.37
C ASP A 417 -22.97 -35.81 0.13
N TYR A 418 -23.72 -36.74 0.73
CA TYR A 418 -25.14 -36.87 0.48
C TYR A 418 -26.01 -36.72 1.72
N ASN A 419 -25.43 -36.43 2.88
CA ASN A 419 -26.20 -36.40 4.12
C ASN A 419 -26.24 -35.03 4.79
N TYR A 420 -25.08 -34.43 5.06
CA TYR A 420 -25.04 -33.23 5.89
C TYR A 420 -23.93 -32.31 5.39
N LYS A 421 -24.28 -31.07 5.08
CA LYS A 421 -23.32 -30.09 4.59
C LYS A 421 -23.45 -28.80 5.40
N LEU A 422 -22.35 -28.05 5.42
CA LEU A 422 -22.28 -26.79 6.16
C LEU A 422 -22.03 -25.64 5.22
N PRO A 423 -22.45 -24.42 5.58
CA PRO A 423 -22.22 -23.26 4.71
C PRO A 423 -20.81 -22.68 4.78
N ASP A 424 -19.86 -23.41 5.37
CA ASP A 424 -18.45 -23.05 5.49
C ASP A 424 -18.20 -21.88 6.43
N ASP A 425 -19.25 -21.25 6.97
CA ASP A 425 -19.07 -20.21 7.98
C ASP A 425 -19.16 -20.80 9.38
N PHE A 426 -20.31 -21.39 9.71
CA PHE A 426 -20.47 -22.28 10.85
C PHE A 426 -20.01 -21.61 12.16
N THR A 427 -20.75 -20.57 12.53
CA THR A 427 -20.57 -20.02 13.87
C THR A 427 -21.04 -21.05 14.90
N GLY A 428 -20.31 -21.15 16.00
CA GLY A 428 -20.50 -22.23 16.94
C GLY A 428 -19.72 -23.46 16.54
N CYS A 429 -19.72 -24.46 17.42
CA CYS A 429 -18.82 -25.59 17.20
C CYS A 429 -19.39 -26.85 17.84
N VAL A 430 -18.65 -27.95 17.66
CA VAL A 430 -19.19 -29.30 17.76
C VAL A 430 -18.67 -30.00 19.01
N ILE A 431 -19.28 -31.14 19.34
CA ILE A 431 -18.88 -31.99 20.46
C ILE A 431 -18.95 -33.45 20.00
N ALA A 432 -17.98 -34.25 20.44
CA ALA A 432 -17.98 -35.69 20.20
C ALA A 432 -17.52 -36.40 21.45
N TRP A 433 -18.26 -37.45 21.85
CA TRP A 433 -17.98 -38.11 23.12
C TRP A 433 -18.07 -39.63 23.06
N ASN A 434 -18.17 -40.21 21.86
CA ASN A 434 -18.01 -41.64 21.58
C ASN A 434 -18.58 -42.55 22.69
N SER A 435 -19.87 -42.37 22.95
CA SER A 435 -20.57 -43.21 23.93
C SER A 435 -21.06 -44.51 23.34
N ASN A 436 -20.47 -44.97 22.23
CA ASN A 436 -20.89 -46.22 21.60
C ASN A 436 -20.50 -47.44 22.42
N LYS A 437 -19.68 -47.28 23.46
CA LYS A 437 -19.18 -48.44 24.19
C LYS A 437 -20.33 -49.27 24.75
N LEU A 438 -21.27 -48.64 25.43
CA LEU A 438 -22.49 -49.33 25.83
C LEU A 438 -23.62 -49.12 24.80
N ASP A 439 -23.27 -49.30 23.52
CA ASP A 439 -24.28 -49.27 22.45
C ASP A 439 -23.69 -50.00 21.25
N SER A 440 -24.07 -51.26 21.08
CA SER A 440 -23.56 -52.08 19.98
C SER A 440 -24.38 -53.38 19.92
N LYS A 441 -23.99 -54.27 19.02
CA LYS A 441 -24.67 -55.54 18.85
C LYS A 441 -23.65 -56.60 18.46
N VAL A 442 -23.88 -57.84 18.91
CA VAL A 442 -22.97 -58.93 18.62
C VAL A 442 -22.98 -59.26 17.13
N SER A 443 -24.15 -59.19 16.50
CA SER A 443 -24.26 -59.46 15.07
C SER A 443 -24.11 -58.20 14.23
N GLY A 444 -24.59 -57.08 14.72
CA GLY A 444 -24.49 -55.81 14.02
C GLY A 444 -25.70 -54.94 14.32
N ASN A 445 -25.47 -53.63 14.31
CA ASN A 445 -26.53 -52.64 14.53
C ASN A 445 -27.19 -52.35 13.20
N TYR A 446 -28.33 -52.97 12.95
CA TYR A 446 -29.07 -52.78 11.70
C TYR A 446 -29.99 -51.58 11.72
N ASN A 447 -30.19 -50.96 12.88
CA ASN A 447 -31.11 -49.83 12.99
C ASN A 447 -30.49 -48.52 12.52
N TYR A 448 -29.20 -48.50 12.23
CA TYR A 448 -28.51 -47.30 11.80
C TYR A 448 -28.20 -47.42 10.31
N LEU A 449 -28.56 -46.40 9.54
CA LEU A 449 -28.40 -46.42 8.09
C LEU A 449 -27.85 -45.08 7.62
N TYR A 450 -27.22 -45.10 6.45
CA TYR A 450 -26.89 -43.87 5.74
C TYR A 450 -27.25 -44.03 4.26
N ARG A 451 -27.62 -42.91 3.65
CA ARG A 451 -28.06 -42.88 2.27
C ARG A 451 -26.87 -42.50 1.38
N LEU A 452 -26.32 -43.49 0.68
CA LEU A 452 -25.24 -43.26 -0.26
C LEU A 452 -25.69 -43.26 -1.71
N PHE A 453 -26.88 -43.78 -1.99
CA PHE A 453 -27.39 -43.87 -3.36
C PHE A 453 -28.30 -42.68 -3.64
N ARG A 454 -27.69 -41.51 -3.70
CA ARG A 454 -28.38 -40.27 -4.01
C ARG A 454 -27.80 -39.67 -5.28
N LYS A 455 -28.64 -38.91 -6.00
CA LYS A 455 -28.28 -38.49 -7.35
C LYS A 455 -27.05 -37.58 -7.37
N SER A 456 -26.99 -36.61 -6.46
CA SER A 456 -25.93 -35.62 -6.51
C SER A 456 -25.77 -34.97 -5.13
N LYS A 457 -24.90 -33.96 -5.07
CA LYS A 457 -24.64 -33.27 -3.81
C LYS A 457 -25.88 -32.52 -3.36
N LEU A 458 -26.04 -32.41 -2.04
CA LEU A 458 -27.16 -31.74 -1.44
C LEU A 458 -26.75 -30.37 -0.91
N LYS A 459 -27.75 -29.50 -0.72
CA LYS A 459 -27.48 -28.17 -0.19
C LYS A 459 -27.11 -28.26 1.29
N PRO A 460 -26.39 -27.27 1.81
CA PRO A 460 -26.10 -27.25 3.25
C PRO A 460 -27.38 -27.17 4.07
N PHE A 461 -27.38 -27.88 5.21
CA PHE A 461 -28.52 -27.95 6.10
C PHE A 461 -29.76 -28.48 5.37
N GLU A 462 -29.62 -29.70 4.85
CA GLU A 462 -30.71 -30.36 4.13
C GLU A 462 -30.91 -31.76 4.69
N ARG A 463 -32.18 -32.15 4.81
CA ARG A 463 -32.57 -33.48 5.29
C ARG A 463 -33.59 -34.05 4.32
N ASP A 464 -33.11 -34.70 3.26
CA ASP A 464 -34.01 -35.36 2.33
C ASP A 464 -34.57 -36.63 2.96
N ILE A 465 -35.85 -36.90 2.71
CA ILE A 465 -36.53 -38.02 3.34
C ILE A 465 -37.22 -38.94 2.34
N SER A 466 -37.29 -38.56 1.07
CA SER A 466 -37.95 -39.39 0.08
C SER A 466 -37.14 -40.65 -0.21
N THR A 467 -37.85 -41.74 -0.49
CA THR A 467 -37.24 -43.03 -0.82
C THR A 467 -37.64 -43.39 -2.24
N GLU A 468 -36.69 -43.27 -3.16
CA GLU A 468 -36.92 -43.57 -4.57
C GLU A 468 -35.82 -44.49 -5.08
N ILE A 469 -36.16 -45.32 -6.05
CA ILE A 469 -35.21 -46.28 -6.61
C ILE A 469 -34.09 -45.53 -7.32
N TYR A 470 -32.85 -45.91 -7.04
CA TYR A 470 -31.70 -45.29 -7.69
C TYR A 470 -31.65 -45.72 -9.15
N GLN A 471 -31.44 -44.77 -10.05
CA GLN A 471 -31.50 -45.00 -11.49
C GLN A 471 -30.12 -44.91 -12.15
N ALA A 472 -29.11 -45.49 -11.50
CA ALA A 472 -27.78 -45.52 -12.08
C ALA A 472 -27.74 -46.54 -13.21
N GLY A 473 -27.76 -46.06 -14.45
CA GLY A 473 -27.75 -46.95 -15.59
C GLY A 473 -28.60 -46.48 -16.74
N ASN A 474 -29.11 -47.42 -17.54
CA ASN A 474 -29.91 -47.10 -18.72
C ASN A 474 -31.12 -48.02 -18.80
N LYS A 475 -31.77 -48.26 -17.65
CA LYS A 475 -32.92 -49.17 -17.60
C LYS A 475 -34.07 -48.50 -16.86
N PRO A 476 -35.30 -48.60 -17.36
CA PRO A 476 -36.47 -47.99 -16.71
C PRO A 476 -36.97 -48.78 -15.50
N CYS A 477 -36.32 -48.52 -14.35
CA CYS A 477 -36.71 -49.20 -13.12
C CYS A 477 -38.14 -48.84 -12.74
N ASN A 478 -38.94 -49.85 -12.41
CA ASN A 478 -40.32 -49.66 -12.01
C ASN A 478 -40.63 -50.31 -10.66
N GLY A 479 -39.63 -50.85 -9.98
CA GLY A 479 -39.84 -51.52 -8.71
C GLY A 479 -39.25 -52.91 -8.69
N VAL A 480 -38.51 -53.27 -9.75
CA VAL A 480 -37.93 -54.60 -9.83
C VAL A 480 -36.81 -54.77 -8.80
N ALA A 481 -36.04 -53.71 -8.56
CA ALA A 481 -34.91 -53.72 -7.63
C ALA A 481 -33.88 -54.79 -8.02
N GLY A 482 -33.40 -54.65 -9.25
CA GLY A 482 -32.37 -55.53 -9.77
C GLY A 482 -31.19 -54.76 -10.32
N PHE A 483 -30.84 -54.99 -11.59
CA PHE A 483 -29.79 -54.22 -12.24
C PHE A 483 -30.27 -52.79 -12.49
N ASN A 484 -29.37 -51.84 -12.26
CA ASN A 484 -29.64 -50.40 -12.45
C ASN A 484 -30.71 -49.89 -11.50
N CYS A 485 -31.21 -50.74 -10.60
CA CYS A 485 -32.24 -50.39 -9.64
C CYS A 485 -31.68 -50.63 -8.24
N TYR A 486 -31.54 -49.57 -7.46
CA TYR A 486 -30.93 -49.64 -6.14
C TYR A 486 -31.77 -48.84 -5.14
N PHE A 487 -31.75 -49.29 -3.89
CA PHE A 487 -32.35 -48.51 -2.81
C PHE A 487 -31.44 -47.36 -2.41
N PRO A 488 -32.02 -46.25 -1.94
CA PRO A 488 -31.23 -45.13 -1.41
C PRO A 488 -30.80 -45.35 0.04
N LEU A 489 -30.25 -46.53 0.32
CA LEU A 489 -29.78 -46.86 1.66
C LEU A 489 -28.65 -47.87 1.53
N GLN A 490 -27.85 -47.98 2.59
CA GLN A 490 -26.71 -48.88 2.62
C GLN A 490 -26.68 -49.58 3.96
N SER A 491 -27.06 -50.86 3.99
CA SER A 491 -27.12 -51.62 5.23
C SER A 491 -25.72 -51.92 5.75
N TYR A 492 -25.58 -51.90 7.07
CA TYR A 492 -24.30 -52.22 7.70
C TYR A 492 -24.55 -52.67 9.13
N GLY A 493 -23.53 -53.29 9.72
CA GLY A 493 -23.59 -53.74 11.09
C GLY A 493 -22.39 -53.25 11.87
N PHE A 494 -22.53 -53.31 13.20
CA PHE A 494 -21.48 -52.89 14.12
C PHE A 494 -21.15 -54.04 15.04
N ARG A 495 -19.87 -54.43 15.07
CA ARG A 495 -19.40 -55.47 15.97
C ARG A 495 -18.43 -54.88 16.99
N PRO A 496 -18.65 -55.10 18.28
CA PRO A 496 -17.80 -54.47 19.30
C PRO A 496 -16.34 -54.90 19.24
N THR A 497 -16.05 -56.05 18.63
CA THR A 497 -14.66 -56.49 18.51
C THR A 497 -13.86 -55.67 17.50
N TYR A 498 -14.53 -54.81 16.73
CA TYR A 498 -13.84 -54.01 15.72
C TYR A 498 -12.96 -52.96 16.37
N GLY A 499 -12.04 -52.41 15.58
CA GLY A 499 -11.21 -51.30 15.99
C GLY A 499 -11.82 -49.97 15.62
N VAL A 500 -11.01 -48.92 15.75
CA VAL A 500 -11.44 -47.58 15.39
C VAL A 500 -11.66 -47.51 13.89
N GLY A 501 -12.75 -46.87 13.48
CA GLY A 501 -13.12 -46.76 12.09
C GLY A 501 -14.23 -47.70 11.65
N HIS A 502 -14.57 -48.69 12.47
CA HIS A 502 -15.69 -49.57 12.21
C HIS A 502 -16.74 -49.52 13.29
N GLN A 503 -16.34 -49.34 14.55
CA GLN A 503 -17.29 -49.18 15.63
C GLN A 503 -18.00 -47.83 15.51
N PRO A 504 -19.22 -47.72 16.05
CA PRO A 504 -19.94 -46.45 15.97
C PRO A 504 -19.32 -45.38 16.87
N TYR A 505 -19.77 -44.15 16.65
CA TYR A 505 -19.44 -43.00 17.49
C TYR A 505 -20.62 -42.03 17.44
N ARG A 506 -20.70 -41.18 18.46
CA ARG A 506 -21.80 -40.23 18.59
C ARG A 506 -21.25 -38.81 18.54
N VAL A 507 -21.97 -37.93 17.84
CA VAL A 507 -21.52 -36.55 17.66
C VAL A 507 -22.72 -35.62 17.67
N VAL A 508 -22.55 -34.46 18.31
CA VAL A 508 -23.56 -33.41 18.32
C VAL A 508 -22.93 -32.13 17.79
N VAL A 509 -23.72 -31.37 17.04
CA VAL A 509 -23.25 -30.17 16.35
C VAL A 509 -24.12 -29.00 16.79
N LEU A 510 -23.49 -27.91 17.18
CA LEU A 510 -24.18 -26.67 17.48
C LEU A 510 -24.07 -25.72 16.29
N SER A 511 -24.81 -24.61 16.38
CA SER A 511 -24.78 -23.60 15.32
C SER A 511 -25.32 -22.30 15.90
N PHE A 512 -24.53 -21.24 15.78
CA PHE A 512 -24.83 -19.94 16.38
C PHE A 512 -25.17 -18.95 15.29
N GLU A 513 -25.54 -17.74 15.70
CA GLU A 513 -25.80 -16.65 14.76
C GLU A 513 -25.17 -15.33 15.14
N LEU A 514 -24.91 -15.09 16.43
CA LEU A 514 -24.32 -13.84 16.89
C LEU A 514 -25.12 -12.61 16.43
N LEU A 515 -26.44 -12.76 16.39
CA LEU A 515 -27.29 -11.63 16.04
C LEU A 515 -27.39 -10.66 17.20
N HIS A 516 -27.73 -9.41 16.88
CA HIS A 516 -27.73 -8.33 17.85
C HIS A 516 -29.11 -7.98 18.39
N ALA A 517 -30.12 -7.87 17.50
CA ALA A 517 -31.43 -7.43 17.97
C ALA A 517 -32.11 -8.46 18.87
N PRO A 518 -32.40 -9.68 18.42
CA PRO A 518 -33.07 -10.62 19.32
C PRO A 518 -32.07 -11.37 20.19
N ALA A 519 -32.38 -11.43 21.48
CA ALA A 519 -31.51 -12.11 22.44
C ALA A 519 -32.37 -12.95 23.37
N THR A 520 -32.18 -14.26 23.33
CA THR A 520 -32.92 -15.18 24.18
C THR A 520 -32.03 -16.04 25.07
N VAL A 521 -30.82 -16.38 24.64
CA VAL A 521 -29.90 -17.21 25.40
C VAL A 521 -28.73 -16.34 25.81
N CYS A 522 -28.47 -16.27 27.11
CA CYS A 522 -27.37 -15.49 27.65
C CYS A 522 -26.66 -16.28 28.73
N GLY A 523 -25.38 -16.00 28.91
CA GLY A 523 -24.56 -16.66 29.89
C GLY A 523 -24.92 -16.23 31.30
N PRO A 524 -24.61 -17.08 32.28
CA PRO A 524 -24.94 -16.77 33.68
C PRO A 524 -23.93 -15.79 34.28
N LYS A 525 -24.38 -14.56 34.49
CA LYS A 525 -23.58 -13.56 35.18
C LYS A 525 -24.49 -12.75 36.10
N LYS A 526 -23.90 -12.25 37.18
CA LYS A 526 -24.65 -11.46 38.16
C LYS A 526 -24.85 -10.06 37.62
N SER A 527 -26.07 -9.74 37.19
CA SER A 527 -26.39 -8.40 36.72
C SER A 527 -26.18 -7.41 37.86
N THR A 528 -25.48 -6.33 37.55
CA THR A 528 -25.13 -5.32 38.55
C THR A 528 -26.05 -4.11 38.44
N ASN A 529 -26.02 -3.29 39.48
CA ASN A 529 -26.85 -2.10 39.51
C ASN A 529 -26.35 -1.12 38.45
N LEU A 530 -27.27 -0.30 37.94
CA LEU A 530 -26.94 0.65 36.89
C LEU A 530 -26.50 1.98 37.47
N VAL A 531 -25.45 2.55 36.89
CA VAL A 531 -24.96 3.88 37.25
C VAL A 531 -24.94 4.74 36.00
N LYS A 532 -24.69 6.04 36.20
CA LYS A 532 -24.72 6.96 35.08
C LYS A 532 -23.95 8.22 35.44
N ASN A 533 -23.72 9.04 34.42
CA ASN A 533 -23.06 10.34 34.56
C ASN A 533 -21.62 10.23 35.06
N LYS A 534 -20.97 9.11 34.75
CA LYS A 534 -19.56 8.94 35.08
C LYS A 534 -18.97 7.86 34.18
N CYS A 535 -17.75 8.08 33.72
CA CYS A 535 -17.09 7.18 32.79
C CYS A 535 -16.97 5.78 33.38
N VAL A 536 -17.66 4.81 32.80
CA VAL A 536 -17.68 3.44 33.31
C VAL A 536 -17.66 2.47 32.13
N ASN A 537 -17.36 1.21 32.44
CA ASN A 537 -17.48 0.12 31.49
C ASN A 537 -18.89 -0.43 31.52
N PHE A 538 -19.45 -0.68 30.34
CA PHE A 538 -20.78 -1.26 30.22
C PHE A 538 -20.72 -2.52 29.37
N ASN A 539 -21.51 -3.51 29.76
CA ASN A 539 -21.59 -4.81 29.09
C ASN A 539 -23.04 -5.19 28.80
N PHE A 540 -23.78 -4.27 28.18
CA PHE A 540 -25.19 -4.51 27.85
C PHE A 540 -25.28 -5.63 26.82
N ASN A 541 -25.67 -6.82 27.28
CA ASN A 541 -25.91 -7.99 26.44
C ASN A 541 -24.69 -8.40 25.60
N GLY A 542 -23.52 -7.84 25.89
CA GLY A 542 -22.32 -8.12 25.12
C GLY A 542 -21.75 -6.93 24.37
N LEU A 543 -22.45 -5.79 24.35
CA LEU A 543 -21.92 -4.58 23.73
C LEU A 543 -20.89 -3.94 24.66
N THR A 544 -19.75 -4.64 24.78
CA THR A 544 -18.70 -4.20 25.68
C THR A 544 -18.17 -2.84 25.25
N GLY A 545 -18.10 -1.91 26.18
CA GLY A 545 -17.58 -0.60 25.84
C GLY A 545 -17.34 0.23 27.08
N THR A 546 -16.85 1.44 26.86
CA THR A 546 -16.60 2.40 27.93
C THR A 546 -17.19 3.75 27.55
N GLY A 547 -17.77 4.43 28.53
CA GLY A 547 -18.31 5.75 28.28
C GLY A 547 -19.21 6.19 29.41
N VAL A 548 -19.95 7.26 29.15
CA VAL A 548 -20.93 7.81 30.09
C VAL A 548 -22.31 7.58 29.53
N LEU A 549 -23.24 7.20 30.41
CA LEU A 549 -24.61 6.90 30.04
C LEU A 549 -25.51 8.02 30.58
N THR A 550 -26.34 8.58 29.71
CA THR A 550 -27.28 9.62 30.10
C THR A 550 -28.67 9.25 29.62
N GLU A 551 -29.65 10.08 29.95
CA GLU A 551 -31.04 9.85 29.55
C GLU A 551 -31.32 10.61 28.26
N SER A 552 -31.99 9.93 27.33
CA SER A 552 -32.22 10.45 26.00
C SER A 552 -33.72 10.59 25.74
N ASN A 553 -34.04 11.41 24.73
CA ASN A 553 -35.41 11.62 24.29
C ASN A 553 -35.70 10.96 22.94
N LYS A 554 -34.99 9.87 22.64
CA LYS A 554 -35.21 9.15 21.40
C LYS A 554 -36.56 8.45 21.42
N LYS A 555 -37.08 8.16 20.22
CA LYS A 555 -38.39 7.53 20.11
C LYS A 555 -38.32 6.04 20.38
N PHE A 556 -37.57 5.31 19.57
CA PHE A 556 -37.32 3.87 19.77
C PHE A 556 -38.62 3.08 19.82
N LEU A 557 -39.28 3.02 18.67
CA LEU A 557 -40.47 2.19 18.49
C LEU A 557 -40.21 0.79 19.04
N PRO A 558 -41.25 0.07 19.48
CA PRO A 558 -41.02 -1.13 20.29
C PRO A 558 -40.12 -2.17 19.66
N PHE A 559 -40.18 -2.36 18.34
CA PHE A 559 -39.28 -3.31 17.70
C PHE A 559 -37.84 -2.82 17.72
N GLN A 560 -37.63 -1.53 17.48
CA GLN A 560 -36.29 -0.96 17.51
C GLN A 560 -35.73 -1.00 18.92
N GLN A 561 -34.46 -1.39 19.06
CA GLN A 561 -33.82 -1.31 20.36
C GLN A 561 -32.35 -0.91 20.33
N PHE A 562 -31.77 -0.62 19.17
CA PHE A 562 -30.41 -0.11 19.09
C PHE A 562 -30.40 1.23 18.38
N GLY A 563 -29.35 1.99 18.65
CA GLY A 563 -29.07 3.22 17.93
C GLY A 563 -27.81 3.02 17.10
N ARG A 564 -27.76 3.70 15.96
CA ARG A 564 -26.62 3.57 15.06
C ARG A 564 -26.41 4.87 14.33
N ASP A 565 -25.21 5.03 13.80
CA ASP A 565 -24.88 6.19 12.98
C ASP A 565 -23.68 5.80 12.10
N ILE A 566 -23.05 6.80 11.50
CA ILE A 566 -21.87 6.56 10.66
C ILE A 566 -20.80 5.87 11.48
N ALA A 567 -20.05 4.98 10.83
CA ALA A 567 -18.93 4.24 11.41
C ALA A 567 -19.37 3.21 12.45
N ASP A 568 -20.62 2.76 12.39
CA ASP A 568 -21.10 1.65 13.20
C ASP A 568 -20.88 1.88 14.69
N THR A 569 -21.17 3.09 15.16
CA THR A 569 -21.06 3.44 16.58
C THR A 569 -22.45 3.44 17.19
N THR A 570 -22.64 2.66 18.24
CA THR A 570 -23.93 2.57 18.92
C THR A 570 -24.04 3.73 19.89
N ASP A 571 -24.74 4.78 19.48
CA ASP A 571 -24.89 5.98 20.29
C ASP A 571 -26.08 5.94 21.23
N ALA A 572 -26.87 4.86 21.19
CA ALA A 572 -28.00 4.71 22.10
C ALA A 572 -28.29 3.24 22.28
N VAL A 573 -28.93 2.90 23.39
CA VAL A 573 -29.21 1.50 23.71
C VAL A 573 -30.39 1.43 24.66
N ARG A 574 -31.20 0.39 24.48
CA ARG A 574 -32.36 0.16 25.33
C ARG A 574 -31.96 -0.75 26.49
N ASP A 575 -32.37 -0.37 27.71
CA ASP A 575 -32.02 -1.15 28.88
C ASP A 575 -32.70 -2.52 28.82
N PRO A 576 -31.96 -3.61 29.04
CA PRO A 576 -32.59 -4.94 28.96
C PRO A 576 -33.67 -5.19 29.99
N GLN A 577 -33.57 -4.58 31.18
CA GLN A 577 -34.49 -4.90 32.26
C GLN A 577 -35.60 -3.88 32.45
N THR A 578 -35.26 -2.60 32.63
CA THR A 578 -36.26 -1.57 32.89
C THR A 578 -36.78 -0.92 31.62
N LEU A 579 -36.29 -1.35 30.45
CA LEU A 579 -36.74 -0.83 29.17
C LEU A 579 -36.65 0.69 29.11
N GLU A 580 -35.53 1.21 29.59
CA GLU A 580 -35.24 2.64 29.51
C GLU A 580 -34.16 2.88 28.47
N ILE A 581 -34.34 3.92 27.67
CA ILE A 581 -33.39 4.24 26.63
C ILE A 581 -32.27 5.09 27.21
N LEU A 582 -31.04 4.83 26.78
CA LEU A 582 -29.86 5.50 27.30
C LEU A 582 -28.99 5.95 26.14
N ASP A 583 -28.34 7.10 26.33
CA ASP A 583 -27.45 7.69 25.35
C ASP A 583 -26.01 7.52 25.82
N ILE A 584 -25.16 7.00 24.94
CA ILE A 584 -23.77 6.70 25.25
C ILE A 584 -22.90 7.80 24.67
N THR A 585 -22.01 8.36 25.50
CA THR A 585 -21.10 9.40 25.06
C THR A 585 -19.68 9.05 25.50
N PRO A 586 -18.69 9.21 24.61
CA PRO A 586 -17.31 8.89 25.00
C PRO A 586 -16.80 9.84 26.07
N CYS A 587 -15.87 9.35 26.88
CA CYS A 587 -15.30 10.12 27.96
C CYS A 587 -14.44 11.26 27.41
N SER A 588 -14.09 12.19 28.29
CA SER A 588 -13.29 13.34 27.91
C SER A 588 -11.89 12.89 27.49
N PHE A 589 -11.36 13.54 26.46
CA PHE A 589 -10.03 13.22 25.96
C PHE A 589 -9.53 14.41 25.15
N GLY A 590 -8.22 14.42 24.89
CA GLY A 590 -7.65 15.48 24.08
C GLY A 590 -6.15 15.40 24.04
N GLY A 591 -5.54 16.43 23.46
CA GLY A 591 -4.11 16.55 23.34
C GLY A 591 -3.59 17.72 24.16
N VAL A 592 -2.29 17.69 24.44
CA VAL A 592 -1.64 18.72 25.22
C VAL A 592 -0.46 19.28 24.42
N SER A 593 -0.10 20.51 24.73
CA SER A 593 1.01 21.18 24.09
C SER A 593 1.81 21.94 25.14
N VAL A 594 3.12 22.07 24.90
CA VAL A 594 4.03 22.68 25.86
C VAL A 594 4.56 23.97 25.24
N ILE A 595 4.35 25.08 25.93
CA ILE A 595 4.83 26.38 25.52
C ILE A 595 6.05 26.71 26.35
N THR A 596 7.22 26.77 25.72
CA THR A 596 8.46 27.01 26.42
C THR A 596 9.32 27.99 25.63
N PRO A 597 10.12 28.79 26.31
CA PRO A 597 11.23 29.48 25.65
C PRO A 597 12.38 28.50 25.49
N GLY A 598 13.48 28.99 24.94
CA GLY A 598 14.63 28.14 24.74
C GLY A 598 15.19 27.61 26.05
N THR A 599 15.78 26.42 25.98
CA THR A 599 16.42 25.86 27.16
C THR A 599 17.60 26.71 27.60
N ASN A 600 18.15 27.50 26.68
CA ASN A 600 19.25 28.40 27.03
C ASN A 600 18.78 29.50 27.97
N THR A 601 17.64 30.11 27.67
CA THR A 601 17.17 31.24 28.47
C THR A 601 16.67 30.78 29.84
N SER A 602 15.84 29.74 29.88
CA SER A 602 15.23 29.32 31.13
C SER A 602 14.65 27.93 31.06
N ASN A 603 13.90 27.53 32.09
CA ASN A 603 13.28 26.22 32.14
C ASN A 603 11.80 26.23 32.48
N GLN A 604 11.22 27.37 32.85
CA GLN A 604 9.80 27.43 33.14
C GLN A 604 8.99 27.23 31.86
N VAL A 605 7.90 26.47 31.96
CA VAL A 605 7.05 26.15 30.82
C VAL A 605 5.60 26.39 31.19
N ALA A 606 4.74 26.35 30.18
CA ALA A 606 3.30 26.41 30.36
C ALA A 606 2.66 25.28 29.53
N VAL A 607 1.47 24.88 29.92
CA VAL A 607 0.82 23.73 29.31
C VAL A 607 -0.56 24.13 28.80
N LEU A 608 -0.86 23.76 27.56
CA LEU A 608 -2.14 24.07 26.92
C LEU A 608 -2.88 22.77 26.65
N TYR A 609 -4.10 22.67 27.15
CA TYR A 609 -4.98 21.53 26.89
C TYR A 609 -5.96 21.91 25.81
N GLN A 610 -6.14 21.01 24.83
CA GLN A 610 -6.93 21.29 23.64
C GLN A 610 -8.42 21.14 23.95
N GLY A 611 -9.13 22.28 23.97
CA GLY A 611 -10.58 22.27 24.07
C GLY A 611 -11.16 21.46 25.21
N VAL A 612 -10.95 21.92 26.44
CA VAL A 612 -11.39 21.19 27.62
C VAL A 612 -12.29 22.08 28.46
N ASN A 613 -12.24 23.39 28.18
CA ASN A 613 -12.97 24.40 28.95
C ASN A 613 -12.57 24.38 30.42
N CYS A 614 -11.29 24.11 30.68
CA CYS A 614 -10.70 24.28 32.00
C CYS A 614 -11.47 23.58 33.11
N THR A 615 -12.33 24.34 33.81
CA THR A 615 -12.90 23.86 35.06
C THR A 615 -13.75 22.60 34.88
N GLU A 616 -14.18 22.33 33.65
CA GLU A 616 -15.03 21.16 33.41
C GLU A 616 -14.33 19.87 33.79
N VAL A 617 -13.07 19.71 33.38
CA VAL A 617 -12.28 18.54 33.73
C VAL A 617 -10.79 18.85 33.54
N PRO A 618 -10.24 19.78 34.32
CA PRO A 618 -8.83 20.14 34.09
C PRO A 618 -7.86 19.06 34.56
N VAL A 619 -8.10 18.48 35.73
CA VAL A 619 -7.27 17.44 36.29
C VAL A 619 -8.16 16.37 36.89
N ALA A 620 -7.82 15.11 36.67
CA ALA A 620 -8.59 14.00 37.19
C ALA A 620 -8.31 13.77 38.67
N THR A 629 1.88 12.83 39.58
CA THR A 629 2.86 12.49 38.56
C THR A 629 3.23 13.70 37.72
N TRP A 630 2.82 13.68 36.45
CA TRP A 630 3.06 14.80 35.56
C TRP A 630 2.14 15.98 35.86
N ARG A 631 1.07 15.77 36.62
CA ARG A 631 0.09 16.81 36.92
C ARG A 631 0.41 17.56 38.20
N VAL A 632 1.70 17.72 38.52
CA VAL A 632 2.12 18.38 39.74
C VAL A 632 1.98 19.90 39.68
N TYR A 633 1.44 20.43 38.58
CA TYR A 633 1.41 21.88 38.41
C TYR A 633 0.27 22.51 39.19
N SER A 634 0.16 22.16 40.47
CA SER A 634 -0.68 22.85 41.45
C SER A 634 -2.16 22.81 41.12
N THR A 635 -2.53 22.22 39.97
CA THR A 635 -3.89 22.26 39.46
C THR A 635 -4.48 23.67 39.56
N GLY A 636 -3.65 24.66 39.24
CA GLY A 636 -3.99 26.04 39.45
C GLY A 636 -2.92 26.99 38.95
N SER A 637 -2.55 27.97 39.76
CA SER A 637 -1.51 28.94 39.42
C SER A 637 -1.89 29.72 38.16
N ASN A 638 -2.96 30.52 38.32
CA ASN A 638 -3.45 31.41 37.27
C ASN A 638 -3.94 30.62 36.06
N VAL A 639 -4.89 29.72 36.26
CA VAL A 639 -5.50 29.03 35.13
C VAL A 639 -6.29 30.02 34.30
N PHE A 640 -6.01 30.07 33.01
CA PHE A 640 -6.63 31.01 32.09
C PHE A 640 -7.36 30.24 31.00
N GLN A 641 -8.46 30.81 30.51
CA GLN A 641 -9.29 30.19 29.49
C GLN A 641 -9.24 31.00 28.20
N THR A 642 -9.10 30.31 27.08
CA THR A 642 -9.08 30.94 25.76
C THR A 642 -9.98 30.15 24.82
N ARG A 643 -10.13 30.66 23.60
CA ARG A 643 -10.97 29.99 22.61
C ARG A 643 -10.37 28.69 22.12
N ALA A 644 -9.08 28.46 22.33
CA ALA A 644 -8.43 27.25 21.86
C ALA A 644 -8.33 26.16 22.90
N GLY A 645 -8.46 26.49 24.18
CA GLY A 645 -8.36 25.47 25.22
C GLY A 645 -8.11 26.08 26.58
N CYS A 646 -7.43 25.31 27.42
CA CYS A 646 -7.11 25.72 28.78
C CYS A 646 -5.61 25.93 28.90
N LEU A 647 -5.21 27.14 29.31
CA LEU A 647 -3.81 27.50 29.45
C LEU A 647 -3.43 27.53 30.92
N ILE A 648 -2.41 26.78 31.30
CA ILE A 648 -1.97 26.65 32.68
C ILE A 648 -0.52 27.09 32.77
N GLY A 649 -0.24 28.03 33.67
CA GLY A 649 1.11 28.48 33.88
C GLY A 649 1.45 29.85 33.34
N ALA A 650 0.46 30.62 32.89
CA ALA A 650 0.72 31.95 32.34
C ALA A 650 -0.31 32.93 32.86
N GLU A 651 0.12 34.19 32.99
CA GLU A 651 -0.76 35.27 33.42
C GLU A 651 -1.53 35.78 32.21
N TYR A 652 -2.21 36.92 32.37
CA TYR A 652 -2.93 37.56 31.26
C TYR A 652 -2.75 39.07 31.42
N VAL A 653 -1.75 39.62 30.73
CA VAL A 653 -1.51 41.05 30.80
C VAL A 653 -2.48 41.79 29.92
N ASN A 654 -2.95 42.94 30.39
CA ASN A 654 -3.85 43.80 29.63
C ASN A 654 -3.13 44.58 28.53
N ASN A 655 -1.80 44.51 28.49
CA ASN A 655 -1.02 45.28 27.52
C ASN A 655 -1.10 44.61 26.15
N SER A 656 -0.28 45.08 25.21
CA SER A 656 -0.24 44.51 23.87
C SER A 656 1.16 44.67 23.31
N TYR A 657 1.72 43.58 22.79
CA TYR A 657 3.02 43.59 22.13
C TYR A 657 2.99 42.79 20.85
N GLU A 658 4.16 42.55 20.25
CA GLU A 658 4.23 41.73 19.05
C GLU A 658 4.22 40.25 19.42
N CYS A 659 3.64 39.44 18.55
CA CYS A 659 3.51 38.01 18.81
C CYS A 659 4.87 37.33 18.78
N ASP A 660 5.11 36.45 19.74
CA ASP A 660 6.32 35.65 19.80
C ASP A 660 6.06 34.17 19.59
N ILE A 661 5.18 33.58 20.39
CA ILE A 661 4.80 32.17 20.27
C ILE A 661 3.31 32.12 20.00
N PRO A 662 2.90 31.87 18.75
CA PRO A 662 1.46 31.84 18.45
C PRO A 662 0.76 30.72 19.19
N ILE A 663 -0.50 30.98 19.56
CA ILE A 663 -1.30 30.03 20.30
C ILE A 663 -2.56 29.70 19.51
N GLY A 664 -3.33 30.72 19.17
CA GLY A 664 -4.54 30.55 18.40
C GLY A 664 -5.62 31.52 18.85
N ALA A 665 -6.49 31.90 17.92
CA ALA A 665 -7.59 32.82 18.18
C ALA A 665 -7.10 34.13 18.77
N GLY A 666 -6.04 34.68 18.18
CA GLY A 666 -5.54 35.98 18.59
C GLY A 666 -4.95 36.03 19.97
N ILE A 667 -4.19 35.01 20.36
CA ILE A 667 -3.52 34.96 21.65
C ILE A 667 -2.08 34.53 21.42
N CYS A 668 -1.14 35.20 22.09
CA CYS A 668 0.27 34.85 21.97
C CYS A 668 0.85 34.68 23.37
N ALA A 669 2.14 34.35 23.42
CA ALA A 669 2.84 34.20 24.68
C ALA A 669 4.30 34.60 24.48
N SER A 670 4.96 34.92 25.59
CA SER A 670 6.35 35.36 25.52
C SER A 670 7.03 35.06 26.85
N TYR A 671 8.22 35.63 27.05
CA TYR A 671 9.01 35.45 28.25
C TYR A 671 9.54 36.79 28.74
N GLN A 672 8.65 37.77 28.83
CA GLN A 672 9.06 39.10 29.27
C GLN A 672 9.44 39.08 30.75
N THR A 673 10.15 40.13 31.16
CA THR A 673 10.69 40.26 32.51
C THR A 673 9.84 41.25 33.29
N GLN A 674 8.78 40.76 33.90
CA GLN A 674 7.88 41.57 34.72
C GLN A 674 7.39 42.81 33.99
N SER A 686 12.01 37.79 38.79
CA SER A 686 11.29 38.76 37.97
C SER A 686 11.06 38.22 36.57
N GLN A 687 11.07 36.89 36.44
CA GLN A 687 10.88 36.22 35.16
C GLN A 687 9.58 35.42 35.21
N SER A 688 8.78 35.54 34.15
CA SER A 688 7.50 34.86 34.09
C SER A 688 7.13 34.66 32.63
N ILE A 689 6.03 33.94 32.42
CA ILE A 689 5.47 33.71 31.10
C ILE A 689 4.12 34.40 31.05
N ILE A 690 3.94 35.31 30.10
CA ILE A 690 2.71 36.08 29.96
C ILE A 690 2.00 35.65 28.69
N ALA A 691 0.69 35.92 28.66
CA ALA A 691 -0.16 35.56 27.52
C ALA A 691 -1.03 36.76 27.20
N TYR A 692 -0.53 37.64 26.34
CA TYR A 692 -1.20 38.89 26.01
C TYR A 692 -2.10 38.67 24.78
N THR A 693 -2.57 39.77 24.20
CA THR A 693 -3.34 39.75 22.97
C THR A 693 -2.53 40.36 21.85
N MET A 694 -2.60 39.75 20.67
CA MET A 694 -1.78 40.19 19.54
C MET A 694 -2.04 41.65 19.21
N SER A 695 -0.98 42.39 18.94
CA SER A 695 -1.06 43.80 18.59
C SER A 695 -0.68 43.97 17.13
N LEU A 696 -1.54 44.63 16.37
CA LEU A 696 -1.36 44.78 14.93
C LEU A 696 -0.47 45.97 14.57
N GLY A 697 -0.05 46.76 15.54
CA GLY A 697 0.79 47.91 15.29
C GLY A 697 0.17 49.20 15.80
N ALA A 698 1.00 50.24 15.81
CA ALA A 698 0.57 51.54 16.30
C ALA A 698 -0.46 52.14 15.34
N GLU A 699 -1.51 52.74 15.91
CA GLU A 699 -2.52 53.38 15.10
C GLU A 699 -2.06 54.78 14.70
N ASN A 700 -2.26 55.13 13.44
CA ASN A 700 -1.77 56.39 12.89
C ASN A 700 -2.93 57.13 12.24
N SER A 701 -2.82 58.45 12.24
CA SER A 701 -3.83 59.33 11.68
C SER A 701 -3.28 60.10 10.50
N VAL A 702 -4.16 60.47 9.59
CA VAL A 702 -3.82 61.34 8.46
C VAL A 702 -4.85 62.45 8.45
N ALA A 703 -4.51 63.55 7.78
CA ALA A 703 -5.21 64.83 7.94
C ALA A 703 -5.73 65.27 6.57
N TYR A 704 -6.46 64.38 5.90
CA TYR A 704 -7.10 64.70 4.63
C TYR A 704 -7.81 66.04 4.71
N SER A 705 -7.60 66.87 3.70
CA SER A 705 -8.28 68.16 3.58
C SER A 705 -8.45 68.49 2.12
N ASN A 706 -9.36 69.42 1.83
CA ASN A 706 -9.64 69.76 0.44
C ASN A 706 -8.41 70.33 -0.26
N ASN A 707 -7.56 71.04 0.47
CA ASN A 707 -6.37 71.67 -0.11
C ASN A 707 -5.20 71.46 0.84
N SER A 708 -4.45 70.39 0.62
CA SER A 708 -3.26 70.11 1.41
C SER A 708 -2.45 69.04 0.70
N ILE A 709 -1.14 69.23 0.67
CA ILE A 709 -0.21 68.25 0.13
C ILE A 709 0.94 68.12 1.12
N ALA A 710 1.59 66.96 1.12
CA ALA A 710 2.77 66.73 1.96
C ALA A 710 3.87 66.19 1.06
N ILE A 711 4.75 67.07 0.60
CA ILE A 711 5.82 66.71 -0.33
C ILE A 711 7.11 66.52 0.45
N PRO A 712 7.82 65.41 0.28
CA PRO A 712 9.06 65.20 1.03
C PRO A 712 10.16 66.15 0.58
N THR A 713 11.11 66.37 1.49
CA THR A 713 12.24 67.24 1.23
C THR A 713 13.59 66.55 1.32
N ASN A 714 13.64 65.27 1.65
CA ASN A 714 14.92 64.58 1.68
C ASN A 714 14.68 63.12 1.32
N PHE A 715 15.76 62.38 1.14
CA PHE A 715 15.59 60.97 0.79
C PHE A 715 16.56 60.06 1.52
N THR A 716 16.52 58.78 1.20
CA THR A 716 17.42 57.81 1.81
C THR A 716 17.58 56.64 0.85
N ILE A 717 18.79 56.08 0.80
CA ILE A 717 19.07 54.90 0.00
C ILE A 717 19.31 53.73 0.94
N SER A 718 18.59 52.64 0.72
CA SER A 718 18.64 51.50 1.61
C SER A 718 18.93 50.24 0.81
N VAL A 719 19.45 49.23 1.52
CA VAL A 719 19.79 47.94 0.94
C VAL A 719 19.04 46.86 1.70
N THR A 720 18.34 46.00 0.96
CA THR A 720 17.53 44.94 1.55
C THR A 720 17.93 43.60 0.94
N THR A 721 18.11 42.60 1.77
CA THR A 721 18.52 41.28 1.30
C THR A 721 17.31 40.41 1.03
N GLU A 722 17.54 39.37 0.23
CA GLU A 722 16.50 38.38 -0.06
C GLU A 722 17.16 37.05 -0.37
N ILE A 723 16.57 35.96 0.10
CA ILE A 723 17.16 34.63 0.00
C ILE A 723 16.16 33.70 -0.70
N LEU A 724 16.62 33.00 -1.74
CA LEU A 724 15.75 32.07 -2.46
C LEU A 724 16.46 30.74 -2.72
N PRO A 725 15.86 29.62 -2.36
CA PRO A 725 16.41 28.32 -2.76
C PRO A 725 16.28 28.12 -4.26
N VAL A 726 17.23 27.36 -4.83
CA VAL A 726 17.25 27.17 -6.27
C VAL A 726 17.24 25.69 -6.63
N SER A 727 17.79 24.85 -5.76
CA SER A 727 17.87 23.43 -6.06
C SER A 727 18.09 22.65 -4.78
N MET A 728 17.96 21.33 -4.88
CA MET A 728 18.13 20.44 -3.75
C MET A 728 19.04 19.29 -4.14
N THR A 729 19.59 18.62 -3.14
CA THR A 729 20.59 17.60 -3.38
C THR A 729 20.02 16.44 -4.18
N LYS A 730 20.76 16.00 -5.19
CA LYS A 730 20.35 14.86 -5.99
C LYS A 730 20.57 13.57 -5.21
N THR A 731 19.91 12.51 -5.67
CA THR A 731 20.02 11.23 -5.00
C THR A 731 19.65 10.12 -5.96
N SER A 732 20.03 8.89 -5.60
CA SER A 732 19.70 7.71 -6.37
C SER A 732 19.63 6.54 -5.42
N VAL A 733 18.70 5.61 -5.68
CA VAL A 733 18.44 4.49 -4.79
C VAL A 733 18.52 3.20 -5.59
N ASP A 734 19.22 2.21 -5.05
CA ASP A 734 19.30 0.88 -5.65
C ASP A 734 18.25 0.00 -4.98
N CYS A 735 17.15 -0.25 -5.69
CA CYS A 735 16.02 -0.96 -5.09
C CYS A 735 16.38 -2.38 -4.71
N THR A 736 16.98 -3.12 -5.65
CA THR A 736 17.21 -4.54 -5.43
C THR A 736 18.22 -4.80 -4.33
N MET A 737 19.08 -3.83 -4.01
CA MET A 737 20.01 -3.99 -2.91
C MET A 737 19.46 -3.46 -1.60
N TYR A 738 18.64 -2.42 -1.65
CA TYR A 738 18.00 -1.92 -0.44
C TYR A 738 17.00 -2.94 0.11
N ILE A 739 16.13 -3.47 -0.76
CA ILE A 739 15.12 -4.42 -0.29
C ILE A 739 15.77 -5.73 0.12
N CYS A 740 16.66 -6.26 -0.71
CA CYS A 740 17.36 -7.51 -0.45
C CYS A 740 18.85 -7.27 -0.47
N GLY A 741 19.53 -7.68 0.60
CA GLY A 741 20.95 -7.43 0.68
C GLY A 741 21.75 -8.14 -0.38
N ASP A 742 21.88 -9.46 -0.24
CA ASP A 742 22.58 -10.27 -1.23
C ASP A 742 21.89 -11.57 -1.58
N SER A 743 20.90 -12.00 -0.81
CA SER A 743 20.30 -13.32 -1.03
C SER A 743 19.58 -13.36 -2.37
N THR A 744 19.78 -14.46 -3.10
CA THR A 744 19.12 -14.62 -4.39
C THR A 744 17.65 -14.99 -4.25
N GLU A 745 17.27 -15.61 -3.13
CA GLU A 745 15.86 -15.94 -2.91
C GLU A 745 15.01 -14.69 -2.83
N CYS A 746 15.51 -13.67 -2.14
CA CYS A 746 14.76 -12.42 -2.06
C CYS A 746 14.62 -11.78 -3.44
N SER A 747 15.67 -11.83 -4.26
CA SER A 747 15.58 -11.30 -5.61
C SER A 747 14.57 -12.06 -6.44
N ASN A 748 14.56 -13.39 -6.32
CA ASN A 748 13.61 -14.20 -7.07
C ASN A 748 12.18 -13.88 -6.65
N LEU A 749 11.94 -13.71 -5.36
CA LEU A 749 10.60 -13.36 -4.89
C LEU A 749 10.21 -11.97 -5.36
N LEU A 750 11.16 -11.02 -5.33
CA LEU A 750 10.88 -9.67 -5.78
C LEU A 750 10.55 -9.62 -7.26
N LEU A 751 11.14 -10.53 -8.04
CA LEU A 751 10.85 -10.55 -9.47
C LEU A 751 9.39 -10.86 -9.77
N GLN A 752 8.65 -11.40 -8.80
CA GLN A 752 7.23 -11.71 -9.00
C GLN A 752 6.32 -10.51 -8.89
N TYR A 753 6.83 -9.36 -8.45
CA TYR A 753 6.02 -8.17 -8.24
C TYR A 753 5.95 -7.29 -9.48
N GLY A 754 6.48 -7.75 -10.59
CA GLY A 754 6.40 -6.97 -11.81
C GLY A 754 7.36 -5.78 -11.81
N SER A 755 7.00 -4.77 -12.60
CA SER A 755 7.86 -3.60 -12.78
C SER A 755 7.49 -2.53 -11.76
N PHE A 756 8.07 -2.67 -10.57
CA PHE A 756 7.99 -1.63 -9.55
C PHE A 756 9.29 -0.88 -9.36
N CYS A 757 10.43 -1.54 -9.55
CA CYS A 757 11.71 -0.86 -9.43
C CYS A 757 11.92 0.15 -10.55
N THR A 758 11.47 -0.19 -11.76
CA THR A 758 11.72 0.67 -12.92
C THR A 758 11.05 2.03 -12.75
N GLN A 759 9.83 2.05 -12.21
CA GLN A 759 9.14 3.32 -12.02
C GLN A 759 9.90 4.22 -11.05
N LEU A 760 10.36 3.65 -9.94
CA LEU A 760 11.11 4.44 -8.97
C LEU A 760 12.41 4.97 -9.57
N LYS A 761 13.12 4.12 -10.32
CA LYS A 761 14.36 4.57 -10.94
C LYS A 761 14.10 5.69 -11.93
N ARG A 762 13.04 5.56 -12.73
CA ARG A 762 12.72 6.61 -13.70
C ARG A 762 12.38 7.91 -13.00
N ALA A 763 11.57 7.85 -11.93
CA ALA A 763 11.20 9.06 -11.22
C ALA A 763 12.42 9.75 -10.62
N LEU A 764 13.30 8.96 -10.00
CA LEU A 764 14.49 9.55 -9.38
C LEU A 764 15.42 10.16 -10.43
N THR A 765 15.58 9.49 -11.57
CA THR A 765 16.42 10.07 -12.62
C THR A 765 15.83 11.36 -13.15
N GLY A 766 14.51 11.41 -13.33
CA GLY A 766 13.88 12.64 -13.76
C GLY A 766 14.09 13.77 -12.77
N ILE A 767 13.95 13.47 -11.48
CA ILE A 767 14.18 14.48 -10.46
C ILE A 767 15.61 14.99 -10.52
N ALA A 768 16.58 14.08 -10.67
CA ALA A 768 17.97 14.49 -10.71
C ALA A 768 18.26 15.39 -11.90
N VAL A 769 17.74 15.02 -13.08
CA VAL A 769 17.99 15.84 -14.26
C VAL A 769 17.34 17.22 -14.11
N GLU A 770 16.13 17.25 -13.56
CA GLU A 770 15.47 18.54 -13.34
C GLU A 770 16.25 19.40 -12.38
N GLN A 771 16.81 18.81 -11.33
CA GLN A 771 17.62 19.57 -10.39
C GLN A 771 18.86 20.13 -11.07
N ASP A 772 19.49 19.34 -11.94
CA ASP A 772 20.65 19.84 -12.66
C ASP A 772 20.27 20.99 -13.59
N LYS A 773 19.10 20.91 -14.22
CA LYS A 773 18.70 21.97 -15.14
C LYS A 773 18.27 23.24 -14.42
N ASN A 774 17.75 23.12 -13.20
CA ASN A 774 17.19 24.29 -12.52
C ASN A 774 18.25 25.37 -12.30
N THR A 775 19.44 24.98 -11.87
CA THR A 775 20.48 25.94 -11.54
C THR A 775 21.19 26.48 -12.77
N GLN A 776 20.66 26.25 -13.97
CA GLN A 776 21.29 26.70 -15.19
C GLN A 776 20.68 28.00 -15.72
N GLU A 777 19.36 28.03 -15.91
CA GLU A 777 18.73 29.24 -16.41
C GLU A 777 18.69 30.36 -15.38
N VAL A 778 18.94 30.07 -14.10
CA VAL A 778 19.05 31.12 -13.11
C VAL A 778 20.33 31.92 -13.31
N PHE A 779 21.43 31.23 -13.62
CA PHE A 779 22.73 31.86 -13.76
C PHE A 779 23.16 32.06 -15.21
N ALA A 780 23.02 31.03 -16.04
CA ALA A 780 23.50 31.08 -17.42
C ALA A 780 22.54 31.92 -18.27
N GLN A 781 22.49 33.21 -17.94
CA GLN A 781 21.74 34.18 -18.72
C GLN A 781 22.62 34.99 -19.65
N VAL A 782 23.87 35.25 -19.26
CA VAL A 782 24.82 35.97 -20.08
C VAL A 782 25.37 35.03 -21.14
N LYS A 783 26.07 35.60 -22.13
CA LYS A 783 26.64 34.82 -23.21
C LYS A 783 28.15 34.78 -23.18
N GLN A 784 28.81 35.91 -22.94
CA GLN A 784 30.25 36.00 -22.83
C GLN A 784 30.62 36.43 -21.42
N ILE A 785 31.58 35.73 -20.83
CA ILE A 785 32.02 36.01 -19.46
C ILE A 785 32.79 37.32 -19.46
N TYR A 786 32.17 38.39 -18.97
CA TYR A 786 32.85 39.67 -18.86
C TYR A 786 33.87 39.60 -17.72
N LYS A 787 34.89 40.46 -17.82
CA LYS A 787 35.91 40.55 -16.78
C LYS A 787 35.90 41.95 -16.20
N THR A 788 36.25 42.05 -14.91
CA THR A 788 36.23 43.33 -14.24
C THR A 788 37.32 44.25 -14.79
N PRO A 789 37.12 45.56 -14.72
CA PRO A 789 38.16 46.49 -15.17
C PRO A 789 39.40 46.37 -14.29
N PRO A 790 40.57 46.74 -14.81
CA PRO A 790 41.81 46.55 -14.03
C PRO A 790 41.87 47.43 -12.79
N ILE A 791 41.63 48.73 -12.94
CA ILE A 791 41.66 49.67 -11.83
C ILE A 791 40.23 50.03 -11.46
N LYS A 792 39.89 49.88 -10.18
CA LYS A 792 38.52 50.00 -9.70
C LYS A 792 38.32 51.37 -9.07
N TYR A 793 37.52 52.22 -9.72
CA TYR A 793 37.09 53.49 -9.17
C TYR A 793 35.83 53.92 -9.90
N PHE A 794 34.78 54.22 -9.13
CA PHE A 794 33.45 54.50 -9.70
C PHE A 794 32.84 55.74 -9.07
N GLY A 795 33.62 56.81 -8.96
CA GLY A 795 33.07 58.08 -8.53
C GLY A 795 32.76 58.17 -7.05
N GLY A 796 33.18 57.20 -6.24
CA GLY A 796 32.93 57.25 -4.82
C GLY A 796 32.33 55.98 -4.27
N PHE A 797 31.64 55.23 -5.13
CA PHE A 797 31.03 53.98 -4.70
C PHE A 797 32.11 52.95 -4.40
N ASN A 798 31.91 52.18 -3.34
CA ASN A 798 32.87 51.17 -2.91
C ASN A 798 32.28 49.79 -3.14
N PHE A 799 32.67 49.17 -4.24
CA PHE A 799 32.19 47.85 -4.62
C PHE A 799 33.12 46.74 -4.16
N SER A 800 34.13 47.05 -3.35
CA SER A 800 35.08 46.05 -2.91
C SER A 800 34.46 44.98 -2.03
N GLN A 801 33.25 45.19 -1.54
CA GLN A 801 32.58 44.22 -0.69
C GLN A 801 31.84 43.15 -1.47
N ILE A 802 31.70 43.31 -2.78
CA ILE A 802 30.92 42.35 -3.57
C ILE A 802 31.76 41.77 -4.70
N LEU A 803 32.78 42.49 -5.12
CA LEU A 803 33.62 41.99 -6.18
C LEU A 803 34.54 40.87 -5.67
N PRO A 804 35.01 39.99 -6.54
CA PRO A 804 35.87 38.89 -6.08
C PRO A 804 37.19 39.38 -5.54
N ASP A 805 37.74 38.61 -4.59
CA ASP A 805 39.02 38.92 -3.97
C ASP A 805 40.08 37.95 -4.46
N PRO A 806 41.10 38.42 -5.19
CA PRO A 806 42.13 37.50 -5.68
C PRO A 806 42.95 36.85 -4.60
N SER A 807 43.00 37.42 -3.40
CA SER A 807 43.83 36.86 -2.33
C SER A 807 43.33 35.50 -1.90
N LYS A 808 42.02 35.33 -1.79
CA LYS A 808 41.47 34.06 -1.33
C LYS A 808 41.72 32.97 -2.39
N PRO A 809 41.97 31.73 -1.96
CA PRO A 809 42.18 30.65 -2.94
C PRO A 809 40.98 30.39 -3.82
N SER A 810 39.76 30.53 -3.30
CA SER A 810 38.56 30.19 -4.05
C SER A 810 38.06 31.34 -4.92
N LYS A 811 38.61 32.53 -4.78
CA LYS A 811 38.21 33.70 -5.57
C LYS A 811 36.71 33.99 -5.39
N ARG A 812 36.33 34.30 -4.15
CA ARG A 812 34.96 34.61 -3.81
C ARG A 812 34.91 35.90 -3.01
N SER A 813 33.81 36.63 -3.14
CA SER A 813 33.65 37.89 -2.46
C SER A 813 33.50 37.66 -0.95
N PRO A 814 33.84 38.67 -0.13
CA PRO A 814 33.74 38.48 1.32
C PRO A 814 32.36 38.07 1.79
N ILE A 815 31.30 38.64 1.21
CA ILE A 815 29.95 38.28 1.61
C ILE A 815 29.66 36.84 1.22
N GLU A 816 30.16 36.40 0.06
CA GLU A 816 30.01 35.01 -0.32
C GLU A 816 30.72 34.08 0.66
N ASP A 817 31.90 34.49 1.13
CA ASP A 817 32.61 33.70 2.12
C ASP A 817 31.82 33.60 3.42
N LEU A 818 31.24 34.71 3.87
CA LEU A 818 30.44 34.68 5.08
C LEU A 818 29.23 33.76 4.90
N LEU A 819 28.57 33.85 3.75
CA LEU A 819 27.42 32.99 3.50
C LEU A 819 27.81 31.51 3.48
N PHE A 820 28.96 31.20 2.87
CA PHE A 820 29.42 29.81 2.85
C PHE A 820 29.73 29.32 4.25
N ASN A 821 30.36 30.15 5.07
CA ASN A 821 30.69 29.74 6.43
C ASN A 821 29.45 29.60 7.29
N LYS A 822 28.38 30.35 6.98
CA LYS A 822 27.20 30.31 7.83
C LYS A 822 26.47 28.97 7.70
N VAL A 823 26.38 28.42 6.50
CA VAL A 823 25.63 27.20 6.25
C VAL A 823 26.51 25.99 6.52
N THR A 824 25.91 24.94 7.07
CA THR A 824 26.63 23.71 7.41
C THR A 824 26.13 22.56 6.54
N LEU A 825 27.06 21.73 6.09
CA LEU A 825 26.75 20.57 5.27
C LEU A 825 27.54 19.37 5.77
N ALA A 826 27.03 18.17 5.48
CA ALA A 826 27.66 16.93 5.91
C ALA A 826 28.27 16.16 4.75
N ASP A 827 27.47 15.83 3.73
CA ASP A 827 27.95 15.12 2.55
C ASP A 827 27.65 15.96 1.32
N ALA A 828 28.71 16.35 0.61
CA ALA A 828 28.60 17.19 -0.58
C ALA A 828 28.69 16.38 -1.88
N GLY A 829 28.64 15.05 -1.79
CA GLY A 829 28.74 14.20 -2.96
C GLY A 829 30.15 13.90 -3.41
N PHE A 830 31.16 14.43 -2.73
CA PHE A 830 32.54 14.17 -3.09
C PHE A 830 32.92 12.73 -2.75
N ILE A 831 33.93 12.22 -3.46
CA ILE A 831 34.34 10.84 -3.28
C ILE A 831 35.13 10.71 -1.98
N LYS A 832 34.69 9.79 -1.12
CA LYS A 832 35.37 9.49 0.13
C LYS A 832 35.38 7.98 0.39
N GLN A 833 35.44 7.19 -0.68
CA GLN A 833 35.26 5.74 -0.66
C GLN A 833 34.20 5.30 0.34
N LEU A 846 29.82 10.42 10.00
CA LEU A 846 29.57 9.02 10.32
C LEU A 846 28.34 8.51 9.59
N ILE A 847 27.24 9.28 9.66
CA ILE A 847 26.02 8.89 8.97
C ILE A 847 26.21 8.94 7.46
N CYS A 848 27.10 9.80 6.97
CA CYS A 848 27.36 9.87 5.54
C CYS A 848 27.96 8.58 5.02
N ALA A 849 28.91 8.01 5.75
CA ALA A 849 29.53 6.75 5.36
C ALA A 849 28.63 5.55 5.62
N GLN A 850 27.64 5.69 6.50
CA GLN A 850 26.73 4.59 6.78
C GLN A 850 25.88 4.25 5.56
N LYS A 851 25.49 5.27 4.79
CA LYS A 851 24.56 5.09 3.67
C LYS A 851 25.27 4.38 2.53
N PHE A 852 25.39 3.05 2.68
CA PHE A 852 25.81 2.18 1.59
C PHE A 852 24.76 1.13 1.28
N ASN A 853 23.51 1.37 1.70
CA ASN A 853 22.41 0.47 1.40
C ASN A 853 21.77 0.76 0.05
N GLY A 854 22.51 1.37 -0.86
CA GLY A 854 21.98 1.79 -2.13
C GLY A 854 21.70 3.28 -2.21
N LEU A 855 21.75 3.99 -1.09
CA LEU A 855 21.49 5.42 -1.07
C LEU A 855 22.78 6.16 -1.37
N THR A 856 22.88 6.72 -2.56
CA THR A 856 24.05 7.46 -3.01
C THR A 856 23.66 8.89 -3.35
N VAL A 857 24.65 9.78 -3.32
CA VAL A 857 24.44 11.19 -3.65
C VAL A 857 25.35 11.52 -4.83
N LEU A 858 24.74 11.85 -5.96
CA LEU A 858 25.51 12.21 -7.14
C LEU A 858 25.96 13.67 -7.05
N PRO A 859 27.11 14.00 -7.64
CA PRO A 859 27.60 15.38 -7.57
C PRO A 859 26.90 16.27 -8.58
N PRO A 860 26.77 17.56 -8.29
CA PRO A 860 26.14 18.47 -9.24
C PRO A 860 27.00 18.68 -10.47
N LEU A 861 26.34 19.04 -11.58
CA LEU A 861 27.06 19.25 -12.83
C LEU A 861 27.95 20.47 -12.76
N LEU A 862 27.44 21.58 -12.23
CA LEU A 862 28.21 22.82 -12.14
C LEU A 862 28.91 22.87 -10.80
N THR A 863 30.24 22.84 -10.81
CA THR A 863 31.00 22.95 -9.57
C THR A 863 30.81 24.33 -8.97
N ASP A 864 30.97 24.40 -7.65
CA ASP A 864 30.78 25.69 -6.98
C ASP A 864 32.04 26.53 -7.10
N GLU A 865 32.58 26.63 -8.29
CA GLU A 865 33.68 27.51 -8.61
C GLU A 865 33.39 28.37 -9.84
N MET A 866 32.70 27.81 -10.83
CA MET A 866 32.29 28.56 -12.01
C MET A 866 30.96 29.27 -11.83
N ILE A 867 30.17 28.88 -10.83
CA ILE A 867 29.02 29.70 -10.46
C ILE A 867 29.49 31.08 -10.00
N ALA A 868 30.62 31.11 -9.29
CA ALA A 868 31.23 32.40 -8.95
C ALA A 868 31.64 33.16 -10.20
N GLN A 869 32.09 32.45 -11.23
CA GLN A 869 32.43 33.12 -12.48
C GLN A 869 31.20 33.75 -13.12
N TYR A 870 30.08 33.03 -13.12
CA TYR A 870 28.84 33.59 -13.65
C TYR A 870 28.41 34.82 -12.85
N THR A 871 28.49 34.74 -11.52
CA THR A 871 28.11 35.88 -10.70
C THR A 871 29.00 37.08 -10.97
N SER A 872 30.31 36.85 -11.09
CA SER A 872 31.22 37.95 -11.37
C SER A 872 30.96 38.55 -12.74
N ALA A 873 30.64 37.71 -13.73
CA ALA A 873 30.32 38.23 -15.05
C ALA A 873 29.09 39.12 -15.01
N LEU A 874 28.05 38.67 -14.30
CA LEU A 874 26.85 39.48 -14.17
C LEU A 874 27.16 40.80 -13.48
N LEU A 875 27.96 40.76 -12.42
CA LEU A 875 28.30 41.99 -11.69
C LEU A 875 29.07 42.95 -12.58
N ALA A 876 30.06 42.46 -13.31
CA ALA A 876 30.85 43.35 -14.17
C ALA A 876 29.98 43.97 -15.26
N GLY A 877 29.13 43.16 -15.89
CA GLY A 877 28.25 43.69 -16.92
C GLY A 877 27.29 44.74 -16.38
N THR A 878 26.74 44.50 -15.18
CA THR A 878 25.75 45.42 -14.64
C THR A 878 26.37 46.67 -14.02
N ILE A 879 27.66 46.65 -13.69
CA ILE A 879 28.29 47.85 -13.13
C ILE A 879 29.18 48.57 -14.11
N THR A 880 29.36 48.05 -15.32
CA THR A 880 30.14 48.76 -16.33
C THR A 880 29.26 49.30 -17.46
N SER A 881 28.43 48.45 -18.06
CA SER A 881 27.69 48.78 -19.26
C SER A 881 26.21 49.03 -18.99
N GLY A 882 25.81 49.25 -17.74
CA GLY A 882 24.41 49.46 -17.46
C GLY A 882 23.60 48.19 -17.70
N TRP A 883 22.36 48.39 -18.11
CA TRP A 883 21.47 47.28 -18.46
C TRP A 883 21.44 46.99 -19.95
N THR A 884 22.24 47.70 -20.74
CA THR A 884 22.22 47.51 -22.18
C THR A 884 22.79 46.18 -22.62
N PHE A 885 23.47 45.45 -21.73
CA PHE A 885 23.98 44.14 -22.10
C PHE A 885 22.93 43.06 -21.99
N GLY A 886 21.72 43.39 -21.55
CA GLY A 886 20.64 42.43 -21.53
C GLY A 886 19.89 42.28 -22.84
N ALA A 887 20.23 43.10 -23.84
CA ALA A 887 19.55 43.05 -25.13
C ALA A 887 20.49 42.58 -26.24
N GLY A 888 21.62 43.24 -26.44
CA GLY A 888 22.54 42.88 -27.48
C GLY A 888 23.98 42.96 -27.03
N PRO A 889 24.81 43.68 -27.79
CA PRO A 889 26.19 43.90 -27.35
C PRO A 889 26.25 44.98 -26.28
N ALA A 890 27.10 44.74 -25.28
CA ALA A 890 27.24 45.69 -24.18
C ALA A 890 27.88 46.98 -24.67
N LEU A 891 27.41 48.11 -24.13
CA LEU A 891 27.92 49.42 -24.47
C LEU A 891 28.39 50.13 -23.21
N GLN A 892 29.63 50.62 -23.23
CA GLN A 892 30.20 51.24 -22.05
C GLN A 892 29.45 52.52 -21.70
N ILE A 893 29.33 52.79 -20.41
CA ILE A 893 28.68 54.01 -19.92
C ILE A 893 29.21 54.30 -18.52
N PRO A 894 29.62 55.53 -18.23
CA PRO A 894 30.14 55.84 -16.89
C PRO A 894 29.07 55.67 -15.82
N PHE A 895 29.51 55.26 -14.64
CA PHE A 895 28.55 54.93 -13.57
C PHE A 895 27.66 56.10 -13.14
N PRO A 896 28.16 57.32 -12.94
CA PRO A 896 27.23 58.41 -12.61
C PRO A 896 26.15 58.60 -13.65
N MET A 897 26.47 58.42 -14.93
CA MET A 897 25.44 58.53 -15.95
C MET A 897 24.42 57.40 -15.83
N GLN A 898 24.87 56.19 -15.52
CA GLN A 898 23.92 55.10 -15.29
C GLN A 898 22.97 55.42 -14.15
N MET A 899 23.50 55.93 -13.04
CA MET A 899 22.64 56.18 -11.90
C MET A 899 21.75 57.38 -12.16
N ALA A 900 22.19 58.32 -13.00
CA ALA A 900 21.33 59.40 -13.43
C ALA A 900 20.16 58.87 -14.25
N TYR A 901 20.42 57.93 -15.17
CA TYR A 901 19.33 57.25 -15.86
C TYR A 901 18.37 56.61 -14.87
N ARG A 902 18.91 55.94 -13.85
CA ARG A 902 18.05 55.19 -12.95
C ARG A 902 17.18 56.11 -12.09
N PHE A 903 17.71 57.26 -11.66
CA PHE A 903 16.83 58.26 -11.05
C PHE A 903 15.80 58.79 -12.05
N ASN A 904 16.21 59.05 -13.29
CA ASN A 904 15.25 59.55 -14.27
C ASN A 904 14.14 58.55 -14.52
N GLY A 905 14.38 57.29 -14.26
CA GLY A 905 13.38 56.27 -14.47
C GLY A 905 12.33 56.09 -13.40
N ILE A 906 12.36 56.85 -12.31
CA ILE A 906 11.37 56.70 -11.24
C ILE A 906 10.72 58.04 -10.91
N GLY A 907 10.75 58.98 -11.84
CA GLY A 907 10.08 60.24 -11.62
C GLY A 907 10.88 61.30 -10.90
N VAL A 908 12.21 61.20 -10.90
CA VAL A 908 13.07 62.20 -10.29
C VAL A 908 14.01 62.73 -11.37
N THR A 909 14.04 64.04 -11.53
CA THR A 909 14.91 64.65 -12.52
C THR A 909 16.37 64.43 -12.15
N GLN A 910 17.24 64.47 -13.17
CA GLN A 910 18.61 63.99 -13.00
C GLN A 910 19.50 64.98 -12.26
N ASN A 911 19.11 66.25 -12.15
CA ASN A 911 19.98 67.21 -11.48
C ASN A 911 20.14 66.87 -10.01
N VAL A 912 19.21 66.11 -9.44
CA VAL A 912 19.29 65.73 -8.03
C VAL A 912 20.60 65.02 -7.74
N LEU A 913 20.92 64.00 -8.54
CA LEU A 913 22.18 63.30 -8.32
C LEU A 913 23.38 64.17 -8.64
N TYR A 914 23.31 64.95 -9.71
CA TYR A 914 24.47 65.76 -10.08
C TYR A 914 24.75 66.85 -9.05
N GLU A 915 23.81 67.07 -8.13
CA GLU A 915 24.05 67.98 -7.02
C GLU A 915 24.23 67.29 -5.68
N ASN A 916 23.86 66.01 -5.56
CA ASN A 916 24.02 65.28 -4.30
C ASN A 916 24.88 64.03 -4.46
N GLN A 917 25.80 64.04 -5.43
CA GLN A 917 26.62 62.87 -5.71
C GLN A 917 27.40 62.41 -4.49
N LYS A 918 28.08 63.34 -3.81
CA LYS A 918 28.94 62.95 -2.69
C LYS A 918 28.12 62.34 -1.57
N LEU A 919 27.00 62.98 -1.22
CA LEU A 919 26.15 62.45 -0.15
C LEU A 919 25.59 61.08 -0.52
N ILE A 920 25.16 60.93 -1.77
CA ILE A 920 24.60 59.65 -2.19
C ILE A 920 25.65 58.55 -2.13
N ALA A 921 26.87 58.86 -2.57
CA ALA A 921 27.94 57.88 -2.51
C ALA A 921 28.25 57.49 -1.07
N ASN A 922 28.29 58.46 -0.16
CA ASN A 922 28.55 58.15 1.23
C ASN A 922 27.46 57.25 1.82
N GLN A 923 26.19 57.55 1.51
CA GLN A 923 25.10 56.72 2.00
C GLN A 923 25.19 55.30 1.44
N PHE A 924 25.50 55.17 0.15
CA PHE A 924 25.63 53.85 -0.45
C PHE A 924 26.73 53.04 0.22
N ASN A 925 27.89 53.67 0.43
CA ASN A 925 28.99 52.98 1.08
C ASN A 925 28.64 52.56 2.50
N SER A 926 27.97 53.44 3.24
CA SER A 926 27.58 53.10 4.61
C SER A 926 26.60 51.93 4.64
N ALA A 927 25.63 51.92 3.71
CA ALA A 927 24.68 50.81 3.67
C ALA A 927 25.38 49.50 3.34
N ILE A 928 26.29 49.51 2.36
CA ILE A 928 27.02 48.30 2.02
C ILE A 928 27.84 47.82 3.21
N GLY A 929 28.47 48.75 3.94
CA GLY A 929 29.22 48.36 5.12
C GLY A 929 28.36 47.75 6.20
N LYS A 930 27.16 48.31 6.41
CA LYS A 930 26.29 47.83 7.48
C LYS A 930 25.68 46.47 7.16
N ILE A 931 25.47 46.18 5.87
CA ILE A 931 24.79 44.93 5.53
C ILE A 931 25.62 43.72 5.95
N GLN A 932 26.94 43.80 5.87
CA GLN A 932 27.77 42.66 6.25
C GLN A 932 27.67 42.39 7.75
N ASP A 933 27.70 43.45 8.56
CA ASP A 933 27.51 43.26 10.01
C ASP A 933 26.14 42.70 10.32
N SER A 934 25.11 43.18 9.63
CA SER A 934 23.77 42.66 9.86
C SER A 934 23.69 41.18 9.53
N LEU A 935 24.34 40.76 8.43
CA LEU A 935 24.34 39.35 8.07
C LEU A 935 25.14 38.52 9.06
N SER A 936 26.26 39.05 9.56
CA SER A 936 27.13 38.26 10.41
C SER A 936 26.54 38.09 11.81
N SER A 937 26.00 39.17 12.39
CA SER A 937 25.58 39.14 13.79
C SER A 937 24.13 38.72 13.98
N THR A 938 23.37 38.53 12.90
CA THR A 938 22.00 38.07 13.05
C THR A 938 21.99 36.62 13.54
N PRO A 939 21.00 36.24 14.35
CA PRO A 939 20.97 34.88 14.88
C PRO A 939 20.87 33.82 13.79
N SER A 940 19.82 33.91 12.96
CA SER A 940 19.65 32.98 11.85
C SER A 940 18.80 33.67 10.79
N ALA A 941 19.47 34.18 9.75
CA ALA A 941 18.78 34.78 8.62
C ALA A 941 18.68 33.85 7.43
N LEU A 942 19.53 32.85 7.34
CA LEU A 942 19.48 31.87 6.26
C LEU A 942 18.62 30.69 6.67
N GLY A 943 17.37 30.99 7.02
CA GLY A 943 16.45 29.96 7.43
C GLY A 943 16.05 29.03 6.30
N LYS A 944 15.81 29.57 5.12
CA LYS A 944 15.23 28.78 4.03
C LYS A 944 16.21 27.73 3.52
N LEU A 945 17.45 28.14 3.25
CA LEU A 945 18.44 27.19 2.75
C LEU A 945 18.75 26.14 3.81
N GLN A 946 18.84 26.54 5.08
CA GLN A 946 19.07 25.58 6.14
C GLN A 946 17.94 24.57 6.22
N ASP A 947 16.70 25.03 6.08
CA ASP A 947 15.56 24.12 6.13
C ASP A 947 15.57 23.14 4.96
N VAL A 948 15.86 23.64 3.76
CA VAL A 948 15.85 22.74 2.61
C VAL A 948 17.00 21.74 2.70
N VAL A 949 18.11 22.12 3.33
CA VAL A 949 19.19 21.17 3.56
C VAL A 949 18.78 20.13 4.60
N ASN A 950 18.13 20.57 5.68
CA ASN A 950 17.80 19.65 6.77
C ASN A 950 16.71 18.65 6.37
N HIS A 951 15.77 19.05 5.52
CA HIS A 951 14.65 18.17 5.21
C HIS A 951 15.11 16.89 4.51
N ASN A 952 16.03 17.02 3.56
CA ASN A 952 16.51 15.83 2.84
C ASN A 952 17.25 14.90 3.78
N ALA A 953 18.08 15.45 4.68
CA ALA A 953 18.79 14.62 5.62
C ALA A 953 17.82 13.89 6.55
N GLN A 954 16.78 14.58 7.00
CA GLN A 954 15.78 13.94 7.85
C GLN A 954 15.08 12.81 7.12
N ALA A 955 14.70 13.04 5.86
CA ALA A 955 14.02 12.00 5.10
C ALA A 955 14.91 10.79 4.89
N LEU A 956 16.19 11.02 4.56
CA LEU A 956 17.11 9.91 4.37
C LEU A 956 17.33 9.14 5.67
N ASN A 957 17.43 9.86 6.79
CA ASN A 957 17.60 9.18 8.07
C ASN A 957 16.40 8.31 8.40
N THR A 958 15.19 8.82 8.16
CA THR A 958 14.01 7.99 8.40
C THR A 958 13.99 6.77 7.49
N LEU A 959 14.35 6.96 6.22
CA LEU A 959 14.38 5.82 5.29
C LEU A 959 15.36 4.76 5.75
N VAL A 960 16.55 5.18 6.18
CA VAL A 960 17.54 4.21 6.65
C VAL A 960 17.05 3.50 7.90
N LYS A 961 16.50 4.25 8.85
CA LYS A 961 16.03 3.65 10.10
C LYS A 961 14.86 2.71 9.87
N GLN A 962 14.13 2.86 8.77
CA GLN A 962 13.02 1.96 8.49
C GLN A 962 13.46 0.52 8.24
N LEU A 963 14.75 0.28 8.02
CA LEU A 963 15.22 -1.07 7.76
C LEU A 963 15.01 -1.99 8.95
N SER A 964 15.26 -1.50 10.16
CA SER A 964 15.22 -2.32 11.36
C SER A 964 13.82 -2.36 11.96
N SER A 965 12.87 -2.86 11.17
CA SER A 965 11.50 -3.02 11.62
C SER A 965 11.04 -4.42 11.27
N LYS A 966 10.41 -5.10 12.24
CA LYS A 966 10.03 -6.48 12.04
C LYS A 966 8.93 -6.62 11.00
N PHE A 967 8.02 -5.65 10.94
CA PHE A 967 6.88 -5.69 10.02
C PHE A 967 6.03 -6.94 10.23
N GLY A 968 6.06 -7.50 11.42
CA GLY A 968 5.33 -8.72 11.72
C GLY A 968 6.10 -10.00 11.47
N ALA A 969 7.32 -9.92 10.96
CA ALA A 969 8.10 -11.12 10.71
C ALA A 969 8.78 -11.59 11.99
N ILE A 970 9.56 -12.67 11.87
CA ILE A 970 10.28 -13.20 13.02
C ILE A 970 11.39 -12.24 13.45
N SER A 971 12.17 -11.76 12.50
CA SER A 971 13.29 -10.88 12.81
C SER A 971 13.54 -9.95 11.63
N SER A 972 14.23 -8.85 11.91
CA SER A 972 14.49 -7.83 10.91
C SER A 972 15.76 -8.08 10.11
N VAL A 973 16.47 -9.17 10.38
CA VAL A 973 17.70 -9.51 9.67
C VAL A 973 17.36 -10.52 8.59
N LEU A 974 17.78 -10.24 7.35
CA LEU A 974 17.46 -11.14 6.26
C LEU A 974 18.30 -12.41 6.30
N ASN A 975 19.46 -12.37 6.95
CA ASN A 975 20.39 -13.49 6.92
C ASN A 975 20.02 -14.60 7.90
N ASP A 976 19.69 -14.24 9.15
CA ASP A 976 19.42 -15.25 10.15
C ASP A 976 18.19 -16.07 9.82
N ILE A 977 17.18 -15.42 9.21
CA ILE A 977 15.98 -16.15 8.80
C ILE A 977 16.34 -17.24 7.80
N LEU A 978 17.30 -16.94 6.92
CA LEU A 978 17.73 -17.94 5.94
C LEU A 978 18.35 -19.15 6.62
N SER A 979 19.29 -18.93 7.54
CA SER A 979 19.88 -20.03 8.28
C SER A 979 19.12 -20.30 9.57
N ARG A 980 17.80 -20.36 9.46
CA ARG A 980 16.94 -20.79 10.55
C ARG A 980 15.80 -21.68 10.12
N LEU A 981 15.40 -21.64 8.85
CA LEU A 981 14.24 -22.37 8.36
C LEU A 981 14.45 -22.74 6.91
N ASP A 982 13.77 -23.79 6.47
CA ASP A 982 13.76 -24.15 5.06
C ASP A 982 12.84 -23.22 4.28
N PRO A 983 13.00 -23.14 2.96
CA PRO A 983 12.23 -22.17 2.16
C PRO A 983 10.73 -22.28 2.33
N PRO A 984 10.12 -23.48 2.40
CA PRO A 984 8.66 -23.55 2.35
C PRO A 984 7.92 -22.68 3.36
N GLU A 985 8.44 -22.54 4.58
CA GLU A 985 7.85 -21.59 5.53
C GLU A 985 8.76 -20.39 5.80
N ALA A 986 9.83 -20.22 5.01
CA ALA A 986 10.57 -18.98 5.02
C ALA A 986 10.01 -17.97 4.02
N GLU A 987 9.28 -18.46 3.01
CA GLU A 987 8.75 -17.57 1.99
C GLU A 987 7.78 -16.55 2.56
N VAL A 988 6.98 -16.95 3.56
CA VAL A 988 6.02 -16.03 4.14
C VAL A 988 6.73 -14.87 4.84
N GLN A 989 7.77 -15.16 5.61
CA GLN A 989 8.53 -14.10 6.26
C GLN A 989 9.22 -13.20 5.24
N ILE A 990 9.82 -13.82 4.21
CA ILE A 990 10.49 -13.01 3.20
C ILE A 990 9.50 -12.09 2.50
N ASP A 991 8.31 -12.60 2.20
CA ASP A 991 7.29 -11.80 1.53
C ASP A 991 6.82 -10.67 2.42
N ARG A 992 6.63 -10.93 3.72
CA ARG A 992 6.20 -9.89 4.63
C ARG A 992 7.23 -8.76 4.68
N LEU A 993 8.51 -9.12 4.80
CA LEU A 993 9.55 -8.11 4.82
C LEU A 993 9.59 -7.34 3.51
N ILE A 994 9.45 -8.04 2.39
CA ILE A 994 9.53 -7.39 1.08
C ILE A 994 8.42 -6.37 0.92
N THR A 995 7.19 -6.75 1.25
CA THR A 995 6.08 -5.82 1.07
C THR A 995 6.20 -4.63 2.03
N GLY A 996 6.67 -4.87 3.25
CA GLY A 996 6.91 -3.76 4.15
C GLY A 996 7.94 -2.78 3.61
N ARG A 997 9.05 -3.31 3.09
CA ARG A 997 10.10 -2.44 2.56
C ARG A 997 9.62 -1.66 1.35
N LEU A 998 8.84 -2.31 0.47
CA LEU A 998 8.31 -1.59 -0.69
C LEU A 998 7.37 -0.47 -0.26
N GLN A 999 6.51 -0.75 0.72
CA GLN A 999 5.60 0.29 1.20
C GLN A 999 6.38 1.45 1.81
N SER A 1000 7.47 1.14 2.52
CA SER A 1000 8.29 2.21 3.09
C SER A 1000 9.02 3.00 2.00
N LEU A 1001 9.41 2.33 0.91
CA LEU A 1001 10.18 2.99 -0.13
C LEU A 1001 9.32 3.89 -1.01
N GLN A 1002 8.06 3.54 -1.22
CA GLN A 1002 7.22 4.35 -2.12
C GLN A 1002 7.06 5.78 -1.59
N THR A 1003 6.86 5.92 -0.27
CA THR A 1003 6.58 7.23 0.31
C THR A 1003 7.74 8.20 0.09
N TYR A 1004 8.97 7.70 0.05
CA TYR A 1004 10.13 8.57 -0.13
C TYR A 1004 10.04 9.31 -1.46
N VAL A 1005 9.84 8.57 -2.56
CA VAL A 1005 9.76 9.23 -3.86
C VAL A 1005 8.48 10.05 -3.96
N THR A 1006 7.39 9.60 -3.32
CA THR A 1006 6.16 10.39 -3.36
C THR A 1006 6.37 11.77 -2.74
N GLN A 1007 7.08 11.84 -1.61
CA GLN A 1007 7.37 13.14 -1.01
C GLN A 1007 8.39 13.92 -1.83
N GLN A 1008 9.37 13.22 -2.40
CA GLN A 1008 10.40 13.91 -3.17
C GLN A 1008 9.82 14.63 -4.37
N LEU A 1009 8.81 14.03 -5.02
CA LEU A 1009 8.22 14.68 -6.18
C LEU A 1009 7.60 16.02 -5.82
N ILE A 1010 6.84 16.06 -4.73
CA ILE A 1010 6.21 17.30 -4.30
C ILE A 1010 7.25 18.34 -3.89
N ARG A 1011 8.27 17.91 -3.15
CA ARG A 1011 9.30 18.85 -2.75
C ARG A 1011 10.02 19.42 -3.97
N ALA A 1012 10.28 18.57 -4.97
CA ALA A 1012 10.93 19.04 -6.19
C ALA A 1012 10.05 20.03 -6.93
N ALA A 1013 8.73 19.80 -6.94
CA ALA A 1013 7.84 20.75 -7.59
C ALA A 1013 7.90 22.11 -6.90
N GLU A 1014 7.89 22.12 -5.57
CA GLU A 1014 7.98 23.39 -4.85
C GLU A 1014 9.30 24.10 -5.15
N ILE A 1015 10.40 23.35 -5.15
CA ILE A 1015 11.71 23.95 -5.43
C ILE A 1015 11.74 24.50 -6.85
N ARG A 1016 11.10 23.81 -7.80
CA ARG A 1016 11.07 24.30 -9.17
C ARG A 1016 10.29 25.60 -9.27
N ALA A 1017 9.18 25.72 -8.54
CA ALA A 1017 8.46 26.98 -8.51
C ALA A 1017 9.34 28.10 -7.98
N SER A 1018 10.07 27.83 -6.89
CA SER A 1018 10.95 28.84 -6.34
C SER A 1018 12.06 29.22 -7.32
N ALA A 1019 12.60 28.23 -8.04
CA ALA A 1019 13.65 28.50 -9.01
C ALA A 1019 13.14 29.36 -10.16
N ASN A 1020 11.91 29.10 -10.62
CA ASN A 1020 11.33 29.94 -11.67
C ASN A 1020 11.15 31.37 -11.18
N LEU A 1021 10.70 31.54 -9.93
CA LEU A 1021 10.59 32.89 -9.38
C LEU A 1021 11.96 33.57 -9.32
N ALA A 1022 12.98 32.84 -8.92
CA ALA A 1022 14.33 33.42 -8.86
C ALA A 1022 14.81 33.83 -10.24
N ALA A 1023 14.55 33.00 -11.25
CA ALA A 1023 14.94 33.35 -12.61
C ALA A 1023 14.23 34.59 -13.09
N THR A 1024 12.93 34.72 -12.78
CA THR A 1024 12.20 35.91 -13.16
C THR A 1024 12.78 37.16 -12.48
N LYS A 1025 13.09 37.05 -11.19
CA LYS A 1025 13.66 38.20 -10.49
C LYS A 1025 14.99 38.60 -11.08
N MET A 1026 15.84 37.62 -11.40
CA MET A 1026 17.14 37.92 -11.98
C MET A 1026 17.00 38.58 -13.35
N SER A 1027 16.08 38.07 -14.17
CA SER A 1027 15.92 38.63 -15.51
C SER A 1027 15.32 40.03 -15.47
N GLU A 1028 14.42 40.30 -14.54
CA GLU A 1028 13.70 41.56 -14.57
C GLU A 1028 14.41 42.67 -13.78
N CYS A 1029 14.99 42.35 -12.63
CA CYS A 1029 15.53 43.39 -11.76
C CYS A 1029 17.02 43.62 -11.96
N VAL A 1030 17.81 42.55 -12.13
CA VAL A 1030 19.23 42.73 -12.33
C VAL A 1030 19.51 43.41 -13.66
N LEU A 1031 18.85 42.96 -14.73
CA LEU A 1031 19.07 43.49 -16.07
C LEU A 1031 18.07 44.59 -16.41
N GLY A 1032 17.94 45.60 -15.54
CA GLY A 1032 17.04 46.69 -15.82
C GLY A 1032 16.13 47.04 -14.66
N GLN A 1033 15.68 48.28 -14.62
CA GLN A 1033 14.78 48.72 -13.55
C GLN A 1033 13.43 48.03 -13.68
N SER A 1034 12.79 47.81 -12.53
CA SER A 1034 11.48 47.16 -12.47
C SER A 1034 10.46 48.16 -11.94
N LYS A 1035 9.33 48.25 -12.63
CA LYS A 1035 8.26 49.16 -12.24
C LYS A 1035 7.21 48.50 -11.37
N ARG A 1036 7.32 47.21 -11.10
CA ARG A 1036 6.35 46.54 -10.26
C ARG A 1036 6.52 46.98 -8.81
N VAL A 1037 5.42 47.37 -8.18
CA VAL A 1037 5.48 47.89 -6.82
C VAL A 1037 5.69 46.73 -5.85
N ASP A 1038 6.65 46.88 -4.94
CA ASP A 1038 6.95 45.88 -3.93
C ASP A 1038 7.28 44.53 -4.56
N PHE A 1039 8.10 44.56 -5.61
CA PHE A 1039 8.64 43.35 -6.21
C PHE A 1039 10.11 43.15 -5.89
N CYS A 1040 10.93 44.18 -6.10
CA CYS A 1040 12.35 44.14 -5.75
C CYS A 1040 12.60 45.27 -4.74
N GLY A 1041 12.44 44.95 -3.46
CA GLY A 1041 12.68 45.91 -2.40
C GLY A 1041 11.44 46.72 -2.06
N LYS A 1042 11.44 47.24 -0.84
CA LYS A 1042 10.35 48.07 -0.35
C LYS A 1042 10.67 49.53 -0.67
N GLY A 1043 10.09 50.03 -1.76
CA GLY A 1043 10.31 51.37 -2.24
C GLY A 1043 10.51 51.37 -3.73
N TYR A 1044 11.02 52.49 -4.25
CA TYR A 1044 11.32 52.59 -5.68
C TYR A 1044 12.65 51.90 -5.96
N HIS A 1045 12.61 50.86 -6.78
CA HIS A 1045 13.79 50.04 -7.02
C HIS A 1045 14.82 50.79 -7.86
N LEU A 1046 16.10 50.56 -7.55
CA LEU A 1046 17.19 51.17 -8.31
C LEU A 1046 18.06 50.14 -9.03
N MET A 1047 18.64 49.18 -8.31
CA MET A 1047 19.53 48.19 -8.91
C MET A 1047 19.32 46.85 -8.22
N SER A 1048 20.25 45.93 -8.45
CA SER A 1048 20.29 44.66 -7.74
C SER A 1048 21.65 44.01 -7.99
N PHE A 1049 22.09 43.19 -7.04
CA PHE A 1049 23.33 42.46 -7.15
C PHE A 1049 23.09 41.03 -6.68
N PRO A 1050 23.45 40.03 -7.46
CA PRO A 1050 23.27 38.66 -7.03
C PRO A 1050 24.51 38.10 -6.34
N GLN A 1051 24.27 37.18 -5.41
CA GLN A 1051 25.33 36.45 -4.75
C GLN A 1051 24.92 34.99 -4.67
N SER A 1052 25.89 34.10 -4.76
CA SER A 1052 25.63 32.67 -4.70
C SER A 1052 25.61 32.22 -3.25
N ALA A 1053 25.00 31.05 -3.03
CA ALA A 1053 24.99 30.42 -1.72
C ALA A 1053 24.69 28.95 -1.92
N PRO A 1054 25.05 28.10 -0.97
CA PRO A 1054 24.79 26.66 -1.13
C PRO A 1054 23.32 26.38 -1.41
N HIS A 1055 23.04 25.91 -2.62
CA HIS A 1055 21.66 25.65 -3.05
C HIS A 1055 20.77 26.87 -2.92
N GLY A 1056 21.27 28.02 -3.34
CA GLY A 1056 20.43 29.20 -3.25
C GLY A 1056 21.12 30.44 -3.78
N VAL A 1057 20.33 31.50 -3.90
CA VAL A 1057 20.80 32.79 -4.37
C VAL A 1057 20.34 33.86 -3.41
N VAL A 1058 21.11 34.95 -3.33
CA VAL A 1058 20.84 36.05 -2.40
C VAL A 1058 20.90 37.35 -3.17
N PHE A 1059 19.86 38.15 -3.06
CA PHE A 1059 19.75 39.43 -3.74
C PHE A 1059 19.93 40.58 -2.75
N LEU A 1060 20.41 41.69 -3.27
CA LEU A 1060 20.82 42.87 -2.50
C LEU A 1060 20.11 44.12 -3.00
N HIS A 1061 18.78 44.06 -3.06
CA HIS A 1061 18.01 45.13 -3.69
C HIS A 1061 18.32 46.48 -3.08
N VAL A 1062 18.61 47.46 -3.93
CA VAL A 1062 18.91 48.82 -3.50
C VAL A 1062 17.73 49.71 -3.85
N THR A 1063 17.09 50.27 -2.83
CA THR A 1063 15.85 51.00 -3.02
C THR A 1063 16.06 52.49 -2.74
N TYR A 1064 14.98 53.25 -2.76
CA TYR A 1064 15.02 54.70 -2.58
C TYR A 1064 13.76 55.11 -1.84
N VAL A 1065 13.91 55.58 -0.61
CA VAL A 1065 12.79 55.87 0.27
C VAL A 1065 12.80 57.35 0.63
N PRO A 1066 11.72 58.10 0.38
CA PRO A 1066 11.69 59.50 0.77
C PRO A 1066 11.61 59.66 2.28
N ALA A 1067 12.03 60.82 2.77
CA ALA A 1067 12.04 61.11 4.19
C ALA A 1067 11.92 62.61 4.42
N GLN A 1068 11.43 62.96 5.62
CA GLN A 1068 11.10 64.31 6.04
C GLN A 1068 9.91 64.84 5.24
N GLU A 1069 9.10 65.70 5.86
CA GLU A 1069 7.85 66.12 5.26
C GLU A 1069 7.61 67.60 5.53
N LYS A 1070 6.69 68.17 4.77
CA LYS A 1070 6.28 69.55 4.95
C LYS A 1070 4.98 69.74 4.16
N ASN A 1071 3.95 70.26 4.83
CA ASN A 1071 2.65 70.39 4.18
C ASN A 1071 2.45 71.80 3.65
N PHE A 1072 1.63 71.89 2.59
CA PHE A 1072 1.42 73.14 1.89
C PHE A 1072 -0.03 73.26 1.46
N THR A 1073 -0.34 74.36 0.77
CA THR A 1073 -1.68 74.63 0.25
C THR A 1073 -1.66 74.56 -1.27
N THR A 1074 -2.71 73.98 -1.85
CA THR A 1074 -2.75 73.67 -3.26
C THR A 1074 -4.09 74.04 -3.87
N ALA A 1075 -4.10 74.14 -5.20
CA ALA A 1075 -5.30 74.34 -6.00
C ALA A 1075 -5.09 73.64 -7.34
N PRO A 1076 -6.11 72.95 -7.84
CA PRO A 1076 -5.92 72.12 -9.04
C PRO A 1076 -5.56 72.89 -10.29
N ALA A 1077 -5.81 74.19 -10.34
CA ALA A 1077 -5.53 74.96 -11.54
C ALA A 1077 -5.34 76.42 -11.18
N ILE A 1078 -4.79 77.17 -12.13
CA ILE A 1078 -4.54 78.59 -11.96
C ILE A 1078 -5.24 79.34 -13.08
N CYS A 1079 -6.03 80.35 -12.72
CA CYS A 1079 -6.72 81.19 -13.67
C CYS A 1079 -5.94 82.49 -13.84
N HIS A 1080 -5.72 82.90 -15.09
CA HIS A 1080 -5.05 84.16 -15.37
C HIS A 1080 -6.02 85.19 -15.97
N ASP A 1081 -6.65 84.87 -17.08
CA ASP A 1081 -7.66 85.76 -17.67
C ASP A 1081 -8.65 84.89 -18.43
N GLY A 1082 -9.73 84.51 -17.74
CA GLY A 1082 -10.78 83.73 -18.37
C GLY A 1082 -10.34 82.38 -18.90
N LYS A 1083 -9.19 81.87 -18.44
CA LYS A 1083 -8.67 80.60 -18.92
C LYS A 1083 -8.02 79.87 -17.75
N ALA A 1084 -7.96 78.55 -17.88
CA ALA A 1084 -7.29 77.73 -16.89
C ALA A 1084 -5.83 77.56 -17.24
N HIS A 1085 -5.06 77.00 -16.30
CA HIS A 1085 -3.64 76.73 -16.53
C HIS A 1085 -3.25 75.52 -15.67
N PHE A 1086 -3.22 74.37 -16.29
CA PHE A 1086 -2.79 73.16 -15.60
C PHE A 1086 -1.28 72.99 -15.74
N PRO A 1087 -0.62 72.43 -14.73
CA PRO A 1087 0.82 72.24 -14.82
C PRO A 1087 1.18 71.19 -15.86
N ARG A 1088 2.36 71.33 -16.45
CA ARG A 1088 2.82 70.34 -17.41
C ARG A 1088 3.19 69.04 -16.71
N GLU A 1089 4.05 69.11 -15.69
CA GLU A 1089 4.42 67.92 -14.93
C GLU A 1089 4.80 68.40 -13.53
N GLY A 1090 3.90 68.21 -12.58
CA GLY A 1090 4.08 68.70 -11.24
C GLY A 1090 2.74 69.17 -10.69
N VAL A 1091 2.81 69.73 -9.49
CA VAL A 1091 1.62 70.27 -8.83
C VAL A 1091 1.89 71.69 -8.40
N PHE A 1092 0.80 72.45 -8.22
CA PHE A 1092 0.88 73.81 -7.73
C PHE A 1092 0.96 73.80 -6.21
N VAL A 1093 1.96 74.47 -5.67
CA VAL A 1093 2.20 74.55 -4.24
C VAL A 1093 2.44 76.00 -3.87
N SER A 1094 1.77 76.46 -2.82
CA SER A 1094 1.95 77.81 -2.30
C SER A 1094 2.44 77.75 -0.87
N ASN A 1095 3.49 78.51 -0.56
CA ASN A 1095 3.99 78.58 0.80
C ASN A 1095 3.26 79.61 1.65
N GLY A 1096 2.27 80.30 1.08
CA GLY A 1096 1.48 81.24 1.82
C GLY A 1096 1.21 82.54 1.08
N THR A 1097 2.18 82.99 0.28
CA THR A 1097 2.01 84.20 -0.50
C THR A 1097 2.10 83.89 -1.99
N HIS A 1098 3.16 83.20 -2.38
CA HIS A 1098 3.44 82.98 -3.78
C HIS A 1098 3.18 81.52 -4.15
N TRP A 1099 3.01 81.28 -5.44
CA TRP A 1099 2.75 79.95 -5.97
C TRP A 1099 3.93 79.46 -6.78
N PHE A 1100 4.07 78.14 -6.85
CA PHE A 1100 5.16 77.52 -7.59
C PHE A 1100 4.67 76.19 -8.15
N VAL A 1101 5.40 75.68 -9.13
CA VAL A 1101 5.19 74.34 -9.64
C VAL A 1101 6.28 73.44 -9.06
N THR A 1102 5.93 72.20 -8.78
CA THR A 1102 6.93 71.32 -8.18
C THR A 1102 6.72 69.89 -8.64
N GLN A 1103 7.74 69.06 -8.42
CA GLN A 1103 7.67 67.65 -8.75
C GLN A 1103 6.93 66.88 -7.66
N ARG A 1104 6.64 65.62 -7.97
CA ARG A 1104 5.79 64.79 -7.12
C ARG A 1104 6.54 64.04 -6.03
N ASN A 1105 7.88 64.08 -6.03
CA ASN A 1105 8.62 63.26 -5.09
C ASN A 1105 9.83 63.94 -4.46
N PHE A 1106 10.01 65.24 -4.65
CA PHE A 1106 11.15 65.96 -4.09
C PHE A 1106 10.85 67.44 -4.18
N TYR A 1107 11.00 68.16 -3.08
CA TYR A 1107 10.63 69.57 -3.10
C TYR A 1107 11.59 70.36 -3.98
N GLU A 1108 11.04 71.08 -4.95
CA GLU A 1108 11.83 71.87 -5.89
C GLU A 1108 10.93 72.91 -6.54
N PRO A 1109 10.63 74.01 -5.85
CA PRO A 1109 9.71 75.01 -6.41
C PRO A 1109 10.35 75.76 -7.57
N GLN A 1110 9.49 76.21 -8.49
CA GLN A 1110 9.92 77.03 -9.61
C GLN A 1110 8.86 78.10 -9.87
N ILE A 1111 9.32 79.22 -10.45
CA ILE A 1111 8.41 80.31 -10.78
C ILE A 1111 7.52 79.89 -11.94
N ILE A 1112 6.22 80.19 -11.83
CA ILE A 1112 5.28 79.79 -12.87
C ILE A 1112 5.53 80.62 -14.11
N THR A 1113 5.72 79.94 -15.24
CA THR A 1113 5.85 80.61 -16.53
C THR A 1113 5.00 79.90 -17.56
N THR A 1114 5.16 80.26 -18.83
CA THR A 1114 4.37 79.63 -19.89
C THR A 1114 4.97 78.31 -20.36
N ASP A 1115 6.14 77.93 -19.85
CA ASP A 1115 6.77 76.66 -20.23
C ASP A 1115 6.41 75.51 -19.29
N ASN A 1116 5.63 75.77 -18.24
CA ASN A 1116 5.22 74.74 -17.30
C ASN A 1116 3.73 74.46 -17.35
N THR A 1117 2.96 75.25 -18.10
CA THR A 1117 1.51 75.15 -18.10
C THR A 1117 0.99 75.04 -19.52
N PHE A 1118 -0.12 74.34 -19.68
CA PHE A 1118 -0.85 74.29 -20.94
C PHE A 1118 -2.30 74.67 -20.68
N VAL A 1119 -2.80 75.61 -21.48
CA VAL A 1119 -4.14 76.15 -21.25
C VAL A 1119 -5.19 75.21 -21.85
N SER A 1120 -6.24 74.95 -21.08
CA SER A 1120 -7.32 74.08 -21.55
C SER A 1120 -8.58 74.41 -20.75
N GLY A 1121 -9.49 75.17 -21.35
CA GLY A 1121 -10.76 75.47 -20.72
C GLY A 1121 -11.06 76.96 -20.77
N ASN A 1122 -12.02 77.37 -19.95
CA ASN A 1122 -12.44 78.76 -19.92
C ASN A 1122 -12.66 79.28 -18.50
N CYS A 1123 -12.06 78.64 -17.50
CA CYS A 1123 -12.07 79.12 -16.11
C CYS A 1123 -13.48 79.21 -15.55
N ASP A 1124 -14.31 78.22 -15.84
CA ASP A 1124 -15.64 78.15 -15.22
C ASP A 1124 -16.07 76.76 -14.77
N VAL A 1125 -15.43 75.69 -15.22
CA VAL A 1125 -15.86 74.33 -14.91
C VAL A 1125 -15.03 73.71 -13.81
N VAL A 1126 -13.72 73.96 -13.81
CA VAL A 1126 -12.86 73.42 -12.77
C VAL A 1126 -13.23 74.05 -11.42
N ILE A 1127 -13.15 73.25 -10.37
CA ILE A 1127 -13.55 73.67 -9.02
C ILE A 1127 -12.29 73.74 -8.15
N GLY A 1128 -12.11 74.88 -7.48
CA GLY A 1128 -10.94 75.11 -6.68
C GLY A 1128 -9.86 75.92 -7.33
N ILE A 1129 -10.09 76.43 -8.53
CA ILE A 1129 -9.09 77.22 -9.25
C ILE A 1129 -8.96 78.58 -8.58
N VAL A 1130 -7.72 78.98 -8.29
CA VAL A 1130 -7.50 80.25 -7.61
C VAL A 1130 -6.90 81.26 -8.58
N ASN A 1131 -7.03 82.53 -8.22
CA ASN A 1131 -6.53 83.63 -9.04
C ASN A 1131 -5.03 83.83 -8.81
N ASN A 1132 -4.32 84.09 -9.91
CA ASN A 1132 -2.89 84.38 -9.85
C ASN A 1132 -2.41 84.87 -11.21
N THR A 1133 -1.15 85.29 -11.28
CA THR A 1133 -0.56 85.74 -12.54
C THR A 1133 0.61 84.85 -12.90
N VAL A 1134 0.84 84.69 -14.20
CA VAL A 1134 1.95 83.90 -14.70
C VAL A 1134 2.96 84.83 -15.36
N TYR A 1135 4.08 84.28 -15.82
CA TYR A 1135 5.15 85.06 -16.41
C TYR A 1135 5.22 84.80 -17.90
N ASP A 1136 5.49 85.86 -18.66
CA ASP A 1136 5.64 85.77 -20.12
C ASP A 1136 7.07 86.15 -20.51
N PRO A 1137 7.89 85.20 -20.99
CA PRO A 1137 9.26 85.50 -21.41
C PRO A 1137 9.33 85.87 -22.89
N VAL B 1 -10.77 9.01 76.73
CA VAL B 1 -10.63 8.68 75.31
C VAL B 1 -11.67 7.66 74.89
N GLN B 2 -12.55 8.06 73.98
CA GLN B 2 -13.58 7.17 73.46
C GLN B 2 -14.17 7.78 72.21
N LEU B 3 -14.62 6.92 71.30
CA LEU B 3 -15.20 7.36 70.03
C LEU B 3 -16.38 6.46 69.70
N VAL B 4 -17.46 7.10 69.19
CA VAL B 4 -18.70 6.39 68.86
C VAL B 4 -19.18 6.85 67.48
N GLU B 5 -20.02 6.01 66.88
CA GLU B 5 -20.45 6.18 65.51
C GLU B 5 -21.94 6.46 65.43
N SER B 6 -22.35 7.01 64.27
CA SER B 6 -23.76 7.30 64.03
C SER B 6 -23.99 7.42 62.53
N GLY B 7 -25.26 7.30 62.14
CA GLY B 7 -25.65 7.53 60.76
C GLY B 7 -26.21 6.34 60.01
N GLY B 8 -26.51 5.26 60.73
CA GLY B 8 -27.02 4.07 60.09
C GLY B 8 -28.49 4.18 59.71
N GLY B 9 -28.94 3.20 58.94
CA GLY B 9 -30.34 3.15 58.54
C GLY B 9 -30.54 2.16 57.42
N LEU B 10 -31.82 1.93 57.11
CA LEU B 10 -32.22 1.03 56.03
C LEU B 10 -32.38 1.85 54.76
N VAL B 11 -31.59 1.53 53.74
CA VAL B 11 -31.52 2.33 52.52
C VAL B 11 -31.68 1.41 51.31
N GLN B 12 -32.48 1.85 50.35
CA GLN B 12 -32.72 1.08 49.13
C GLN B 12 -31.42 0.98 48.33
N PRO B 13 -31.30 -0.07 47.49
CA PRO B 13 -30.08 -0.24 46.71
C PRO B 13 -29.84 0.94 45.77
N GLY B 14 -28.56 1.20 45.51
CA GLY B 14 -28.18 2.36 44.72
C GLY B 14 -28.43 3.69 45.39
N GLY B 15 -28.20 3.77 46.70
CA GLY B 15 -28.41 4.98 47.46
C GLY B 15 -27.11 5.63 47.89
N SER B 16 -27.22 6.49 48.90
CA SER B 16 -26.08 7.21 49.44
C SER B 16 -26.18 7.24 50.96
N LEU B 17 -25.05 7.03 51.64
CA LEU B 17 -24.99 7.08 53.09
C LEU B 17 -23.79 7.90 53.51
N ARG B 18 -23.82 8.38 54.76
CA ARG B 18 -22.73 9.21 55.27
C ARG B 18 -22.60 8.92 56.78
N LEU B 19 -21.72 7.99 57.12
CA LEU B 19 -21.50 7.62 58.51
C LEU B 19 -20.52 8.58 59.17
N SER B 20 -20.75 8.85 60.45
CA SER B 20 -19.93 9.77 61.21
C SER B 20 -19.35 9.06 62.43
N CYS B 21 -18.03 9.11 62.57
CA CYS B 21 -17.35 8.55 63.73
C CYS B 21 -16.73 9.70 64.50
N SER B 22 -17.23 9.96 65.71
CA SER B 22 -16.83 11.09 66.52
C SER B 22 -16.00 10.62 67.70
N ALA B 23 -14.85 11.26 67.90
CA ALA B 23 -13.93 10.93 68.98
C ALA B 23 -13.86 12.08 69.99
N SER B 24 -13.54 11.74 71.23
CA SER B 24 -13.49 12.70 72.32
C SER B 24 -12.06 13.05 72.73
N GLY B 25 -11.26 12.04 73.08
CA GLY B 25 -9.91 12.25 73.53
C GLY B 25 -8.82 11.95 72.54
N LEU B 26 -9.13 11.72 71.27
CA LEU B 26 -8.14 11.42 70.24
C LEU B 26 -8.26 12.46 69.15
N THR B 27 -7.25 13.32 69.03
CA THR B 27 -7.26 14.32 67.97
C THR B 27 -7.15 13.64 66.61
N VAL B 28 -7.98 14.09 65.67
CA VAL B 28 -7.94 13.55 64.31
C VAL B 28 -6.93 14.28 63.43
N SER B 29 -6.37 15.40 63.91
CA SER B 29 -5.46 16.18 63.09
C SER B 29 -4.22 15.39 62.72
N SER B 30 -3.65 14.66 63.69
CA SER B 30 -2.43 13.87 63.46
C SER B 30 -2.62 12.50 64.10
N ASN B 31 -3.18 11.56 63.34
CA ASN B 31 -3.38 10.21 63.82
C ASN B 31 -3.70 9.32 62.63
N HIS B 32 -3.63 8.00 62.86
CA HIS B 32 -3.98 7.00 61.86
C HIS B 32 -5.29 6.36 62.28
N MET B 33 -6.28 6.38 61.39
CA MET B 33 -7.59 5.82 61.70
C MET B 33 -8.05 4.92 60.56
N THR B 34 -8.97 4.02 60.89
CA THR B 34 -9.39 2.99 59.96
C THR B 34 -10.83 2.59 60.24
N TRP B 35 -11.43 1.94 59.25
CA TRP B 35 -12.80 1.45 59.34
C TRP B 35 -12.81 -0.06 59.11
N VAL B 36 -13.60 -0.77 59.92
CA VAL B 36 -13.70 -2.22 59.82
C VAL B 36 -15.16 -2.60 59.68
N ARG B 37 -15.46 -3.41 58.67
CA ARG B 37 -16.81 -3.86 58.36
C ARG B 37 -16.94 -5.34 58.73
N GLN B 38 -18.02 -5.68 59.42
CA GLN B 38 -18.29 -7.07 59.80
C GLN B 38 -19.68 -7.45 59.29
N ALA B 39 -19.71 -8.35 58.32
CA ALA B 39 -20.96 -8.95 57.90
C ALA B 39 -21.44 -9.92 58.98
N PRO B 40 -22.75 -10.18 59.07
CA PRO B 40 -23.25 -11.01 60.17
C PRO B 40 -22.64 -12.40 60.19
N GLY B 41 -21.85 -12.68 61.23
CA GLY B 41 -21.27 -13.99 61.42
C GLY B 41 -20.29 -14.43 60.36
N LYS B 42 -19.73 -13.49 59.60
CA LYS B 42 -18.78 -13.82 58.54
C LYS B 42 -17.38 -13.29 58.79
N GLY B 43 -17.09 -12.81 59.99
CA GLY B 43 -15.77 -12.30 60.30
C GLY B 43 -15.63 -10.82 59.98
N LEU B 44 -14.39 -10.34 60.11
CA LEU B 44 -14.07 -8.94 59.89
C LEU B 44 -13.32 -8.76 58.57
N GLU B 45 -13.29 -7.51 58.11
CA GLU B 45 -12.61 -7.18 56.86
C GLU B 45 -12.33 -5.69 56.84
N TRP B 46 -11.06 -5.32 56.83
CA TRP B 46 -10.70 -3.91 56.75
C TRP B 46 -11.13 -3.35 55.39
N VAL B 47 -11.65 -2.13 55.39
CA VAL B 47 -12.23 -1.56 54.17
C VAL B 47 -11.61 -0.22 53.81
N SER B 48 -11.09 0.52 54.79
CA SER B 48 -10.56 1.84 54.50
C SER B 48 -9.66 2.30 55.65
N VAL B 49 -8.70 3.15 55.32
CA VAL B 49 -7.75 3.67 56.29
C VAL B 49 -7.25 5.02 55.82
N ILE B 50 -7.05 5.94 56.76
CA ILE B 50 -6.48 7.25 56.48
C ILE B 50 -5.37 7.52 57.50
N TYR B 51 -4.21 7.94 57.01
CA TYR B 51 -3.02 8.08 57.83
C TYR B 51 -2.94 9.48 58.43
N ARG B 52 -1.87 9.73 59.17
CA ARG B 52 -1.63 11.07 59.71
C ARG B 52 -1.40 12.08 58.60
N GLY B 53 -0.65 11.70 57.57
CA GLY B 53 -0.33 12.65 56.52
C GLY B 53 -1.54 13.15 55.78
N GLY B 54 -2.56 12.30 55.61
CA GLY B 54 -3.77 12.66 54.92
C GLY B 54 -4.08 11.82 53.69
N SER B 55 -3.27 10.82 53.37
CA SER B 55 -3.53 9.95 52.24
C SER B 55 -4.52 8.86 52.62
N THR B 56 -5.02 8.16 51.60
CA THR B 56 -6.03 7.13 51.79
C THR B 56 -5.64 5.88 51.00
N TYR B 57 -6.12 4.74 51.45
CA TYR B 57 -5.87 3.47 50.77
C TYR B 57 -7.04 2.54 51.07
N TYR B 58 -7.84 2.26 50.06
CA TYR B 58 -9.04 1.45 50.21
C TYR B 58 -8.74 -0.01 49.91
N ALA B 59 -9.66 -0.89 50.29
CA ALA B 59 -9.53 -2.29 49.96
C ALA B 59 -9.78 -2.50 48.47
N ASP B 60 -9.38 -3.68 47.98
CA ASP B 60 -9.55 -3.97 46.56
C ASP B 60 -11.02 -4.07 46.19
N SER B 61 -11.84 -4.65 47.07
CA SER B 61 -13.25 -4.90 46.74
C SER B 61 -14.03 -3.59 46.67
N VAL B 62 -14.08 -2.85 47.77
CA VAL B 62 -14.85 -1.60 47.81
C VAL B 62 -13.88 -0.50 47.35
N LYS B 63 -13.75 -0.39 46.03
CA LYS B 63 -12.87 0.59 45.41
C LYS B 63 -13.69 1.41 44.42
N GLY B 64 -13.57 2.73 44.50
CA GLY B 64 -14.35 3.61 43.65
C GLY B 64 -15.76 3.86 44.12
N ARG B 65 -16.17 3.30 45.27
CA ARG B 65 -17.50 3.53 45.80
C ARG B 65 -17.45 4.27 47.13
N LEU B 66 -16.75 3.75 48.13
CA LEU B 66 -16.64 4.40 49.41
C LEU B 66 -15.63 5.54 49.36
N THR B 67 -15.69 6.42 50.35
CA THR B 67 -14.75 7.54 50.41
C THR B 67 -14.63 7.98 51.86
N ILE B 68 -13.42 7.95 52.40
CA ILE B 68 -13.17 8.40 53.76
C ILE B 68 -12.72 9.84 53.72
N SER B 69 -13.06 10.59 54.77
CA SER B 69 -12.71 12.00 54.84
C SER B 69 -12.55 12.40 56.29
N ARG B 70 -11.68 13.37 56.53
CA ARG B 70 -11.34 13.83 57.86
C ARG B 70 -11.75 15.29 58.02
N ASP B 71 -12.28 15.62 59.20
CA ASP B 71 -12.65 16.98 59.52
C ASP B 71 -11.47 17.72 60.13
N ASN B 72 -11.30 18.98 59.73
CA ASN B 72 -10.27 19.83 60.32
C ASN B 72 -10.67 20.10 61.76
N SER B 73 -9.98 19.45 62.70
CA SER B 73 -10.36 19.44 64.11
C SER B 73 -11.77 18.87 64.26
N LYS B 74 -12.39 19.10 65.41
CA LYS B 74 -13.75 18.70 65.72
C LYS B 74 -13.88 17.19 65.91
N ASN B 75 -12.81 16.46 65.60
CA ASN B 75 -12.65 15.05 65.97
C ASN B 75 -13.87 14.20 65.58
N THR B 76 -14.26 14.27 64.30
CA THR B 76 -15.36 13.45 63.80
C THR B 76 -15.15 13.22 62.31
N LEU B 77 -14.62 12.06 61.96
CA LEU B 77 -14.39 11.75 60.55
C LEU B 77 -15.65 11.18 59.92
N TYR B 78 -15.70 11.26 58.59
CA TYR B 78 -16.90 10.94 57.83
C TYR B 78 -16.58 9.94 56.73
N LEU B 79 -17.34 8.85 56.69
CA LEU B 79 -17.21 7.85 55.63
C LEU B 79 -18.46 7.89 54.77
N GLN B 80 -18.31 8.28 53.51
CA GLN B 80 -19.42 8.39 52.58
C GLN B 80 -19.49 7.14 51.72
N MET B 81 -20.68 6.54 51.64
CA MET B 81 -20.90 5.32 50.89
C MET B 81 -21.80 5.61 49.70
N ASN B 82 -21.31 5.27 48.50
CA ASN B 82 -22.07 5.42 47.27
C ASN B 82 -22.86 4.14 47.01
N SER B 83 -23.38 3.98 45.80
CA SER B 83 -24.27 2.89 45.42
C SER B 83 -23.87 1.57 46.06
N LEU B 84 -24.87 0.87 46.59
CA LEU B 84 -24.67 -0.35 47.36
C LEU B 84 -25.28 -1.53 46.61
N ARG B 85 -24.65 -2.69 46.75
CA ARG B 85 -25.02 -3.88 46.01
C ARG B 85 -25.57 -4.97 46.92
N ALA B 86 -26.32 -4.57 47.95
CA ALA B 86 -27.01 -5.47 48.87
C ALA B 86 -26.07 -6.41 49.61
N GLU B 87 -24.76 -6.20 49.50
CA GLU B 87 -23.77 -6.94 50.26
C GLU B 87 -23.21 -6.15 51.43
N ASP B 88 -23.21 -4.83 51.34
CA ASP B 88 -22.66 -3.97 52.38
C ASP B 88 -23.50 -3.95 53.64
N THR B 89 -24.65 -4.64 53.73
CA THR B 89 -25.41 -4.67 54.96
C THR B 89 -24.60 -5.35 56.05
N ALA B 90 -24.11 -4.58 57.01
CA ALA B 90 -23.16 -5.10 57.99
C ALA B 90 -23.01 -4.07 59.10
N VAL B 91 -22.16 -4.41 60.08
CA VAL B 91 -21.88 -3.53 61.22
C VAL B 91 -20.52 -2.89 60.99
N TYR B 92 -20.46 -1.57 61.16
CA TYR B 92 -19.28 -0.78 60.87
C TYR B 92 -18.68 -0.23 62.15
N TYR B 93 -17.36 -0.33 62.28
CA TYR B 93 -16.62 0.23 63.40
C TYR B 93 -15.52 1.13 62.89
N CYS B 94 -15.14 2.10 63.71
CA CYS B 94 -13.97 2.92 63.45
C CYS B 94 -12.95 2.69 64.55
N ALA B 95 -11.67 2.73 64.20
CA ALA B 95 -10.61 2.44 65.16
C ALA B 95 -9.38 3.28 64.83
N ARG B 96 -8.41 3.23 65.74
CA ARG B 96 -7.18 4.00 65.63
C ARG B 96 -5.98 3.03 65.61
N ALA B 97 -4.98 3.36 64.80
CA ALA B 97 -3.79 2.54 64.62
C ALA B 97 -2.58 3.24 65.22
N GLN B 98 -1.57 2.44 65.59
CA GLN B 98 -0.47 2.96 66.40
C GLN B 98 0.45 3.85 65.58
N GLY B 99 1.10 3.32 64.57
CA GLY B 99 1.99 4.15 63.77
C GLY B 99 2.87 3.31 62.86
N GLY B 100 3.57 4.01 61.97
CA GLY B 100 4.44 3.43 60.97
C GLY B 100 4.83 4.45 59.93
N TRP B 101 6.06 4.40 59.43
CA TRP B 101 6.55 5.48 58.58
C TRP B 101 6.28 5.18 57.11
N GLU B 102 6.90 5.97 56.23
CA GLU B 102 6.41 6.22 54.88
C GLU B 102 7.47 5.92 53.84
N LEU B 103 8.00 4.68 53.87
CA LEU B 103 8.97 4.22 52.87
C LEU B 103 8.58 4.69 51.48
N PRO B 104 9.37 5.57 50.86
CA PRO B 104 9.01 6.08 49.53
C PRO B 104 9.02 4.98 48.49
N GLY B 105 8.20 5.16 47.46
CA GLY B 105 8.04 4.12 46.47
C GLY B 105 7.18 2.97 46.91
N ALA B 106 6.54 3.09 48.07
CA ALA B 106 5.68 2.05 48.62
C ALA B 106 4.71 2.71 49.59
N GLY B 107 4.03 1.91 50.39
CA GLY B 107 3.08 2.40 51.36
C GLY B 107 3.64 2.41 52.76
N TYR B 108 2.75 2.32 53.74
CA TYR B 108 3.11 2.19 55.14
C TYR B 108 3.07 0.72 55.51
N TYR B 109 4.14 0.22 56.14
CA TYR B 109 4.24 -1.20 56.41
C TYR B 109 4.21 -1.55 57.90
N TYR B 110 5.09 -0.97 58.70
CA TYR B 110 5.26 -1.45 60.07
C TYR B 110 4.19 -0.84 60.95
N PHE B 111 3.13 -1.62 61.22
CA PHE B 111 2.04 -1.23 62.09
C PHE B 111 1.97 -2.18 63.29
N TYR B 112 1.42 -1.68 64.39
CA TYR B 112 1.34 -2.46 65.63
C TYR B 112 -0.04 -3.08 65.84
N GLY B 113 -1.09 -2.25 65.87
CA GLY B 113 -2.43 -2.76 66.03
C GLY B 113 -3.35 -1.68 66.56
N MET B 114 -4.64 -1.95 66.46
CA MET B 114 -5.63 -0.99 66.91
C MET B 114 -5.68 -0.94 68.43
N ASP B 115 -6.12 0.20 68.97
CA ASP B 115 -6.14 0.40 70.41
C ASP B 115 -7.53 0.60 70.96
N VAL B 116 -8.34 1.47 70.36
CA VAL B 116 -9.67 1.80 70.88
C VAL B 116 -10.71 1.49 69.83
N TRP B 117 -11.81 0.87 70.26
CA TRP B 117 -12.88 0.48 69.36
C TRP B 117 -14.19 1.09 69.83
N GLY B 118 -15.05 1.43 68.87
CA GLY B 118 -16.41 1.87 69.17
C GLY B 118 -17.37 0.71 69.24
N GLN B 119 -18.65 1.04 69.35
CA GLN B 119 -19.71 0.03 69.33
C GLN B 119 -20.21 -0.26 67.93
N GLY B 120 -19.99 0.63 66.97
CA GLY B 120 -20.35 0.38 65.60
C GLY B 120 -21.83 0.66 65.32
N THR B 121 -22.14 0.77 64.03
CA THR B 121 -23.50 1.03 63.57
C THR B 121 -23.86 0.05 62.47
N THR B 122 -25.14 -0.31 62.41
CA THR B 122 -25.64 -1.30 61.47
C THR B 122 -26.21 -0.60 60.24
N VAL B 123 -25.82 -1.06 59.06
CA VAL B 123 -26.32 -0.53 57.79
C VAL B 123 -26.99 -1.66 57.04
N THR B 124 -28.23 -1.45 56.62
CA THR B 124 -29.03 -2.46 55.95
C THR B 124 -29.55 -1.92 54.61
N VAL B 125 -29.65 -2.83 53.64
CA VAL B 125 -30.08 -2.51 52.29
C VAL B 125 -31.26 -3.39 51.93
N SER B 126 -32.35 -2.77 51.49
CA SER B 126 -33.55 -3.49 51.08
C SER B 126 -33.59 -3.64 49.57
N ILE C 1 -1.37 -12.00 51.32
CA ILE C 1 -0.99 -12.66 52.56
C ILE C 1 -2.22 -13.31 53.19
N VAL C 2 -2.16 -14.61 53.41
CA VAL C 2 -3.28 -15.38 53.94
C VAL C 2 -2.81 -16.13 55.18
N MET C 3 -3.58 -16.01 56.26
CA MET C 3 -3.30 -16.72 57.49
C MET C 3 -4.45 -17.67 57.80
N THR C 4 -4.12 -18.78 58.46
CA THR C 4 -5.10 -19.75 58.92
C THR C 4 -4.84 -20.08 60.38
N GLN C 5 -5.90 -20.33 61.13
CA GLN C 5 -5.79 -20.67 62.53
C GLN C 5 -6.05 -22.16 62.73
N SER C 6 -5.42 -22.72 63.77
CA SER C 6 -5.61 -24.13 64.06
C SER C 6 -5.36 -24.40 65.54
N PRO C 7 -6.27 -25.10 66.23
CA PRO C 7 -7.55 -25.56 65.67
C PRO C 7 -8.61 -24.47 65.65
N SER C 8 -9.64 -24.63 64.81
CA SER C 8 -10.70 -23.65 64.73
C SER C 8 -11.68 -23.74 65.90
N SER C 9 -11.87 -24.93 66.45
CA SER C 9 -12.80 -25.16 67.56
C SER C 9 -12.02 -25.54 68.82
N LEU C 10 -12.23 -24.78 69.89
CA LEU C 10 -11.56 -25.01 71.16
C LEU C 10 -12.58 -25.43 72.20
N SER C 11 -12.36 -26.58 72.82
CA SER C 11 -13.25 -27.10 73.86
C SER C 11 -12.39 -27.58 75.03
N ALA C 12 -12.54 -26.93 76.18
CA ALA C 12 -11.81 -27.30 77.38
C ALA C 12 -12.67 -26.92 78.59
N SER C 13 -12.04 -26.87 79.76
CA SER C 13 -12.74 -26.51 80.99
C SER C 13 -11.84 -25.56 81.78
N VAL C 14 -12.24 -25.31 83.03
CA VAL C 14 -11.58 -24.28 83.83
C VAL C 14 -10.17 -24.70 84.20
N GLY C 15 -9.31 -23.71 84.43
CA GLY C 15 -7.93 -23.96 84.83
C GLY C 15 -7.10 -24.69 83.80
N ASP C 16 -7.22 -24.30 82.53
CA ASP C 16 -6.52 -24.97 81.45
C ASP C 16 -5.77 -23.91 80.64
N ARG C 17 -5.12 -24.34 79.55
CA ARG C 17 -4.29 -23.48 78.72
C ARG C 17 -4.73 -23.59 77.28
N VAL C 18 -4.45 -22.55 76.50
CA VAL C 18 -4.80 -22.53 75.08
C VAL C 18 -3.57 -22.88 74.26
N THR C 19 -3.80 -23.48 73.10
CA THR C 19 -2.70 -23.83 72.19
C THR C 19 -3.12 -23.54 70.74
N ILE C 20 -4.00 -22.56 70.54
CA ILE C 20 -4.33 -22.14 69.18
C ILE C 20 -3.12 -21.48 68.54
N THR C 21 -2.98 -21.65 67.22
CA THR C 21 -1.83 -21.10 66.52
C THR C 21 -2.28 -20.51 65.19
N CYS C 22 -1.49 -19.54 64.72
CA CYS C 22 -1.72 -18.82 63.48
C CYS C 22 -0.57 -19.11 62.53
N ARG C 23 -0.91 -19.40 61.28
CA ARG C 23 0.01 -19.82 60.22
C ARG C 23 -0.13 -18.85 59.06
N ALA C 24 0.98 -18.21 58.68
CA ALA C 24 0.97 -17.20 57.63
C ALA C 24 1.43 -17.82 56.31
N SER C 25 1.58 -16.98 55.29
CA SER C 25 2.06 -17.41 53.98
C SER C 25 3.42 -16.82 53.66
N GLN C 26 3.55 -15.49 53.67
CA GLN C 26 4.82 -14.83 53.48
C GLN C 26 5.45 -14.57 54.85
N SER C 27 6.56 -13.83 54.87
CA SER C 27 7.24 -13.47 56.10
C SER C 27 6.75 -12.13 56.58
N ILE C 28 6.31 -12.07 57.83
CA ILE C 28 5.82 -10.83 58.43
C ILE C 28 6.61 -10.50 59.71
N SER C 29 7.80 -11.07 59.86
CA SER C 29 8.68 -10.83 61.00
C SER C 29 7.91 -11.21 62.26
N THR C 30 7.75 -10.31 63.23
CA THR C 30 7.03 -10.61 64.47
C THR C 30 5.81 -9.71 64.64
N TYR C 31 5.25 -9.23 63.54
CA TYR C 31 4.11 -8.32 63.57
C TYR C 31 2.84 -9.14 63.43
N LEU C 32 2.21 -9.46 64.54
CA LEU C 32 0.92 -10.14 64.53
C LEU C 32 0.18 -9.77 65.81
N ASN C 33 -1.14 -9.66 65.70
CA ASN C 33 -1.98 -9.24 66.80
C ASN C 33 -3.05 -10.28 67.07
N TRP C 34 -3.30 -10.53 68.35
CA TRP C 34 -4.35 -11.43 68.80
C TRP C 34 -5.51 -10.60 69.32
N TYR C 35 -6.71 -10.84 68.78
CA TYR C 35 -7.90 -10.09 69.14
C TYR C 35 -8.94 -11.04 69.74
N GLN C 36 -9.61 -10.58 70.79
CA GLN C 36 -10.72 -11.29 71.39
C GLN C 36 -12.01 -10.56 71.03
N GLN C 37 -12.89 -11.25 70.32
CA GLN C 37 -14.20 -10.73 69.94
C GLN C 37 -15.24 -11.39 70.84
N LYS C 38 -15.90 -10.58 71.66
CA LYS C 38 -17.01 -11.06 72.45
C LYS C 38 -18.18 -11.44 71.53
N PRO C 39 -19.01 -12.39 71.93
CA PRO C 39 -20.12 -12.80 71.05
C PRO C 39 -21.18 -11.71 70.91
N GLY C 40 -20.85 -10.65 70.18
CA GLY C 40 -21.84 -9.64 69.85
C GLY C 40 -21.46 -8.20 70.14
N LYS C 41 -20.67 -7.96 71.19
CA LYS C 41 -20.48 -6.58 71.67
C LYS C 41 -19.43 -5.83 70.85
N ALA C 42 -18.17 -6.26 70.93
CA ALA C 42 -17.07 -5.54 70.30
C ALA C 42 -15.76 -6.33 70.42
N PRO C 43 -14.80 -6.12 69.53
CA PRO C 43 -13.51 -6.80 69.67
C PRO C 43 -12.68 -6.20 70.79
N LYS C 44 -11.68 -6.97 71.23
CA LYS C 44 -10.74 -6.50 72.25
C LYS C 44 -9.34 -6.96 71.87
N LEU C 45 -8.35 -6.11 72.18
CA LEU C 45 -6.96 -6.38 71.82
C LEU C 45 -6.20 -6.90 73.04
N LEU C 46 -5.47 -8.00 72.85
CA LEU C 46 -4.70 -8.61 73.92
C LEU C 46 -3.20 -8.58 73.65
N ILE C 47 -2.77 -9.16 72.54
CA ILE C 47 -1.35 -9.35 72.23
C ILE C 47 -1.03 -8.56 70.98
N TYR C 48 0.00 -7.72 71.06
CA TYR C 48 0.52 -7.02 69.91
C TYR C 48 2.03 -7.24 69.82
N ALA C 49 2.55 -7.15 68.60
CA ALA C 49 3.95 -7.45 68.29
C ALA C 49 4.30 -8.91 68.60
N ALA C 50 3.28 -9.76 68.75
CA ALA C 50 3.42 -11.21 68.89
C ALA C 50 4.08 -11.62 70.21
N SER C 51 4.53 -10.65 71.00
CA SER C 51 5.09 -10.99 72.31
C SER C 51 4.71 -10.03 73.43
N SER C 52 4.19 -8.85 73.13
CA SER C 52 3.97 -7.82 74.14
C SER C 52 2.54 -7.89 74.68
N LEU C 53 2.26 -7.02 75.65
CA LEU C 53 0.95 -6.92 76.27
C LEU C 53 0.47 -5.47 76.26
N GLN C 54 -0.85 -5.29 76.14
CA GLN C 54 -1.46 -3.97 76.19
C GLN C 54 -1.67 -3.48 77.61
N SER C 55 -1.36 -4.30 78.62
CA SER C 55 -1.43 -4.03 80.05
C SER C 55 -2.88 -4.00 80.54
N GLY C 56 -3.87 -4.23 79.68
CA GLY C 56 -5.23 -4.34 80.17
C GLY C 56 -5.46 -5.58 81.01
N VAL C 57 -4.84 -6.69 80.63
CA VAL C 57 -5.07 -7.98 81.26
C VAL C 57 -3.80 -8.44 81.99
N PRO C 58 -3.92 -9.31 83.00
CA PRO C 58 -2.71 -9.78 83.70
C PRO C 58 -1.85 -10.70 82.85
N SER C 59 -0.78 -11.24 83.45
CA SER C 59 0.17 -12.07 82.73
C SER C 59 -0.40 -13.42 82.30
N ARG C 60 -1.69 -13.66 82.52
CA ARG C 60 -2.28 -14.93 82.10
C ARG C 60 -2.20 -15.11 80.60
N PHE C 61 -2.12 -14.02 79.84
CA PHE C 61 -2.01 -14.08 78.39
C PHE C 61 -0.56 -13.90 77.96
N SER C 62 -0.14 -14.66 76.96
CA SER C 62 1.20 -14.54 76.42
C SER C 62 1.19 -14.97 74.96
N GLY C 63 2.18 -14.51 74.21
CA GLY C 63 2.30 -14.86 72.81
C GLY C 63 3.71 -15.24 72.42
N SER C 64 3.86 -16.34 71.69
CA SER C 64 5.17 -16.83 71.26
C SER C 64 5.24 -16.89 69.75
N ALA C 65 6.41 -16.60 69.21
CA ALA C 65 6.63 -16.58 67.77
C ALA C 65 7.86 -17.40 67.43
N SER C 66 7.76 -18.21 66.38
CA SER C 66 8.88 -19.03 65.92
C SER C 66 8.85 -19.07 64.40
N GLY C 67 9.88 -18.55 63.77
CA GLY C 67 9.90 -18.45 62.32
C GLY C 67 8.80 -17.53 61.84
N THR C 68 7.76 -18.11 61.23
CA THR C 68 6.57 -17.37 60.86
C THR C 68 5.31 -18.05 61.39
N ASP C 69 5.46 -18.81 62.47
CA ASP C 69 4.35 -19.51 63.10
C ASP C 69 4.15 -18.96 64.50
N PHE C 70 2.90 -18.62 64.85
CA PHE C 70 2.64 -17.90 66.09
C PHE C 70 1.68 -18.70 66.95
N THR C 71 1.86 -18.62 68.27
CA THR C 71 1.06 -19.39 69.20
C THR C 71 0.65 -18.52 70.39
N LEU C 72 -0.54 -18.78 70.90
CA LEU C 72 -1.11 -18.04 72.03
C LEU C 72 -1.16 -18.95 73.25
N THR C 73 -0.90 -18.35 74.42
CA THR C 73 -0.86 -19.11 75.67
C THR C 73 -1.71 -18.38 76.72
N ILE C 74 -2.59 -19.13 77.38
CA ILE C 74 -3.40 -18.62 78.47
C ILE C 74 -3.07 -19.44 79.70
N SER C 75 -2.68 -18.76 80.78
CA SER C 75 -2.27 -19.47 82.00
C SER C 75 -3.42 -20.27 82.59
N SER C 76 -4.56 -19.61 82.81
CA SER C 76 -5.75 -20.25 83.36
C SER C 76 -6.96 -19.82 82.56
N LEU C 77 -7.65 -20.79 81.96
CA LEU C 77 -8.84 -20.51 81.17
C LEU C 77 -10.04 -20.38 82.11
N GLN C 78 -10.13 -19.21 82.73
CA GLN C 78 -11.20 -18.94 83.67
C GLN C 78 -12.54 -18.85 82.93
N PRO C 79 -13.65 -19.02 83.64
CA PRO C 79 -14.96 -19.01 82.97
C PRO C 79 -15.26 -17.73 82.19
N GLU C 80 -14.72 -16.59 82.61
CA GLU C 80 -14.99 -15.34 81.90
C GLU C 80 -14.25 -15.24 80.57
N ASP C 81 -13.35 -16.17 80.25
CA ASP C 81 -12.66 -16.19 78.95
C ASP C 81 -13.37 -17.20 78.05
N PHE C 82 -14.40 -16.73 77.36
CA PHE C 82 -15.14 -17.55 76.41
C PHE C 82 -15.64 -16.63 75.31
N ALA C 83 -14.91 -16.60 74.19
CA ALA C 83 -15.23 -15.71 73.08
C ALA C 83 -14.53 -16.24 71.83
N THR C 84 -14.49 -15.41 70.79
CA THR C 84 -13.83 -15.75 69.55
C THR C 84 -12.44 -15.11 69.51
N TYR C 85 -11.50 -15.78 68.87
CA TYR C 85 -10.12 -15.32 68.79
C TYR C 85 -9.70 -15.14 67.33
N TYR C 86 -8.98 -14.06 67.07
CA TYR C 86 -8.53 -13.72 65.72
C TYR C 86 -7.05 -13.39 65.73
N CYS C 87 -6.37 -13.74 64.64
CA CYS C 87 -4.98 -13.34 64.42
C CYS C 87 -4.92 -12.46 63.19
N GLN C 88 -4.31 -11.28 63.34
CA GLN C 88 -4.25 -10.29 62.29
C GLN C 88 -2.79 -9.91 62.03
N GLN C 89 -2.40 -9.92 60.75
CA GLN C 89 -1.07 -9.46 60.40
C GLN C 89 -1.07 -7.95 60.24
N SER C 90 0.07 -7.34 60.54
CA SER C 90 0.22 -5.89 60.43
C SER C 90 1.51 -5.50 59.72
N PHE C 91 2.17 -6.43 59.03
CA PHE C 91 3.40 -6.11 58.33
C PHE C 91 3.16 -5.21 57.13
N SER C 92 1.94 -5.18 56.61
CA SER C 92 1.62 -4.40 55.42
C SER C 92 0.50 -3.43 55.74
N THR C 93 0.21 -2.55 54.79
CA THR C 93 -0.91 -1.63 54.96
C THR C 93 -2.23 -2.37 54.97
N SER C 94 -2.46 -3.23 53.99
CA SER C 94 -3.72 -3.94 53.85
C SER C 94 -3.77 -5.02 54.93
N PHE C 95 -4.44 -4.71 56.04
CA PHE C 95 -4.58 -5.67 57.12
C PHE C 95 -5.41 -6.86 56.67
N THR C 96 -5.20 -7.99 57.33
CA THR C 96 -5.93 -9.20 56.99
C THR C 96 -6.27 -9.94 58.27
N PHE C 97 -7.43 -10.58 58.28
CA PHE C 97 -7.95 -11.25 59.47
C PHE C 97 -8.08 -12.75 59.21
N GLY C 98 -8.00 -13.52 60.29
CA GLY C 98 -8.15 -14.95 60.20
C GLY C 98 -9.61 -15.36 60.12
N PRO C 99 -9.84 -16.62 59.74
CA PRO C 99 -11.22 -17.12 59.65
C PRO C 99 -11.97 -17.09 60.96
N GLY C 100 -11.29 -17.29 62.09
CA GLY C 100 -11.95 -17.27 63.37
C GLY C 100 -11.76 -18.55 64.18
N THR C 101 -11.75 -18.42 65.51
CA THR C 101 -11.55 -19.56 66.40
C THR C 101 -12.64 -19.56 67.47
N LYS C 102 -13.26 -20.72 67.69
CA LYS C 102 -14.35 -20.83 68.63
C LYS C 102 -13.90 -21.52 69.91
N VAL C 103 -14.31 -20.95 71.05
CA VAL C 103 -13.99 -21.48 72.37
C VAL C 103 -15.25 -22.06 72.97
N ASP C 104 -15.17 -23.32 73.42
CA ASP C 104 -16.34 -24.04 73.91
C ASP C 104 -16.05 -24.59 75.30
N ILE C 105 -17.12 -24.79 76.07
CA ILE C 105 -17.04 -25.37 77.39
C ILE C 105 -16.86 -26.88 77.30
N THR D 22 -63.64 -10.75 -12.01
CA THR D 22 -63.10 -9.58 -12.69
C THR D 22 -61.69 -9.28 -12.24
N GLN D 23 -60.72 -9.92 -12.88
CA GLN D 23 -59.31 -9.76 -12.55
C GLN D 23 -58.68 -8.59 -13.30
N SER D 24 -59.27 -7.41 -13.18
CA SER D 24 -58.72 -6.24 -13.84
C SER D 24 -57.44 -5.79 -13.13
N TYR D 25 -56.61 -5.05 -13.86
CA TYR D 25 -55.32 -4.59 -13.38
C TYR D 25 -55.39 -3.13 -13.00
N THR D 26 -54.78 -2.79 -11.87
CA THR D 26 -54.75 -1.40 -11.42
C THR D 26 -53.35 -0.99 -11.00
N ASN D 27 -53.03 0.28 -11.19
CA ASN D 27 -51.72 0.79 -10.85
C ASN D 27 -51.53 0.82 -9.34
N SER D 28 -50.34 0.45 -8.88
CA SER D 28 -50.04 0.41 -7.46
C SER D 28 -49.38 1.69 -6.94
N PHE D 29 -49.03 2.61 -7.83
CA PHE D 29 -48.40 3.89 -7.45
C PHE D 29 -47.15 3.58 -6.64
N THR D 30 -46.87 4.35 -5.59
CA THR D 30 -45.66 4.20 -4.77
C THR D 30 -46.05 3.71 -3.38
N ARG D 31 -46.07 2.38 -3.21
CA ARG D 31 -46.52 1.80 -1.97
C ARG D 31 -45.93 0.41 -1.81
N GLY D 32 -45.50 0.08 -0.60
CA GLY D 32 -44.99 -1.25 -0.34
C GLY D 32 -43.67 -1.29 0.41
N VAL D 33 -43.11 -0.13 0.73
CA VAL D 33 -41.83 -0.08 1.43
C VAL D 33 -42.03 -0.43 2.89
N TYR D 34 -40.95 -0.84 3.54
CA TYR D 34 -41.00 -1.27 4.93
C TYR D 34 -39.62 -1.10 5.55
N TYR D 35 -39.57 -1.19 6.88
CA TYR D 35 -38.31 -1.09 7.59
C TYR D 35 -37.49 -2.35 7.33
N PRO D 36 -36.28 -2.25 6.78
CA PRO D 36 -35.52 -3.46 6.46
C PRO D 36 -34.73 -4.02 7.63
N ASP D 37 -34.39 -3.17 8.60
CA ASP D 37 -33.58 -3.60 9.73
C ASP D 37 -34.17 -3.06 11.02
N LYS D 38 -33.88 -3.76 12.12
CA LYS D 38 -34.41 -3.42 13.44
C LYS D 38 -33.43 -2.54 14.21
N VAL D 39 -33.05 -1.42 13.60
CA VAL D 39 -32.19 -0.44 14.22
C VAL D 39 -32.76 0.94 13.96
N PHE D 40 -32.32 1.91 14.75
CA PHE D 40 -32.83 3.27 14.71
C PHE D 40 -31.82 4.19 14.07
N ARG D 41 -32.26 4.95 13.06
CA ARG D 41 -31.41 5.93 12.38
C ARG D 41 -32.13 7.27 12.39
N SER D 42 -31.43 8.31 12.80
CA SER D 42 -32.09 9.59 13.05
C SER D 42 -32.39 10.35 11.76
N SER D 43 -31.35 10.74 11.04
CA SER D 43 -31.53 11.50 9.80
C SER D 43 -30.38 11.13 8.87
N VAL D 44 -30.63 10.15 8.01
CA VAL D 44 -29.64 9.65 7.06
C VAL D 44 -30.35 9.38 5.73
N LEU D 45 -29.58 8.92 4.75
CA LEU D 45 -30.12 8.45 3.48
C LEU D 45 -29.48 7.09 3.22
N HIS D 46 -30.10 6.04 3.75
CA HIS D 46 -29.57 4.70 3.63
C HIS D 46 -29.81 4.16 2.23
N SER D 47 -29.05 3.12 1.87
CA SER D 47 -29.15 2.46 0.58
C SER D 47 -29.15 0.95 0.81
N THR D 48 -30.33 0.34 0.80
CA THR D 48 -30.46 -1.08 1.04
C THR D 48 -30.54 -1.84 -0.29
N GLN D 49 -30.66 -3.16 -0.18
CA GLN D 49 -30.78 -4.02 -1.35
C GLN D 49 -31.55 -5.26 -0.91
N ASP D 50 -32.80 -5.39 -1.34
CA ASP D 50 -33.66 -6.43 -0.79
C ASP D 50 -34.85 -6.61 -1.74
N LEU D 51 -35.72 -7.55 -1.39
CA LEU D 51 -36.94 -7.77 -2.15
C LEU D 51 -37.94 -6.66 -1.83
N PHE D 52 -38.51 -6.07 -2.89
CA PHE D 52 -39.46 -4.98 -2.74
C PHE D 52 -40.55 -5.13 -3.81
N LEU D 53 -41.51 -4.20 -3.79
CA LEU D 53 -42.49 -4.09 -4.84
C LEU D 53 -42.10 -2.95 -5.77
N PRO D 54 -41.81 -3.22 -7.03
CA PRO D 54 -41.34 -2.15 -7.92
C PRO D 54 -42.36 -1.02 -8.02
N PHE D 55 -41.85 0.21 -8.08
CA PHE D 55 -42.71 1.38 -8.13
C PHE D 55 -43.47 1.44 -9.45
N PHE D 56 -44.67 2.02 -9.40
CA PHE D 56 -45.50 2.22 -10.58
C PHE D 56 -45.75 0.92 -11.32
N SER D 57 -45.96 -0.15 -10.56
CA SER D 57 -46.21 -1.46 -11.13
C SER D 57 -47.71 -1.65 -11.33
N ASN D 58 -48.13 -2.88 -11.62
CA ASN D 58 -49.53 -3.22 -11.74
C ASN D 58 -49.86 -4.33 -10.75
N VAL D 59 -51.09 -4.30 -10.22
CA VAL D 59 -51.55 -5.32 -9.31
C VAL D 59 -52.91 -5.82 -9.76
N THR D 60 -53.22 -7.06 -9.41
CA THR D 60 -54.38 -7.77 -9.95
C THR D 60 -55.51 -7.71 -8.93
N TRP D 61 -56.50 -6.87 -9.20
CA TRP D 61 -57.71 -6.83 -8.39
C TRP D 61 -58.49 -8.12 -8.55
N PHE D 62 -59.03 -8.64 -7.45
CA PHE D 62 -59.76 -9.90 -7.47
C PHE D 62 -61.20 -9.75 -6.99
N HIS D 63 -61.92 -8.75 -7.51
CA HIS D 63 -63.31 -8.55 -7.11
C HIS D 63 -64.10 -9.84 -7.26
N ALA D 64 -64.79 -10.22 -6.19
CA ALA D 64 -65.53 -11.48 -6.17
C ALA D 64 -66.96 -11.28 -5.73
N PHE D 76 -66.56 -20.12 -6.78
CA PHE D 76 -65.84 -19.81 -8.01
C PHE D 76 -64.61 -18.96 -7.71
N ASP D 77 -64.67 -18.22 -6.60
CA ASP D 77 -63.62 -17.31 -6.22
C ASP D 77 -62.47 -18.08 -5.55
N ASN D 78 -61.55 -17.34 -4.93
CA ASN D 78 -60.40 -17.88 -4.20
C ASN D 78 -59.51 -18.74 -5.08
N PRO D 79 -58.79 -18.15 -6.04
CA PRO D 79 -57.81 -18.93 -6.79
C PRO D 79 -56.63 -19.31 -5.91
N VAL D 80 -55.96 -20.39 -6.30
CA VAL D 80 -54.76 -20.87 -5.60
C VAL D 80 -53.55 -20.22 -6.28
N LEU D 81 -53.12 -19.09 -5.72
CA LEU D 81 -52.10 -18.30 -6.38
C LEU D 81 -50.71 -18.86 -6.08
N PRO D 82 -49.74 -18.58 -6.96
CA PRO D 82 -48.36 -18.99 -6.69
C PRO D 82 -47.69 -18.06 -5.70
N PHE D 83 -46.63 -18.58 -5.09
CA PHE D 83 -45.83 -17.84 -4.10
C PHE D 83 -44.39 -17.88 -4.59
N ASN D 84 -43.95 -16.83 -5.28
CA ASN D 84 -42.65 -16.85 -5.93
C ASN D 84 -41.55 -16.38 -4.99
N ASP D 85 -41.62 -15.14 -4.56
CA ASP D 85 -40.67 -14.57 -3.61
C ASP D 85 -41.37 -13.89 -2.45
N GLY D 86 -42.53 -13.28 -2.69
CA GLY D 86 -43.27 -12.62 -1.64
C GLY D 86 -44.63 -12.23 -2.17
N VAL D 87 -45.47 -11.74 -1.25
CA VAL D 87 -46.82 -11.29 -1.59
C VAL D 87 -47.07 -10.00 -0.84
N TYR D 88 -47.93 -9.16 -1.43
CA TYR D 88 -48.27 -7.84 -0.92
C TYR D 88 -49.78 -7.74 -0.71
N PHE D 89 -50.34 -8.70 0.03
CA PHE D 89 -51.78 -8.77 0.18
C PHE D 89 -52.36 -7.50 0.78
N ALA D 90 -53.14 -6.76 0.00
CA ALA D 90 -53.77 -5.54 0.47
C ALA D 90 -55.28 -5.67 0.38
N SER D 91 -55.98 -5.20 1.39
CA SER D 91 -57.43 -5.31 1.46
C SER D 91 -58.04 -3.99 1.88
N THR D 92 -59.32 -3.82 1.53
CA THR D 92 -60.02 -2.58 1.85
C THR D 92 -61.45 -2.80 2.31
N GLU D 93 -61.78 -3.98 2.82
CA GLU D 93 -63.12 -4.27 3.31
C GLU D 93 -63.19 -4.12 4.82
N LYS D 94 -64.39 -3.79 5.31
CA LYS D 94 -64.61 -3.52 6.72
C LYS D 94 -65.39 -4.60 7.45
N SER D 95 -66.24 -5.36 6.74
CA SER D 95 -67.08 -6.35 7.38
C SER D 95 -66.30 -7.55 7.89
N ASN D 96 -65.01 -7.64 7.57
CA ASN D 96 -64.14 -8.71 8.08
C ASN D 96 -64.62 -10.08 7.63
N ILE D 97 -65.06 -10.18 6.38
CA ILE D 97 -65.24 -11.51 5.78
C ILE D 97 -63.88 -12.18 5.64
N ILE D 98 -62.84 -11.40 5.36
CA ILE D 98 -61.50 -11.93 5.13
C ILE D 98 -60.92 -12.46 6.43
N ARG D 99 -60.90 -13.78 6.56
CA ARG D 99 -60.17 -14.43 7.65
C ARG D 99 -58.72 -14.59 7.21
N GLY D 100 -57.96 -15.41 7.93
CA GLY D 100 -56.57 -15.63 7.62
C GLY D 100 -56.37 -16.33 6.28
N TRP D 101 -55.12 -16.61 5.98
CA TRP D 101 -54.70 -17.24 4.74
C TRP D 101 -54.26 -18.68 4.98
N ILE D 102 -54.06 -19.41 3.88
CA ILE D 102 -53.50 -20.75 3.92
C ILE D 102 -52.27 -20.77 3.04
N PHE D 103 -51.17 -21.27 3.58
CA PHE D 103 -49.91 -21.37 2.86
C PHE D 103 -49.48 -22.83 2.84
N GLY D 104 -49.01 -23.29 1.68
CA GLY D 104 -48.57 -24.67 1.59
C GLY D 104 -47.70 -24.89 0.38
N THR D 105 -47.31 -26.15 0.18
CA THR D 105 -46.57 -26.55 -1.01
C THR D 105 -47.39 -27.54 -1.83
N THR D 106 -47.82 -28.62 -1.19
CA THR D 106 -48.72 -29.57 -1.82
C THR D 106 -50.18 -29.31 -1.46
N LEU D 107 -50.43 -28.62 -0.33
CA LEU D 107 -51.77 -28.35 0.14
C LEU D 107 -52.57 -29.63 0.31
N ASP D 108 -51.88 -30.70 0.73
CA ASP D 108 -52.50 -31.99 0.92
C ASP D 108 -51.82 -32.66 2.12
N SER D 109 -52.15 -33.92 2.36
CA SER D 109 -51.66 -34.64 3.53
C SER D 109 -50.22 -35.12 3.38
N LYS D 110 -49.48 -34.62 2.39
CA LYS D 110 -48.09 -35.03 2.22
C LYS D 110 -47.10 -33.99 2.73
N THR D 111 -47.50 -32.73 2.80
CA THR D 111 -46.61 -31.66 3.24
C THR D 111 -47.35 -30.73 4.20
N GLN D 112 -46.59 -30.17 5.14
CA GLN D 112 -47.16 -29.27 6.13
C GLN D 112 -47.63 -27.97 5.47
N SER D 113 -48.52 -27.27 6.18
CA SER D 113 -49.14 -26.07 5.62
C SER D 113 -49.54 -25.13 6.75
N LEU D 114 -49.21 -23.85 6.59
CA LEU D 114 -49.62 -22.84 7.56
C LEU D 114 -51.14 -22.64 7.50
N LEU D 115 -51.73 -22.31 8.65
CA LEU D 115 -53.16 -22.17 8.79
C LEU D 115 -53.51 -20.91 9.56
N ILE D 116 -52.93 -19.78 9.14
CA ILE D 116 -53.21 -18.52 9.81
C ILE D 116 -54.71 -18.26 9.78
N VAL D 117 -55.30 -18.05 10.96
CA VAL D 117 -56.72 -17.76 11.10
C VAL D 117 -56.90 -16.68 12.15
N ASN D 118 -57.70 -15.66 11.84
CA ASN D 118 -57.99 -14.60 12.79
C ASN D 118 -59.26 -14.94 13.57
N ASN D 119 -59.13 -14.97 14.90
CA ASN D 119 -60.24 -15.24 15.80
C ASN D 119 -61.08 -13.98 15.99
N ALA D 120 -62.01 -14.01 16.95
CA ALA D 120 -62.69 -12.79 17.33
C ALA D 120 -61.75 -11.86 18.11
N THR D 121 -60.98 -12.42 19.04
CA THR D 121 -60.04 -11.65 19.86
C THR D 121 -58.74 -12.42 20.03
N ASN D 122 -58.25 -13.04 18.96
CA ASN D 122 -57.04 -13.84 19.04
C ASN D 122 -56.51 -14.06 17.64
N VAL D 123 -55.28 -14.56 17.55
CA VAL D 123 -54.67 -14.98 16.30
C VAL D 123 -54.07 -16.37 16.51
N VAL D 124 -54.34 -17.29 15.58
CA VAL D 124 -53.91 -18.67 15.70
C VAL D 124 -53.06 -19.05 14.50
N ILE D 125 -51.93 -19.71 14.76
CA ILE D 125 -51.04 -20.21 13.72
C ILE D 125 -50.79 -21.69 13.97
N LYS D 126 -50.93 -22.49 12.91
CA LYS D 126 -50.51 -23.88 12.92
C LYS D 126 -49.63 -24.11 11.71
N VAL D 127 -48.78 -25.14 11.79
CA VAL D 127 -47.80 -25.42 10.76
C VAL D 127 -47.96 -26.81 10.17
N CYS D 128 -48.19 -27.81 11.00
CA CYS D 128 -48.01 -29.20 10.59
C CYS D 128 -49.14 -29.65 9.67
N GLU D 129 -49.11 -30.93 9.30
CA GLU D 129 -49.84 -31.42 8.14
C GLU D 129 -51.35 -31.22 8.27
N PHE D 130 -52.00 -30.96 7.15
CA PHE D 130 -53.44 -30.82 7.05
C PHE D 130 -53.92 -31.49 5.78
N GLN D 131 -55.22 -31.79 5.72
CA GLN D 131 -55.84 -32.34 4.52
C GLN D 131 -56.87 -31.40 3.91
N PHE D 132 -57.92 -31.06 4.66
CA PHE D 132 -58.94 -30.16 4.16
C PHE D 132 -59.72 -29.62 5.36
N CYS D 133 -59.58 -28.33 5.64
CA CYS D 133 -60.29 -27.72 6.77
C CYS D 133 -61.78 -27.66 6.50
N SER D 158 -58.76 -31.76 7.45
CA SER D 158 -59.61 -32.12 8.58
C SER D 158 -58.95 -33.18 9.44
N SER D 159 -57.65 -33.40 9.22
CA SER D 159 -56.94 -34.48 9.90
C SER D 159 -55.94 -33.97 10.93
N ALA D 160 -54.95 -33.17 10.51
CA ALA D 160 -53.96 -32.59 11.41
C ALA D 160 -53.33 -33.67 12.31
N ASN D 161 -53.01 -34.82 11.73
CA ASN D 161 -52.55 -35.95 12.53
C ASN D 161 -51.11 -35.75 13.00
N ASN D 162 -50.17 -35.70 12.06
CA ASN D 162 -48.76 -35.60 12.40
C ASN D 162 -48.43 -34.17 12.84
N CYS D 163 -47.67 -34.07 13.93
CA CYS D 163 -47.06 -32.82 14.38
C CYS D 163 -48.10 -31.79 14.86
N THR D 164 -47.62 -30.76 15.55
CA THR D 164 -48.48 -29.68 16.04
C THR D 164 -47.61 -28.48 16.36
N PHE D 165 -48.00 -27.31 15.85
CA PHE D 165 -47.31 -26.07 16.11
C PHE D 165 -48.35 -25.00 16.42
N GLU D 166 -48.06 -24.14 17.38
CA GLU D 166 -49.07 -23.20 17.86
C GLU D 166 -48.40 -21.90 18.28
N TYR D 167 -49.15 -20.80 18.14
CA TYR D 167 -48.72 -19.48 18.60
C TYR D 167 -49.95 -18.60 18.61
N VAL D 168 -50.22 -17.94 19.73
CA VAL D 168 -51.38 -17.06 19.84
C VAL D 168 -50.93 -15.67 20.26
N SER D 169 -51.69 -14.67 19.85
CA SER D 169 -51.38 -13.27 20.15
C SER D 169 -52.60 -12.44 19.79
N GLN D 170 -52.45 -11.11 19.88
CA GLN D 170 -53.55 -10.20 19.64
C GLN D 170 -53.99 -10.27 18.18
N PRO D 171 -55.25 -9.91 17.90
CA PRO D 171 -55.77 -10.03 16.54
C PRO D 171 -55.01 -9.18 15.55
N PHE D 172 -55.31 -9.39 14.27
CA PHE D 172 -54.77 -8.59 13.18
C PHE D 172 -55.81 -7.64 12.60
N LEU D 173 -56.99 -7.56 13.21
CA LEU D 173 -58.14 -6.84 12.65
C LEU D 173 -58.78 -5.97 13.72
N MET D 174 -57.97 -5.20 14.45
CA MET D 174 -58.50 -4.33 15.48
C MET D 174 -59.48 -3.32 14.91
N ASP D 175 -59.14 -2.70 13.78
CA ASP D 175 -60.00 -1.72 13.15
C ASP D 175 -61.01 -2.39 12.24
N LYS D 184 -63.58 4.71 4.81
CA LYS D 184 -63.30 3.28 4.78
C LYS D 184 -61.97 2.97 5.45
N ASN D 185 -61.47 1.75 5.26
CA ASN D 185 -60.25 1.29 5.90
C ASN D 185 -59.38 0.58 4.87
N LEU D 186 -58.08 0.55 5.15
CA LEU D 186 -57.10 -0.06 4.26
C LEU D 186 -56.07 -0.82 5.07
N ARG D 187 -55.75 -2.05 4.64
CA ARG D 187 -54.81 -2.91 5.33
C ARG D 187 -53.81 -3.48 4.35
N GLU D 188 -52.56 -3.62 4.81
CA GLU D 188 -51.48 -4.20 4.01
C GLU D 188 -50.83 -5.34 4.78
N PHE D 189 -50.33 -6.32 4.05
CA PHE D 189 -49.61 -7.46 4.65
C PHE D 189 -48.57 -7.94 3.68
N VAL D 190 -47.29 -7.86 4.07
CA VAL D 190 -46.18 -8.33 3.25
C VAL D 190 -45.71 -9.68 3.79
N PHE D 191 -45.63 -10.68 2.93
CA PHE D 191 -45.21 -12.01 3.33
C PHE D 191 -43.87 -12.33 2.69
N LYS D 192 -42.86 -12.64 3.52
CA LYS D 192 -41.55 -13.04 3.02
C LYS D 192 -41.08 -14.29 3.74
N ASN D 193 -40.30 -15.11 3.04
CA ASN D 193 -39.75 -16.35 3.59
C ASN D 193 -38.30 -16.47 3.14
N ILE D 194 -37.38 -16.33 4.10
CA ILE D 194 -35.96 -16.57 3.86
C ILE D 194 -35.42 -17.42 5.00
N ASP D 195 -34.34 -18.15 4.70
CA ASP D 195 -33.55 -18.96 5.64
C ASP D 195 -34.38 -19.61 6.74
N GLY D 196 -35.48 -20.25 6.37
CA GLY D 196 -36.33 -20.91 7.34
C GLY D 196 -37.01 -19.97 8.32
N TYR D 197 -37.49 -18.83 7.84
CA TYR D 197 -38.20 -17.86 8.67
C TYR D 197 -39.49 -17.47 7.97
N PHE D 198 -40.22 -16.54 8.58
CA PHE D 198 -41.48 -16.08 8.00
C PHE D 198 -41.74 -14.68 8.54
N LYS D 199 -41.53 -13.67 7.70
CA LYS D 199 -41.66 -12.28 8.10
C LYS D 199 -42.95 -11.71 7.52
N ILE D 200 -43.74 -11.08 8.38
CA ILE D 200 -44.98 -10.44 7.99
C ILE D 200 -44.99 -9.02 8.56
N TYR D 201 -45.28 -8.05 7.70
CA TYR D 201 -45.36 -6.65 8.10
C TYR D 201 -46.73 -6.12 7.73
N SER D 202 -47.30 -5.31 8.62
CA SER D 202 -48.65 -4.79 8.43
C SER D 202 -48.74 -3.34 8.89
N LYS D 203 -49.73 -2.63 8.36
CA LYS D 203 -49.99 -1.25 8.73
C LYS D 203 -51.37 -0.84 8.23
N HIS D 204 -52.22 -0.32 9.12
CA HIS D 204 -53.61 0.01 8.79
C HIS D 204 -53.76 1.52 8.64
N THR D 205 -54.37 1.95 7.53
CA THR D 205 -54.58 3.37 7.27
C THR D 205 -55.97 3.63 6.72
N PRO D 206 -56.60 4.74 7.13
CA PRO D 206 -57.96 5.03 6.65
C PRO D 206 -57.98 5.91 5.42
N VAL D 207 -58.72 5.49 4.38
CA VAL D 207 -58.99 6.30 3.21
C VAL D 207 -60.43 6.09 2.78
N ASN D 208 -60.93 7.00 1.95
CA ASN D 208 -62.29 6.95 1.47
C ASN D 208 -62.40 7.03 -0.05
N LEU D 209 -61.29 6.86 -0.76
CA LEU D 209 -61.31 6.99 -2.22
C LEU D 209 -62.19 5.92 -2.86
N GLY D 210 -62.08 4.68 -2.39
CA GLY D 210 -62.86 3.60 -2.94
C GLY D 210 -62.04 2.36 -3.27
N ARG D 211 -62.23 1.81 -4.48
CA ARG D 211 -61.54 0.60 -4.90
C ARG D 211 -60.29 0.95 -5.71
N ASP D 212 -59.39 1.69 -5.07
CA ASP D 212 -58.12 2.07 -5.68
C ASP D 212 -57.12 2.40 -4.60
N LEU D 213 -55.86 2.09 -4.85
CA LEU D 213 -54.80 2.33 -3.88
C LEU D 213 -54.46 3.82 -3.84
N PRO D 214 -54.41 4.42 -2.65
CA PRO D 214 -54.14 5.86 -2.57
C PRO D 214 -52.72 6.19 -3.04
N GLN D 215 -52.57 7.38 -3.60
CA GLN D 215 -51.26 7.84 -4.08
C GLN D 215 -50.46 8.50 -2.96
N GLY D 216 -50.34 7.81 -1.84
CA GLY D 216 -49.62 8.36 -0.69
C GLY D 216 -48.41 7.53 -0.32
N PHE D 217 -47.82 7.82 0.84
CA PHE D 217 -46.64 7.11 1.32
C PHE D 217 -46.86 6.64 2.75
N SER D 218 -46.61 5.36 3.00
CA SER D 218 -46.77 4.81 4.34
C SER D 218 -45.94 3.55 4.44
N ALA D 219 -44.96 3.54 5.35
CA ALA D 219 -44.11 2.38 5.55
C ALA D 219 -44.81 1.35 6.42
N LEU D 220 -44.19 0.20 6.59
CA LEU D 220 -44.74 -0.89 7.39
C LEU D 220 -43.78 -1.23 8.52
N GLU D 221 -44.33 -1.86 9.56
CA GLU D 221 -43.57 -2.25 10.73
C GLU D 221 -43.77 -3.72 11.02
N PRO D 222 -42.72 -4.40 11.50
CA PRO D 222 -42.81 -5.85 11.67
C PRO D 222 -43.81 -6.25 12.74
N LEU D 223 -44.35 -7.46 12.60
CA LEU D 223 -45.27 -8.03 13.57
C LEU D 223 -44.70 -9.26 14.26
N VAL D 224 -44.26 -10.27 13.49
CA VAL D 224 -43.68 -11.46 14.06
C VAL D 224 -42.67 -12.02 13.06
N ASP D 225 -41.61 -12.64 13.57
CA ASP D 225 -40.57 -13.26 12.75
C ASP D 225 -40.36 -14.71 13.18
N LEU D 226 -41.46 -15.44 13.32
CA LEU D 226 -41.37 -16.81 13.82
C LEU D 226 -40.64 -17.69 12.81
N PRO D 227 -39.79 -18.62 13.29
CA PRO D 227 -39.11 -19.54 12.39
C PRO D 227 -39.87 -20.86 12.21
N ILE D 228 -39.92 -21.32 10.97
CA ILE D 228 -40.64 -22.54 10.64
C ILE D 228 -39.71 -23.54 9.97
N GLY D 229 -39.14 -23.17 8.84
CA GLY D 229 -38.29 -24.05 8.07
C GLY D 229 -38.99 -24.94 7.07
N ILE D 230 -39.87 -24.38 6.24
CA ILE D 230 -40.70 -25.15 5.32
C ILE D 230 -40.62 -24.52 3.93
N ASN D 231 -40.60 -25.36 2.89
CA ASN D 231 -40.83 -24.87 1.55
C ASN D 231 -42.23 -24.30 1.43
N ILE D 232 -42.35 -23.17 0.75
CA ILE D 232 -43.65 -22.53 0.51
C ILE D 232 -43.76 -22.17 -0.96
N THR D 233 -44.81 -22.65 -1.61
CA THR D 233 -44.96 -22.38 -3.04
C THR D 233 -46.38 -22.03 -3.45
N ARG D 234 -47.38 -22.20 -2.59
CA ARG D 234 -48.78 -21.99 -2.94
C ARG D 234 -49.48 -21.22 -1.83
N PHE D 235 -50.34 -20.29 -2.25
CA PHE D 235 -50.93 -19.29 -1.37
C PHE D 235 -52.41 -19.16 -1.68
N GLN D 236 -53.26 -19.24 -0.65
CA GLN D 236 -54.70 -19.17 -0.86
C GLN D 236 -55.34 -18.30 0.21
N THR D 237 -56.40 -17.59 -0.17
CA THR D 237 -57.16 -16.78 0.76
C THR D 237 -58.33 -17.57 1.33
N LEU D 238 -58.64 -17.32 2.59
CA LEU D 238 -59.72 -18.00 3.30
C LEU D 238 -60.72 -16.98 3.81
N LEU D 239 -62.00 -17.22 3.54
CA LEU D 239 -63.08 -16.33 3.98
C LEU D 239 -64.13 -17.14 4.71
N ALA D 240 -64.88 -16.45 5.57
CA ALA D 240 -65.97 -17.09 6.30
C ALA D 240 -67.10 -17.44 5.35
N LEU D 241 -67.56 -18.69 5.42
CA LEU D 241 -68.51 -19.19 4.44
C LEU D 241 -69.89 -18.56 4.63
N HIS D 242 -70.41 -18.55 5.85
CA HIS D 242 -71.76 -18.06 6.09
C HIS D 242 -71.87 -16.56 5.84
N ARG D 243 -70.86 -15.80 6.27
CA ARG D 243 -70.89 -14.35 6.11
C ARG D 243 -69.76 -13.89 5.20
N ALA D 261 -62.07 -6.77 -3.85
CA ALA D 261 -62.09 -7.26 -2.48
C ALA D 261 -60.69 -7.32 -1.89
N TYR D 262 -59.69 -7.51 -2.76
CA TYR D 262 -58.30 -7.47 -2.34
C TYR D 262 -57.41 -7.34 -3.56
N TYR D 263 -56.12 -7.09 -3.31
CA TYR D 263 -55.13 -6.92 -4.35
C TYR D 263 -53.94 -7.82 -4.05
N VAL D 264 -53.28 -8.30 -5.11
CA VAL D 264 -52.10 -9.15 -4.97
C VAL D 264 -51.02 -8.64 -5.92
N GLY D 265 -49.84 -8.39 -5.39
CA GLY D 265 -48.69 -8.01 -6.20
C GLY D 265 -47.46 -8.72 -5.70
N TYR D 266 -46.52 -8.96 -6.61
CA TYR D 266 -45.36 -9.79 -6.33
C TYR D 266 -44.12 -8.94 -6.10
N LEU D 267 -43.15 -9.52 -5.40
CA LEU D 267 -41.93 -8.85 -4.98
C LEU D 267 -40.74 -9.36 -5.78
N GLN D 268 -39.81 -8.46 -6.07
CA GLN D 268 -38.63 -8.77 -6.85
C GLN D 268 -37.42 -8.12 -6.18
N PRO D 269 -36.22 -8.64 -6.41
CA PRO D 269 -35.02 -8.06 -5.79
C PRO D 269 -34.66 -6.73 -6.44
N ARG D 270 -34.55 -5.68 -5.61
CA ARG D 270 -34.25 -4.34 -6.10
C ARG D 270 -33.34 -3.65 -5.09
N THR D 271 -32.96 -2.41 -5.43
CA THR D 271 -32.15 -1.55 -4.59
C THR D 271 -32.89 -0.25 -4.37
N PHE D 272 -33.01 0.17 -3.11
CA PHE D 272 -33.78 1.34 -2.74
C PHE D 272 -32.90 2.33 -2.01
N LEU D 273 -33.39 3.56 -1.88
CA LEU D 273 -32.70 4.60 -1.11
C LEU D 273 -33.74 5.30 -0.24
N LEU D 274 -33.45 5.40 1.05
CA LEU D 274 -34.45 5.74 2.05
C LEU D 274 -34.18 7.12 2.66
N LYS D 275 -35.16 7.62 3.40
CA LYS D 275 -35.18 9.01 3.87
C LYS D 275 -35.64 9.12 5.33
N TYR D 276 -34.99 8.37 6.23
CA TYR D 276 -35.27 8.52 7.66
C TYR D 276 -35.23 9.98 8.06
N ASN D 277 -36.37 10.50 8.54
CA ASN D 277 -36.48 11.94 8.72
C ASN D 277 -35.90 12.47 10.03
N GLU D 278 -36.57 12.19 11.15
CA GLU D 278 -36.09 12.63 12.46
C GLU D 278 -36.30 11.61 13.56
N ASN D 279 -37.14 10.60 13.35
CA ASN D 279 -37.48 9.66 14.40
C ASN D 279 -37.51 8.24 13.85
N GLY D 280 -36.72 7.98 12.82
CA GLY D 280 -36.77 6.70 12.16
C GLY D 280 -38.04 6.54 11.37
N THR D 281 -38.70 7.66 11.07
CA THR D 281 -39.92 7.65 10.28
C THR D 281 -39.54 7.84 8.81
N ILE D 282 -39.75 6.81 8.00
CA ILE D 282 -39.48 6.90 6.58
C ILE D 282 -40.51 7.82 5.93
N THR D 283 -40.03 8.93 5.39
CA THR D 283 -40.91 9.88 4.72
C THR D 283 -40.80 9.89 3.21
N ASP D 284 -39.73 9.31 2.65
CA ASP D 284 -39.56 9.25 1.20
C ASP D 284 -38.69 8.06 0.86
N ALA D 285 -38.77 7.62 -0.38
CA ALA D 285 -37.92 6.55 -0.86
C ALA D 285 -37.83 6.65 -2.38
N VAL D 286 -36.71 6.20 -2.93
CA VAL D 286 -36.50 6.22 -4.36
C VAL D 286 -35.97 4.86 -4.82
N ASP D 287 -36.48 4.39 -5.94
CA ASP D 287 -36.10 3.11 -6.53
C ASP D 287 -35.03 3.34 -7.58
N CYS D 288 -33.97 2.54 -7.53
CA CYS D 288 -32.76 2.81 -8.28
C CYS D 288 -32.67 2.04 -9.59
N ALA D 289 -33.80 1.60 -10.14
CA ALA D 289 -33.75 0.84 -11.39
C ALA D 289 -34.92 1.16 -12.32
N LEU D 290 -35.64 2.26 -12.09
CA LEU D 290 -36.84 2.55 -12.85
C LEU D 290 -36.56 3.45 -14.06
N ASP D 291 -36.01 4.63 -13.82
CA ASP D 291 -35.75 5.61 -14.85
C ASP D 291 -34.33 6.13 -14.72
N PRO D 292 -33.76 6.68 -15.80
CA PRO D 292 -32.40 7.24 -15.71
C PRO D 292 -32.24 8.29 -14.63
N LEU D 293 -33.26 9.15 -14.45
CA LEU D 293 -33.18 10.15 -13.40
C LEU D 293 -33.05 9.50 -12.03
N SER D 294 -33.78 8.40 -11.81
CA SER D 294 -33.64 7.67 -10.57
C SER D 294 -32.25 7.07 -10.43
N GLU D 295 -31.68 6.58 -11.53
CA GLU D 295 -30.32 6.05 -11.48
C GLU D 295 -29.33 7.11 -11.06
N THR D 296 -29.43 8.31 -11.62
CA THR D 296 -28.54 9.39 -11.22
C THR D 296 -28.75 9.75 -9.76
N LYS D 297 -30.01 9.88 -9.33
CA LYS D 297 -30.29 10.19 -7.93
C LYS D 297 -29.77 9.11 -7.00
N CYS D 298 -29.59 7.89 -7.49
CA CYS D 298 -29.04 6.82 -6.68
C CYS D 298 -27.52 6.77 -6.69
N THR D 299 -26.87 7.22 -7.77
CA THR D 299 -25.41 7.23 -7.80
C THR D 299 -24.84 8.12 -6.71
N LEU D 300 -25.11 9.42 -6.78
CA LEU D 300 -24.77 10.33 -5.70
C LEU D 300 -25.97 10.42 -4.76
N LYS D 301 -25.72 10.26 -3.47
CA LYS D 301 -26.81 10.14 -2.51
C LYS D 301 -27.49 11.48 -2.28
N SER D 302 -28.47 11.79 -3.13
CA SER D 302 -29.22 13.03 -2.97
C SER D 302 -30.58 12.87 -3.64
N PHE D 303 -31.50 13.75 -3.27
CA PHE D 303 -32.83 13.78 -3.86
C PHE D 303 -33.00 14.89 -4.88
N THR D 304 -32.03 15.79 -5.00
CA THR D 304 -32.08 16.86 -5.98
C THR D 304 -30.78 16.87 -6.77
N VAL D 305 -30.90 17.05 -8.08
CA VAL D 305 -29.75 17.10 -8.98
C VAL D 305 -29.88 18.34 -9.85
N GLU D 306 -28.75 19.00 -10.09
CA GLU D 306 -28.72 20.21 -10.91
C GLU D 306 -28.21 19.87 -12.31
N LYS D 307 -28.05 20.90 -13.13
CA LYS D 307 -27.60 20.69 -14.50
C LYS D 307 -26.24 20.01 -14.52
N GLY D 308 -26.11 18.99 -15.36
CA GLY D 308 -24.85 18.28 -15.44
C GLY D 308 -24.93 17.13 -16.43
N ILE D 309 -23.82 16.42 -16.54
CA ILE D 309 -23.70 15.26 -17.40
C ILE D 309 -23.25 14.06 -16.57
N TYR D 310 -23.71 14.01 -15.32
CA TYR D 310 -23.30 12.98 -14.36
C TYR D 310 -23.27 11.60 -14.99
N GLN D 311 -22.24 10.82 -14.64
CA GLN D 311 -22.07 9.47 -15.13
C GLN D 311 -22.82 8.48 -14.25
N THR D 312 -23.08 7.31 -14.81
CA THR D 312 -23.79 6.24 -14.11
C THR D 312 -23.10 4.92 -14.47
N SER D 313 -23.80 3.81 -14.22
CA SER D 313 -23.22 2.48 -14.38
C SER D 313 -22.90 2.20 -15.86
N ASN D 314 -22.29 1.04 -16.08
CA ASN D 314 -21.85 0.63 -17.39
C ASN D 314 -22.83 -0.37 -17.99
N PHE D 315 -22.64 -0.67 -19.28
CA PHE D 315 -23.45 -1.67 -19.97
C PHE D 315 -22.53 -2.61 -20.74
N ARG D 316 -22.96 -3.86 -20.85
CA ARG D 316 -22.19 -4.88 -21.53
C ARG D 316 -23.14 -5.91 -22.12
N VAL D 317 -22.86 -6.30 -23.37
CA VAL D 317 -23.68 -7.33 -24.02
C VAL D 317 -23.47 -8.67 -23.34
N GLN D 318 -24.54 -9.44 -23.21
CA GLN D 318 -24.44 -10.72 -22.55
C GLN D 318 -24.40 -11.87 -23.56
N PRO D 319 -23.73 -12.96 -23.24
CA PRO D 319 -23.64 -14.09 -24.17
C PRO D 319 -24.96 -14.83 -24.27
N THR D 320 -25.06 -15.66 -25.30
CA THR D 320 -26.26 -16.45 -25.56
C THR D 320 -26.03 -17.95 -25.47
N GLU D 321 -24.99 -18.46 -26.12
CA GLU D 321 -24.77 -19.89 -26.23
C GLU D 321 -23.40 -20.27 -25.66
N SER D 322 -23.21 -21.58 -25.51
CA SER D 322 -21.96 -22.15 -25.00
C SER D 322 -21.47 -23.20 -25.98
N ILE D 323 -20.16 -23.22 -26.23
CA ILE D 323 -19.54 -24.18 -27.12
C ILE D 323 -18.29 -24.76 -26.46
N VAL D 324 -18.16 -26.08 -26.50
CA VAL D 324 -17.00 -26.79 -26.01
C VAL D 324 -16.52 -27.72 -27.12
N ARG D 325 -15.21 -27.71 -27.37
CA ARG D 325 -14.60 -28.58 -28.39
C ARG D 325 -13.39 -29.28 -27.80
N PHE D 326 -13.65 -30.43 -27.16
CA PHE D 326 -12.58 -31.32 -26.73
C PHE D 326 -12.07 -32.09 -27.93
N PRO D 327 -10.88 -32.69 -27.88
CA PRO D 327 -10.22 -33.14 -29.10
C PRO D 327 -10.97 -34.27 -29.80
N ASN D 328 -10.47 -34.58 -31.00
CA ASN D 328 -11.13 -35.54 -31.88
C ASN D 328 -11.13 -36.95 -31.30
N ILE D 329 -10.02 -37.33 -30.65
CA ILE D 329 -9.81 -38.72 -30.28
C ILE D 329 -10.88 -39.18 -29.28
N THR D 330 -11.18 -40.48 -29.33
CA THR D 330 -12.21 -41.06 -28.46
C THR D 330 -11.77 -42.32 -27.74
N ASN D 331 -10.57 -42.84 -28.01
CA ASN D 331 -10.13 -44.07 -27.35
C ASN D 331 -9.94 -43.84 -25.87
N LEU D 332 -10.20 -44.86 -25.08
CA LEU D 332 -10.11 -44.79 -23.63
C LEU D 332 -8.87 -45.56 -23.19
N CYS D 333 -7.90 -44.85 -22.61
CA CYS D 333 -6.73 -45.51 -22.10
C CYS D 333 -7.09 -46.38 -20.91
N PRO D 334 -6.33 -47.46 -20.66
CA PRO D 334 -6.72 -48.42 -19.62
C PRO D 334 -6.87 -47.77 -18.25
N PHE D 335 -5.81 -47.13 -17.76
CA PHE D 335 -5.84 -46.41 -16.49
C PHE D 335 -6.26 -47.30 -15.32
N HIS D 336 -6.23 -48.62 -15.50
CA HIS D 336 -6.81 -49.54 -14.52
C HIS D 336 -5.85 -50.59 -14.01
N GLU D 337 -4.97 -51.13 -14.85
CA GLU D 337 -4.02 -52.14 -14.39
C GLU D 337 -3.11 -51.58 -13.29
N VAL D 338 -2.86 -50.28 -13.32
CA VAL D 338 -2.10 -49.64 -12.25
C VAL D 338 -2.86 -49.75 -10.94
N PHE D 339 -4.18 -49.91 -11.01
CA PHE D 339 -4.99 -49.87 -9.80
C PHE D 339 -5.25 -51.26 -9.24
N ASN D 340 -5.58 -52.23 -10.08
CA ASN D 340 -5.81 -53.60 -9.63
C ASN D 340 -4.64 -54.47 -10.07
N ALA D 341 -3.80 -54.84 -9.11
CA ALA D 341 -2.62 -55.68 -9.37
C ALA D 341 -2.04 -56.15 -8.04
N THR D 342 -1.02 -57.00 -8.10
CA THR D 342 -0.42 -57.54 -6.89
C THR D 342 1.09 -57.32 -6.95
N ARG D 343 1.65 -56.92 -5.81
CA ARG D 343 3.09 -56.66 -5.68
C ARG D 343 3.55 -55.61 -6.70
N PHE D 344 3.03 -54.39 -6.52
CA PHE D 344 3.38 -53.29 -7.40
C PHE D 344 4.88 -53.07 -7.42
N ALA D 345 5.45 -52.67 -6.29
CA ALA D 345 6.89 -52.43 -6.14
C ALA D 345 7.14 -52.09 -4.69
N SER D 346 8.41 -52.13 -4.30
CA SER D 346 8.81 -51.64 -2.99
C SER D 346 8.76 -50.11 -2.97
N VAL D 347 8.94 -49.54 -1.79
CA VAL D 347 8.89 -48.09 -1.68
C VAL D 347 10.06 -47.46 -2.43
N TYR D 348 11.22 -48.11 -2.45
CA TYR D 348 12.29 -47.73 -3.36
C TYR D 348 12.17 -48.54 -4.64
N ALA D 349 12.89 -48.09 -5.68
CA ALA D 349 12.82 -48.70 -7.00
C ALA D 349 11.37 -48.76 -7.50
N TRP D 350 10.64 -47.68 -7.25
CA TRP D 350 9.24 -47.61 -7.63
C TRP D 350 9.09 -47.57 -9.14
N ASN D 351 8.07 -48.27 -9.65
CA ASN D 351 7.78 -48.26 -11.07
C ASN D 351 7.00 -46.99 -11.44
N ARG D 352 7.32 -46.43 -12.59
CA ARG D 352 6.72 -45.19 -13.07
C ARG D 352 5.96 -45.50 -14.35
N LYS D 353 4.68 -45.16 -14.38
CA LYS D 353 3.83 -45.41 -15.55
C LYS D 353 3.44 -44.08 -16.17
N ARG D 354 3.65 -43.96 -17.47
CA ARG D 354 3.28 -42.75 -18.21
C ARG D 354 2.00 -43.01 -18.98
N ILE D 355 1.01 -42.14 -18.80
CA ILE D 355 -0.29 -42.27 -19.44
C ILE D 355 -0.53 -41.03 -20.28
N SER D 356 -0.91 -41.23 -21.54
CA SER D 356 -1.15 -40.15 -22.48
C SER D 356 -1.94 -40.70 -23.66
N ASN D 357 -2.31 -39.81 -24.57
CA ASN D 357 -3.02 -40.16 -25.80
C ASN D 357 -4.30 -40.94 -25.50
N CYS D 358 -5.14 -40.36 -24.65
CA CYS D 358 -6.40 -41.00 -24.30
C CYS D 358 -7.36 -39.96 -23.73
N VAL D 359 -8.62 -40.35 -23.64
CA VAL D 359 -9.62 -39.61 -22.89
C VAL D 359 -10.16 -40.55 -21.82
N ALA D 360 -10.10 -40.12 -20.57
CA ALA D 360 -10.46 -40.98 -19.45
C ALA D 360 -11.30 -40.21 -18.45
N ASP D 361 -12.12 -40.94 -17.71
CA ASP D 361 -12.93 -40.38 -16.64
C ASP D 361 -12.46 -40.93 -15.30
N TYR D 362 -12.59 -40.11 -14.27
CA TYR D 362 -12.19 -40.50 -12.93
C TYR D 362 -13.34 -41.07 -12.11
N SER D 363 -14.53 -41.22 -12.70
CA SER D 363 -15.63 -41.86 -12.01
C SER D 363 -15.34 -43.33 -11.72
N VAL D 364 -14.61 -44.00 -12.63
CA VAL D 364 -14.25 -45.39 -12.42
C VAL D 364 -13.32 -45.55 -11.23
N LEU D 365 -12.61 -44.48 -10.85
CA LEU D 365 -11.81 -44.52 -9.63
C LEU D 365 -12.68 -44.67 -8.40
N TYR D 366 -13.86 -44.06 -8.39
CA TYR D 366 -14.76 -44.21 -7.26
C TYR D 366 -15.25 -45.66 -7.14
N ASN D 367 -15.42 -46.33 -8.27
CA ASN D 367 -15.76 -47.74 -8.27
C ASN D 367 -14.53 -48.57 -7.92
N PHE D 368 -14.13 -48.54 -6.65
CA PHE D 368 -12.91 -49.19 -6.21
C PHE D 368 -13.02 -49.38 -4.70
N ALA D 369 -11.97 -49.98 -4.12
CA ALA D 369 -11.97 -50.24 -2.69
C ALA D 369 -12.01 -48.93 -1.92
N PRO D 370 -12.57 -48.94 -0.71
CA PRO D 370 -12.62 -47.70 0.08
C PRO D 370 -11.23 -47.13 0.32
N PHE D 371 -11.12 -45.82 0.23
CA PHE D 371 -9.84 -45.14 0.27
C PHE D 371 -9.46 -44.80 1.70
N PHE D 372 -8.23 -45.16 2.09
CA PHE D 372 -7.73 -44.77 3.39
C PHE D 372 -7.63 -43.25 3.51
N ALA D 373 -7.16 -42.60 2.45
CA ALA D 373 -7.03 -41.15 2.44
C ALA D 373 -7.18 -40.66 1.00
N PHE D 374 -8.37 -40.24 0.63
CA PHE D 374 -8.60 -39.57 -0.64
C PHE D 374 -8.17 -38.12 -0.61
N LYS D 375 -7.84 -37.59 0.56
CA LYS D 375 -7.33 -36.23 0.67
C LYS D 375 -6.10 -36.07 -0.21
N CYS D 376 -6.09 -34.99 -0.99
CA CYS D 376 -5.00 -34.81 -1.94
C CYS D 376 -4.82 -33.32 -2.23
N TYR D 377 -3.66 -33.00 -2.78
CA TYR D 377 -3.02 -31.69 -2.67
C TYR D 377 -3.27 -30.76 -3.85
N GLY D 378 -3.23 -31.25 -5.08
CA GLY D 378 -3.18 -30.38 -6.24
C GLY D 378 -4.44 -29.62 -6.60
N VAL D 379 -5.46 -30.33 -7.05
CA VAL D 379 -6.64 -29.73 -7.67
C VAL D 379 -7.89 -30.33 -7.04
N SER D 380 -8.97 -29.57 -7.05
CA SER D 380 -10.23 -30.04 -6.50
C SER D 380 -10.73 -31.25 -7.27
N PRO D 381 -11.08 -32.35 -6.59
CA PRO D 381 -11.51 -33.56 -7.32
C PRO D 381 -12.78 -33.38 -8.13
N THR D 382 -13.61 -32.40 -7.78
CA THR D 382 -14.89 -32.24 -8.47
C THR D 382 -14.69 -31.87 -9.94
N LYS D 383 -13.77 -30.94 -10.22
CA LYS D 383 -13.57 -30.48 -11.58
C LYS D 383 -12.46 -31.22 -12.32
N LEU D 384 -11.91 -32.27 -11.72
CA LEU D 384 -10.93 -33.10 -12.44
C LEU D 384 -11.55 -33.72 -13.68
N ASN D 385 -12.85 -34.04 -13.62
CA ASN D 385 -13.50 -34.71 -14.73
C ASN D 385 -13.54 -33.86 -16.00
N ASP D 386 -13.35 -32.55 -15.89
CA ASP D 386 -13.36 -31.65 -17.04
C ASP D 386 -12.06 -30.87 -17.05
N LEU D 387 -11.01 -31.46 -17.63
CA LEU D 387 -9.72 -30.79 -17.77
C LEU D 387 -8.95 -31.45 -18.90
N CYS D 388 -7.95 -30.74 -19.42
CA CYS D 388 -7.09 -31.23 -20.48
C CYS D 388 -5.63 -31.15 -20.04
N PHE D 389 -4.89 -32.22 -20.30
CA PHE D 389 -3.54 -32.39 -19.77
C PHE D 389 -2.58 -32.74 -20.89
N THR D 390 -1.29 -32.49 -20.65
CA THR D 390 -0.27 -32.90 -21.61
C THR D 390 0.07 -34.38 -21.43
N ASN D 391 0.43 -34.77 -20.20
CA ASN D 391 0.71 -36.17 -19.89
C ASN D 391 0.47 -36.36 -18.40
N VAL D 392 0.27 -37.61 -18.00
CA VAL D 392 0.13 -37.90 -16.58
C VAL D 392 1.04 -39.05 -16.19
N TYR D 393 1.38 -39.10 -14.90
CA TYR D 393 2.27 -40.11 -14.37
C TYR D 393 1.59 -40.81 -13.20
N ALA D 394 1.95 -42.08 -13.02
CA ALA D 394 1.45 -42.88 -11.91
C ALA D 394 2.61 -43.59 -11.25
N ASP D 395 2.75 -43.40 -9.94
CA ASP D 395 3.82 -44.01 -9.16
C ASP D 395 3.17 -44.81 -8.04
N SER D 396 3.14 -46.14 -8.19
CA SER D 396 2.43 -47.01 -7.27
C SER D 396 3.43 -47.85 -6.50
N PHE D 397 3.26 -47.93 -5.17
CA PHE D 397 4.15 -48.73 -4.35
C PHE D 397 3.48 -49.00 -3.01
N VAL D 398 4.27 -49.53 -2.07
CA VAL D 398 3.78 -49.93 -0.75
C VAL D 398 4.64 -49.26 0.32
N ILE D 399 3.98 -48.85 1.40
CA ILE D 399 4.61 -48.21 2.55
C ILE D 399 4.03 -48.82 3.81
N ARG D 400 4.39 -48.28 4.97
CA ARG D 400 3.76 -48.69 6.22
C ARG D 400 2.73 -47.65 6.64
N GLY D 401 1.97 -47.99 7.69
CA GLY D 401 0.98 -47.04 8.20
C GLY D 401 1.61 -45.76 8.71
N ASN D 402 2.67 -45.88 9.51
CA ASN D 402 3.41 -44.71 9.97
C ASN D 402 4.00 -43.91 8.82
N GLU D 403 4.03 -44.47 7.61
CA GLU D 403 4.55 -43.79 6.45
C GLU D 403 3.48 -43.11 5.61
N VAL D 404 2.20 -43.26 5.96
CA VAL D 404 1.15 -42.66 5.14
C VAL D 404 0.99 -41.18 5.40
N SER D 405 1.59 -40.66 6.47
CA SER D 405 1.42 -39.27 6.84
C SER D 405 2.44 -38.34 6.20
N GLN D 406 3.46 -38.88 5.53
CA GLN D 406 4.51 -38.07 4.93
C GLN D 406 4.44 -38.04 3.41
N ILE D 407 3.27 -38.36 2.84
CA ILE D 407 3.12 -38.32 1.40
C ILE D 407 3.22 -36.89 0.87
N ALA D 408 2.72 -35.92 1.64
CA ALA D 408 2.85 -34.53 1.25
C ALA D 408 4.32 -34.12 1.24
N PRO D 409 4.70 -33.17 0.38
CA PRO D 409 6.12 -32.82 0.26
C PRO D 409 6.74 -32.31 1.55
N GLY D 410 5.97 -31.60 2.38
CA GLY D 410 6.51 -30.96 3.56
C GLY D 410 6.66 -31.82 4.79
N GLN D 411 6.33 -33.11 4.71
CA GLN D 411 6.37 -34.00 5.86
C GLN D 411 7.48 -35.04 5.76
N THR D 412 8.52 -34.77 4.98
CA THR D 412 9.62 -35.70 4.80
C THR D 412 10.30 -36.01 6.13
N GLY D 413 11.14 -37.04 6.12
CA GLY D 413 11.97 -37.35 7.27
C GLY D 413 12.16 -38.81 7.61
N ASN D 414 11.21 -39.67 7.25
CA ASN D 414 11.28 -41.08 7.65
C ASN D 414 11.53 -42.00 6.47
N ILE D 415 10.66 -42.00 5.46
CA ILE D 415 10.85 -42.80 4.27
C ILE D 415 11.15 -41.93 3.05
N ALA D 416 10.69 -40.68 3.03
CA ALA D 416 11.01 -39.76 1.95
C ALA D 416 12.43 -39.25 2.05
N ASP D 417 13.15 -39.56 3.13
CA ASP D 417 14.51 -39.06 3.30
C ASP D 417 15.44 -39.57 2.21
N TYR D 418 15.40 -40.88 1.96
CA TYR D 418 16.33 -41.52 1.03
C TYR D 418 15.64 -42.23 -0.14
N ASN D 419 14.32 -42.15 -0.26
CA ASN D 419 13.61 -42.90 -1.29
C ASN D 419 12.89 -42.02 -2.30
N TYR D 420 12.01 -41.13 -1.85
CA TYR D 420 11.12 -40.41 -2.75
C TYR D 420 10.92 -38.99 -2.25
N LYS D 421 11.22 -38.00 -3.09
CA LYS D 421 11.07 -36.60 -2.73
C LYS D 421 10.27 -35.88 -3.81
N LEU D 422 9.62 -34.80 -3.41
CA LEU D 422 8.77 -34.01 -4.28
C LEU D 422 9.31 -32.59 -4.41
N PRO D 423 9.04 -31.91 -5.52
CA PRO D 423 9.51 -30.53 -5.70
C PRO D 423 8.70 -29.48 -4.97
N ASP D 424 7.82 -29.88 -4.06
CA ASP D 424 6.99 -29.03 -3.21
C ASP D 424 5.91 -28.28 -3.99
N ASP D 425 5.87 -28.40 -5.31
CA ASP D 425 4.78 -27.84 -6.10
C ASP D 425 3.69 -28.88 -6.33
N PHE D 426 4.04 -29.96 -7.03
CA PHE D 426 3.26 -31.19 -7.08
C PHE D 426 1.81 -30.92 -7.49
N THR D 427 1.66 -30.54 -8.76
CA THR D 427 0.35 -30.52 -9.36
C THR D 427 -0.20 -31.93 -9.42
N GLY D 428 -1.51 -32.07 -9.25
CA GLY D 428 -2.12 -33.38 -9.10
C GLY D 428 -2.04 -33.86 -7.67
N CYS D 429 -2.57 -35.06 -7.43
CA CYS D 429 -2.66 -35.53 -6.05
C CYS D 429 -2.76 -37.04 -6.01
N VAL D 430 -2.81 -37.58 -4.79
CA VAL D 430 -2.47 -38.96 -4.51
C VAL D 430 -3.72 -39.76 -4.14
N ILE D 431 -3.56 -41.08 -4.10
CA ILE D 431 -4.63 -42.02 -3.75
C ILE D 431 -4.04 -43.09 -2.84
N ALA D 432 -4.80 -43.51 -1.83
CA ALA D 432 -4.42 -44.63 -0.98
C ALA D 432 -5.66 -45.47 -0.72
N TRP D 433 -5.53 -46.80 -0.85
CA TRP D 433 -6.70 -47.67 -0.76
C TRP D 433 -6.46 -48.95 0.04
N ASN D 434 -5.38 -49.02 0.82
CA ASN D 434 -5.13 -50.03 1.87
C ASN D 434 -5.63 -51.43 1.49
N SER D 435 -5.20 -51.89 0.32
CA SER D 435 -5.53 -53.24 -0.12
C SER D 435 -4.56 -54.28 0.40
N ASN D 436 -3.84 -53.97 1.48
CA ASN D 436 -2.90 -54.93 2.08
C ASN D 436 -3.60 -56.07 2.80
N LYS D 437 -4.92 -55.98 2.99
CA LYS D 437 -5.62 -56.99 3.78
C LYS D 437 -5.44 -58.38 3.19
N LEU D 438 -5.67 -58.52 1.89
CA LEU D 438 -5.34 -59.77 1.21
C LEU D 438 -3.94 -59.72 0.58
N ASP D 439 -2.97 -59.26 1.38
CA ASP D 439 -1.57 -59.29 0.96
C ASP D 439 -0.71 -59.20 2.22
N SER D 440 -0.23 -60.35 2.69
CA SER D 440 0.58 -60.41 3.90
C SER D 440 1.17 -61.81 4.01
N LYS D 441 1.88 -62.06 5.12
CA LYS D 441 2.50 -63.35 5.36
C LYS D 441 2.49 -63.63 6.86
N VAL D 442 2.37 -64.91 7.21
CA VAL D 442 2.32 -65.30 8.62
C VAL D 442 3.66 -65.03 9.30
N SER D 443 4.76 -65.29 8.60
CA SER D 443 6.09 -65.04 9.16
C SER D 443 6.60 -63.64 8.86
N GLY D 444 6.25 -63.10 7.71
CA GLY D 444 6.65 -61.76 7.32
C GLY D 444 6.87 -61.68 5.82
N ASN D 445 6.61 -60.49 5.28
CA ASN D 445 6.80 -60.23 3.85
C ASN D 445 8.24 -59.78 3.65
N TYR D 446 9.09 -60.71 3.20
CA TYR D 446 10.50 -60.42 2.97
C TYR D 446 10.77 -59.84 1.58
N ASN D 447 9.79 -59.83 0.70
CA ASN D 447 9.99 -59.33 -0.66
C ASN D 447 9.94 -57.82 -0.76
N TYR D 448 9.56 -57.13 0.32
CA TYR D 448 9.45 -55.68 0.34
C TYR D 448 10.61 -55.11 1.15
N LEU D 449 11.32 -54.15 0.58
CA LEU D 449 12.50 -53.57 1.21
C LEU D 449 12.48 -52.06 1.06
N TYR D 450 13.19 -51.37 1.95
CA TYR D 450 13.50 -49.97 1.78
C TYR D 450 14.97 -49.72 2.09
N ARG D 451 15.54 -48.73 1.39
CA ARG D 451 16.95 -48.39 1.52
C ARG D 451 17.10 -47.25 2.51
N LEU D 452 17.57 -47.57 3.71
CA LEU D 452 17.83 -46.57 4.74
C LEU D 452 19.31 -46.24 4.88
N PHE D 453 20.19 -47.10 4.37
CA PHE D 453 21.64 -46.89 4.50
C PHE D 453 22.17 -46.21 3.25
N ARG D 454 21.78 -44.95 3.09
CA ARG D 454 22.21 -44.12 1.98
C ARG D 454 22.96 -42.91 2.52
N LYS D 455 23.89 -42.39 1.72
CA LYS D 455 24.85 -41.40 2.23
C LYS D 455 24.16 -40.11 2.65
N SER D 456 23.23 -39.61 1.84
CA SER D 456 22.64 -38.30 2.12
C SER D 456 21.28 -38.21 1.43
N LYS D 457 20.69 -37.02 1.50
CA LYS D 457 19.38 -36.80 0.89
C LYS D 457 19.48 -36.87 -0.62
N LEU D 458 18.39 -37.31 -1.25
CA LEU D 458 18.33 -37.46 -2.70
C LEU D 458 17.50 -36.35 -3.33
N LYS D 459 17.70 -36.14 -4.62
CA LYS D 459 16.95 -35.13 -5.34
C LYS D 459 15.50 -35.57 -5.51
N PRO D 460 14.58 -34.63 -5.68
CA PRO D 460 13.18 -35.01 -5.96
C PRO D 460 13.08 -35.79 -7.25
N PHE D 461 12.19 -36.78 -7.25
CA PHE D 461 11.97 -37.67 -8.39
C PHE D 461 13.26 -38.38 -8.78
N GLU D 462 13.80 -39.14 -7.83
CA GLU D 462 15.02 -39.90 -8.04
C GLU D 462 14.82 -41.34 -7.61
N ARG D 463 15.37 -42.27 -8.41
CA ARG D 463 15.29 -43.70 -8.14
C ARG D 463 16.71 -44.26 -8.26
N ASP D 464 17.47 -44.21 -7.17
CA ASP D 464 18.80 -44.81 -7.18
C ASP D 464 18.68 -46.33 -7.11
N ILE D 465 19.55 -47.01 -7.86
CA ILE D 465 19.48 -48.46 -7.99
C ILE D 465 20.79 -49.15 -7.66
N SER D 466 21.88 -48.41 -7.48
CA SER D 466 23.17 -49.02 -7.19
C SER D 466 23.19 -49.60 -5.79
N THR D 467 23.88 -50.73 -5.63
CA THR D 467 24.02 -51.42 -4.35
C THR D 467 25.49 -51.37 -3.95
N GLU D 468 25.82 -50.53 -2.99
CA GLU D 468 27.18 -50.37 -2.50
C GLU D 468 27.20 -50.46 -0.99
N ILE D 469 28.30 -50.99 -0.45
CA ILE D 469 28.44 -51.14 0.99
C ILE D 469 28.48 -49.78 1.66
N TYR D 470 27.71 -49.64 2.74
CA TYR D 470 27.70 -48.39 3.49
C TYR D 470 29.03 -48.20 4.20
N GLN D 471 29.60 -47.00 4.08
CA GLN D 471 30.90 -46.68 4.68
C GLN D 471 30.72 -45.85 5.95
N ALA D 472 29.69 -46.14 6.73
CA ALA D 472 29.46 -45.44 7.99
C ALA D 472 30.54 -45.81 8.99
N GLY D 473 31.52 -44.94 9.18
CA GLY D 473 32.61 -45.21 10.09
C GLY D 473 33.96 -44.76 9.57
N ASN D 474 35.02 -45.45 9.98
CA ASN D 474 36.38 -45.09 9.60
C ASN D 474 37.17 -46.33 9.23
N LYS D 475 36.56 -47.23 8.46
CA LYS D 475 37.23 -48.47 8.08
C LYS D 475 37.07 -48.70 6.58
N PRO D 476 38.13 -49.16 5.91
CA PRO D 476 38.08 -49.41 4.45
C PRO D 476 37.37 -50.72 4.09
N CYS D 477 36.04 -50.65 4.02
CA CYS D 477 35.25 -51.82 3.69
C CYS D 477 35.56 -52.28 2.26
N ASN D 478 35.80 -53.58 2.12
CA ASN D 478 36.09 -54.17 0.82
C ASN D 478 35.17 -55.33 0.48
N GLY D 479 34.15 -55.59 1.30
CA GLY D 479 33.25 -56.69 1.08
C GLY D 479 33.10 -57.59 2.28
N VAL D 480 33.71 -57.18 3.40
CA VAL D 480 33.66 -57.98 4.62
C VAL D 480 32.25 -58.01 5.20
N ALA D 481 31.54 -56.89 5.12
CA ALA D 481 30.19 -56.76 5.67
C ALA D 481 30.17 -57.04 7.16
N GLY D 482 30.98 -56.28 7.89
CA GLY D 482 31.03 -56.37 9.33
C GLY D 482 30.85 -55.02 10.00
N PHE D 483 31.81 -54.61 10.82
CA PHE D 483 31.75 -53.28 11.41
C PHE D 483 32.03 -52.22 10.35
N ASN D 484 31.28 -51.12 10.42
CA ASN D 484 31.39 -49.99 9.50
C ASN D 484 31.03 -50.38 8.07
N CYS D 485 30.61 -51.62 7.85
CA CYS D 485 30.21 -52.12 6.54
C CYS D 485 28.77 -52.58 6.62
N TYR D 486 27.88 -51.91 5.88
CA TYR D 486 26.46 -52.19 5.92
C TYR D 486 25.90 -52.25 4.52
N PHE D 487 24.86 -53.08 4.33
CA PHE D 487 24.13 -53.08 3.08
C PHE D 487 23.19 -51.87 3.00
N PRO D 488 22.92 -51.38 1.78
CA PRO D 488 21.95 -50.31 1.58
C PRO D 488 20.52 -50.82 1.54
N LEU D 489 20.15 -51.64 2.52
CA LEU D 489 18.81 -52.20 2.61
C LEU D 489 18.49 -52.50 4.06
N GLN D 490 17.20 -52.64 4.36
CA GLN D 490 16.75 -52.89 5.72
C GLN D 490 15.64 -53.94 5.67
N SER D 491 15.97 -55.16 6.09
CA SER D 491 15.01 -56.26 6.03
C SER D 491 13.92 -56.08 7.09
N TYR D 492 12.71 -56.49 6.73
CA TYR D 492 11.58 -56.42 7.65
C TYR D 492 10.53 -57.43 7.23
N GLY D 493 9.60 -57.69 8.14
CA GLY D 493 8.50 -58.58 7.87
C GLY D 493 7.18 -57.96 8.26
N PHE D 494 6.11 -58.52 7.72
CA PHE D 494 4.75 -58.06 7.98
C PHE D 494 3.94 -59.21 8.56
N ARG D 495 3.34 -58.99 9.73
CA ARG D 495 2.47 -59.97 10.35
C ARG D 495 1.05 -59.44 10.40
N PRO D 496 0.06 -60.19 9.92
CA PRO D 496 -1.31 -59.67 9.87
C PRO D 496 -1.91 -59.38 11.23
N THR D 497 -1.38 -59.97 12.31
CA THR D 497 -1.88 -59.68 13.64
C THR D 497 -1.51 -58.29 14.13
N TYR D 498 -0.63 -57.59 13.42
CA TYR D 498 -0.20 -56.27 13.84
C TYR D 498 -1.33 -55.26 13.70
N GLY D 499 -1.16 -54.11 14.36
CA GLY D 499 -2.08 -53.00 14.23
C GLY D 499 -1.62 -52.03 13.16
N VAL D 500 -2.27 -50.86 13.15
CA VAL D 500 -1.92 -49.81 12.21
C VAL D 500 -0.52 -49.30 12.52
N GLY D 501 0.28 -49.11 11.48
CA GLY D 501 1.66 -48.67 11.62
C GLY D 501 2.69 -49.77 11.44
N HIS D 502 2.27 -51.02 11.43
CA HIS D 502 3.15 -52.14 11.14
C HIS D 502 2.68 -52.96 9.94
N GLN D 503 1.36 -53.09 9.75
CA GLN D 503 0.86 -53.77 8.58
C GLN D 503 1.12 -52.93 7.33
N PRO D 504 1.27 -53.58 6.18
CA PRO D 504 1.59 -52.84 4.94
C PRO D 504 0.44 -51.93 4.52
N TYR D 505 0.73 -51.08 3.55
CA TYR D 505 -0.24 -50.19 2.93
C TYR D 505 0.19 -49.96 1.49
N ARG D 506 -0.77 -49.64 0.63
CA ARG D 506 -0.52 -49.39 -0.78
C ARG D 506 -0.94 -47.98 -1.15
N VAL D 507 -0.11 -47.30 -1.93
CA VAL D 507 -0.36 -45.90 -2.28
C VAL D 507 0.09 -45.65 -3.72
N VAL D 508 -0.70 -44.88 -4.46
CA VAL D 508 -0.36 -44.45 -5.80
C VAL D 508 -0.35 -42.92 -5.81
N VAL D 509 0.56 -42.36 -6.60
CA VAL D 509 0.80 -40.93 -6.66
C VAL D 509 0.68 -40.48 -8.10
N LEU D 510 -0.10 -39.42 -8.34
CA LEU D 510 -0.20 -38.80 -9.64
C LEU D 510 0.60 -37.51 -9.68
N SER D 511 0.78 -36.98 -10.89
CA SER D 511 1.51 -35.74 -11.08
C SER D 511 1.13 -35.14 -12.42
N PHE D 512 0.68 -33.90 -12.42
CA PHE D 512 0.24 -33.20 -13.62
C PHE D 512 1.26 -32.12 -13.99
N GLU D 513 0.95 -31.41 -15.07
CA GLU D 513 1.76 -30.28 -15.51
C GLU D 513 0.96 -29.05 -15.88
N LEU D 514 -0.31 -29.19 -16.26
CA LEU D 514 -1.16 -28.06 -16.61
C LEU D 514 -0.57 -27.25 -17.77
N LEU D 515 0.11 -27.94 -18.67
CA LEU D 515 0.69 -27.28 -19.83
C LEU D 515 -0.40 -26.95 -20.84
N HIS D 516 -0.10 -25.97 -21.69
CA HIS D 516 -1.08 -25.43 -22.64
C HIS D 516 -0.91 -25.95 -24.05
N ALA D 517 0.33 -25.96 -24.57
CA ALA D 517 0.52 -26.33 -25.97
C ALA D 517 0.21 -27.80 -26.23
N PRO D 518 0.86 -28.77 -25.58
CA PRO D 518 0.52 -30.17 -25.86
C PRO D 518 -0.67 -30.62 -25.03
N ALA D 519 -1.60 -31.31 -25.68
CA ALA D 519 -2.78 -31.82 -25.01
C ALA D 519 -3.07 -33.23 -25.51
N THR D 520 -2.94 -34.21 -24.63
CA THR D 520 -3.21 -35.60 -24.97
C THR D 520 -4.29 -36.24 -24.11
N VAL D 521 -4.44 -35.83 -22.86
CA VAL D 521 -5.43 -36.38 -21.96
C VAL D 521 -6.46 -35.31 -21.67
N CYS D 522 -7.72 -35.61 -21.97
CA CYS D 522 -8.82 -34.68 -21.74
C CYS D 522 -9.99 -35.41 -21.12
N GLY D 523 -10.79 -34.68 -20.36
CA GLY D 523 -11.97 -35.23 -19.73
C GLY D 523 -13.05 -35.52 -20.73
N PRO D 524 -13.96 -36.43 -20.38
CA PRO D 524 -15.04 -36.81 -21.30
C PRO D 524 -16.17 -35.80 -21.27
N LYS D 525 -16.32 -35.05 -22.36
CA LYS D 525 -17.44 -34.13 -22.52
C LYS D 525 -17.91 -34.20 -23.97
N LYS D 526 -19.19 -33.91 -24.17
CA LYS D 526 -19.78 -33.96 -25.50
C LYS D 526 -19.38 -32.70 -26.25
N SER D 527 -18.48 -32.83 -27.21
CA SER D 527 -18.10 -31.70 -28.03
C SER D 527 -19.30 -31.20 -28.80
N THR D 528 -19.52 -29.89 -28.77
CA THR D 528 -20.67 -29.28 -29.42
C THR D 528 -20.28 -28.65 -30.74
N ASN D 529 -21.29 -28.26 -31.50
CA ASN D 529 -21.05 -27.61 -32.78
C ASN D 529 -20.42 -26.24 -32.57
N LEU D 530 -19.69 -25.79 -33.58
CA LEU D 530 -19.05 -24.48 -33.54
C LEU D 530 -19.99 -23.43 -34.11
N VAL D 531 -20.04 -22.27 -33.45
CA VAL D 531 -20.77 -21.11 -33.92
C VAL D 531 -19.79 -19.93 -33.96
N LYS D 532 -20.24 -18.84 -34.56
CA LYS D 532 -19.37 -17.67 -34.71
C LYS D 532 -20.22 -16.44 -34.93
N ASN D 533 -19.56 -15.28 -34.85
CA ASN D 533 -20.16 -13.98 -35.11
C ASN D 533 -21.26 -13.64 -34.13
N LYS D 534 -21.16 -14.16 -32.90
CA LYS D 534 -22.11 -13.81 -31.85
C LYS D 534 -21.48 -14.11 -30.50
N CYS D 535 -21.72 -13.22 -29.53
CA CYS D 535 -21.11 -13.36 -28.21
C CYS D 535 -21.50 -14.67 -27.55
N VAL D 536 -20.54 -15.56 -27.35
CA VAL D 536 -20.79 -16.87 -26.78
C VAL D 536 -19.67 -17.24 -25.83
N ASN D 537 -19.92 -18.27 -25.01
CA ASN D 537 -18.90 -18.87 -24.17
C ASN D 537 -18.17 -19.95 -24.96
N PHE D 538 -16.85 -19.98 -24.82
CA PHE D 538 -16.04 -21.00 -25.47
C PHE D 538 -15.17 -21.71 -24.44
N ASN D 539 -15.01 -23.01 -24.64
CA ASN D 539 -14.22 -23.87 -23.74
C ASN D 539 -13.23 -24.71 -24.54
N PHE D 540 -12.44 -24.05 -25.39
CA PHE D 540 -11.45 -24.73 -26.22
C PHE D 540 -10.38 -25.33 -25.33
N ASN D 541 -10.43 -26.64 -25.12
CA ASN D 541 -9.43 -27.41 -24.38
C ASN D 541 -9.23 -26.92 -22.95
N GLY D 542 -10.11 -26.06 -22.45
CA GLY D 542 -9.97 -25.49 -21.12
C GLY D 542 -9.75 -23.99 -21.09
N LEU D 543 -9.55 -23.35 -22.24
CA LEU D 543 -9.41 -21.89 -22.30
C LEU D 543 -10.79 -21.25 -22.17
N THR D 544 -11.36 -21.38 -20.97
CA THR D 544 -12.71 -20.88 -20.73
C THR D 544 -12.76 -19.38 -20.92
N GLY D 545 -13.74 -18.92 -21.68
CA GLY D 545 -13.86 -17.49 -21.89
C GLY D 545 -15.15 -17.15 -22.58
N THR D 546 -15.36 -15.85 -22.80
CA THR D 546 -16.52 -15.34 -23.51
C THR D 546 -16.07 -14.34 -24.57
N GLY D 547 -16.72 -14.38 -25.71
CA GLY D 547 -16.40 -13.44 -26.77
C GLY D 547 -17.01 -13.86 -28.09
N VAL D 548 -16.55 -13.21 -29.15
CA VAL D 548 -16.98 -13.52 -30.51
C VAL D 548 -15.81 -14.10 -31.26
N LEU D 549 -16.09 -15.13 -32.06
CA LEU D 549 -15.08 -15.84 -32.84
C LEU D 549 -15.26 -15.51 -34.31
N THR D 550 -14.16 -15.09 -34.95
CA THR D 550 -14.17 -14.78 -36.37
C THR D 550 -13.03 -15.52 -37.05
N GLU D 551 -12.96 -15.39 -38.37
CA GLU D 551 -11.91 -16.02 -39.15
C GLU D 551 -10.74 -15.06 -39.33
N SER D 552 -9.52 -15.58 -39.14
CA SER D 552 -8.32 -14.77 -39.17
C SER D 552 -7.39 -15.21 -40.29
N ASN D 553 -6.46 -14.32 -40.64
CA ASN D 553 -5.46 -14.60 -41.66
C ASN D 553 -4.07 -14.77 -41.05
N LYS D 554 -4.02 -15.26 -39.81
CA LYS D 554 -2.74 -15.50 -39.15
C LYS D 554 -2.01 -16.67 -39.81
N LYS D 555 -0.70 -16.70 -39.63
CA LYS D 555 0.12 -17.75 -40.24
C LYS D 555 0.03 -19.05 -39.45
N PHE D 556 0.46 -19.03 -38.19
CA PHE D 556 0.34 -20.17 -37.28
C PHE D 556 1.01 -21.41 -37.86
N LEU D 557 2.35 -21.34 -37.91
CA LEU D 557 3.18 -22.47 -38.29
C LEU D 557 2.75 -23.72 -37.53
N PRO D 558 2.98 -24.92 -38.08
CA PRO D 558 2.33 -26.12 -37.52
C PRO D 558 2.57 -26.35 -36.05
N PHE D 559 3.76 -26.04 -35.53
CA PHE D 559 3.99 -26.22 -34.10
C PHE D 559 3.23 -25.20 -33.27
N GLN D 560 3.18 -23.94 -33.73
CA GLN D 560 2.43 -22.91 -33.03
C GLN D 560 0.94 -23.20 -33.09
N GLN D 561 0.25 -23.03 -31.96
CA GLN D 561 -1.20 -23.16 -31.97
C GLN D 561 -1.93 -22.17 -31.07
N PHE D 562 -1.25 -21.27 -30.39
CA PHE D 562 -1.89 -20.23 -29.61
C PHE D 562 -1.44 -18.86 -30.10
N GLY D 563 -2.26 -17.86 -29.83
CA GLY D 563 -1.92 -16.48 -30.04
C GLY D 563 -1.78 -15.79 -28.70
N ARG D 564 -0.92 -14.78 -28.64
CA ARG D 564 -0.67 -14.07 -27.40
C ARG D 564 -0.33 -12.63 -27.71
N ASP D 565 -0.46 -11.78 -26.70
CA ASP D 565 -0.06 -10.40 -26.80
C ASP D 565 0.19 -9.88 -25.37
N ILE D 566 0.28 -8.56 -25.24
CA ILE D 566 0.49 -7.96 -23.93
C ILE D 566 -0.65 -8.36 -22.99
N ALA D 567 -0.33 -8.53 -21.72
CA ALA D 567 -1.28 -8.86 -20.65
C ALA D 567 -1.84 -10.26 -20.77
N ASP D 568 -1.14 -11.17 -21.46
CA ASP D 568 -1.48 -12.60 -21.49
C ASP D 568 -2.91 -12.83 -21.95
N THR D 569 -3.32 -12.13 -23.00
CA THR D 569 -4.65 -12.32 -23.59
C THR D 569 -4.51 -13.13 -24.87
N THR D 570 -5.24 -14.24 -24.94
CA THR D 570 -5.18 -15.12 -26.10
C THR D 570 -6.10 -14.55 -27.17
N ASP D 571 -5.54 -13.85 -28.13
CA ASP D 571 -6.31 -13.20 -29.18
C ASP D 571 -6.55 -14.11 -30.39
N ALA D 572 -6.02 -15.34 -30.38
CA ALA D 572 -6.27 -16.28 -31.46
C ALA D 572 -6.10 -17.68 -30.91
N VAL D 573 -6.72 -18.65 -31.60
CA VAL D 573 -6.67 -20.03 -31.15
C VAL D 573 -6.92 -20.95 -32.33
N ARG D 574 -6.26 -22.10 -32.31
CA ARG D 574 -6.42 -23.11 -33.36
C ARG D 574 -7.51 -24.09 -32.97
N ASP D 575 -8.40 -24.39 -33.90
CA ASP D 575 -9.49 -25.32 -33.61
C ASP D 575 -8.94 -26.71 -33.36
N PRO D 576 -9.33 -27.37 -32.27
CA PRO D 576 -8.79 -28.71 -31.99
C PRO D 576 -9.13 -29.76 -33.04
N GLN D 577 -10.27 -29.65 -33.70
CA GLN D 577 -10.74 -30.70 -34.60
C GLN D 577 -10.49 -30.40 -36.08
N THR D 578 -10.97 -29.26 -36.58
CA THR D 578 -10.83 -28.94 -38.00
C THR D 578 -9.56 -28.17 -38.30
N LEU D 579 -8.72 -27.90 -37.29
CA LEU D 579 -7.45 -27.20 -37.49
C LEU D 579 -7.64 -25.87 -38.22
N GLU D 580 -8.67 -25.14 -37.82
CA GLU D 580 -8.94 -23.81 -38.36
C GLU D 580 -8.58 -22.77 -37.31
N ILE D 581 -7.93 -21.70 -37.74
CA ILE D 581 -7.53 -20.63 -36.84
C ILE D 581 -8.69 -19.66 -36.66
N LEU D 582 -8.88 -19.20 -35.42
CA LEU D 582 -9.99 -18.33 -35.07
C LEU D 582 -9.47 -17.15 -34.25
N ASP D 583 -10.10 -16.00 -34.48
CA ASP D 583 -9.74 -14.76 -33.79
C ASP D 583 -10.82 -14.44 -32.77
N ILE D 584 -10.39 -14.19 -31.53
CA ILE D 584 -11.29 -13.94 -30.41
C ILE D 584 -11.34 -12.44 -30.16
N THR D 585 -12.55 -11.88 -30.09
CA THR D 585 -12.74 -10.46 -29.81
C THR D 585 -13.75 -10.30 -28.69
N PRO D 586 -13.46 -9.43 -27.72
CA PRO D 586 -14.42 -9.22 -26.63
C PRO D 586 -15.72 -8.60 -27.12
N CYS D 587 -16.79 -8.91 -26.41
CA CYS D 587 -18.11 -8.42 -26.77
C CYS D 587 -18.21 -6.91 -26.57
N SER D 588 -19.25 -6.32 -27.13
CA SER D 588 -19.46 -4.89 -27.02
C SER D 588 -19.72 -4.50 -25.57
N PHE D 589 -19.15 -3.36 -25.17
CA PHE D 589 -19.32 -2.86 -23.81
C PHE D 589 -19.01 -1.37 -23.80
N GLY D 590 -19.42 -0.71 -22.73
CA GLY D 590 -19.14 0.71 -22.60
C GLY D 590 -19.81 1.31 -21.39
N GLY D 591 -19.73 2.64 -21.31
CA GLY D 591 -20.35 3.38 -20.24
C GLY D 591 -21.44 4.30 -20.76
N VAL D 592 -22.29 4.77 -19.85
CA VAL D 592 -23.40 5.64 -20.20
C VAL D 592 -23.33 6.90 -19.33
N SER D 593 -23.90 7.97 -19.85
CA SER D 593 -23.98 9.24 -19.15
C SER D 593 -25.37 9.81 -19.32
N VAL D 594 -25.84 10.56 -18.33
CA VAL D 594 -27.18 11.10 -18.29
C VAL D 594 -27.10 12.60 -18.38
N ILE D 595 -27.71 13.19 -19.40
CA ILE D 595 -27.74 14.63 -19.60
C ILE D 595 -29.10 15.11 -19.13
N THR D 596 -29.12 15.91 -18.07
CA THR D 596 -30.36 16.40 -17.49
C THR D 596 -30.23 17.87 -17.14
N PRO D 597 -31.30 18.63 -17.22
CA PRO D 597 -31.36 19.92 -16.55
C PRO D 597 -31.68 19.69 -15.07
N GLY D 598 -31.77 20.77 -14.31
CA GLY D 598 -32.04 20.65 -12.89
C GLY D 598 -33.38 19.99 -12.63
N THR D 599 -33.45 19.28 -11.51
CA THR D 599 -34.71 18.66 -11.11
C THR D 599 -35.76 19.72 -10.83
N ASN D 600 -35.34 20.93 -10.48
CA ASN D 600 -36.27 22.03 -10.27
C ASN D 600 -36.98 22.40 -11.55
N THR D 601 -36.23 22.52 -12.65
CA THR D 601 -36.83 22.95 -13.91
C THR D 601 -37.72 21.87 -14.51
N SER D 602 -37.23 20.63 -14.58
CA SER D 602 -37.98 19.57 -15.25
C SER D 602 -37.46 18.19 -14.91
N ASN D 603 -37.96 17.17 -15.61
CA ASN D 603 -37.55 15.79 -15.37
C ASN D 603 -37.14 15.03 -16.63
N GLN D 604 -37.33 15.59 -17.82
CA GLN D 604 -36.89 14.91 -19.03
C GLN D 604 -35.37 14.86 -19.09
N VAL D 605 -34.84 13.73 -19.54
CA VAL D 605 -33.40 13.50 -19.61
C VAL D 605 -33.05 12.93 -20.98
N ALA D 606 -31.75 12.89 -21.27
CA ALA D 606 -31.22 12.24 -22.46
C ALA D 606 -30.06 11.35 -22.04
N VAL D 607 -29.77 10.34 -22.86
CA VAL D 607 -28.77 9.33 -22.51
C VAL D 607 -27.71 9.28 -23.60
N LEU D 608 -26.45 9.28 -23.19
CA LEU D 608 -25.31 9.21 -24.11
C LEU D 608 -24.57 7.90 -23.86
N TYR D 609 -24.44 7.09 -24.90
CA TYR D 609 -23.65 5.87 -24.86
C TYR D 609 -22.28 6.15 -25.45
N GLN D 610 -21.24 5.67 -24.76
CA GLN D 610 -19.86 6.00 -25.09
C GLN D 610 -19.40 5.17 -26.29
N GLY D 611 -19.37 5.78 -27.46
CA GLY D 611 -18.76 5.19 -28.64
C GLY D 611 -19.25 3.81 -29.02
N VAL D 612 -20.49 3.71 -29.49
CA VAL D 612 -21.04 2.43 -29.93
C VAL D 612 -21.53 2.53 -31.36
N ASN D 613 -21.42 3.74 -31.94
CA ASN D 613 -21.87 4.00 -33.31
C ASN D 613 -23.36 3.68 -33.48
N CYS D 614 -24.15 3.91 -32.43
CA CYS D 614 -25.60 3.83 -32.50
C CYS D 614 -26.11 2.51 -33.07
N THR D 615 -26.42 2.51 -34.36
CA THR D 615 -27.17 1.42 -34.96
C THR D 615 -26.46 0.08 -34.84
N GLU D 616 -25.14 0.10 -34.63
CA GLU D 616 -24.38 -1.15 -34.55
C GLU D 616 -24.88 -2.03 -33.41
N VAL D 617 -25.10 -1.45 -32.24
CA VAL D 617 -25.63 -2.19 -31.10
C VAL D 617 -26.22 -1.20 -30.10
N PRO D 618 -27.29 -0.50 -30.44
CA PRO D 618 -27.83 0.49 -29.50
C PRO D 618 -28.56 -0.16 -28.34
N VAL D 619 -29.38 -1.16 -28.60
CA VAL D 619 -30.15 -1.86 -27.57
C VAL D 619 -30.09 -3.35 -27.86
N ALA D 620 -29.93 -4.16 -26.82
CA ALA D 620 -29.86 -5.60 -26.97
C ALA D 620 -31.26 -6.19 -27.16
N THR D 629 -36.87 -2.87 -19.21
CA THR D 629 -36.38 -2.36 -17.92
C THR D 629 -35.98 -0.90 -18.04
N TRP D 630 -34.68 -0.65 -17.90
CA TRP D 630 -34.14 0.71 -18.04
C TRP D 630 -34.11 1.16 -19.49
N ARG D 631 -34.23 0.24 -20.45
CA ARG D 631 -34.15 0.56 -21.87
C ARG D 631 -35.51 0.87 -22.47
N VAL D 632 -36.43 1.44 -21.69
CA VAL D 632 -37.79 1.72 -22.16
C VAL D 632 -37.85 2.93 -23.08
N TYR D 633 -36.71 3.53 -23.42
CA TYR D 633 -36.73 4.78 -24.18
C TYR D 633 -36.94 4.53 -25.67
N SER D 634 -37.95 3.71 -25.99
CA SER D 634 -38.48 3.57 -27.34
C SER D 634 -37.48 3.00 -28.34
N THR D 635 -36.23 2.78 -27.91
CA THR D 635 -35.14 2.40 -28.80
C THR D 635 -35.12 3.28 -30.05
N GLY D 636 -35.37 4.57 -29.85
CA GLY D 636 -35.58 5.49 -30.95
C GLY D 636 -35.78 6.91 -30.48
N SER D 637 -36.79 7.59 -31.01
CA SER D 637 -37.12 8.97 -30.64
C SER D 637 -35.95 9.90 -30.93
N ASN D 638 -35.67 10.04 -32.22
CA ASN D 638 -34.64 10.93 -32.74
C ASN D 638 -33.25 10.52 -32.25
N VAL D 639 -32.84 9.28 -32.54
CA VAL D 639 -31.49 8.86 -32.22
C VAL D 639 -30.51 9.62 -33.10
N PHE D 640 -29.53 10.26 -32.46
CA PHE D 640 -28.55 11.09 -33.15
C PHE D 640 -27.16 10.53 -32.90
N GLN D 641 -26.27 10.70 -33.88
CA GLN D 641 -24.91 10.19 -33.82
C GLN D 641 -23.92 11.34 -33.78
N THR D 642 -22.92 11.25 -32.91
CA THR D 642 -21.87 12.24 -32.79
C THR D 642 -20.52 11.55 -32.72
N ARG D 643 -19.45 12.35 -32.70
CA ARG D 643 -18.11 11.80 -32.65
C ARG D 643 -17.78 11.15 -31.30
N ALA D 644 -18.55 11.46 -30.25
CA ALA D 644 -18.27 10.93 -28.93
C ALA D 644 -19.10 9.69 -28.61
N GLY D 645 -20.20 9.45 -29.30
CA GLY D 645 -21.02 8.29 -29.01
C GLY D 645 -22.40 8.39 -29.63
N CYS D 646 -23.36 7.76 -28.98
CA CYS D 646 -24.75 7.73 -29.43
C CYS D 646 -25.61 8.51 -28.46
N LEU D 647 -26.30 9.54 -28.96
CA LEU D 647 -27.14 10.40 -28.13
C LEU D 647 -28.60 10.04 -28.39
N ILE D 648 -29.33 9.72 -27.32
CA ILE D 648 -30.72 9.31 -27.42
C ILE D 648 -31.55 10.26 -26.57
N GLY D 649 -32.57 10.85 -27.19
CA GLY D 649 -33.49 11.73 -26.50
C GLY D 649 -33.35 13.20 -26.81
N ALA D 650 -32.56 13.57 -27.81
CA ALA D 650 -32.39 14.97 -28.16
C ALA D 650 -32.48 15.16 -29.66
N GLU D 651 -32.94 16.32 -30.08
CA GLU D 651 -33.03 16.67 -31.49
C GLU D 651 -31.68 17.20 -31.96
N TYR D 652 -31.64 17.78 -33.16
CA TYR D 652 -30.42 18.39 -33.68
C TYR D 652 -30.83 19.66 -34.43
N VAL D 653 -30.78 20.79 -33.73
CA VAL D 653 -31.14 22.06 -34.35
C VAL D 653 -29.97 22.56 -35.20
N ASN D 654 -30.31 23.14 -36.35
CA ASN D 654 -29.33 23.75 -37.24
C ASN D 654 -28.82 25.09 -36.74
N ASN D 655 -29.41 25.63 -35.69
CA ASN D 655 -29.05 26.95 -35.18
C ASN D 655 -27.74 26.86 -34.39
N SER D 656 -27.39 27.93 -33.70
CA SER D 656 -26.17 27.96 -32.90
C SER D 656 -26.36 28.92 -31.72
N TYR D 657 -26.05 28.44 -30.52
CA TYR D 657 -26.10 29.27 -29.32
C TYR D 657 -24.87 29.06 -28.46
N GLU D 658 -24.87 29.58 -27.24
CA GLU D 658 -23.77 29.37 -26.32
C GLU D 658 -23.91 28.02 -25.63
N CYS D 659 -22.77 27.40 -25.32
CA CYS D 659 -22.78 26.08 -24.72
C CYS D 659 -23.32 26.13 -23.31
N ASP D 660 -24.15 25.14 -22.98
CA ASP D 660 -24.72 25.00 -21.64
C ASP D 660 -24.23 23.73 -20.93
N ILE D 661 -24.39 22.58 -21.56
CA ILE D 661 -23.92 21.32 -21.02
C ILE D 661 -22.96 20.70 -22.03
N PRO D 662 -21.65 20.78 -21.78
CA PRO D 662 -20.70 20.23 -22.75
C PRO D 662 -20.86 18.73 -22.93
N ILE D 663 -20.60 18.27 -24.15
CA ILE D 663 -20.75 16.87 -24.50
C ILE D 663 -19.42 16.33 -25.01
N GLY D 664 -18.87 16.96 -26.04
CA GLY D 664 -17.62 16.55 -26.63
C GLY D 664 -17.63 16.74 -28.13
N ALA D 665 -16.45 17.00 -28.70
CA ALA D 665 -16.29 17.19 -30.13
C ALA D 665 -17.18 18.30 -30.65
N GLY D 666 -17.23 19.42 -29.93
CA GLY D 666 -17.98 20.58 -30.37
C GLY D 666 -19.48 20.37 -30.44
N ILE D 667 -20.05 19.72 -29.45
CA ILE D 667 -21.49 19.50 -29.35
C ILE D 667 -21.93 19.83 -27.93
N CYS D 668 -23.04 20.55 -27.81
CA CYS D 668 -23.58 20.92 -26.52
C CYS D 668 -25.05 20.53 -26.45
N ALA D 669 -25.68 20.81 -25.32
CA ALA D 669 -27.09 20.53 -25.14
C ALA D 669 -27.67 21.57 -24.18
N SER D 670 -28.98 21.73 -24.23
CA SER D 670 -29.65 22.73 -23.41
C SER D 670 -31.09 22.28 -23.18
N TYR D 671 -31.91 23.20 -22.66
CA TYR D 671 -33.31 22.96 -22.37
C TYR D 671 -34.16 24.12 -22.88
N GLN D 672 -33.93 24.50 -24.13
CA GLN D 672 -34.67 25.61 -24.70
C GLN D 672 -36.14 25.24 -24.92
N THR D 673 -36.96 26.26 -25.07
CA THR D 673 -38.41 26.13 -25.19
C THR D 673 -38.79 26.29 -26.66
N GLN D 674 -38.74 25.19 -27.41
CA GLN D 674 -39.11 25.16 -28.82
C GLN D 674 -38.40 26.24 -29.63
N SER D 686 -44.18 22.39 -24.99
CA SER D 686 -43.25 23.17 -25.79
C SER D 686 -41.84 23.13 -25.19
N GLN D 687 -41.57 22.09 -24.41
CA GLN D 687 -40.29 21.90 -23.75
C GLN D 687 -39.61 20.67 -24.31
N SER D 688 -38.32 20.81 -24.63
CA SER D 688 -37.56 19.70 -25.20
C SER D 688 -36.09 19.90 -24.86
N ILE D 689 -35.29 18.90 -25.21
CA ILE D 689 -33.84 18.95 -25.05
C ILE D 689 -33.23 18.95 -26.44
N ILE D 690 -32.45 19.98 -26.75
CA ILE D 690 -31.86 20.12 -28.07
C ILE D 690 -30.35 19.92 -27.96
N ALA D 691 -29.72 19.59 -29.09
CA ALA D 691 -28.29 19.32 -29.16
C ALA D 691 -27.74 20.06 -30.38
N TYR D 692 -27.34 21.31 -30.18
CA TYR D 692 -26.87 22.15 -31.26
C TYR D 692 -25.35 22.03 -31.40
N THR D 693 -24.76 22.93 -32.17
CA THR D 693 -23.31 23.02 -32.33
C THR D 693 -22.82 24.29 -31.66
N MET D 694 -21.68 24.19 -30.98
CA MET D 694 -21.16 25.32 -30.22
C MET D 694 -20.93 26.52 -31.12
N SER D 695 -21.31 27.69 -30.63
CA SER D 695 -21.13 28.94 -31.35
C SER D 695 -20.07 29.77 -30.65
N LEU D 696 -19.08 30.22 -31.41
CA LEU D 696 -17.94 30.94 -30.86
C LEU D 696 -18.21 32.43 -30.71
N GLY D 697 -19.34 32.92 -31.19
CA GLY D 697 -19.68 34.33 -31.12
C GLY D 697 -19.97 34.92 -32.48
N ALA D 698 -20.53 36.13 -32.45
CA ALA D 698 -20.89 36.81 -33.67
C ALA D 698 -19.65 37.22 -34.44
N GLU D 699 -19.68 37.00 -35.76
CA GLU D 699 -18.56 37.42 -36.59
C GLU D 699 -18.62 38.91 -36.83
N ASN D 700 -17.47 39.58 -36.72
CA ASN D 700 -17.39 41.02 -36.86
C ASN D 700 -16.37 41.37 -37.93
N SER D 701 -16.62 42.49 -38.61
CA SER D 701 -15.78 42.95 -39.69
C SER D 701 -15.16 44.29 -39.32
N VAL D 702 -13.97 44.54 -39.86
CA VAL D 702 -13.28 45.80 -39.67
C VAL D 702 -12.86 46.29 -41.06
N ALA D 703 -12.58 47.58 -41.17
CA ALA D 703 -12.49 48.26 -42.46
C ALA D 703 -11.10 48.88 -42.60
N TYR D 704 -10.07 48.06 -42.38
CA TYR D 704 -8.69 48.49 -42.57
C TYR D 704 -8.52 49.21 -43.90
N SER D 705 -7.86 50.37 -43.86
CA SER D 705 -7.61 51.16 -45.06
C SER D 705 -6.32 51.94 -44.87
N ASN D 706 -5.78 52.45 -45.98
CA ASN D 706 -4.50 53.14 -45.91
C ASN D 706 -4.57 54.38 -45.03
N ASN D 707 -5.67 55.12 -45.10
CA ASN D 707 -5.82 56.37 -44.36
C ASN D 707 -7.18 56.39 -43.67
N SER D 708 -7.22 55.88 -42.44
CA SER D 708 -8.43 55.89 -41.65
C SER D 708 -8.08 55.62 -40.19
N ILE D 709 -8.69 56.37 -39.29
CA ILE D 709 -8.55 56.14 -37.87
C ILE D 709 -9.94 56.21 -37.26
N ALA D 710 -10.13 55.49 -36.14
CA ALA D 710 -11.39 55.53 -35.40
C ALA D 710 -11.08 55.88 -33.95
N ILE D 711 -11.24 57.16 -33.61
CA ILE D 711 -10.93 57.66 -32.28
C ILE D 711 -12.21 57.77 -31.47
N PRO D 712 -12.27 57.23 -30.27
CA PRO D 712 -13.48 57.33 -29.45
C PRO D 712 -13.73 58.75 -28.97
N THR D 713 -14.99 59.03 -28.67
CA THR D 713 -15.39 60.35 -28.19
C THR D 713 -16.03 60.33 -26.81
N ASN D 714 -16.20 59.16 -26.18
CA ASN D 714 -16.76 59.13 -24.84
C ASN D 714 -16.14 57.96 -24.10
N PHE D 715 -16.39 57.90 -22.80
CA PHE D 715 -15.83 56.80 -22.04
C PHE D 715 -16.82 56.21 -21.04
N THR D 716 -16.38 55.24 -20.26
CA THR D 716 -17.21 54.61 -19.26
C THR D 716 -16.31 54.06 -18.17
N ILE D 717 -16.77 54.13 -16.93
CA ILE D 717 -16.06 53.57 -15.78
C ILE D 717 -16.86 52.39 -15.27
N SER D 718 -16.21 51.23 -15.19
CA SER D 718 -16.87 50.00 -14.80
C SER D 718 -16.16 49.39 -13.60
N VAL D 719 -16.88 48.51 -12.91
CA VAL D 719 -16.38 47.81 -11.73
C VAL D 719 -16.55 46.32 -11.95
N THR D 720 -15.47 45.57 -11.73
CA THR D 720 -15.47 44.13 -11.95
C THR D 720 -14.94 43.43 -10.70
N THR D 721 -15.62 42.37 -10.28
CA THR D 721 -15.23 41.64 -9.10
C THR D 721 -14.30 40.49 -9.45
N GLU D 722 -13.58 40.02 -8.44
CA GLU D 722 -12.72 38.85 -8.58
C GLU D 722 -12.60 38.16 -7.24
N ILE D 723 -12.58 36.82 -7.25
CA ILE D 723 -12.61 36.02 -6.03
C ILE D 723 -11.42 35.07 -6.03
N LEU D 724 -10.65 35.07 -4.93
CA LEU D 724 -9.49 34.19 -4.84
C LEU D 724 -9.42 33.50 -3.48
N PRO D 725 -9.32 32.16 -3.45
CA PRO D 725 -9.06 31.47 -2.18
C PRO D 725 -7.67 31.79 -1.66
N VAL D 726 -7.53 31.79 -0.34
CA VAL D 726 -6.26 32.15 0.28
C VAL D 726 -5.77 31.06 1.22
N SER D 727 -6.69 30.30 1.81
CA SER D 727 -6.30 29.29 2.77
C SER D 727 -7.42 28.28 2.92
N MET D 728 -7.10 27.16 3.58
CA MET D 728 -8.04 26.09 3.79
C MET D 728 -8.00 25.67 5.26
N THR D 729 -9.06 25.02 5.69
CA THR D 729 -9.22 24.69 7.11
C THR D 729 -8.11 23.76 7.58
N LYS D 730 -7.54 24.07 8.73
CA LYS D 730 -6.51 23.24 9.32
C LYS D 730 -7.12 21.98 9.91
N THR D 731 -6.26 20.99 10.15
CA THR D 731 -6.73 19.72 10.71
C THR D 731 -5.56 19.00 11.35
N SER D 732 -5.89 18.01 12.17
CA SER D 732 -4.91 17.16 12.82
C SER D 732 -5.55 15.83 13.12
N VAL D 733 -4.75 14.77 13.09
CA VAL D 733 -5.25 13.41 13.25
C VAL D 733 -4.44 12.72 14.33
N ASP D 734 -5.12 11.97 15.20
CA ASP D 734 -4.48 11.14 16.22
C ASP D 734 -4.45 9.72 15.68
N CYS D 735 -3.29 9.30 15.16
CA CYS D 735 -3.21 8.02 14.47
C CYS D 735 -3.51 6.86 15.41
N THR D 736 -2.91 6.87 16.60
CA THR D 736 -3.04 5.74 17.50
C THR D 736 -4.45 5.56 18.02
N MET D 737 -5.27 6.60 18.00
CA MET D 737 -6.66 6.48 18.40
C MET D 737 -7.57 6.17 17.23
N TYR D 738 -7.24 6.68 16.04
CA TYR D 738 -8.04 6.38 14.86
C TYR D 738 -7.90 4.91 14.48
N ILE D 739 -6.66 4.41 14.41
CA ILE D 739 -6.46 3.02 14.02
C ILE D 739 -6.97 2.08 15.09
N CYS D 740 -6.62 2.33 16.35
CA CYS D 740 -7.03 1.51 17.47
C CYS D 740 -7.78 2.37 18.48
N GLY D 741 -8.98 1.94 18.86
CA GLY D 741 -9.77 2.73 19.76
C GLY D 741 -9.13 2.88 21.13
N ASP D 742 -9.15 1.81 21.91
CA ASP D 742 -8.52 1.82 23.23
C ASP D 742 -7.73 0.57 23.55
N SER D 743 -7.86 -0.51 22.79
CA SER D 743 -7.23 -1.76 23.13
C SER D 743 -5.71 -1.64 23.07
N THR D 744 -5.03 -2.19 24.07
CA THR D 744 -3.58 -2.14 24.11
C THR D 744 -2.93 -3.13 23.15
N GLU D 745 -3.63 -4.23 22.84
CA GLU D 745 -3.08 -5.19 21.89
C GLU D 745 -2.91 -4.56 20.52
N CYS D 746 -3.88 -3.76 20.09
CA CYS D 746 -3.76 -3.07 18.81
C CYS D 746 -2.57 -2.11 18.82
N SER D 747 -2.38 -1.40 19.92
CA SER D 747 -1.21 -0.51 20.02
C SER D 747 0.09 -1.29 19.95
N ASN D 748 0.16 -2.42 20.63
CA ASN D 748 1.37 -3.24 20.60
C ASN D 748 1.65 -3.74 19.18
N LEU D 749 0.61 -4.18 18.47
CA LEU D 749 0.81 -4.63 17.10
C LEU D 749 1.22 -3.48 16.19
N LEU D 750 0.62 -2.31 16.40
CA LEU D 750 0.97 -1.15 15.59
C LEU D 750 2.41 -0.72 15.82
N LEU D 751 2.93 -0.93 17.03
CA LEU D 751 4.31 -0.56 17.31
C LEU D 751 5.31 -1.34 16.47
N GLN D 752 4.90 -2.47 15.88
CA GLN D 752 5.78 -3.27 15.04
C GLN D 752 5.96 -2.71 13.64
N TYR D 753 5.18 -1.71 13.25
CA TYR D 753 5.23 -1.16 11.90
C TYR D 753 6.22 -0.03 11.76
N GLY D 754 7.02 0.24 12.80
CA GLY D 754 8.02 1.28 12.70
C GLY D 754 7.42 2.67 12.80
N SER D 755 8.11 3.64 12.21
CA SER D 755 7.72 5.04 12.31
C SER D 755 6.89 5.42 11.10
N PHE D 756 5.59 5.12 11.18
CA PHE D 756 4.63 5.59 10.20
C PHE D 756 3.74 6.70 10.72
N CYS D 757 3.44 6.72 12.02
CA CYS D 757 2.62 7.79 12.57
C CYS D 757 3.37 9.12 12.57
N THR D 758 4.67 9.08 12.84
CA THR D 758 5.44 10.32 12.96
C THR D 758 5.46 11.08 11.65
N GLN D 759 5.58 10.37 10.53
CA GLN D 759 5.59 11.05 9.23
C GLN D 759 4.28 11.78 8.98
N LEU D 760 3.16 11.11 9.27
CA LEU D 760 1.86 11.75 9.07
C LEU D 760 1.69 12.95 9.97
N LYS D 761 2.11 12.83 11.24
CA LYS D 761 2.00 13.98 12.15
C LYS D 761 2.85 15.14 11.66
N ARG D 762 4.07 14.86 11.20
CA ARG D 762 4.92 15.94 10.71
C ARG D 762 4.32 16.61 9.49
N ALA D 763 3.79 15.82 8.55
CA ALA D 763 3.19 16.40 7.35
C ALA D 763 1.99 17.28 7.70
N LEU D 764 1.13 16.80 8.59
CA LEU D 764 -0.05 17.57 8.96
C LEU D 764 0.32 18.86 9.69
N THR D 765 1.31 18.79 10.58
CA THR D 765 1.75 20.01 11.26
C THR D 765 2.34 21.01 10.28
N GLY D 766 3.13 20.54 9.31
CA GLY D 766 3.65 21.44 8.30
C GLY D 766 2.56 22.10 7.50
N ILE D 767 1.54 21.32 7.12
CA ILE D 767 0.40 21.89 6.38
C ILE D 767 -0.29 22.96 7.21
N ALA D 768 -0.52 22.68 8.51
CA ALA D 768 -1.21 23.65 9.35
C ALA D 768 -0.42 24.94 9.48
N VAL D 769 0.89 24.84 9.70
CA VAL D 769 1.71 26.05 9.83
C VAL D 769 1.71 26.84 8.53
N GLU D 770 1.80 26.14 7.39
CA GLU D 770 1.77 26.84 6.11
C GLU D 770 0.45 27.55 5.91
N GLN D 771 -0.66 26.91 6.29
CA GLN D 771 -1.96 27.56 6.16
C GLN D 771 -2.04 28.81 7.03
N ASP D 772 -1.47 28.73 8.24
CA ASP D 772 -1.46 29.91 9.11
C ASP D 772 -0.64 31.04 8.50
N LYS D 773 0.49 30.70 7.87
CA LYS D 773 1.35 31.73 7.30
C LYS D 773 0.78 32.33 6.02
N ASN D 774 -0.01 31.57 5.26
CA ASN D 774 -0.48 32.05 3.97
C ASN D 774 -1.31 33.31 4.09
N THR D 775 -2.21 33.35 5.06
CA THR D 775 -3.11 34.49 5.21
C THR D 775 -2.46 35.68 5.87
N GLN D 776 -1.13 35.69 6.00
CA GLN D 776 -0.43 36.77 6.65
C GLN D 776 0.16 37.77 5.65
N GLU D 777 0.93 37.28 4.66
CA GLU D 777 1.50 38.20 3.69
C GLU D 777 0.48 38.72 2.69
N VAL D 778 -0.71 38.12 2.61
CA VAL D 778 -1.76 38.68 1.79
C VAL D 778 -2.30 39.96 2.39
N PHE D 779 -2.47 39.99 3.72
CA PHE D 779 -3.07 41.12 4.43
C PHE D 779 -2.04 41.99 5.13
N ALA D 780 -1.12 41.39 5.88
CA ALA D 780 -0.17 42.15 6.69
C ALA D 780 0.93 42.72 5.79
N GLN D 781 0.52 43.62 4.89
CA GLN D 781 1.44 44.36 4.06
C GLN D 781 1.73 45.75 4.59
N VAL D 782 0.77 46.37 5.27
CA VAL D 782 0.95 47.68 5.87
C VAL D 782 1.73 47.52 7.16
N LYS D 783 2.20 48.63 7.70
CA LYS D 783 2.96 48.62 8.95
C LYS D 783 2.18 49.20 10.11
N GLN D 784 1.49 50.32 9.90
CA GLN D 784 0.71 50.99 10.94
C GLN D 784 -0.75 51.05 10.53
N ILE D 785 -1.63 50.70 11.46
CA ILE D 785 -3.06 50.63 11.17
C ILE D 785 -3.60 52.05 11.06
N TYR D 786 -3.87 52.49 9.83
CA TYR D 786 -4.49 53.78 9.60
C TYR D 786 -5.96 53.73 10.01
N LYS D 787 -6.50 54.90 10.34
CA LYS D 787 -7.93 55.02 10.63
C LYS D 787 -8.55 56.07 9.73
N THR D 788 -9.83 55.87 9.42
CA THR D 788 -10.52 56.71 8.47
C THR D 788 -10.68 58.13 9.03
N PRO D 789 -10.81 59.13 8.16
CA PRO D 789 -11.04 60.49 8.65
C PRO D 789 -12.40 60.59 9.31
N PRO D 790 -12.59 61.56 10.22
CA PRO D 790 -13.84 61.64 10.97
C PRO D 790 -15.06 61.95 10.08
N ILE D 791 -14.96 63.00 9.26
CA ILE D 791 -16.05 63.39 8.37
C ILE D 791 -15.72 62.92 6.97
N LYS D 792 -16.65 62.19 6.35
CA LYS D 792 -16.41 61.53 5.08
C LYS D 792 -17.03 62.34 3.96
N TYR D 793 -16.18 62.92 3.10
CA TYR D 793 -16.62 63.57 1.88
C TYR D 793 -15.45 63.64 0.92
N PHE D 794 -15.65 63.15 -0.30
CA PHE D 794 -14.56 62.99 -1.27
C PHE D 794 -14.98 63.51 -2.64
N GLY D 795 -15.57 64.70 -2.68
CA GLY D 795 -15.84 65.34 -3.94
C GLY D 795 -16.99 64.76 -4.74
N GLY D 796 -17.77 63.85 -4.17
CA GLY D 796 -18.89 63.27 -4.87
C GLY D 796 -18.91 61.76 -4.82
N PHE D 797 -17.74 61.16 -4.65
CA PHE D 797 -17.65 59.71 -4.57
C PHE D 797 -18.29 59.22 -3.27
N ASN D 798 -19.04 58.12 -3.36
CA ASN D 798 -19.76 57.57 -2.22
C ASN D 798 -19.10 56.26 -1.82
N PHE D 799 -18.24 56.31 -0.81
CA PHE D 799 -17.52 55.15 -0.32
C PHE D 799 -18.24 54.46 0.83
N SER D 800 -19.46 54.88 1.15
CA SER D 800 -20.17 54.31 2.28
C SER D 800 -20.51 52.83 2.09
N GLN D 801 -20.39 52.31 0.87
CA GLN D 801 -20.69 50.92 0.61
C GLN D 801 -19.52 49.99 0.90
N ILE D 802 -18.33 50.52 1.15
CA ILE D 802 -17.15 49.66 1.36
C ILE D 802 -16.52 49.95 2.71
N LEU D 803 -16.74 51.13 3.25
CA LEU D 803 -16.16 51.46 4.54
C LEU D 803 -16.91 50.76 5.68
N PRO D 804 -16.25 50.55 6.81
CA PRO D 804 -16.91 49.86 7.92
C PRO D 804 -18.09 50.64 8.47
N ASP D 805 -19.07 49.90 8.99
CA ASP D 805 -20.27 50.49 9.59
C ASP D 805 -20.21 50.35 11.10
N PRO D 806 -20.14 51.44 11.85
CA PRO D 806 -20.09 51.31 13.32
C PRO D 806 -21.35 50.72 13.94
N SER D 807 -22.48 50.79 13.24
CA SER D 807 -23.74 50.30 13.81
C SER D 807 -23.70 48.79 14.03
N LYS D 808 -23.14 48.04 13.09
CA LYS D 808 -23.11 46.59 13.21
C LYS D 808 -22.18 46.19 14.35
N PRO D 809 -22.52 45.12 15.08
CA PRO D 809 -21.64 44.66 16.17
C PRO D 809 -20.26 44.26 15.71
N SER D 810 -20.14 43.66 14.53
CA SER D 810 -18.86 43.13 14.06
C SER D 810 -18.01 44.17 13.34
N LYS D 811 -18.56 45.35 13.06
CA LYS D 811 -17.83 46.43 12.39
C LYS D 811 -17.30 45.95 11.04
N ARG D 812 -18.24 45.61 10.15
CA ARG D 812 -17.91 45.14 8.81
C ARG D 812 -18.74 45.90 7.79
N SER D 813 -18.17 46.06 6.60
CA SER D 813 -18.85 46.78 5.53
C SER D 813 -20.06 45.99 5.05
N PRO D 814 -21.05 46.67 4.46
CA PRO D 814 -22.25 45.95 4.00
C PRO D 814 -21.94 44.83 3.01
N ILE D 815 -21.00 45.06 2.10
CA ILE D 815 -20.66 44.03 1.13
C ILE D 815 -20.00 42.85 1.83
N GLU D 816 -19.18 43.13 2.84
CA GLU D 816 -18.60 42.04 3.63
C GLU D 816 -19.68 41.24 4.34
N ASP D 817 -20.70 41.92 4.85
CA ASP D 817 -21.81 41.22 5.49
C ASP D 817 -22.54 40.33 4.49
N LEU D 818 -22.79 40.84 3.28
CA LEU D 818 -23.44 40.01 2.27
C LEU D 818 -22.59 38.79 1.93
N LEU D 819 -21.28 38.98 1.79
CA LEU D 819 -20.40 37.87 1.48
C LEU D 819 -20.40 36.83 2.60
N PHE D 820 -20.39 37.29 3.85
CA PHE D 820 -20.42 36.36 4.97
C PHE D 820 -21.73 35.58 5.00
N ASN D 821 -22.84 36.26 4.74
CA ASN D 821 -24.13 35.57 4.75
C ASN D 821 -24.25 34.60 3.59
N LYS D 822 -23.58 34.87 2.47
CA LYS D 822 -23.71 34.02 1.30
C LYS D 822 -23.09 32.63 1.52
N VAL D 823 -21.93 32.58 2.17
CA VAL D 823 -21.19 31.34 2.35
C VAL D 823 -21.69 30.62 3.60
N THR D 824 -21.76 29.30 3.53
CA THR D 824 -22.24 28.48 4.63
C THR D 824 -21.11 27.62 5.18
N LEU D 825 -21.04 27.50 6.51
CA LEU D 825 -20.03 26.70 7.19
C LEU D 825 -20.70 25.88 8.28
N ALA D 826 -20.06 24.77 8.64
CA ALA D 826 -20.58 23.86 9.64
C ALA D 826 -19.77 23.89 10.94
N ASP D 827 -18.46 23.66 10.86
CA ASP D 827 -17.59 23.69 12.03
C ASP D 827 -16.49 24.71 11.77
N ALA D 828 -16.43 25.75 12.60
CA ALA D 828 -15.46 26.82 12.47
C ALA D 828 -14.29 26.67 13.42
N GLY D 829 -14.15 25.52 14.08
CA GLY D 829 -13.08 25.30 15.03
C GLY D 829 -13.33 25.82 16.42
N PHE D 830 -14.47 26.45 16.67
CA PHE D 830 -14.78 26.96 18.00
C PHE D 830 -15.08 25.82 18.96
N ILE D 831 -14.88 26.09 20.25
CA ILE D 831 -15.07 25.06 21.26
C ILE D 831 -16.56 24.83 21.47
N LYS D 832 -16.97 23.56 21.37
CA LYS D 832 -18.35 23.16 21.62
C LYS D 832 -18.40 21.84 22.36
N GLN D 833 -17.40 21.60 23.23
CA GLN D 833 -17.14 20.32 23.88
C GLN D 833 -17.43 19.13 22.98
N LEU D 846 -24.41 17.95 13.82
CA LEU D 846 -24.39 16.53 14.19
C LEU D 846 -23.11 15.85 13.71
N ILE D 847 -22.81 16.02 12.42
CA ILE D 847 -21.61 15.41 11.87
C ILE D 847 -20.36 16.05 12.46
N CYS D 848 -20.40 17.35 12.74
CA CYS D 848 -19.24 18.02 13.34
C CYS D 848 -18.90 17.44 14.71
N ALA D 849 -19.91 17.17 15.52
CA ALA D 849 -19.68 16.58 16.83
C ALA D 849 -19.32 15.10 16.76
N GLN D 850 -19.60 14.44 15.64
CA GLN D 850 -19.30 13.02 15.53
C GLN D 850 -17.80 12.78 15.37
N LYS D 851 -17.05 13.79 14.90
CA LYS D 851 -15.62 13.66 14.70
C LYS D 851 -14.91 13.70 16.06
N PHE D 852 -14.95 12.56 16.75
CA PHE D 852 -14.15 12.36 17.95
C PHE D 852 -13.19 11.19 17.79
N ASN D 853 -12.99 10.72 16.56
CA ASN D 853 -12.09 9.62 16.29
C ASN D 853 -10.65 10.08 16.08
N GLY D 854 -10.28 11.23 16.65
CA GLY D 854 -8.99 11.82 16.45
C GLY D 854 -8.99 12.96 15.45
N LEU D 855 -10.09 13.16 14.73
CA LEU D 855 -10.17 14.22 13.73
C LEU D 855 -10.62 15.49 14.41
N THR D 856 -9.71 16.43 14.57
CA THR D 856 -9.97 17.72 15.21
C THR D 856 -9.66 18.84 14.24
N VAL D 857 -10.26 20.00 14.48
CA VAL D 857 -10.06 21.18 13.66
C VAL D 857 -9.49 22.27 14.55
N LEU D 858 -8.27 22.69 14.28
CA LEU D 858 -7.64 23.75 15.06
C LEU D 858 -8.11 25.11 14.56
N PRO D 859 -8.18 26.10 15.44
CA PRO D 859 -8.66 27.42 15.04
C PRO D 859 -7.56 28.23 14.38
N PRO D 860 -7.91 29.14 13.47
CA PRO D 860 -6.89 29.96 12.82
C PRO D 860 -6.26 30.95 13.80
N LEU D 861 -5.03 31.34 13.50
CA LEU D 861 -4.32 32.26 14.37
C LEU D 861 -4.97 33.64 14.37
N LEU D 862 -5.32 34.16 13.21
CA LEU D 862 -5.92 35.47 13.08
C LEU D 862 -7.45 35.32 13.12
N THR D 863 -8.07 35.88 14.15
CA THR D 863 -9.52 35.84 14.22
C THR D 863 -10.13 36.67 13.10
N ASP D 864 -11.36 36.35 12.73
CA ASP D 864 -12.00 37.08 11.65
C ASP D 864 -12.59 38.39 12.18
N GLU D 865 -11.79 39.11 12.94
CA GLU D 865 -12.15 40.44 13.42
C GLU D 865 -11.04 41.45 13.17
N MET D 866 -9.78 41.05 13.27
CA MET D 866 -8.66 41.90 12.93
C MET D 866 -8.33 41.89 11.45
N ILE D 867 -8.79 40.87 10.72
CA ILE D 867 -8.69 40.91 9.27
C ILE D 867 -9.48 42.09 8.72
N ALA D 868 -10.64 42.36 9.33
CA ALA D 868 -11.40 43.56 8.96
C ALA D 868 -10.60 44.82 9.28
N GLN D 869 -9.84 44.81 10.37
CA GLN D 869 -8.99 45.96 10.68
C GLN D 869 -7.92 46.16 9.61
N TYR D 870 -7.28 45.08 9.16
CA TYR D 870 -6.31 45.19 8.08
C TYR D 870 -6.95 45.72 6.81
N THR D 871 -8.12 45.22 6.46
CA THR D 871 -8.81 45.68 5.27
C THR D 871 -9.15 47.17 5.37
N SER D 872 -9.64 47.60 6.53
CA SER D 872 -9.96 49.00 6.72
C SER D 872 -8.72 49.88 6.65
N ALA D 873 -7.60 49.41 7.21
CA ALA D 873 -6.36 50.17 7.12
C ALA D 873 -5.93 50.34 5.68
N LEU D 874 -5.98 49.26 4.90
CA LEU D 874 -5.63 49.35 3.49
C LEU D 874 -6.54 50.32 2.76
N LEU D 875 -7.84 50.26 3.03
CA LEU D 875 -8.78 51.15 2.36
C LEU D 875 -8.50 52.61 2.71
N ALA D 876 -8.30 52.90 3.99
CA ALA D 876 -8.04 54.28 4.39
C ALA D 876 -6.76 54.82 3.77
N GLY D 877 -5.70 54.01 3.79
CA GLY D 877 -4.45 54.44 3.20
C GLY D 877 -4.57 54.68 1.71
N THR D 878 -5.32 53.82 1.00
CA THR D 878 -5.41 53.95 -0.45
C THR D 878 -6.42 55.00 -0.89
N ILE D 879 -7.32 55.45 -0.01
CA ILE D 879 -8.26 56.49 -0.40
C ILE D 879 -7.89 57.86 0.17
N THR D 880 -6.92 57.95 1.06
CA THR D 880 -6.52 59.24 1.61
C THR D 880 -5.17 59.71 1.07
N SER D 881 -4.16 58.86 1.13
CA SER D 881 -2.79 59.23 0.80
C SER D 881 -2.33 58.70 -0.56
N GLY D 882 -3.25 58.28 -1.41
CA GLY D 882 -2.85 57.75 -2.70
C GLY D 882 -2.10 56.44 -2.55
N TRP D 883 -1.16 56.21 -3.45
CA TRP D 883 -0.30 55.03 -3.39
C TRP D 883 1.04 55.30 -2.74
N THR D 884 1.26 56.52 -2.25
CA THR D 884 2.55 56.87 -1.68
C THR D 884 2.83 56.15 -0.36
N PHE D 885 1.85 55.52 0.25
CA PHE D 885 2.08 54.80 1.48
C PHE D 885 2.64 53.41 1.25
N GLY D 886 2.81 53.02 0.00
CA GLY D 886 3.45 51.74 -0.30
C GLY D 886 4.96 51.77 -0.32
N ALA D 887 5.57 52.95 -0.18
CA ALA D 887 7.01 53.08 -0.21
C ALA D 887 7.57 53.51 1.15
N GLY D 888 7.12 54.63 1.69
CA GLY D 888 7.61 55.12 2.96
C GLY D 888 6.51 55.63 3.85
N PRO D 889 6.65 56.87 4.32
CA PRO D 889 5.57 57.48 5.10
C PRO D 889 4.47 58.00 4.19
N ALA D 890 3.23 57.82 4.62
CA ALA D 890 2.10 58.26 3.84
C ALA D 890 2.04 59.78 3.77
N LEU D 891 1.69 60.31 2.60
CA LEU D 891 1.58 61.74 2.38
C LEU D 891 0.17 62.07 1.93
N GLN D 892 -0.46 63.03 2.60
CA GLN D 892 -1.84 63.38 2.30
C GLN D 892 -1.95 64.00 0.92
N ILE D 893 -3.05 63.71 0.24
CA ILE D 893 -3.32 64.23 -1.10
C ILE D 893 -4.83 64.19 -1.34
N PRO D 894 -5.44 65.28 -1.81
CA PRO D 894 -6.88 65.28 -2.04
C PRO D 894 -7.26 64.28 -3.14
N PHE D 895 -8.46 63.72 -3.01
CA PHE D 895 -8.88 62.66 -3.92
C PHE D 895 -8.94 63.08 -5.39
N PRO D 896 -9.52 64.22 -5.76
CA PRO D 896 -9.51 64.59 -7.19
C PRO D 896 -8.11 64.65 -7.77
N MET D 897 -7.12 65.08 -6.99
CA MET D 897 -5.75 65.08 -7.49
C MET D 897 -5.25 63.66 -7.70
N GLN D 898 -5.63 62.73 -6.82
CA GLN D 898 -5.24 61.33 -7.04
C GLN D 898 -5.84 60.80 -8.32
N MET D 899 -7.12 61.10 -8.58
CA MET D 899 -7.72 60.60 -9.81
C MET D 899 -7.12 61.29 -11.03
N ALA D 900 -6.69 62.54 -10.87
CA ALA D 900 -5.99 63.21 -11.96
C ALA D 900 -4.68 62.50 -12.28
N TYR D 901 -3.92 62.13 -11.25
CA TYR D 901 -2.73 61.32 -11.47
C TYR D 901 -3.07 60.03 -12.20
N ARG D 902 -4.14 59.37 -11.77
CA ARG D 902 -4.43 58.05 -12.31
C ARG D 902 -4.85 58.11 -13.78
N PHE D 903 -5.59 59.16 -14.18
CA PHE D 903 -5.80 59.36 -15.62
C PHE D 903 -4.50 59.72 -16.33
N ASN D 904 -3.67 60.55 -15.71
CA ASN D 904 -2.41 60.91 -16.37
C ASN D 904 -1.53 59.69 -16.58
N GLY D 905 -1.73 58.64 -15.79
CA GLY D 905 -0.94 57.43 -15.91
C GLY D 905 -1.35 56.45 -16.99
N ILE D 906 -2.41 56.71 -17.75
CA ILE D 906 -2.83 55.77 -18.79
C ILE D 906 -2.97 56.47 -20.14
N GLY D 907 -2.31 57.61 -20.28
CA GLY D 907 -2.33 58.31 -21.55
C GLY D 907 -3.48 59.26 -21.78
N VAL D 908 -4.13 59.73 -20.71
CA VAL D 908 -5.21 60.71 -20.82
C VAL D 908 -4.81 61.94 -20.02
N THR D 909 -4.84 63.10 -20.68
CA THR D 909 -4.46 64.34 -20.01
C THR D 909 -5.46 64.66 -18.91
N GLN D 910 -4.97 65.42 -17.91
CA GLN D 910 -5.72 65.57 -16.67
C GLN D 910 -6.92 66.50 -16.79
N ASN D 911 -6.99 67.33 -17.83
CA ASN D 911 -8.11 68.26 -17.92
C ASN D 911 -9.44 67.53 -18.10
N VAL D 912 -9.39 66.29 -18.60
CA VAL D 912 -10.61 65.52 -18.82
C VAL D 912 -11.40 65.41 -17.52
N LEU D 913 -10.73 65.00 -16.44
CA LEU D 913 -11.43 64.86 -15.17
C LEU D 913 -11.83 66.22 -14.60
N TYR D 914 -10.96 67.22 -14.71
CA TYR D 914 -11.31 68.52 -14.15
C TYR D 914 -12.47 69.17 -14.89
N GLU D 915 -12.85 68.63 -16.05
CA GLU D 915 -14.04 69.09 -16.73
C GLU D 915 -15.21 68.11 -16.69
N ASN D 916 -14.98 66.85 -16.30
CA ASN D 916 -16.05 65.87 -16.23
C ASN D 916 -16.17 65.26 -14.83
N GLN D 917 -15.76 66.01 -13.81
CA GLN D 917 -15.77 65.49 -12.45
C GLN D 917 -17.14 65.01 -12.00
N LYS D 918 -18.18 65.83 -12.25
CA LYS D 918 -19.51 65.49 -11.77
C LYS D 918 -20.02 64.22 -12.44
N LEU D 919 -19.87 64.13 -13.76
CA LEU D 919 -20.31 62.94 -14.48
C LEU D 919 -19.56 61.70 -14.03
N ILE D 920 -18.24 61.83 -13.84
CA ILE D 920 -17.45 60.68 -13.42
C ILE D 920 -17.88 60.22 -12.04
N ALA D 921 -18.13 61.17 -11.12
CA ALA D 921 -18.58 60.80 -9.79
C ALA D 921 -19.92 60.09 -9.85
N ASN D 922 -20.84 60.58 -10.68
CA ASN D 922 -22.13 59.93 -10.79
C ASN D 922 -22.00 58.50 -11.32
N GLN D 923 -21.15 58.31 -12.34
CA GLN D 923 -20.94 56.96 -12.87
C GLN D 923 -20.32 56.05 -11.84
N PHE D 924 -19.34 56.54 -11.08
CA PHE D 924 -18.71 55.72 -10.04
C PHE D 924 -19.73 55.30 -8.99
N ASN D 925 -20.56 56.24 -8.54
CA ASN D 925 -21.57 55.91 -7.53
C ASN D 925 -22.58 54.91 -8.07
N SER D 926 -23.00 55.07 -9.33
CA SER D 926 -23.95 54.12 -9.91
C SER D 926 -23.36 52.73 -10.00
N ALA D 927 -22.10 52.63 -10.41
CA ALA D 927 -21.46 51.31 -10.49
C ALA D 927 -21.36 50.65 -9.13
N ILE D 928 -20.96 51.42 -8.11
CA ILE D 928 -20.86 50.86 -6.77
C ILE D 928 -22.23 50.41 -6.29
N GLY D 929 -23.28 51.17 -6.60
CA GLY D 929 -24.61 50.77 -6.22
C GLY D 929 -25.06 49.49 -6.90
N LYS D 930 -24.71 49.35 -8.18
CA LYS D 930 -25.18 48.18 -8.94
C LYS D 930 -24.43 46.91 -8.55
N ILE D 931 -23.17 47.04 -8.11
CA ILE D 931 -22.39 45.84 -7.82
C ILE D 931 -23.00 45.05 -6.67
N GLN D 932 -23.57 45.73 -5.67
CA GLN D 932 -24.17 45.00 -4.54
C GLN D 932 -25.38 44.20 -4.99
N ASP D 933 -26.23 44.78 -5.83
CA ASP D 933 -27.37 44.04 -6.35
C ASP D 933 -26.91 42.86 -7.20
N SER D 934 -25.88 43.06 -8.02
CA SER D 934 -25.37 41.96 -8.83
C SER D 934 -24.85 40.82 -7.96
N LEU D 935 -24.16 41.16 -6.87
CA LEU D 935 -23.66 40.12 -5.97
C LEU D 935 -24.80 39.43 -5.24
N SER D 936 -25.83 40.18 -4.84
CA SER D 936 -26.90 39.59 -4.04
C SER D 936 -27.80 38.69 -4.87
N SER D 937 -28.19 39.14 -6.06
CA SER D 937 -29.19 38.43 -6.85
C SER D 937 -28.60 37.37 -7.78
N THR D 938 -27.28 37.29 -7.90
CA THR D 938 -26.69 36.26 -8.73
C THR D 938 -26.92 34.88 -8.12
N PRO D 939 -27.10 33.84 -8.94
CA PRO D 939 -27.38 32.51 -8.38
C PRO D 939 -26.25 31.99 -7.51
N SER D 940 -25.04 31.91 -8.06
CA SER D 940 -23.89 31.46 -7.30
C SER D 940 -22.63 32.05 -7.95
N ALA D 941 -22.13 33.13 -7.36
CA ALA D 941 -20.89 33.74 -7.83
C ALA D 941 -19.69 33.37 -6.99
N LEU D 942 -19.91 32.95 -5.74
CA LEU D 942 -18.83 32.52 -4.87
C LEU D 942 -18.61 31.01 -5.01
N GLY D 943 -18.35 30.60 -6.26
CA GLY D 943 -18.14 29.20 -6.52
C GLY D 943 -16.85 28.66 -5.93
N LYS D 944 -15.78 29.44 -6.01
CA LYS D 944 -14.46 28.92 -5.64
C LYS D 944 -14.36 28.66 -4.15
N LEU D 945 -14.78 29.64 -3.33
CA LEU D 945 -14.71 29.47 -1.88
C LEU D 945 -15.63 28.35 -1.43
N GLN D 946 -16.83 28.26 -2.03
CA GLN D 946 -17.74 27.18 -1.68
C GLN D 946 -17.13 25.82 -2.02
N ASP D 947 -16.47 25.72 -3.17
CA ASP D 947 -15.85 24.46 -3.56
C ASP D 947 -14.72 24.08 -2.61
N VAL D 948 -13.87 25.05 -2.23
CA VAL D 948 -12.76 24.71 -1.35
C VAL D 948 -13.27 24.36 0.04
N VAL D 949 -14.40 24.93 0.45
CA VAL D 949 -15.00 24.52 1.72
C VAL D 949 -15.56 23.12 1.62
N ASN D 950 -16.24 22.80 0.50
CA ASN D 950 -16.90 21.50 0.38
C ASN D 950 -15.92 20.35 0.24
N HIS D 951 -14.77 20.58 -0.40
CA HIS D 951 -13.86 19.48 -0.67
C HIS D 951 -13.31 18.87 0.63
N ASN D 952 -12.93 19.72 1.58
CA ASN D 952 -12.40 19.21 2.85
C ASN D 952 -13.46 18.43 3.61
N ALA D 953 -14.69 18.93 3.63
CA ALA D 953 -15.76 18.21 4.31
C ALA D 953 -16.00 16.86 3.66
N GLN D 954 -15.98 16.81 2.32
CA GLN D 954 -16.17 15.54 1.63
C GLN D 954 -15.05 14.56 1.98
N ALA D 955 -13.80 15.04 1.99
CA ALA D 955 -12.68 14.16 2.32
C ALA D 955 -12.80 13.63 3.74
N LEU D 956 -13.15 14.49 4.69
CA LEU D 956 -13.31 14.04 6.07
C LEU D 956 -14.44 13.04 6.21
N ASN D 957 -15.55 13.27 5.50
CA ASN D 957 -16.66 12.33 5.55
C ASN D 957 -16.25 10.96 5.02
N THR D 958 -15.53 10.94 3.90
CA THR D 958 -15.06 9.66 3.37
C THR D 958 -14.12 8.97 4.35
N LEU D 959 -13.21 9.73 4.96
CA LEU D 959 -12.28 9.14 5.91
C LEU D 959 -13.01 8.54 7.10
N VAL D 960 -14.01 9.24 7.62
CA VAL D 960 -14.78 8.71 8.75
C VAL D 960 -15.54 7.46 8.35
N LYS D 961 -16.20 7.51 7.18
CA LYS D 961 -16.96 6.36 6.73
C LYS D 961 -16.09 5.14 6.45
N GLN D 962 -14.80 5.35 6.18
CA GLN D 962 -13.91 4.23 5.93
C GLN D 962 -13.73 3.33 7.13
N LEU D 963 -14.14 3.75 8.33
CA LEU D 963 -13.95 2.94 9.52
C LEU D 963 -14.77 1.65 9.45
N SER D 964 -16.00 1.74 8.98
CA SER D 964 -16.91 0.59 8.99
C SER D 964 -16.76 -0.24 7.72
N SER D 965 -15.57 -0.81 7.56
CA SER D 965 -15.28 -1.70 6.45
C SER D 965 -14.56 -2.93 6.97
N LYS D 966 -14.99 -4.11 6.52
CA LYS D 966 -14.45 -5.35 7.06
C LYS D 966 -12.99 -5.55 6.66
N PHE D 967 -12.62 -5.11 5.47
CA PHE D 967 -11.26 -5.29 4.94
C PHE D 967 -10.86 -6.76 4.90
N GLY D 968 -11.85 -7.65 4.81
CA GLY D 968 -11.60 -9.07 4.82
C GLY D 968 -11.58 -9.72 6.20
N ALA D 969 -11.77 -8.95 7.26
CA ALA D 969 -11.77 -9.51 8.60
C ALA D 969 -13.16 -10.04 8.95
N ILE D 970 -13.30 -10.55 10.17
CA ILE D 970 -14.58 -11.09 10.61
C ILE D 970 -15.61 -9.99 10.79
N SER D 971 -15.21 -8.90 11.45
CA SER D 971 -16.13 -7.81 11.72
C SER D 971 -15.35 -6.51 11.80
N SER D 972 -16.07 -5.40 11.64
CA SER D 972 -15.46 -4.08 11.62
C SER D 972 -15.35 -3.45 12.99
N VAL D 973 -15.77 -4.14 14.05
CA VAL D 973 -15.71 -3.62 15.41
C VAL D 973 -14.47 -4.20 16.09
N LEU D 974 -13.66 -3.34 16.69
CA LEU D 974 -12.45 -3.80 17.33
C LEU D 974 -12.73 -4.49 18.67
N ASN D 975 -13.88 -4.24 19.27
CA ASN D 975 -14.18 -4.75 20.60
C ASN D 975 -14.69 -6.19 20.59
N ASP D 976 -15.64 -6.49 19.71
CA ASP D 976 -16.22 -7.83 19.72
C ASP D 976 -15.20 -8.90 19.35
N ILE D 977 -14.30 -8.59 18.42
CA ILE D 977 -13.26 -9.55 18.06
C ILE D 977 -12.42 -9.92 19.28
N LEU D 978 -12.17 -8.95 20.16
CA LEU D 978 -11.41 -9.21 21.37
C LEU D 978 -12.15 -10.19 22.27
N SER D 979 -13.43 -9.92 22.54
CA SER D 979 -14.22 -10.85 23.36
C SER D 979 -14.94 -11.88 22.50
N ARG D 980 -14.18 -12.47 21.57
CA ARG D 980 -14.65 -13.61 20.78
C ARG D 980 -13.61 -14.70 20.61
N LEU D 981 -12.32 -14.37 20.69
CA LEU D 981 -11.25 -15.30 20.37
C LEU D 981 -10.04 -14.99 21.23
N ASP D 982 -9.19 -15.99 21.42
CA ASP D 982 -7.92 -15.78 22.07
C ASP D 982 -6.95 -15.11 21.10
N PRO D 983 -5.89 -14.49 21.62
CA PRO D 983 -4.96 -13.73 20.77
C PRO D 983 -4.36 -14.54 19.62
N PRO D 984 -3.99 -15.83 19.83
CA PRO D 984 -3.23 -16.52 18.77
C PRO D 984 -3.86 -16.51 17.39
N GLU D 985 -5.19 -16.60 17.28
CA GLU D 985 -5.83 -16.41 15.98
C GLU D 985 -6.66 -15.14 15.92
N ALA D 986 -6.52 -14.23 16.89
CA ALA D 986 -7.05 -12.89 16.75
C ALA D 986 -6.04 -11.93 16.13
N GLU D 987 -4.75 -12.28 16.18
CA GLU D 987 -3.72 -11.40 15.65
C GLU D 987 -3.88 -11.20 14.15
N VAL D 988 -4.30 -12.23 13.43
CA VAL D 988 -4.47 -12.10 11.98
C VAL D 988 -5.55 -11.07 11.65
N GLN D 989 -6.69 -11.14 12.35
CA GLN D 989 -7.75 -10.17 12.11
C GLN D 989 -7.31 -8.77 12.50
N ILE D 990 -6.63 -8.64 13.64
CA ILE D 990 -6.17 -7.32 14.06
C ILE D 990 -5.21 -6.74 13.03
N ASP D 991 -4.31 -7.56 12.50
CA ASP D 991 -3.34 -7.10 11.52
C ASP D 991 -4.04 -6.70 10.22
N ARG D 992 -5.03 -7.47 9.78
CA ARG D 992 -5.75 -7.12 8.57
C ARG D 992 -6.44 -5.77 8.73
N LEU D 993 -7.12 -5.55 9.85
CA LEU D 993 -7.77 -4.27 10.07
C LEU D 993 -6.74 -3.15 10.14
N ILE D 994 -5.61 -3.38 10.80
CA ILE D 994 -4.60 -2.34 10.94
C ILE D 994 -4.05 -1.92 9.58
N THR D 995 -3.70 -2.89 8.74
CA THR D 995 -3.14 -2.53 7.45
C THR D 995 -4.18 -1.85 6.57
N GLY D 996 -5.44 -2.28 6.65
CA GLY D 996 -6.48 -1.58 5.91
C GLY D 996 -6.64 -0.13 6.35
N ARG D 997 -6.64 0.10 7.66
CA ARG D 997 -6.80 1.47 8.16
C ARG D 997 -5.61 2.34 7.78
N LEU D 998 -4.39 1.79 7.83
CA LEU D 998 -3.23 2.55 7.42
C LEU D 998 -3.30 2.93 5.96
N GLN D 999 -3.70 1.98 5.10
CA GLN D 999 -3.84 2.28 3.69
C GLN D 999 -4.89 3.36 3.46
N SER D 1000 -5.99 3.32 4.20
CA SER D 1000 -7.01 4.34 4.05
C SER D 1000 -6.53 5.70 4.56
N LEU D 1001 -5.66 5.71 5.58
CA LEU D 1001 -5.20 6.97 6.16
C LEU D 1001 -4.15 7.65 5.30
N GLN D 1002 -3.31 6.89 4.60
CA GLN D 1002 -2.24 7.50 3.82
C GLN D 1002 -2.79 8.41 2.72
N THR D 1003 -3.86 7.99 2.05
CA THR D 1003 -4.38 8.73 0.92
C THR D 1003 -4.87 10.12 1.34
N TYR D 1004 -5.37 10.25 2.56
CA TYR D 1004 -5.86 11.54 3.02
C TYR D 1004 -4.75 12.58 3.01
N VAL D 1005 -3.62 12.29 3.65
CA VAL D 1005 -2.53 13.25 3.66
C VAL D 1005 -1.92 13.42 2.28
N THR D 1006 -1.91 12.34 1.48
CA THR D 1006 -1.37 12.47 0.13
C THR D 1006 -2.17 13.48 -0.69
N GLN D 1007 -3.51 13.43 -0.59
CA GLN D 1007 -4.33 14.41 -1.30
C GLN D 1007 -4.20 15.80 -0.67
N GLN D 1008 -4.09 15.86 0.66
CA GLN D 1008 -4.01 17.15 1.33
C GLN D 1008 -2.78 17.92 0.89
N LEU D 1009 -1.66 17.23 0.68
CA LEU D 1009 -0.44 17.92 0.28
C LEU D 1009 -0.63 18.63 -1.07
N ILE D 1010 -1.23 17.94 -2.03
CA ILE D 1010 -1.46 18.53 -3.35
C ILE D 1010 -2.43 19.69 -3.26
N ARG D 1011 -3.52 19.51 -2.49
CA ARG D 1011 -4.48 20.61 -2.36
C ARG D 1011 -3.84 21.82 -1.71
N ALA D 1012 -2.98 21.60 -0.70
CA ALA D 1012 -2.29 22.70 -0.07
C ALA D 1012 -1.35 23.40 -1.04
N ALA D 1013 -0.69 22.64 -1.91
CA ALA D 1013 0.18 23.27 -2.90
C ALA D 1013 -0.62 24.17 -3.84
N GLU D 1014 -1.77 23.69 -4.30
CA GLU D 1014 -2.61 24.52 -5.17
C GLU D 1014 -3.08 25.79 -4.46
N ILE D 1015 -3.51 25.65 -3.20
CA ILE D 1015 -3.97 26.81 -2.44
C ILE D 1015 -2.81 27.80 -2.23
N ARG D 1016 -1.60 27.28 -2.02
CA ARG D 1016 -0.45 28.16 -1.86
C ARG D 1016 -0.16 28.95 -3.14
N ALA D 1017 -0.29 28.29 -4.30
CA ALA D 1017 -0.12 29.01 -5.55
C ALA D 1017 -1.16 30.13 -5.67
N SER D 1018 -2.41 29.83 -5.32
CA SER D 1018 -3.44 30.86 -5.38
C SER D 1018 -3.15 31.99 -4.41
N ALA D 1019 -2.65 31.68 -3.22
CA ALA D 1019 -2.33 32.71 -2.25
C ALA D 1019 -1.20 33.60 -2.73
N ASN D 1020 -0.19 33.02 -3.37
CA ASN D 1020 0.89 33.84 -3.94
C ASN D 1020 0.36 34.76 -5.02
N LEU D 1021 -0.54 34.26 -5.87
CA LEU D 1021 -1.13 35.12 -6.88
C LEU D 1021 -1.91 36.27 -6.23
N ALA D 1022 -2.66 35.96 -5.17
CA ALA D 1022 -3.43 37.00 -4.49
C ALA D 1022 -2.51 38.05 -3.88
N ALA D 1023 -1.40 37.62 -3.28
CA ALA D 1023 -0.46 38.57 -2.71
C ALA D 1023 0.14 39.46 -3.79
N THR D 1024 0.48 38.88 -4.94
CA THR D 1024 1.00 39.69 -6.03
C THR D 1024 -0.02 40.71 -6.51
N LYS D 1025 -1.28 40.29 -6.66
CA LYS D 1025 -2.31 41.23 -7.10
C LYS D 1025 -2.49 42.36 -6.10
N MET D 1026 -2.50 42.04 -4.82
CA MET D 1026 -2.65 43.07 -3.80
C MET D 1026 -1.48 44.03 -3.80
N SER D 1027 -0.25 43.52 -3.95
CA SER D 1027 0.91 44.40 -3.91
C SER D 1027 1.02 45.26 -5.15
N GLU D 1028 0.60 44.76 -6.31
CA GLU D 1028 0.81 45.50 -7.55
C GLU D 1028 -0.36 46.42 -7.91
N CYS D 1029 -1.59 46.01 -7.63
CA CYS D 1029 -2.74 46.78 -8.08
C CYS D 1029 -3.29 47.71 -7.01
N VAL D 1030 -3.41 47.23 -5.77
CA VAL D 1030 -3.95 48.08 -4.71
C VAL D 1030 -3.01 49.24 -4.42
N LEU D 1031 -1.71 48.96 -4.32
CA LEU D 1031 -0.72 49.98 -3.99
C LEU D 1031 -0.08 50.58 -5.24
N GLY D 1032 -0.91 51.03 -6.18
CA GLY D 1032 -0.38 51.66 -7.38
C GLY D 1032 -0.99 51.11 -8.66
N GLN D 1033 -0.96 51.93 -9.72
CA GLN D 1033 -1.51 51.50 -10.99
C GLN D 1033 -0.66 50.39 -11.61
N SER D 1034 -1.32 49.53 -12.36
CA SER D 1034 -0.66 48.41 -13.01
C SER D 1034 -0.73 48.59 -14.52
N LYS D 1035 0.42 48.42 -15.19
CA LYS D 1035 0.50 48.57 -16.63
C LYS D 1035 0.35 47.25 -17.36
N ARG D 1036 0.21 46.14 -16.65
CA ARG D 1036 0.02 44.85 -17.30
C ARG D 1036 -1.37 44.79 -17.91
N VAL D 1037 -1.44 44.38 -19.18
CA VAL D 1037 -2.71 44.36 -19.90
C VAL D 1037 -3.52 43.15 -19.44
N ASP D 1038 -4.79 43.40 -19.09
CA ASP D 1038 -5.72 42.36 -18.67
C ASP D 1038 -5.16 41.59 -17.47
N PHE D 1039 -4.68 42.34 -16.48
CA PHE D 1039 -4.26 41.77 -15.21
C PHE D 1039 -5.23 42.11 -14.09
N CYS D 1040 -5.56 43.39 -13.93
CA CYS D 1040 -6.54 43.84 -12.94
C CYS D 1040 -7.68 44.51 -13.71
N GLY D 1041 -8.66 43.71 -14.11
CA GLY D 1041 -9.81 44.20 -14.82
C GLY D 1041 -9.61 44.25 -16.33
N LYS D 1042 -10.73 44.24 -17.04
CA LYS D 1042 -10.72 44.28 -18.49
C LYS D 1042 -10.76 45.74 -18.92
N GLY D 1043 -9.60 46.29 -19.28
CA GLY D 1043 -9.46 47.66 -19.70
C GLY D 1043 -8.25 48.30 -19.05
N TYR D 1044 -8.19 49.62 -19.12
CA TYR D 1044 -7.12 50.36 -18.47
C TYR D 1044 -7.42 50.48 -16.99
N HIS D 1045 -6.55 49.93 -16.16
CA HIS D 1045 -6.82 49.83 -14.73
C HIS D 1045 -6.69 51.19 -14.05
N LEU D 1046 -7.54 51.43 -13.05
CA LEU D 1046 -7.49 52.67 -12.28
C LEU D 1046 -7.18 52.44 -10.81
N MET D 1047 -7.96 51.63 -10.11
CA MET D 1047 -7.76 51.42 -8.67
C MET D 1047 -8.08 49.97 -8.34
N SER D 1048 -8.23 49.70 -7.04
CA SER D 1048 -8.70 48.41 -6.55
C SER D 1048 -9.03 48.55 -5.08
N PHE D 1049 -9.97 47.72 -4.62
CA PHE D 1049 -10.40 47.72 -3.23
C PHE D 1049 -10.51 46.28 -2.76
N PRO D 1050 -9.85 45.91 -1.68
CA PRO D 1050 -9.94 44.55 -1.17
C PRO D 1050 -11.08 44.39 -0.17
N GLN D 1051 -11.65 43.19 -0.16
CA GLN D 1051 -12.65 42.80 0.82
C GLN D 1051 -12.34 41.38 1.28
N SER D 1052 -12.64 41.10 2.53
CA SER D 1052 -12.40 39.79 3.09
C SER D 1052 -13.58 38.87 2.80
N ALA D 1053 -13.33 37.57 2.90
CA ALA D 1053 -14.38 36.57 2.77
C ALA D 1053 -13.89 35.29 3.42
N PRO D 1054 -14.79 34.41 3.83
CA PRO D 1054 -14.36 33.17 4.48
C PRO D 1054 -13.36 32.40 3.63
N HIS D 1055 -12.12 32.33 4.09
CA HIS D 1055 -11.03 31.66 3.38
C HIS D 1055 -10.84 32.23 1.98
N GLY D 1056 -10.88 33.56 1.86
CA GLY D 1056 -10.66 34.13 0.55
C GLY D 1056 -10.69 35.65 0.58
N VAL D 1057 -10.32 36.22 -0.56
CA VAL D 1057 -10.29 37.67 -0.75
C VAL D 1057 -11.05 38.01 -2.02
N VAL D 1058 -11.64 39.20 -2.05
CA VAL D 1058 -12.45 39.66 -3.17
C VAL D 1058 -11.96 41.04 -3.58
N PHE D 1059 -11.69 41.21 -4.87
CA PHE D 1059 -11.21 42.47 -5.42
C PHE D 1059 -12.29 43.12 -6.25
N LEU D 1060 -12.22 44.46 -6.32
CA LEU D 1060 -13.24 45.32 -6.90
C LEU D 1060 -12.64 46.22 -7.97
N HIS D 1061 -11.95 45.63 -8.94
CA HIS D 1061 -11.16 46.41 -9.90
C HIS D 1061 -12.02 47.43 -10.62
N VAL D 1062 -11.54 48.67 -10.67
CA VAL D 1062 -12.22 49.77 -11.33
C VAL D 1062 -11.46 50.11 -12.60
N THR D 1063 -12.12 49.93 -13.75
CA THR D 1063 -11.47 50.05 -15.04
C THR D 1063 -11.97 51.27 -15.79
N TYR D 1064 -11.53 51.42 -17.04
CA TYR D 1064 -11.87 52.57 -17.86
C TYR D 1064 -11.96 52.09 -19.31
N VAL D 1065 -13.15 52.12 -19.88
CA VAL D 1065 -13.41 51.54 -21.19
C VAL D 1065 -13.90 52.63 -22.12
N PRO D 1066 -13.27 52.85 -23.28
CA PRO D 1066 -13.78 53.86 -24.22
C PRO D 1066 -15.08 53.41 -24.87
N ALA D 1067 -15.84 54.38 -25.36
CA ALA D 1067 -17.13 54.12 -25.98
C ALA D 1067 -17.46 55.22 -26.96
N GLN D 1068 -18.31 54.87 -27.94
CA GLN D 1068 -18.69 55.69 -29.08
C GLN D 1068 -17.50 55.88 -30.01
N GLU D 1069 -17.76 56.02 -31.31
CA GLU D 1069 -16.69 56.04 -32.29
C GLU D 1069 -16.99 57.06 -33.37
N LYS D 1070 -15.95 57.41 -34.12
CA LYS D 1070 -16.07 58.31 -35.27
C LYS D 1070 -14.79 58.18 -36.07
N ASN D 1071 -14.92 57.91 -37.37
CA ASN D 1071 -13.74 57.69 -38.20
C ASN D 1071 -13.35 58.96 -38.94
N PHE D 1072 -12.07 59.06 -39.27
CA PHE D 1072 -11.51 60.25 -39.88
C PHE D 1072 -10.45 59.87 -40.91
N THR D 1073 -9.86 60.89 -41.52
CA THR D 1073 -8.81 60.73 -42.50
C THR D 1073 -7.49 61.23 -41.93
N THR D 1074 -6.40 60.50 -42.23
CA THR D 1074 -5.12 60.74 -41.60
C THR D 1074 -3.98 60.68 -42.61
N ALA D 1075 -2.84 61.23 -42.22
CA ALA D 1075 -1.59 61.16 -42.97
C ALA D 1075 -0.44 61.15 -41.97
N PRO D 1076 0.58 60.32 -42.19
CA PRO D 1076 1.63 60.15 -41.18
C PRO D 1076 2.45 61.40 -40.92
N ALA D 1077 2.45 62.37 -41.82
CA ALA D 1077 3.27 63.56 -41.62
C ALA D 1077 2.67 64.72 -42.39
N ILE D 1078 3.13 65.93 -42.05
CA ILE D 1078 2.68 67.15 -42.68
C ILE D 1078 3.89 67.87 -43.25
N CYS D 1079 3.82 68.23 -44.52
CA CYS D 1079 4.88 68.98 -45.20
C CYS D 1079 4.49 70.45 -45.26
N HIS D 1080 5.41 71.33 -44.90
CA HIS D 1080 5.18 72.76 -44.99
C HIS D 1080 6.03 73.40 -46.09
N ASP D 1081 7.35 73.27 -46.01
CA ASP D 1081 8.23 73.78 -47.06
C ASP D 1081 9.49 72.91 -47.07
N GLY D 1082 9.48 71.88 -47.91
CA GLY D 1082 10.64 71.01 -48.05
C GLY D 1082 11.06 70.30 -46.80
N LYS D 1083 10.17 70.20 -45.81
CA LYS D 1083 10.49 69.56 -44.54
C LYS D 1083 9.27 68.80 -44.04
N ALA D 1084 9.52 67.79 -43.22
CA ALA D 1084 8.44 67.04 -42.62
C ALA D 1084 8.04 67.67 -41.29
N HIS D 1085 6.93 67.19 -40.73
CA HIS D 1085 6.47 67.66 -39.43
C HIS D 1085 5.70 66.51 -38.76
N PHE D 1086 6.36 65.81 -37.88
CA PHE D 1086 5.71 64.75 -37.14
C PHE D 1086 5.13 65.32 -35.84
N PRO D 1087 4.00 64.78 -35.37
CA PRO D 1087 3.41 65.30 -34.14
C PRO D 1087 4.25 64.96 -32.92
N ARG D 1088 4.17 65.82 -31.91
CA ARG D 1088 4.90 65.55 -30.67
C ARG D 1088 4.28 64.38 -29.91
N GLU D 1089 2.98 64.46 -29.63
CA GLU D 1089 2.26 63.37 -28.99
C GLU D 1089 0.81 63.44 -29.44
N GLY D 1090 0.44 62.55 -30.35
CA GLY D 1090 -0.87 62.57 -30.95
C GLY D 1090 -0.76 62.14 -32.39
N VAL D 1091 -1.91 62.18 -33.08
CA VAL D 1091 -1.96 61.86 -34.49
C VAL D 1091 -2.65 62.98 -35.23
N PHE D 1092 -2.35 63.06 -36.53
CA PHE D 1092 -2.98 64.03 -37.41
C PHE D 1092 -4.34 63.52 -37.85
N VAL D 1093 -5.38 64.33 -37.65
CA VAL D 1093 -6.73 63.96 -38.00
C VAL D 1093 -7.37 65.13 -38.74
N SER D 1094 -8.02 64.84 -39.87
CA SER D 1094 -8.73 65.85 -40.64
C SER D 1094 -10.20 65.48 -40.72
N ASN D 1095 -11.06 66.46 -40.47
CA ASN D 1095 -12.49 66.24 -40.59
C ASN D 1095 -13.00 66.47 -42.00
N GLY D 1096 -12.12 66.81 -42.94
CA GLY D 1096 -12.51 66.98 -44.33
C GLY D 1096 -11.88 68.19 -44.99
N THR D 1097 -11.72 69.27 -44.23
CA THR D 1097 -11.11 70.48 -44.77
C THR D 1097 -9.82 70.80 -44.01
N HIS D 1098 -9.91 70.84 -42.69
CA HIS D 1098 -8.80 71.28 -41.87
C HIS D 1098 -8.17 70.10 -41.14
N TRP D 1099 -6.95 70.31 -40.67
CA TRP D 1099 -6.19 69.29 -39.96
C TRP D 1099 -5.99 69.70 -38.51
N PHE D 1100 -5.83 68.69 -37.64
CA PHE D 1100 -5.63 68.91 -36.22
C PHE D 1100 -4.76 67.80 -35.68
N VAL D 1101 -4.21 68.03 -34.50
CA VAL D 1101 -3.49 67.01 -33.75
C VAL D 1101 -4.40 66.55 -32.62
N THR D 1102 -4.33 65.26 -32.29
CA THR D 1102 -5.22 64.77 -31.25
C THR D 1102 -4.54 63.66 -30.45
N GLN D 1103 -5.11 63.37 -29.28
CA GLN D 1103 -4.62 62.30 -28.43
C GLN D 1103 -5.10 60.94 -28.94
N ARG D 1104 -4.52 59.89 -28.38
CA ARG D 1104 -4.75 58.53 -28.86
C ARG D 1104 -5.99 57.87 -28.28
N ASN D 1105 -6.63 58.46 -27.28
CA ASN D 1105 -7.70 57.76 -26.59
C ASN D 1105 -8.91 58.63 -26.26
N PHE D 1106 -8.99 59.86 -26.77
CA PHE D 1106 -10.10 60.74 -26.47
C PHE D 1106 -10.06 61.88 -27.48
N TYR D 1107 -11.17 62.12 -28.17
CA TYR D 1107 -11.17 63.13 -29.22
C TYR D 1107 -10.96 64.51 -28.61
N GLU D 1108 -9.96 65.22 -29.10
CA GLU D 1108 -9.64 66.55 -28.62
C GLU D 1108 -8.78 67.28 -29.65
N PRO D 1109 -9.38 67.80 -30.72
CA PRO D 1109 -8.58 68.43 -31.77
C PRO D 1109 -7.96 69.74 -31.31
N GLN D 1110 -6.82 70.06 -31.91
CA GLN D 1110 -6.13 71.32 -31.64
C GLN D 1110 -5.53 71.84 -32.93
N ILE D 1111 -5.37 73.16 -33.00
CA ILE D 1111 -4.79 73.79 -34.18
C ILE D 1111 -3.30 73.48 -34.24
N ILE D 1112 -2.81 73.12 -35.42
CA ILE D 1112 -1.41 72.75 -35.56
C ILE D 1112 -0.54 73.98 -35.42
N THR D 1113 0.42 73.92 -34.50
CA THR D 1113 1.40 74.99 -34.34
C THR D 1113 2.79 74.40 -34.25
N THR D 1114 3.78 75.22 -33.90
CA THR D 1114 5.15 74.74 -33.77
C THR D 1114 5.44 74.10 -32.43
N ASP D 1115 4.49 74.10 -31.50
CA ASP D 1115 4.66 73.48 -30.20
C ASP D 1115 4.17 72.04 -30.16
N ASN D 1116 3.60 71.53 -31.25
CA ASN D 1116 3.12 70.16 -31.31
C ASN D 1116 3.91 69.30 -32.28
N THR D 1117 4.85 69.87 -33.01
CA THR D 1117 5.57 69.16 -34.06
C THR D 1117 7.07 69.34 -33.90
N PHE D 1118 7.82 68.32 -34.30
CA PHE D 1118 9.26 68.42 -34.41
C PHE D 1118 9.67 68.01 -35.81
N VAL D 1119 10.49 68.84 -36.45
CA VAL D 1119 10.85 68.65 -37.85
C VAL D 1119 12.02 67.69 -37.95
N SER D 1120 11.90 66.70 -38.84
CA SER D 1120 12.96 65.71 -39.03
C SER D 1120 12.82 65.12 -40.43
N GLY D 1121 13.65 65.57 -41.36
CA GLY D 1121 13.67 65.04 -42.70
C GLY D 1121 13.68 66.15 -43.73
N ASN D 1122 13.37 65.77 -44.98
CA ASN D 1122 13.36 66.74 -46.07
C ASN D 1122 12.17 66.57 -47.00
N CYS D 1123 11.09 65.93 -46.52
CA CYS D 1123 9.83 65.82 -47.28
C CYS D 1123 10.01 65.08 -48.60
N ASP D 1124 10.80 64.00 -48.58
CA ASP D 1124 10.93 63.15 -49.76
C ASP D 1124 10.91 61.66 -49.48
N VAL D 1125 11.11 61.21 -48.25
CA VAL D 1125 11.22 59.80 -47.95
C VAL D 1125 9.94 59.24 -47.35
N VAL D 1126 9.29 60.01 -46.48
CA VAL D 1126 8.03 59.56 -45.89
C VAL D 1126 6.97 59.44 -46.98
N ILE D 1127 6.13 58.42 -46.85
CA ILE D 1127 5.10 58.11 -47.83
C ILE D 1127 3.74 58.40 -47.23
N GLY D 1128 2.93 59.17 -47.94
CA GLY D 1128 1.63 59.58 -47.46
C GLY D 1128 1.57 60.95 -46.85
N ILE D 1129 2.66 61.72 -46.92
CA ILE D 1129 2.70 63.05 -46.36
C ILE D 1129 1.88 64.00 -47.22
N VAL D 1130 0.98 64.75 -46.61
CA VAL D 1130 0.12 65.66 -47.36
C VAL D 1130 0.55 67.10 -47.14
N ASN D 1131 0.13 67.97 -48.05
CA ASN D 1131 0.47 69.38 -47.99
C ASN D 1131 -0.47 70.13 -47.04
N ASN D 1132 0.10 71.04 -46.26
CA ASN D 1132 -0.68 71.88 -45.36
C ASN D 1132 0.21 72.99 -44.80
N THR D 1133 -0.38 73.91 -44.05
CA THR D 1133 0.37 74.99 -43.42
C THR D 1133 0.22 74.90 -41.91
N VAL D 1134 1.26 75.34 -41.20
CA VAL D 1134 1.26 75.35 -39.75
C VAL D 1134 1.24 76.80 -39.27
N TYR D 1135 1.18 77.00 -37.96
CA TYR D 1135 1.07 78.31 -37.36
C TYR D 1135 2.38 78.67 -36.66
N ASP D 1136 2.76 79.94 -36.76
CA ASP D 1136 3.96 80.45 -36.09
C ASP D 1136 3.57 81.52 -35.09
N PRO D 1137 3.70 81.27 -33.78
CA PRO D 1137 3.39 82.27 -32.76
C PRO D 1137 4.60 83.12 -32.39
N VAL E 1 -62.47 -25.04 -39.48
CA VAL E 1 -61.28 -24.69 -38.72
C VAL E 1 -60.27 -25.83 -38.78
N GLN E 2 -59.11 -25.55 -39.38
CA GLN E 2 -58.05 -26.54 -39.49
C GLN E 2 -56.75 -25.82 -39.82
N LEU E 3 -55.65 -26.41 -39.38
CA LEU E 3 -54.32 -25.84 -39.59
C LEU E 3 -53.34 -26.95 -39.89
N VAL E 4 -52.45 -26.71 -40.86
CA VAL E 4 -51.49 -27.70 -41.33
C VAL E 4 -50.12 -27.05 -41.48
N GLU E 5 -49.10 -27.90 -41.48
CA GLU E 5 -47.72 -27.47 -41.43
C GLU E 5 -46.98 -27.81 -42.72
N SER E 6 -45.85 -27.13 -42.92
CA SER E 6 -45.00 -27.38 -44.08
C SER E 6 -43.59 -26.88 -43.78
N GLY E 7 -42.62 -27.38 -44.55
CA GLY E 7 -41.27 -26.86 -44.50
C GLY E 7 -40.21 -27.84 -44.00
N GLY E 8 -40.56 -29.12 -43.88
CA GLY E 8 -39.61 -30.09 -43.39
C GLY E 8 -38.59 -30.50 -44.43
N GLY E 9 -37.58 -31.22 -43.97
CA GLY E 9 -36.55 -31.74 -44.87
C GLY E 9 -35.36 -32.24 -44.09
N LEU E 10 -34.45 -32.87 -44.83
CA LEU E 10 -33.21 -33.41 -44.27
C LEU E 10 -32.13 -32.35 -44.41
N VAL E 11 -31.60 -31.89 -43.27
CA VAL E 11 -30.67 -30.77 -43.24
C VAL E 11 -29.43 -31.15 -42.45
N GLN E 12 -28.26 -30.79 -42.98
CA GLN E 12 -27.00 -31.08 -42.33
C GLN E 12 -26.90 -30.32 -41.01
N PRO E 13 -26.10 -30.83 -40.06
CA PRO E 13 -25.97 -30.14 -38.76
C PRO E 13 -25.43 -28.73 -38.92
N GLY E 14 -25.85 -27.87 -38.00
CA GLY E 14 -25.49 -26.46 -38.06
C GLY E 14 -26.13 -25.71 -39.22
N GLY E 15 -27.38 -26.01 -39.53
CA GLY E 15 -28.10 -25.37 -40.61
C GLY E 15 -29.18 -24.44 -40.12
N SER E 16 -30.12 -24.14 -41.02
CA SER E 16 -31.23 -23.24 -40.74
C SER E 16 -32.50 -23.79 -41.37
N LEU E 17 -33.61 -23.72 -40.63
CA LEU E 17 -34.89 -24.20 -41.11
C LEU E 17 -35.96 -23.15 -40.80
N ARG E 18 -37.07 -23.24 -41.52
CA ARG E 18 -38.15 -22.27 -41.34
C ARG E 18 -39.48 -22.99 -41.60
N LEU E 19 -40.08 -23.50 -40.53
CA LEU E 19 -41.35 -24.20 -40.63
C LEU E 19 -42.51 -23.22 -40.63
N SER E 20 -43.57 -23.57 -41.35
CA SER E 20 -44.74 -22.72 -41.49
C SER E 20 -45.97 -23.49 -41.07
N CYS E 21 -46.74 -22.92 -40.15
CA CYS E 21 -48.03 -23.46 -39.74
C CYS E 21 -49.13 -22.51 -40.21
N SER E 22 -49.96 -22.99 -41.14
CA SER E 22 -51.00 -22.19 -41.77
C SER E 22 -52.36 -22.64 -41.26
N ALA E 23 -53.16 -21.68 -40.81
CA ALA E 23 -54.50 -21.94 -40.29
C ALA E 23 -55.55 -21.35 -41.20
N SER E 24 -56.74 -21.95 -41.19
CA SER E 24 -57.84 -21.53 -42.05
C SER E 24 -58.92 -20.77 -41.28
N GLY E 25 -59.47 -21.38 -40.24
CA GLY E 25 -60.54 -20.77 -39.47
C GLY E 25 -60.16 -20.19 -38.13
N LEU E 26 -58.86 -20.06 -37.83
CA LEU E 26 -58.40 -19.50 -36.56
C LEU E 26 -57.53 -18.30 -36.87
N THR E 27 -58.01 -17.11 -36.52
CA THR E 27 -57.23 -15.91 -36.73
C THR E 27 -56.00 -15.92 -35.84
N VAL E 28 -54.84 -15.57 -36.41
CA VAL E 28 -53.61 -15.48 -35.63
C VAL E 28 -53.44 -14.14 -34.95
N SER E 29 -54.28 -13.15 -35.30
CA SER E 29 -54.11 -11.82 -34.74
C SER E 29 -54.28 -11.81 -33.23
N SER E 30 -55.29 -12.52 -32.72
CA SER E 30 -55.58 -12.54 -31.28
C SER E 30 -55.88 -13.99 -30.89
N ASN E 31 -54.84 -14.73 -30.53
CA ASN E 31 -55.00 -16.11 -30.07
C ASN E 31 -53.70 -16.55 -29.41
N HIS E 32 -53.77 -17.69 -28.72
CA HIS E 32 -52.61 -18.31 -28.09
C HIS E 32 -52.27 -19.58 -28.87
N MET E 33 -51.03 -19.69 -29.33
CA MET E 33 -50.61 -20.84 -30.10
C MET E 33 -49.27 -21.35 -29.58
N THR E 34 -48.99 -22.61 -29.89
CA THR E 34 -47.83 -23.29 -29.33
C THR E 34 -47.33 -24.35 -30.30
N TRP E 35 -46.10 -24.79 -30.07
CA TRP E 35 -45.46 -25.83 -30.86
C TRP E 35 -45.07 -26.99 -29.97
N VAL E 36 -45.31 -28.21 -30.44
CA VAL E 36 -45.00 -29.41 -29.69
C VAL E 36 -44.13 -30.32 -30.54
N ARG E 37 -43.02 -30.76 -29.97
CA ARG E 37 -42.05 -31.61 -30.66
C ARG E 37 -42.12 -33.01 -30.08
N GLN E 38 -42.16 -34.02 -30.94
CA GLN E 38 -42.18 -35.41 -30.52
C GLN E 38 -41.02 -36.15 -31.18
N ALA E 39 -40.05 -36.57 -30.37
CA ALA E 39 -39.00 -37.44 -30.85
C ALA E 39 -39.58 -38.84 -31.07
N PRO E 40 -38.96 -39.64 -31.94
CA PRO E 40 -39.54 -40.96 -32.25
C PRO E 40 -39.68 -41.85 -31.03
N GLY E 41 -40.93 -42.11 -30.64
CA GLY E 41 -41.20 -43.01 -29.53
C GLY E 41 -40.71 -42.55 -28.18
N LYS E 42 -40.52 -41.24 -27.99
CA LYS E 42 -39.99 -40.72 -26.74
C LYS E 42 -40.96 -39.77 -26.04
N GLY E 43 -42.21 -39.69 -26.48
CA GLY E 43 -43.16 -38.79 -25.87
C GLY E 43 -43.15 -37.40 -26.48
N LEU E 44 -43.89 -36.51 -25.83
CA LEU E 44 -44.04 -35.13 -26.29
C LEU E 44 -43.28 -34.19 -25.38
N GLU E 45 -43.06 -32.98 -25.88
CA GLU E 45 -42.33 -31.96 -25.12
C GLU E 45 -42.63 -30.60 -25.73
N TRP E 46 -43.26 -29.72 -24.96
CA TRP E 46 -43.53 -28.38 -25.44
C TRP E 46 -42.22 -27.62 -25.62
N VAL E 47 -42.12 -26.84 -26.70
CA VAL E 47 -40.86 -26.21 -27.05
C VAL E 47 -41.00 -24.69 -27.20
N SER E 48 -42.20 -24.22 -27.52
CA SER E 48 -42.37 -22.78 -27.74
C SER E 48 -43.85 -22.44 -27.70
N VAL E 49 -44.13 -21.19 -27.33
CA VAL E 49 -45.50 -20.70 -27.21
C VAL E 49 -45.50 -19.20 -27.44
N ILE E 50 -46.56 -18.71 -28.09
CA ILE E 50 -46.79 -17.29 -28.30
C ILE E 50 -48.22 -16.99 -27.89
N TYR E 51 -48.41 -15.85 -27.22
CA TYR E 51 -49.70 -15.50 -26.63
C TYR E 51 -50.45 -14.52 -27.54
N ARG E 52 -51.64 -14.14 -27.10
CA ARG E 52 -52.39 -13.11 -27.82
C ARG E 52 -51.68 -11.78 -27.81
N GLY E 53 -51.09 -11.41 -26.67
CA GLY E 53 -50.45 -10.11 -26.57
C GLY E 53 -49.28 -9.95 -27.53
N GLY E 54 -48.56 -11.04 -27.78
CA GLY E 54 -47.41 -11.01 -28.67
C GLY E 54 -46.10 -11.39 -28.03
N SER E 55 -46.08 -11.75 -26.75
CA SER E 55 -44.85 -12.16 -26.09
C SER E 55 -44.57 -13.64 -26.37
N THR E 56 -43.36 -14.07 -26.02
CA THR E 56 -42.91 -15.43 -26.29
C THR E 56 -42.25 -16.00 -25.04
N TYR E 57 -42.22 -17.33 -24.96
CA TYR E 57 -41.61 -18.02 -23.84
C TYR E 57 -41.21 -19.42 -24.32
N TYR E 58 -39.91 -19.61 -24.56
CA TYR E 58 -39.40 -20.89 -25.01
C TYR E 58 -39.06 -21.79 -23.83
N ALA E 59 -38.89 -23.07 -24.11
CA ALA E 59 -38.49 -24.01 -23.08
C ALA E 59 -37.04 -23.77 -22.67
N ASP E 60 -36.66 -24.37 -21.55
CA ASP E 60 -35.30 -24.19 -21.05
C ASP E 60 -34.26 -24.78 -22.00
N SER E 61 -34.55 -25.95 -22.57
CA SER E 61 -33.56 -26.65 -23.38
C SER E 61 -33.28 -25.92 -24.68
N VAL E 62 -34.30 -25.73 -25.51
CA VAL E 62 -34.13 -25.05 -26.80
C VAL E 62 -34.31 -23.56 -26.54
N LYS E 63 -33.24 -22.95 -26.05
CA LYS E 63 -33.22 -21.53 -25.72
C LYS E 63 -32.07 -20.86 -26.47
N GLY E 64 -32.35 -19.75 -27.13
CA GLY E 64 -31.36 -19.06 -27.92
C GLY E 64 -31.15 -19.63 -29.30
N ARG E 65 -31.88 -20.67 -29.69
CA ARG E 65 -31.78 -21.22 -31.04
C ARG E 65 -33.08 -21.06 -31.82
N LEU E 66 -34.19 -21.57 -31.30
CA LEU E 66 -35.47 -21.47 -32.00
C LEU E 66 -36.05 -20.08 -31.83
N THR E 67 -36.97 -19.72 -32.73
CA THR E 67 -37.63 -18.42 -32.65
C THR E 67 -39.00 -18.53 -33.29
N ILE E 68 -40.03 -18.23 -32.54
CA ILE E 68 -41.39 -18.23 -33.07
C ILE E 68 -41.75 -16.82 -33.52
N SER E 69 -42.57 -16.73 -34.55
CA SER E 69 -42.97 -15.43 -35.09
C SER E 69 -44.34 -15.55 -35.70
N ARG E 70 -45.09 -14.45 -35.65
CA ARG E 70 -46.47 -14.41 -36.10
C ARG E 70 -46.59 -13.45 -37.27
N ASP E 71 -47.40 -13.84 -38.26
CA ASP E 71 -47.66 -12.99 -39.41
C ASP E 71 -48.85 -12.08 -39.13
N ASN E 72 -48.75 -10.83 -39.57
CA ASN E 72 -49.86 -9.89 -39.47
C ASN E 72 -50.96 -10.36 -40.41
N SER E 73 -52.01 -10.94 -39.83
CA SER E 73 -53.04 -11.64 -40.59
C SER E 73 -52.43 -12.75 -41.42
N LYS E 74 -53.16 -13.25 -42.41
CA LYS E 74 -52.72 -14.29 -43.34
C LYS E 74 -52.64 -15.66 -42.68
N ASN E 75 -52.80 -15.69 -41.35
CA ASN E 75 -53.02 -16.93 -40.58
C ASN E 75 -51.99 -18.00 -40.90
N THR E 76 -50.70 -17.64 -40.81
CA THR E 76 -49.62 -18.61 -41.02
C THR E 76 -48.39 -18.16 -40.24
N LEU E 77 -48.21 -18.74 -39.06
CA LEU E 77 -47.06 -18.39 -38.23
C LEU E 77 -45.83 -19.20 -38.64
N TYR E 78 -44.66 -18.68 -38.27
CA TYR E 78 -43.39 -19.21 -38.73
C TYR E 78 -42.48 -19.51 -37.55
N LEU E 79 -41.93 -20.72 -37.52
CA LEU E 79 -40.96 -21.11 -36.50
C LEU E 79 -39.61 -21.31 -37.17
N GLN E 80 -38.64 -20.49 -36.81
CA GLN E 80 -37.30 -20.54 -37.40
C GLN E 80 -36.36 -21.30 -36.47
N MET E 81 -35.63 -22.26 -37.03
CA MET E 81 -34.69 -23.09 -36.28
C MET E 81 -33.27 -22.79 -36.72
N ASN E 82 -32.42 -22.46 -35.76
CA ASN E 82 -31.01 -22.20 -36.03
C ASN E 82 -30.21 -23.49 -35.88
N SER E 83 -28.91 -23.37 -35.60
CA SER E 83 -28.01 -24.52 -35.50
C SER E 83 -28.63 -25.67 -34.73
N LEU E 84 -28.44 -26.88 -35.25
CA LEU E 84 -29.07 -28.08 -34.72
C LEU E 84 -27.99 -29.04 -34.23
N ARG E 85 -28.30 -29.80 -33.17
CA ARG E 85 -27.34 -30.74 -32.60
C ARG E 85 -27.78 -32.18 -32.78
N ALA E 86 -28.34 -32.51 -33.95
CA ALA E 86 -28.69 -33.88 -34.31
C ALA E 86 -29.67 -34.53 -33.35
N GLU E 87 -30.24 -33.77 -32.42
CA GLU E 87 -31.26 -34.27 -31.51
C GLU E 87 -32.66 -33.81 -31.90
N ASP E 88 -32.78 -32.64 -32.51
CA ASP E 88 -34.06 -32.09 -32.91
C ASP E 88 -34.72 -32.84 -34.06
N THR E 89 -34.14 -33.92 -34.60
CA THR E 89 -34.82 -34.71 -35.61
C THR E 89 -36.06 -35.35 -35.00
N ALA E 90 -37.24 -34.85 -35.37
CA ALA E 90 -38.47 -35.23 -34.70
C ALA E 90 -39.64 -34.73 -35.52
N VAL E 91 -40.85 -34.99 -35.03
CA VAL E 91 -42.08 -34.56 -35.68
C VAL E 91 -42.62 -33.35 -34.93
N TYR E 92 -42.98 -32.31 -35.68
CA TYR E 92 -43.39 -31.04 -35.10
C TYR E 92 -44.87 -30.80 -35.39
N TYR E 93 -45.60 -30.35 -34.37
CA TYR E 93 -47.00 -29.98 -34.49
C TYR E 93 -47.20 -28.57 -33.98
N CYS E 94 -48.21 -27.90 -34.51
CA CYS E 94 -48.65 -26.60 -34.00
C CYS E 94 -50.08 -26.73 -33.49
N ALA E 95 -50.37 -26.04 -32.39
CA ALA E 95 -51.68 -26.17 -31.76
C ALA E 95 -52.09 -24.84 -31.16
N ARG E 96 -53.34 -24.77 -30.71
CA ARG E 96 -53.94 -23.57 -30.16
C ARG E 96 -54.39 -23.84 -28.73
N ALA E 97 -54.20 -22.85 -27.85
CA ALA E 97 -54.53 -22.95 -26.44
C ALA E 97 -55.72 -22.04 -26.11
N GLN E 98 -56.41 -22.38 -25.03
CA GLN E 98 -57.70 -21.75 -24.75
C GLN E 98 -57.54 -20.31 -24.26
N GLY E 99 -56.90 -20.11 -23.12
CA GLY E 99 -56.74 -18.75 -22.62
C GLY E 99 -56.29 -18.73 -21.18
N GLY E 100 -55.92 -17.53 -20.74
CA GLY E 100 -55.43 -17.28 -19.40
C GLY E 100 -54.86 -15.88 -19.29
N TRP E 101 -55.02 -15.22 -18.15
CA TRP E 101 -54.67 -13.81 -18.05
C TRP E 101 -53.20 -13.63 -17.64
N GLU E 102 -52.84 -12.41 -17.30
CA GLU E 102 -51.45 -11.92 -17.36
C GLU E 102 -51.02 -11.33 -16.03
N LEU E 103 -51.15 -12.11 -14.95
CA LEU E 103 -50.70 -11.70 -13.63
C LEU E 103 -49.35 -10.99 -13.71
N PRO E 104 -49.29 -9.70 -13.43
CA PRO E 104 -48.03 -8.98 -13.53
C PRO E 104 -47.00 -9.47 -12.52
N GLY E 105 -45.74 -9.33 -12.87
CA GLY E 105 -44.68 -9.89 -12.06
C GLY E 105 -44.50 -11.38 -12.23
N ALA E 106 -45.21 -11.98 -13.17
CA ALA E 106 -45.12 -13.40 -13.46
C ALA E 106 -45.60 -13.60 -14.89
N GLY E 107 -45.84 -14.85 -15.26
CA GLY E 107 -46.29 -15.20 -16.59
C GLY E 107 -47.79 -15.45 -16.65
N TYR E 108 -48.18 -16.28 -17.60
CA TYR E 108 -49.56 -16.73 -17.73
C TYR E 108 -49.69 -18.09 -17.08
N TYR E 109 -50.70 -18.27 -16.23
CA TYR E 109 -50.81 -19.50 -15.47
C TYR E 109 -52.03 -20.34 -15.80
N TYR E 110 -53.24 -19.78 -15.73
CA TYR E 110 -54.44 -20.59 -15.80
C TYR E 110 -54.76 -20.88 -17.27
N PHE E 111 -54.42 -22.08 -17.72
CA PHE E 111 -54.74 -22.57 -19.06
C PHE E 111 -55.63 -23.80 -18.98
N TYR E 112 -56.37 -24.04 -20.07
CA TYR E 112 -57.31 -25.15 -20.13
C TYR E 112 -56.73 -26.34 -20.90
N GLY E 113 -56.33 -26.14 -22.14
CA GLY E 113 -55.74 -27.19 -22.93
C GLY E 113 -55.91 -26.90 -24.41
N MET E 114 -55.14 -27.63 -25.21
CA MET E 114 -55.17 -27.44 -26.64
C MET E 114 -56.48 -27.97 -27.23
N ASP E 115 -56.87 -27.42 -28.37
CA ASP E 115 -58.14 -27.80 -28.99
C ASP E 115 -57.96 -28.45 -30.35
N VAL E 116 -57.17 -27.86 -31.25
CA VAL E 116 -57.05 -28.34 -32.62
C VAL E 116 -55.58 -28.66 -32.90
N TRP E 117 -55.35 -29.81 -33.54
CA TRP E 117 -54.01 -30.27 -33.84
C TRP E 117 -53.86 -30.50 -35.34
N GLY E 118 -52.66 -30.26 -35.84
CA GLY E 118 -52.31 -30.58 -37.20
C GLY E 118 -51.76 -31.99 -37.32
N GLN E 119 -51.27 -32.31 -38.52
CA GLN E 119 -50.63 -33.58 -38.77
C GLN E 119 -49.13 -33.56 -38.52
N GLY E 120 -48.52 -32.38 -38.49
CA GLY E 120 -47.11 -32.25 -38.17
C GLY E 120 -46.21 -32.56 -39.35
N THR E 121 -44.95 -32.13 -39.21
CA THR E 121 -43.94 -32.36 -40.24
C THR E 121 -42.68 -32.93 -39.60
N THR E 122 -41.98 -33.77 -40.35
CA THR E 122 -40.80 -34.46 -39.86
C THR E 122 -39.54 -33.70 -40.28
N VAL E 123 -38.64 -33.46 -39.32
CA VAL E 123 -37.38 -32.79 -39.58
C VAL E 123 -36.26 -33.74 -39.18
N THR E 124 -35.32 -33.95 -40.11
CA THR E 124 -34.22 -34.90 -39.92
C THR E 124 -32.88 -34.21 -40.15
N VAL E 125 -31.87 -34.67 -39.42
CA VAL E 125 -30.53 -34.11 -39.47
C VAL E 125 -29.54 -35.24 -39.78
N SER E 126 -28.72 -35.03 -40.80
CA SER E 126 -27.71 -36.01 -41.19
C SER E 126 -26.34 -35.64 -40.61
N ILE F 1 -42.38 -28.98 -11.99
CA ILE F 1 -43.54 -29.83 -11.79
C ILE F 1 -43.37 -31.12 -12.57
N VAL F 2 -43.46 -32.26 -11.87
CA VAL F 2 -43.25 -33.58 -12.46
C VAL F 2 -44.47 -34.43 -12.15
N MET F 3 -45.01 -35.09 -13.18
CA MET F 3 -46.13 -36.00 -13.01
C MET F 3 -45.74 -37.40 -13.45
N THR F 4 -46.34 -38.39 -12.81
CA THR F 4 -46.13 -39.79 -13.15
C THR F 4 -47.48 -40.47 -13.31
N GLN F 5 -47.55 -41.43 -14.23
CA GLN F 5 -48.77 -42.18 -14.47
C GLN F 5 -48.65 -43.58 -13.89
N SER F 6 -49.79 -44.12 -13.46
CA SER F 6 -49.80 -45.47 -12.91
C SER F 6 -51.17 -46.11 -13.10
N PRO F 7 -51.23 -47.33 -13.65
CA PRO F 7 -50.08 -48.08 -14.17
C PRO F 7 -49.69 -47.64 -15.58
N SER F 8 -48.44 -47.92 -15.98
CA SER F 8 -47.99 -47.55 -17.31
C SER F 8 -48.53 -48.48 -18.40
N SER F 9 -48.76 -49.75 -18.08
CA SER F 9 -49.26 -50.73 -19.03
C SER F 9 -50.68 -51.15 -18.66
N LEU F 10 -51.60 -51.01 -19.60
CA LEU F 10 -53.00 -51.36 -19.39
C LEU F 10 -53.36 -52.53 -20.30
N SER F 11 -53.86 -53.60 -19.70
CA SER F 11 -54.27 -54.80 -20.44
C SER F 11 -55.64 -55.24 -19.93
N ALA F 12 -56.63 -55.18 -20.80
CA ALA F 12 -57.99 -55.60 -20.46
C ALA F 12 -58.67 -56.10 -21.73
N SER F 13 -59.99 -56.22 -21.69
CA SER F 13 -60.76 -56.67 -22.85
C SER F 13 -62.00 -55.79 -22.96
N VAL F 14 -62.92 -56.20 -23.84
CA VAL F 14 -64.06 -55.37 -24.19
C VAL F 14 -65.01 -55.25 -23.00
N GLY F 15 -65.75 -54.14 -22.97
CA GLY F 15 -66.73 -53.90 -21.92
C GLY F 15 -66.14 -53.76 -20.53
N ASP F 16 -65.04 -53.04 -20.40
CA ASP F 16 -64.35 -52.89 -19.13
C ASP F 16 -64.14 -51.40 -18.87
N ARG F 17 -63.46 -51.08 -17.77
CA ARG F 17 -63.26 -49.72 -17.32
C ARG F 17 -61.77 -49.47 -17.10
N VAL F 18 -61.36 -48.21 -17.19
CA VAL F 18 -59.97 -47.84 -17.00
C VAL F 18 -59.80 -47.24 -15.60
N THR F 19 -58.62 -47.42 -15.03
CA THR F 19 -58.32 -46.86 -13.72
C THR F 19 -56.89 -46.31 -13.68
N ILE F 20 -56.41 -45.80 -14.81
CA ILE F 20 -55.12 -45.13 -14.82
C ILE F 20 -55.22 -43.82 -14.05
N THR F 21 -54.12 -43.43 -13.40
CA THR F 21 -54.13 -42.23 -12.58
C THR F 21 -52.83 -41.45 -12.77
N CYS F 22 -52.93 -40.14 -12.55
CA CYS F 22 -51.83 -39.20 -12.70
C CYS F 22 -51.52 -38.59 -11.33
N ARG F 23 -50.23 -38.51 -11.03
CA ARG F 23 -49.70 -38.09 -9.74
C ARG F 23 -48.77 -36.90 -9.96
N ALA F 24 -49.07 -35.77 -9.34
CA ALA F 24 -48.30 -34.56 -9.53
C ALA F 24 -47.27 -34.38 -8.41
N SER F 25 -46.60 -33.25 -8.41
CA SER F 25 -45.62 -32.92 -7.38
C SER F 25 -46.06 -31.72 -6.54
N GLN F 26 -46.30 -30.58 -7.17
CA GLN F 26 -46.85 -29.42 -6.49
C GLN F 26 -48.36 -29.43 -6.63
N SER F 27 -49.01 -28.35 -6.20
CA SER F 27 -50.46 -28.22 -6.30
C SER F 27 -50.79 -27.50 -7.60
N ILE F 28 -51.67 -28.12 -8.39
CA ILE F 28 -52.11 -27.56 -9.66
C ILE F 28 -53.62 -27.39 -9.71
N SER F 29 -54.26 -27.39 -8.53
CA SER F 29 -55.71 -27.19 -8.41
C SER F 29 -56.39 -28.30 -9.20
N THR F 30 -57.26 -27.99 -10.16
CA THR F 30 -57.96 -28.99 -10.95
C THR F 30 -57.62 -28.84 -12.44
N TYR F 31 -56.47 -28.26 -12.75
CA TYR F 31 -56.07 -28.01 -14.13
C TYR F 31 -55.22 -29.17 -14.61
N LEU F 32 -55.85 -30.15 -15.27
CA LEU F 32 -55.14 -31.26 -15.85
C LEU F 32 -55.93 -31.77 -17.03
N ASN F 33 -55.22 -32.20 -18.07
CA ASN F 33 -55.84 -32.64 -19.32
C ASN F 33 -55.41 -34.05 -19.65
N TRP F 34 -56.37 -34.83 -20.14
CA TRP F 34 -56.12 -36.19 -20.61
C TRP F 34 -56.12 -36.19 -22.13
N TYR F 35 -55.06 -36.70 -22.72
CA TYR F 35 -54.87 -36.73 -24.16
C TYR F 35 -54.77 -38.17 -24.64
N GLN F 36 -55.40 -38.46 -25.78
CA GLN F 36 -55.29 -39.75 -26.44
C GLN F 36 -54.42 -39.60 -27.68
N GLN F 37 -53.29 -40.30 -27.69
CA GLN F 37 -52.37 -40.34 -28.81
C GLN F 37 -52.58 -41.65 -29.57
N LYS F 38 -53.09 -41.54 -30.80
CA LYS F 38 -53.20 -42.70 -31.65
C LYS F 38 -51.80 -43.19 -32.04
N PRO F 39 -51.64 -44.47 -32.32
CA PRO F 39 -50.31 -44.98 -32.66
C PRO F 39 -49.82 -44.49 -34.00
N GLY F 40 -49.48 -43.20 -34.09
CA GLY F 40 -48.85 -42.67 -35.28
C GLY F 40 -49.47 -41.42 -35.88
N LYS F 41 -50.79 -41.26 -35.76
CA LYS F 41 -51.47 -40.21 -36.54
C LYS F 41 -51.36 -38.84 -35.89
N ALA F 42 -51.99 -38.67 -34.72
CA ALA F 42 -52.07 -37.37 -34.06
C ALA F 42 -52.73 -37.50 -32.70
N PRO F 43 -52.44 -36.59 -31.76
CA PRO F 43 -53.10 -36.64 -30.45
C PRO F 43 -54.54 -36.15 -30.53
N LYS F 44 -55.33 -36.54 -29.52
CA LYS F 44 -56.70 -36.12 -29.40
C LYS F 44 -56.99 -35.75 -27.96
N LEU F 45 -57.83 -34.73 -27.77
CA LEU F 45 -58.16 -34.20 -26.44
C LEU F 45 -59.50 -34.76 -25.97
N LEU F 46 -59.53 -35.27 -24.75
CA LEU F 46 -60.74 -35.86 -24.18
C LEU F 46 -61.25 -35.10 -22.97
N ILE F 47 -60.42 -34.94 -21.94
CA ILE F 47 -60.82 -34.38 -20.65
C ILE F 47 -59.99 -33.13 -20.40
N TYR F 48 -60.65 -32.02 -20.11
CA TYR F 48 -59.98 -30.80 -19.71
C TYR F 48 -60.61 -30.29 -18.41
N ALA F 49 -59.81 -29.57 -17.64
CA ALA F 49 -60.17 -29.10 -16.30
C ALA F 49 -60.45 -30.25 -15.34
N ALA F 50 -59.99 -31.45 -15.70
CA ALA F 50 -60.01 -32.65 -14.85
C ALA F 50 -61.41 -33.17 -14.58
N SER F 51 -62.45 -32.45 -15.03
CA SER F 51 -63.81 -32.97 -14.88
C SER F 51 -64.72 -32.74 -16.07
N SER F 52 -64.36 -31.90 -17.03
CA SER F 52 -65.26 -31.51 -18.10
C SER F 52 -65.02 -32.37 -19.34
N LEU F 53 -65.84 -32.14 -20.37
CA LEU F 53 -65.75 -32.84 -21.64
C LEU F 53 -65.68 -31.84 -22.79
N GLN F 54 -64.96 -32.23 -23.85
CA GLN F 54 -64.87 -31.43 -25.06
C GLN F 54 -66.08 -31.63 -25.97
N SER F 55 -66.99 -32.53 -25.62
CA SER F 55 -68.23 -32.86 -26.32
C SER F 55 -67.97 -33.65 -27.59
N GLY F 56 -66.73 -33.97 -27.92
CA GLY F 56 -66.47 -34.82 -29.07
C GLY F 56 -66.93 -36.24 -28.85
N VAL F 57 -66.76 -36.76 -27.62
CA VAL F 57 -67.02 -38.15 -27.31
C VAL F 57 -68.21 -38.26 -26.35
N PRO F 58 -68.91 -39.39 -26.30
CA PRO F 58 -70.04 -39.53 -25.37
C PRO F 58 -69.61 -39.59 -23.91
N SER F 59 -70.58 -39.80 -23.02
CA SER F 59 -70.32 -39.80 -21.58
C SER F 59 -69.49 -40.99 -21.12
N ARG F 60 -69.03 -41.84 -22.03
CA ARG F 60 -68.21 -42.99 -21.64
C ARG F 60 -66.92 -42.54 -20.98
N PHE F 61 -66.44 -41.34 -21.30
CA PHE F 61 -65.23 -40.80 -20.70
C PHE F 61 -65.57 -39.86 -19.55
N SER F 62 -64.82 -39.96 -18.46
CA SER F 62 -65.01 -39.07 -17.32
C SER F 62 -63.70 -38.93 -16.58
N GLY F 63 -63.59 -37.83 -15.82
CA GLY F 63 -62.39 -37.58 -15.05
C GLY F 63 -62.68 -37.13 -13.63
N SER F 64 -61.98 -37.70 -12.67
CA SER F 64 -62.18 -37.39 -11.26
C SER F 64 -60.89 -36.86 -10.65
N ALA F 65 -61.03 -35.90 -9.74
CA ALA F 65 -59.88 -35.26 -9.10
C ALA F 65 -60.08 -35.29 -7.59
N SER F 66 -59.02 -35.61 -6.87
CA SER F 66 -59.07 -35.65 -5.40
C SER F 66 -57.73 -35.16 -4.86
N GLY F 67 -57.75 -34.04 -4.17
CA GLY F 67 -56.50 -33.46 -3.69
C GLY F 67 -55.63 -33.03 -4.84
N THR F 68 -54.54 -33.76 -5.08
CA THR F 68 -53.70 -33.55 -6.25
C THR F 68 -53.48 -34.86 -7.00
N ASP F 69 -54.42 -35.80 -6.87
CA ASP F 69 -54.37 -37.07 -7.57
C ASP F 69 -55.56 -37.16 -8.53
N PHE F 70 -55.29 -37.56 -9.77
CA PHE F 70 -56.31 -37.52 -10.80
C PHE F 70 -56.51 -38.90 -11.41
N THR F 71 -57.75 -39.22 -11.77
CA THR F 71 -58.10 -40.53 -12.27
C THR F 71 -59.03 -40.41 -13.47
N LEU F 72 -58.88 -41.34 -14.41
CA LEU F 72 -59.66 -41.39 -15.63
C LEU F 72 -60.58 -42.61 -15.61
N THR F 73 -61.79 -42.43 -16.13
CA THR F 73 -62.80 -43.49 -16.11
C THR F 73 -63.40 -43.63 -17.50
N ILE F 74 -63.43 -44.86 -18.01
CA ILE F 74 -64.08 -45.19 -19.28
C ILE F 74 -65.19 -46.19 -18.98
N SER F 75 -66.41 -45.86 -19.39
CA SER F 75 -67.56 -46.71 -19.08
C SER F 75 -67.40 -48.09 -19.74
N SER F 76 -67.15 -48.12 -21.05
CA SER F 76 -66.98 -49.36 -21.78
C SER F 76 -65.76 -49.24 -22.66
N LEU F 77 -64.77 -50.12 -22.45
CA LEU F 77 -63.53 -50.10 -23.24
C LEU F 77 -63.79 -50.83 -24.55
N GLN F 78 -64.42 -50.12 -25.48
CA GLN F 78 -64.78 -50.70 -26.76
C GLN F 78 -63.52 -50.90 -27.60
N PRO F 79 -63.59 -51.79 -28.61
CA PRO F 79 -62.37 -52.11 -29.37
C PRO F 79 -61.69 -50.92 -30.04
N GLU F 80 -62.45 -49.89 -30.40
CA GLU F 80 -61.85 -48.72 -31.03
C GLU F 80 -61.08 -47.84 -30.06
N ASP F 81 -61.14 -48.11 -28.75
CA ASP F 81 -60.36 -47.37 -27.75
C ASP F 81 -59.11 -48.18 -27.42
N PHE F 82 -58.07 -47.99 -28.22
CA PHE F 82 -56.79 -48.65 -28.01
C PHE F 82 -55.70 -47.71 -28.51
N ALA F 83 -55.09 -46.98 -27.59
CA ALA F 83 -54.07 -45.99 -27.95
C ALA F 83 -53.26 -45.67 -26.70
N THR F 84 -52.46 -44.61 -26.78
CA THR F 84 -51.67 -44.14 -25.64
C THR F 84 -52.40 -42.99 -24.95
N TYR F 85 -52.20 -42.89 -23.63
CA TYR F 85 -52.85 -41.88 -22.82
C TYR F 85 -51.82 -41.01 -22.11
N TYR F 86 -52.07 -39.71 -22.07
CA TYR F 86 -51.16 -38.76 -21.46
C TYR F 86 -51.92 -37.84 -20.51
N CYS F 87 -51.27 -37.45 -19.42
CA CYS F 87 -51.79 -36.44 -18.51
C CYS F 87 -50.87 -35.23 -18.52
N GLN F 88 -51.45 -34.06 -18.76
CA GLN F 88 -50.69 -32.82 -18.89
C GLN F 88 -51.22 -31.78 -17.92
N GLN F 89 -50.32 -31.16 -17.17
CA GLN F 89 -50.71 -30.07 -16.29
C GLN F 89 -50.76 -28.77 -17.08
N SER F 90 -51.66 -27.87 -16.66
CA SER F 90 -51.80 -26.58 -17.31
C SER F 90 -51.84 -25.44 -16.31
N PHE F 91 -51.48 -25.68 -15.05
CA PHE F 91 -51.49 -24.63 -14.05
C PHE F 91 -50.44 -23.55 -14.31
N SER F 92 -49.40 -23.88 -15.06
CA SER F 92 -48.31 -22.95 -15.33
C SER F 92 -48.16 -22.76 -16.82
N THR F 93 -47.31 -21.80 -17.20
CA THR F 93 -47.03 -21.57 -18.62
C THR F 93 -46.31 -22.77 -19.22
N SER F 94 -45.24 -23.22 -18.59
CA SER F 94 -44.43 -24.31 -19.10
C SER F 94 -45.20 -25.61 -18.91
N PHE F 95 -45.85 -26.07 -19.98
CA PHE F 95 -46.59 -27.32 -19.92
C PHE F 95 -45.64 -28.49 -19.70
N THR F 96 -46.18 -29.57 -19.14
CA THR F 96 -45.39 -30.77 -18.91
C THR F 96 -46.26 -31.97 -19.23
N PHE F 97 -45.62 -33.02 -19.76
CA PHE F 97 -46.32 -34.22 -20.19
C PHE F 97 -45.87 -35.42 -19.38
N GLY F 98 -46.76 -36.39 -19.25
CA GLY F 98 -46.42 -37.62 -18.56
C GLY F 98 -45.62 -38.56 -19.44
N PRO F 99 -45.02 -39.56 -18.79
CA PRO F 99 -44.23 -40.54 -19.55
C PRO F 99 -45.04 -41.32 -20.58
N GLY F 100 -46.31 -41.60 -20.31
CA GLY F 100 -47.15 -42.31 -21.24
C GLY F 100 -47.75 -43.58 -20.68
N THR F 101 -48.91 -43.98 -21.20
CA THR F 101 -49.61 -45.17 -20.75
C THR F 101 -49.99 -46.02 -21.96
N LYS F 102 -49.73 -47.32 -21.88
CA LYS F 102 -49.99 -48.24 -22.98
C LYS F 102 -51.24 -49.06 -22.69
N VAL F 103 -52.10 -49.18 -23.70
CA VAL F 103 -53.33 -49.96 -23.61
C VAL F 103 -53.17 -51.21 -24.46
N ASP F 104 -53.44 -52.37 -23.87
CA ASP F 104 -53.22 -53.64 -24.53
C ASP F 104 -54.48 -54.49 -24.48
N ILE F 105 -54.61 -55.37 -25.46
CA ILE F 105 -55.73 -56.32 -25.52
C ILE F 105 -55.52 -57.44 -24.52
N THR G 22 42.51 -32.20 -38.40
CA THR G 22 42.66 -30.76 -38.42
C THR G 22 41.54 -30.07 -37.66
N GLN G 23 41.72 -29.95 -36.34
CA GLN G 23 40.73 -29.34 -35.47
C GLN G 23 40.93 -27.83 -35.34
N SER G 24 40.96 -27.15 -36.48
CA SER G 24 41.09 -25.70 -36.48
C SER G 24 39.81 -25.05 -35.98
N TYR G 25 39.95 -23.80 -35.53
CA TYR G 25 38.84 -23.05 -34.96
C TYR G 25 38.35 -22.00 -35.94
N THR G 26 37.03 -21.87 -36.05
CA THR G 26 36.46 -20.88 -36.96
C THR G 26 35.36 -20.09 -36.26
N ASN G 27 35.20 -18.84 -36.68
CA ASN G 27 34.20 -17.97 -36.07
C ASN G 27 32.80 -18.41 -36.47
N SER G 28 31.88 -18.35 -35.51
CA SER G 28 30.49 -18.75 -35.75
C SER G 28 29.59 -17.58 -36.11
N PHE G 29 30.08 -16.36 -36.04
CA PHE G 29 29.31 -15.15 -36.38
C PHE G 29 28.04 -15.14 -35.53
N THR G 30 26.90 -14.75 -36.09
CA THR G 30 25.63 -14.65 -35.37
C THR G 30 24.68 -15.74 -35.89
N ARG G 31 24.68 -16.87 -35.20
CA ARG G 31 23.90 -18.02 -35.67
C ARG G 31 23.68 -18.97 -34.50
N GLY G 32 22.46 -19.49 -34.39
CA GLY G 32 22.18 -20.49 -33.38
C GLY G 32 20.91 -20.25 -32.58
N VAL G 33 20.17 -19.19 -32.88
CA VAL G 33 18.97 -18.89 -32.12
C VAL G 33 17.82 -19.78 -32.59
N TYR G 34 16.79 -19.87 -31.77
CA TYR G 34 15.65 -20.73 -32.08
C TYR G 34 14.42 -20.20 -31.35
N TYR G 35 13.28 -20.72 -31.74
CA TYR G 35 12.03 -20.33 -31.09
C TYR G 35 12.00 -20.92 -29.69
N PRO G 36 11.89 -20.10 -28.64
CA PRO G 36 11.93 -20.64 -27.28
C PRO G 36 10.59 -21.16 -26.78
N ASP G 37 9.47 -20.69 -27.31
CA ASP G 37 8.16 -21.11 -26.85
C ASP G 37 7.26 -21.39 -28.05
N LYS G 38 6.27 -22.25 -27.82
CA LYS G 38 5.35 -22.65 -28.88
C LYS G 38 4.09 -21.78 -28.87
N VAL G 39 4.31 -20.48 -29.00
CA VAL G 39 3.23 -19.50 -29.10
C VAL G 39 3.57 -18.52 -30.21
N PHE G 40 2.54 -17.81 -30.68
CA PHE G 40 2.67 -16.91 -31.81
C PHE G 40 2.60 -15.47 -31.33
N ARG G 41 3.57 -14.67 -31.75
CA ARG G 41 3.62 -13.25 -31.40
C ARG G 41 3.78 -12.46 -32.70
N SER G 42 2.95 -11.43 -32.87
CA SER G 42 2.87 -10.77 -34.17
C SER G 42 4.04 -9.81 -34.38
N SER G 43 4.13 -8.78 -33.55
CA SER G 43 5.21 -7.79 -33.69
C SER G 43 5.52 -7.25 -32.29
N VAL G 44 6.50 -7.86 -31.63
CA VAL G 44 6.92 -7.48 -30.30
C VAL G 44 8.43 -7.55 -30.23
N LEU G 45 8.98 -7.24 -29.05
CA LEU G 45 10.40 -7.39 -28.76
C LEU G 45 10.50 -8.15 -27.44
N HIS G 46 10.47 -9.47 -27.52
CA HIS G 46 10.50 -10.31 -26.34
C HIS G 46 11.91 -10.38 -25.77
N SER G 47 11.99 -10.73 -24.49
CA SER G 47 13.27 -10.86 -23.78
C SER G 47 13.24 -12.18 -23.01
N THR G 48 13.89 -13.20 -23.55
CA THR G 48 13.93 -14.51 -22.95
C THR G 48 15.20 -14.69 -22.13
N GLN G 49 15.34 -15.87 -21.53
CA GLN G 49 16.52 -16.22 -20.74
C GLN G 49 16.66 -17.72 -20.77
N ASP G 50 17.65 -18.22 -21.52
CA ASP G 50 17.73 -19.66 -21.76
C ASP G 50 19.13 -19.98 -22.26
N LEU G 51 19.37 -21.26 -22.54
CA LEU G 51 20.64 -21.70 -23.09
C LEU G 51 20.72 -21.33 -24.56
N PHE G 52 21.83 -20.73 -24.97
CA PHE G 52 22.03 -20.29 -26.34
C PHE G 52 23.50 -20.50 -26.71
N LEU G 53 23.82 -20.17 -27.96
CA LEU G 53 25.20 -20.13 -28.40
C LEU G 53 25.66 -18.69 -28.42
N PRO G 54 26.65 -18.30 -27.61
CA PRO G 54 27.03 -16.88 -27.55
C PRO G 54 27.49 -16.37 -28.91
N PHE G 55 27.15 -15.11 -29.19
CA PHE G 55 27.47 -14.52 -30.48
C PHE G 55 28.97 -14.33 -30.63
N PHE G 56 29.43 -14.37 -31.89
CA PHE G 56 30.84 -14.14 -32.22
C PHE G 56 31.75 -15.07 -31.43
N SER G 57 31.33 -16.33 -31.30
CA SER G 57 32.10 -17.31 -30.56
C SER G 57 33.03 -18.04 -31.52
N ASN G 58 33.64 -19.13 -31.06
CA ASN G 58 34.48 -19.97 -31.89
C ASN G 58 33.92 -21.39 -31.85
N VAL G 59 34.06 -22.10 -32.97
CA VAL G 59 33.62 -23.48 -33.06
C VAL G 59 34.74 -24.32 -33.64
N THR G 60 34.72 -25.62 -33.33
CA THR G 60 35.80 -26.54 -33.65
C THR G 60 35.47 -27.29 -34.93
N TRP G 61 36.02 -26.83 -36.04
CA TRP G 61 35.93 -27.59 -37.28
C TRP G 61 36.60 -28.94 -37.12
N PHE G 62 35.95 -30.00 -37.60
CA PHE G 62 36.44 -31.35 -37.36
C PHE G 62 36.71 -32.08 -38.67
N HIS G 63 37.41 -31.44 -39.60
CA HIS G 63 37.70 -32.06 -40.88
C HIS G 63 38.36 -33.41 -40.69
N ALA G 64 37.86 -34.40 -41.43
CA ALA G 64 38.36 -35.76 -41.31
C ALA G 64 38.64 -36.37 -42.67
N PHE G 76 40.48 -43.11 -37.17
CA PHE G 76 41.18 -42.08 -36.37
C PHE G 76 40.21 -40.97 -36.01
N ASP G 77 39.19 -40.79 -36.84
CA ASP G 77 38.23 -39.72 -36.69
C ASP G 77 37.19 -40.09 -35.62
N ASN G 78 36.11 -39.31 -35.54
CA ASN G 78 34.99 -39.53 -34.63
C ASN G 78 35.42 -39.53 -33.17
N PRO G 79 35.83 -38.40 -32.61
CA PRO G 79 36.10 -38.34 -31.17
C PRO G 79 34.81 -38.44 -30.37
N VAL G 80 34.96 -38.91 -29.14
CA VAL G 80 33.82 -39.04 -28.22
C VAL G 80 33.72 -37.74 -27.42
N LEU G 81 32.96 -36.79 -27.95
CA LEU G 81 32.93 -35.46 -27.38
C LEU G 81 32.07 -35.42 -26.12
N PRO G 82 32.34 -34.47 -25.23
CA PRO G 82 31.50 -34.30 -24.05
C PRO G 82 30.19 -33.59 -24.38
N PHE G 83 29.21 -33.77 -23.49
CA PHE G 83 27.89 -33.18 -23.61
C PHE G 83 27.62 -32.40 -22.33
N ASN G 84 27.88 -31.10 -22.34
CA ASN G 84 27.80 -30.33 -21.10
C ASN G 84 26.39 -29.80 -20.85
N ASP G 85 25.91 -28.94 -21.73
CA ASP G 85 24.56 -28.39 -21.66
C ASP G 85 23.80 -28.56 -22.96
N GLY G 86 24.50 -28.49 -24.09
CA GLY G 86 23.86 -28.64 -25.38
C GLY G 86 24.91 -28.73 -26.46
N VAL G 87 24.46 -29.01 -27.68
CA VAL G 87 25.34 -29.11 -28.83
C VAL G 87 24.66 -28.42 -30.00
N TYR G 88 25.48 -27.88 -30.91
CA TYR G 88 25.03 -27.13 -32.07
C TYR G 88 25.58 -27.79 -33.34
N PHE G 89 25.33 -29.09 -33.50
CA PHE G 89 25.90 -29.84 -34.61
C PHE G 89 25.50 -29.26 -35.95
N ALA G 90 26.46 -28.72 -36.69
CA ALA G 90 26.20 -28.15 -38.01
C ALA G 90 27.03 -28.87 -39.05
N SER G 91 26.42 -29.16 -40.19
CA SER G 91 27.08 -29.91 -41.26
C SER G 91 26.86 -29.22 -42.60
N THR G 92 27.75 -29.51 -43.54
CA THR G 92 27.67 -28.91 -44.86
C THR G 92 27.98 -29.88 -45.99
N GLU G 93 27.84 -31.19 -45.76
CA GLU G 93 28.11 -32.18 -46.78
C GLU G 93 26.82 -32.64 -47.43
N LYS G 94 26.92 -33.06 -48.69
CA LYS G 94 25.76 -33.44 -49.49
C LYS G 94 25.64 -34.93 -49.74
N SER G 95 26.74 -35.68 -49.73
CA SER G 95 26.71 -37.10 -50.04
C SER G 95 26.05 -37.93 -48.96
N ASN G 96 25.71 -37.32 -47.82
CA ASN G 96 24.98 -37.99 -46.74
C ASN G 96 25.77 -39.17 -46.19
N ILE G 97 27.08 -39.00 -46.04
CA ILE G 97 27.85 -39.95 -45.24
C ILE G 97 27.41 -39.87 -43.79
N ILE G 98 27.06 -38.67 -43.33
CA ILE G 98 26.68 -38.45 -41.94
C ILE G 98 25.33 -39.11 -41.66
N ARG G 99 25.36 -40.23 -40.96
CA ARG G 99 24.16 -40.83 -40.43
C ARG G 99 23.86 -40.19 -39.09
N GLY G 100 22.97 -40.79 -38.31
CA GLY G 100 22.61 -40.25 -37.01
C GLY G 100 23.77 -40.28 -36.02
N TRP G 101 23.46 -39.85 -34.80
CA TRP G 101 24.44 -39.74 -33.73
C TRP G 101 24.19 -40.82 -32.68
N ILE G 102 25.13 -40.92 -31.75
CA ILE G 102 25.02 -41.81 -30.60
C ILE G 102 25.18 -40.97 -29.34
N PHE G 103 24.24 -41.12 -28.42
CA PHE G 103 24.26 -40.39 -27.16
C PHE G 103 24.26 -41.39 -26.02
N GLY G 104 25.06 -41.12 -24.99
CA GLY G 104 25.09 -42.03 -23.86
C GLY G 104 25.77 -41.40 -22.67
N THR G 105 25.91 -42.20 -21.61
CA THR G 105 26.64 -41.78 -20.41
C THR G 105 27.87 -42.66 -20.22
N THR G 106 27.66 -43.97 -20.17
CA THR G 106 28.76 -44.92 -20.11
C THR G 106 29.11 -45.46 -21.49
N LEU G 107 28.17 -45.41 -22.44
CA LEU G 107 28.38 -45.95 -23.79
C LEU G 107 28.78 -47.41 -23.73
N ASP G 108 28.20 -48.14 -22.77
CA ASP G 108 28.49 -49.55 -22.59
C ASP G 108 27.22 -50.24 -22.12
N SER G 109 27.33 -51.51 -21.75
CA SER G 109 26.18 -52.31 -21.38
C SER G 109 25.68 -52.03 -19.97
N LYS G 110 26.12 -50.94 -19.34
CA LYS G 110 25.66 -50.62 -18.00
C LYS G 110 24.60 -49.51 -17.99
N THR G 111 24.57 -48.67 -19.02
CA THR G 111 23.63 -47.56 -19.09
C THR G 111 23.03 -47.47 -20.48
N GLN G 112 21.78 -47.01 -20.54
CA GLN G 112 21.08 -46.87 -21.81
C GLN G 112 21.72 -45.78 -22.67
N SER G 113 21.45 -45.84 -23.97
CA SER G 113 22.08 -44.91 -24.91
C SER G 113 21.18 -44.72 -26.12
N LEU G 114 20.99 -43.47 -26.52
CA LEU G 114 20.23 -43.16 -27.72
C LEU G 114 20.98 -43.63 -28.97
N LEU G 115 20.22 -44.03 -29.98
CA LEU G 115 20.78 -44.59 -31.20
C LEU G 115 20.11 -43.99 -32.43
N ILE G 116 20.05 -42.66 -32.47
CA ILE G 116 19.45 -41.98 -33.62
C ILE G 116 20.17 -42.40 -34.88
N VAL G 117 19.43 -42.94 -35.84
CA VAL G 117 19.98 -43.37 -37.13
C VAL G 117 19.01 -42.94 -38.23
N ASN G 118 19.54 -42.34 -39.29
CA ASN G 118 18.72 -41.90 -40.41
C ASN G 118 18.69 -43.01 -41.47
N ASN G 119 17.48 -43.45 -41.80
CA ASN G 119 17.26 -44.47 -42.82
C ASN G 119 17.32 -43.86 -44.21
N ALA G 120 16.97 -44.64 -45.23
CA ALA G 120 16.81 -44.07 -46.56
C ALA G 120 15.56 -43.19 -46.63
N THR G 121 14.46 -43.66 -46.06
CA THR G 121 13.19 -42.93 -46.05
C THR G 121 12.50 -43.06 -44.70
N ASN G 122 13.26 -42.96 -43.62
CA ASN G 122 12.72 -43.11 -42.27
C ASN G 122 13.71 -42.55 -41.27
N VAL G 123 13.25 -42.39 -40.04
CA VAL G 123 14.11 -42.04 -38.91
C VAL G 123 13.80 -42.99 -37.77
N VAL G 124 14.84 -43.54 -37.14
CA VAL G 124 14.70 -44.54 -36.10
C VAL G 124 15.38 -44.05 -34.82
N ILE G 125 14.69 -44.20 -33.70
CA ILE G 125 15.23 -43.84 -32.39
C ILE G 125 15.09 -45.04 -31.46
N LYS G 126 16.18 -45.37 -30.77
CA LYS G 126 16.14 -46.34 -29.68
C LYS G 126 16.80 -45.72 -28.47
N VAL G 127 16.45 -46.22 -27.28
CA VAL G 127 16.89 -45.65 -26.02
C VAL G 127 17.67 -46.64 -25.18
N CYS G 128 17.18 -47.88 -25.08
CA CYS G 128 17.63 -48.79 -24.04
C CYS G 128 19.03 -49.32 -24.34
N GLU G 129 19.50 -50.23 -23.49
CA GLU G 129 20.91 -50.55 -23.37
C GLU G 129 21.50 -51.08 -24.67
N PHE G 130 22.76 -50.74 -24.91
CA PHE G 130 23.51 -51.22 -26.07
C PHE G 130 24.93 -51.52 -25.62
N GLN G 131 25.64 -52.31 -26.42
CA GLN G 131 27.05 -52.60 -26.17
C GLN G 131 27.96 -52.06 -27.27
N PHE G 132 27.77 -52.51 -28.52
CA PHE G 132 28.58 -52.02 -29.63
C PHE G 132 27.86 -52.35 -30.92
N CYS G 133 27.38 -51.33 -31.62
CA CYS G 133 26.66 -51.54 -32.87
C CYS G 133 27.60 -52.02 -33.96
N SER G 158 25.83 -54.45 -29.72
CA SER G 158 25.32 -55.53 -30.55
C SER G 158 24.38 -56.42 -29.75
N SER G 159 23.97 -55.95 -28.57
CA SER G 159 23.18 -56.78 -27.67
C SER G 159 21.74 -56.30 -27.54
N ALA G 160 21.53 -55.06 -27.09
CA ALA G 160 20.19 -54.48 -26.97
C ALA G 160 19.24 -55.42 -26.20
N ASN G 161 19.74 -56.02 -25.13
CA ASN G 161 18.97 -57.04 -24.44
C ASN G 161 17.85 -56.43 -23.60
N ASN G 162 18.20 -55.63 -22.60
CA ASN G 162 17.21 -55.05 -21.69
C ASN G 162 16.50 -53.89 -22.38
N CYS G 163 15.17 -53.87 -22.23
CA CYS G 163 14.34 -52.73 -22.62
C CYS G 163 14.29 -52.51 -24.12
N THR G 164 13.34 -51.71 -24.58
CA THR G 164 13.19 -51.38 -25.99
C THR G 164 12.34 -50.12 -26.10
N PHE G 165 12.82 -49.15 -26.88
CA PHE G 165 12.10 -47.91 -27.13
C PHE G 165 12.21 -47.61 -28.62
N GLU G 166 11.11 -47.13 -29.21
CA GLU G 166 11.08 -46.97 -30.65
C GLU G 166 10.24 -45.74 -31.02
N TYR G 167 10.61 -45.13 -32.15
CA TYR G 167 9.87 -44.01 -32.71
C TYR G 167 10.33 -43.86 -34.16
N VAL G 168 9.39 -43.80 -35.09
CA VAL G 168 9.73 -43.61 -36.50
C VAL G 168 8.95 -42.44 -37.05
N SER G 169 9.55 -41.78 -38.04
CA SER G 169 8.95 -40.60 -38.68
C SER G 169 9.75 -40.30 -39.95
N GLN G 170 9.43 -39.19 -40.59
CA GLN G 170 10.06 -38.81 -41.84
C GLN G 170 11.55 -38.55 -41.65
N PRO G 171 12.35 -38.70 -42.71
CA PRO G 171 13.80 -38.53 -42.57
C PRO G 171 14.19 -37.13 -42.12
N PHE G 172 15.47 -36.98 -41.80
CA PHE G 172 16.05 -35.70 -41.46
C PHE G 172 16.93 -35.15 -42.58
N LEU G 173 16.95 -35.81 -43.74
CA LEU G 173 17.88 -35.52 -44.82
C LEU G 173 17.15 -35.44 -46.16
N MET G 174 16.04 -34.68 -46.18
CA MET G 174 15.28 -34.54 -47.42
C MET G 174 16.14 -33.95 -48.53
N ASP G 175 16.91 -32.91 -48.23
CA ASP G 175 17.75 -32.27 -49.23
C ASP G 175 19.12 -32.94 -49.29
N LYS G 184 25.89 -25.56 -52.60
CA LYS G 184 25.97 -26.59 -51.57
C LYS G 184 24.77 -26.51 -50.63
N ASN G 185 24.87 -27.22 -49.51
CA ASN G 185 23.77 -27.28 -48.55
C ASN G 185 24.33 -27.12 -47.14
N LEU G 186 23.46 -26.67 -46.23
CA LEU G 186 23.84 -26.43 -44.84
C LEU G 186 22.73 -26.92 -43.92
N ARG G 187 23.12 -27.63 -42.87
CA ARG G 187 22.18 -28.19 -41.92
C ARG G 187 22.61 -27.87 -40.50
N GLU G 188 21.62 -27.62 -39.63
CA GLU G 188 21.86 -27.34 -38.21
C GLU G 188 21.02 -28.27 -37.36
N PHE G 189 21.53 -28.59 -36.18
CA PHE G 189 20.82 -29.43 -35.22
C PHE G 189 21.22 -29.03 -33.82
N VAL G 190 20.25 -28.56 -33.03
CA VAL G 190 20.49 -28.15 -31.65
C VAL G 190 19.95 -29.24 -30.73
N PHE G 191 20.78 -29.71 -29.80
CA PHE G 191 20.39 -30.77 -28.88
C PHE G 191 20.34 -30.22 -27.47
N LYS G 192 19.17 -30.34 -26.82
CA LYS G 192 19.02 -29.91 -25.43
C LYS G 192 18.33 -30.99 -24.63
N ASN G 193 18.66 -31.08 -23.34
CA ASN G 193 18.08 -32.07 -22.44
C ASN G 193 17.79 -31.39 -21.11
N ILE G 194 16.50 -31.21 -20.81
CA ILE G 194 16.04 -30.70 -19.53
C ILE G 194 14.90 -31.59 -19.03
N ASP G 195 14.72 -31.60 -17.71
CA ASP G 195 13.63 -32.26 -16.98
C ASP G 195 13.15 -33.56 -17.63
N GLY G 196 14.09 -34.43 -17.98
CA GLY G 196 13.74 -35.69 -18.61
C GLY G 196 13.09 -35.57 -19.97
N TYR G 197 13.58 -34.65 -20.80
CA TYR G 197 13.09 -34.47 -22.16
C TYR G 197 14.28 -34.46 -23.11
N PHE G 198 13.98 -34.23 -24.40
CA PHE G 198 15.04 -34.19 -25.40
C PHE G 198 14.53 -33.35 -26.57
N LYS G 199 15.02 -32.12 -26.66
CA LYS G 199 14.58 -31.16 -27.66
C LYS G 199 15.62 -31.05 -28.76
N ILE G 200 15.18 -31.19 -30.01
CA ILE G 200 16.03 -31.06 -31.17
C ILE G 200 15.37 -30.11 -32.16
N TYR G 201 16.14 -29.13 -32.63
CA TYR G 201 15.67 -28.16 -33.60
C TYR G 201 16.58 -28.18 -34.81
N SER G 202 15.99 -28.08 -36.01
CA SER G 202 16.73 -28.18 -37.25
C SER G 202 16.19 -27.17 -38.26
N LYS G 203 17.04 -26.84 -39.23
CA LYS G 203 16.68 -25.94 -40.32
C LYS G 203 17.73 -26.02 -41.43
N HIS G 204 17.30 -26.28 -42.65
CA HIS G 204 18.21 -26.49 -43.78
C HIS G 204 18.24 -25.24 -44.66
N THR G 205 19.44 -24.77 -44.98
CA THR G 205 19.59 -23.59 -45.83
C THR G 205 20.70 -23.77 -46.85
N PRO G 206 20.51 -23.28 -48.09
CA PRO G 206 21.53 -23.46 -49.11
C PRO G 206 22.52 -22.31 -49.20
N VAL G 207 23.82 -22.61 -49.18
CA VAL G 207 24.87 -21.63 -49.43
C VAL G 207 25.95 -22.29 -50.28
N ASN G 208 26.81 -21.44 -50.86
CA ASN G 208 27.88 -21.92 -51.72
C ASN G 208 29.25 -21.34 -51.32
N LEU G 209 29.35 -20.74 -50.13
CA LEU G 209 30.61 -20.13 -49.73
C LEU G 209 31.72 -21.16 -49.60
N GLY G 210 31.42 -22.30 -48.98
CA GLY G 210 32.42 -23.33 -48.78
C GLY G 210 32.47 -23.87 -47.37
N ARG G 211 33.66 -23.97 -46.80
CA ARG G 211 33.84 -24.52 -45.45
C ARG G 211 33.90 -23.40 -44.41
N ASP G 212 32.82 -22.62 -44.37
CA ASP G 212 32.70 -21.54 -43.40
C ASP G 212 31.22 -21.22 -43.20
N LEU G 213 30.88 -20.85 -41.98
CA LEU G 213 29.49 -20.54 -41.65
C LEU G 213 29.11 -19.18 -42.21
N PRO G 214 27.99 -19.08 -42.92
CA PRO G 214 27.62 -17.80 -43.55
C PRO G 214 27.31 -16.73 -42.51
N GLN G 215 27.59 -15.48 -42.87
CA GLN G 215 27.30 -14.35 -42.00
C GLN G 215 25.87 -13.87 -42.20
N GLY G 216 24.93 -14.81 -42.16
CA GLY G 216 23.53 -14.49 -42.32
C GLY G 216 22.75 -14.76 -41.05
N PHE G 217 21.42 -14.77 -41.14
CA PHE G 217 20.59 -14.99 -39.97
C PHE G 217 19.45 -15.93 -40.33
N SER G 218 19.26 -16.98 -39.52
CA SER G 218 18.19 -17.95 -39.76
C SER G 218 17.88 -18.66 -38.45
N ALA G 219 16.64 -18.57 -38.00
CA ALA G 219 16.21 -19.23 -36.78
C ALA G 219 15.89 -20.70 -37.04
N LEU G 220 15.58 -21.42 -35.99
CA LEU G 220 15.28 -22.85 -36.08
C LEU G 220 13.89 -23.12 -35.55
N GLU G 221 13.33 -24.26 -35.95
CA GLU G 221 11.99 -24.67 -35.56
C GLU G 221 12.02 -26.06 -34.97
N PRO G 222 11.15 -26.35 -34.01
CA PRO G 222 11.19 -27.65 -33.34
C PRO G 222 10.83 -28.79 -34.25
N LEU G 223 11.35 -29.97 -33.92
CA LEU G 223 11.06 -31.21 -34.64
C LEU G 223 10.35 -32.23 -33.78
N VAL G 224 10.89 -32.53 -32.59
CA VAL G 224 10.26 -33.48 -31.68
C VAL G 224 10.75 -33.19 -30.28
N ASP G 225 9.90 -33.42 -29.29
CA ASP G 225 10.20 -33.21 -27.88
C ASP G 225 9.90 -34.46 -27.08
N LEU G 226 10.37 -35.60 -27.57
CA LEU G 226 10.07 -36.87 -26.94
C LEU G 226 10.70 -36.94 -25.55
N PRO G 227 9.98 -37.49 -24.56
CA PRO G 227 10.53 -37.62 -23.22
C PRO G 227 11.22 -38.97 -23.00
N ILE G 228 12.39 -38.92 -22.37
CA ILE G 228 13.18 -40.12 -22.13
C ILE G 228 13.43 -40.30 -20.64
N GLY G 229 14.11 -39.33 -20.03
CA GLY G 229 14.48 -39.42 -18.63
C GLY G 229 15.79 -40.09 -18.34
N ILE G 230 16.87 -39.70 -19.02
CA ILE G 230 18.16 -40.37 -18.91
C ILE G 230 19.25 -39.32 -18.72
N ASN G 231 20.23 -39.63 -17.89
CA ASN G 231 21.46 -38.84 -17.87
C ASN G 231 22.17 -38.94 -19.21
N ILE G 232 22.71 -37.82 -19.67
CA ILE G 232 23.44 -37.76 -20.93
C ILE G 232 24.74 -36.98 -20.70
N THR G 233 25.86 -37.59 -21.04
CA THR G 233 27.13 -36.90 -20.84
C THR G 233 28.14 -37.14 -21.96
N ARG G 234 27.84 -37.98 -22.95
CA ARG G 234 28.80 -38.30 -24.00
C ARG G 234 28.09 -38.37 -25.34
N PHE G 235 28.75 -37.83 -26.36
CA PHE G 235 28.14 -37.56 -27.66
C PHE G 235 29.11 -37.99 -28.76
N GLN G 236 28.64 -38.80 -29.71
CA GLN G 236 29.51 -39.29 -30.77
C GLN G 236 28.80 -39.23 -32.11
N THR G 237 29.56 -38.95 -33.15
CA THR G 237 29.03 -38.95 -34.51
C THR G 237 29.20 -40.32 -35.13
N LEU G 238 28.24 -40.70 -35.97
CA LEU G 238 28.23 -42.00 -36.65
C LEU G 238 28.14 -41.78 -38.15
N LEU G 239 29.03 -42.44 -38.90
CA LEU G 239 29.06 -42.34 -40.35
C LEU G 239 29.02 -43.73 -40.95
N ALA G 240 28.52 -43.81 -42.19
CA ALA G 240 28.46 -45.07 -42.90
C ALA G 240 29.88 -45.53 -43.25
N LEU G 241 30.20 -46.78 -42.93
CA LEU G 241 31.57 -47.25 -43.05
C LEU G 241 32.00 -47.39 -44.51
N HIS G 242 31.17 -48.05 -45.32
CA HIS G 242 31.57 -48.33 -46.70
C HIS G 242 31.64 -47.05 -47.53
N ARG G 243 30.70 -46.13 -47.33
CA ARG G 243 30.68 -44.89 -48.09
C ARG G 243 30.87 -43.70 -47.17
N ALA G 261 34.15 -31.19 -42.07
CA ALA G 261 33.01 -32.05 -42.36
C ALA G 261 31.82 -31.72 -41.47
N TYR G 262 32.11 -31.15 -40.30
CA TYR G 262 31.06 -30.67 -39.41
C TYR G 262 31.67 -29.75 -38.37
N TYR G 263 30.81 -29.06 -37.63
CA TYR G 263 31.21 -28.12 -36.61
C TYR G 263 30.48 -28.44 -35.32
N VAL G 264 31.14 -28.19 -34.19
CA VAL G 264 30.56 -28.42 -32.87
C VAL G 264 30.80 -27.20 -31.99
N GLY G 265 29.73 -26.68 -31.41
CA GLY G 265 29.85 -25.58 -30.47
C GLY G 265 28.93 -25.83 -29.28
N TYR G 266 29.29 -25.24 -28.15
CA TYR G 266 28.61 -25.52 -26.90
C TYR G 266 27.71 -24.35 -26.48
N LEU G 267 26.69 -24.69 -25.69
CA LEU G 267 25.65 -23.75 -25.30
C LEU G 267 25.82 -23.36 -23.83
N GLN G 268 25.50 -22.12 -23.52
CA GLN G 268 25.64 -21.57 -22.19
C GLN G 268 24.40 -20.75 -21.86
N PRO G 269 24.09 -20.57 -20.57
CA PRO G 269 22.91 -19.78 -20.20
C PRO G 269 23.13 -18.29 -20.45
N ARG G 270 22.23 -17.69 -21.22
CA ARG G 270 22.34 -16.28 -21.58
C ARG G 270 20.95 -15.66 -21.61
N THR G 271 20.90 -14.37 -21.89
CA THR G 271 19.68 -13.60 -22.02
C THR G 271 19.67 -12.92 -23.38
N PHE G 272 18.58 -13.08 -24.13
CA PHE G 272 18.49 -12.58 -25.49
C PHE G 272 17.30 -11.63 -25.61
N LEU G 273 17.28 -10.88 -26.70
CA LEU G 273 16.14 -10.01 -27.02
C LEU G 273 15.80 -10.21 -28.48
N LEU G 274 14.52 -10.47 -28.77
CA LEU G 274 14.09 -10.98 -30.07
C LEU G 274 13.27 -9.94 -30.82
N LYS G 275 13.03 -10.22 -32.10
CA LYS G 275 12.44 -9.26 -33.03
C LYS G 275 11.39 -9.89 -33.94
N TYR G 276 10.40 -10.57 -33.34
CA TYR G 276 9.27 -11.09 -34.12
C TYR G 276 8.72 -10.03 -35.04
N ASN G 277 8.79 -10.27 -36.36
CA ASN G 277 8.52 -9.20 -37.31
C ASN G 277 7.03 -8.98 -37.61
N GLU G 278 6.42 -9.90 -38.35
CA GLU G 278 5.01 -9.80 -38.69
C GLU G 278 4.28 -11.13 -38.68
N ASN G 279 4.99 -12.24 -38.69
CA ASN G 279 4.35 -13.55 -38.79
C ASN G 279 5.03 -14.55 -37.86
N GLY G 280 5.57 -14.05 -36.75
CA GLY G 280 6.33 -14.91 -35.87
C GLY G 280 7.65 -15.28 -36.49
N THR G 281 8.08 -14.53 -37.48
CA THR G 281 9.37 -14.76 -38.15
C THR G 281 10.42 -13.91 -37.46
N ILE G 282 11.34 -14.55 -36.76
CA ILE G 282 12.43 -13.83 -36.09
C ILE G 282 13.38 -13.29 -37.14
N THR G 283 13.50 -11.96 -37.19
CA THR G 283 14.37 -11.31 -38.15
C THR G 283 15.60 -10.65 -37.54
N ASP G 284 15.62 -10.45 -36.23
CA ASP G 284 16.78 -9.87 -35.57
C ASP G 284 16.82 -10.38 -34.13
N ALA G 285 18.01 -10.33 -33.55
CA ALA G 285 18.17 -10.73 -32.15
C ALA G 285 19.44 -10.09 -31.62
N VAL G 286 19.44 -9.78 -30.33
CA VAL G 286 20.59 -9.17 -29.69
C VAL G 286 20.90 -9.90 -28.40
N ASP G 287 22.19 -10.11 -28.14
CA ASP G 287 22.69 -10.80 -26.96
C ASP G 287 23.06 -9.77 -25.91
N CYS G 288 22.58 -9.97 -24.69
CA CYS G 288 22.60 -8.95 -23.65
C CYS G 288 23.79 -9.05 -22.72
N ALA G 289 24.86 -9.74 -23.13
CA ALA G 289 26.01 -9.87 -22.25
C ALA G 289 27.35 -9.79 -22.98
N LEU G 290 27.37 -9.28 -24.21
CA LEU G 290 28.58 -9.30 -25.03
C LEU G 290 29.37 -8.01 -24.89
N ASP G 291 28.76 -6.88 -25.21
CA ASP G 291 29.42 -5.57 -25.19
C ASP G 291 28.56 -4.57 -24.44
N PRO G 292 29.15 -3.48 -23.94
CA PRO G 292 28.34 -2.47 -23.24
C PRO G 292 27.20 -1.93 -24.07
N LEU G 293 27.42 -1.73 -25.37
CA LEU G 293 26.33 -1.23 -26.22
C LEU G 293 25.17 -2.21 -26.23
N SER G 294 25.45 -3.51 -26.26
CA SER G 294 24.40 -4.50 -26.19
C SER G 294 23.69 -4.44 -24.85
N GLU G 295 24.44 -4.19 -23.77
CA GLU G 295 23.81 -4.06 -22.46
C GLU G 295 22.82 -2.91 -22.44
N THR G 296 23.23 -1.75 -23.00
CA THR G 296 22.31 -0.62 -23.06
C THR G 296 21.09 -0.94 -23.91
N LYS G 297 21.31 -1.55 -25.08
CA LYS G 297 20.20 -1.91 -25.95
C LYS G 297 19.26 -2.91 -25.27
N CYS G 298 19.76 -3.67 -24.30
CA CYS G 298 18.92 -4.61 -23.57
C CYS G 298 18.21 -3.99 -22.38
N THR G 299 18.78 -2.94 -21.77
CA THR G 299 18.11 -2.29 -20.64
C THR G 299 16.77 -1.71 -21.08
N LEU G 300 16.80 -0.72 -21.96
CA LEU G 300 15.59 -0.22 -22.58
C LEU G 300 15.33 -0.99 -23.86
N LYS G 301 14.10 -1.48 -24.03
CA LYS G 301 13.81 -2.39 -25.12
C LYS G 301 13.78 -1.66 -26.46
N SER G 302 14.94 -1.53 -27.09
CA SER G 302 15.02 -0.90 -28.40
C SER G 302 16.27 -1.38 -29.10
N PHE G 303 16.30 -1.20 -30.42
CA PHE G 303 17.45 -1.54 -31.23
C PHE G 303 18.28 -0.32 -31.62
N THR G 304 17.80 0.88 -31.34
CA THR G 304 18.53 2.10 -31.63
C THR G 304 18.58 2.97 -30.39
N VAL G 305 19.75 3.53 -30.12
CA VAL G 305 19.96 4.41 -28.98
C VAL G 305 20.63 5.69 -29.46
N GLU G 306 20.23 6.81 -28.88
CA GLU G 306 20.77 8.11 -29.24
C GLU G 306 21.79 8.56 -28.19
N LYS G 307 22.28 9.78 -28.34
CA LYS G 307 23.27 10.30 -27.41
C LYS G 307 22.72 10.33 -26.00
N GLY G 308 23.50 9.84 -25.05
CA GLY G 308 23.05 9.84 -23.67
C GLY G 308 24.08 9.20 -22.77
N ILE G 309 23.72 9.15 -21.49
CA ILE G 309 24.57 8.55 -20.46
C ILE G 309 23.78 7.47 -19.73
N TYR G 310 22.92 6.77 -20.49
CA TYR G 310 22.02 5.77 -19.93
C TYR G 310 22.72 4.86 -18.91
N GLN G 311 22.01 4.56 -17.84
CA GLN G 311 22.52 3.70 -16.78
C GLN G 311 22.25 2.23 -17.11
N THR G 312 23.01 1.35 -16.47
CA THR G 312 22.88 -0.09 -16.67
C THR G 312 23.04 -0.75 -15.31
N SER G 313 23.29 -2.06 -15.32
CA SER G 313 23.36 -2.85 -14.09
C SER G 313 24.53 -2.41 -13.21
N ASN G 314 24.61 -3.01 -12.03
CA ASN G 314 25.61 -2.67 -11.04
C ASN G 314 26.69 -3.73 -10.99
N PHE G 315 27.78 -3.41 -10.29
CA PHE G 315 28.88 -4.34 -10.10
C PHE G 315 29.19 -4.45 -8.61
N ARG G 316 29.64 -5.63 -8.22
CA ARG G 316 29.96 -5.91 -6.82
C ARG G 316 31.05 -6.96 -6.77
N VAL G 317 32.06 -6.72 -5.92
CA VAL G 317 33.14 -7.68 -5.76
C VAL G 317 32.63 -8.93 -5.07
N GLN G 318 33.12 -10.09 -5.50
CA GLN G 318 32.67 -11.34 -4.94
C GLN G 318 33.67 -11.89 -3.93
N PRO G 319 33.21 -12.63 -2.93
CA PRO G 319 34.14 -13.17 -1.93
C PRO G 319 34.95 -14.32 -2.49
N THR G 320 35.99 -14.69 -1.74
CA THR G 320 36.89 -15.76 -2.13
C THR G 320 36.89 -16.92 -1.15
N GLU G 321 37.02 -16.66 0.14
CA GLU G 321 37.20 -17.70 1.14
C GLU G 321 36.11 -17.64 2.19
N SER G 322 36.05 -18.67 3.03
CA SER G 322 35.09 -18.80 4.11
C SER G 322 35.82 -19.08 5.41
N ILE G 323 35.39 -18.45 6.49
CA ILE G 323 35.96 -18.64 7.81
C ILE G 323 34.85 -18.83 8.83
N VAL G 324 34.99 -19.85 9.67
CA VAL G 324 34.07 -20.11 10.78
C VAL G 324 34.88 -20.28 12.05
N ARG G 325 34.47 -19.61 13.12
CA ARG G 325 35.16 -19.69 14.41
C ARG G 325 34.15 -19.94 15.52
N PHE G 326 33.84 -21.21 15.76
CA PHE G 326 33.09 -21.62 16.94
C PHE G 326 34.02 -21.63 18.14
N PRO G 327 33.51 -21.59 19.37
CA PRO G 327 34.36 -21.22 20.51
C PRO G 327 35.44 -22.25 20.81
N ASN G 328 36.29 -21.88 21.77
CA ASN G 328 37.49 -22.64 22.09
C ASN G 328 37.14 -24.00 22.67
N ILE G 329 36.09 -24.07 23.50
CA ILE G 329 35.83 -25.26 24.29
C ILE G 329 35.54 -26.45 23.40
N THR G 330 35.89 -27.65 23.89
CA THR G 330 35.71 -28.88 23.13
C THR G 330 35.02 -29.99 23.92
N ASN G 331 34.76 -29.80 25.21
CA ASN G 331 34.13 -30.86 25.99
C ASN G 331 32.72 -31.12 25.49
N LEU G 332 32.30 -32.38 25.59
CA LEU G 332 30.98 -32.81 25.12
C LEU G 332 30.10 -33.05 26.33
N CYS G 333 29.05 -32.24 26.48
CA CYS G 333 28.11 -32.45 27.55
C CYS G 333 27.36 -33.77 27.35
N PRO G 334 26.93 -34.42 28.43
CA PRO G 334 26.34 -35.76 28.33
C PRO G 334 25.15 -35.79 27.38
N PHE G 335 24.12 -34.99 27.66
CA PHE G 335 22.95 -34.87 26.81
C PHE G 335 22.25 -36.20 26.57
N HIS G 336 22.54 -37.22 27.40
CA HIS G 336 22.08 -38.57 27.13
C HIS G 336 21.32 -39.21 28.28
N GLU G 337 21.70 -38.94 29.53
CA GLU G 337 20.97 -39.53 30.66
C GLU G 337 19.52 -39.08 30.68
N VAL G 338 19.25 -37.88 30.15
CA VAL G 338 17.87 -37.43 30.02
C VAL G 338 17.11 -38.33 29.05
N PHE G 339 17.84 -39.00 28.15
CA PHE G 339 17.17 -39.76 27.10
C PHE G 339 16.97 -41.22 27.51
N ASN G 340 17.99 -41.87 28.03
CA ASN G 340 17.87 -43.27 28.46
C ASN G 340 17.82 -43.33 29.98
N ALA G 341 16.62 -43.59 30.50
CA ALA G 341 16.40 -43.73 31.94
C ALA G 341 15.02 -44.30 32.17
N THR G 342 14.67 -44.55 33.44
CA THR G 342 13.39 -45.16 33.77
C THR G 342 12.68 -44.30 34.80
N ARG G 343 11.38 -44.11 34.59
CA ARG G 343 10.53 -43.33 35.50
C ARG G 343 11.05 -41.91 35.67
N PHE G 344 11.03 -41.16 34.56
CA PHE G 344 11.51 -39.79 34.56
C PHE G 344 10.76 -38.96 35.59
N ALA G 345 9.46 -38.78 35.37
CA ALA G 345 8.59 -38.03 36.28
C ALA G 345 7.16 -38.17 35.76
N SER G 346 6.21 -37.79 36.60
CA SER G 346 4.83 -37.69 36.18
C SER G 346 4.64 -36.45 35.31
N VAL G 347 3.46 -36.32 34.71
CA VAL G 347 3.20 -35.17 33.85
C VAL G 347 3.21 -33.88 34.66
N TYR G 348 2.76 -33.92 35.91
CA TYR G 348 2.98 -32.81 36.82
C TYR G 348 4.26 -33.06 37.62
N ALA G 349 4.75 -32.00 38.26
CA ALA G 349 6.01 -32.05 39.00
C ALA G 349 7.15 -32.55 38.11
N TRP G 350 7.14 -32.07 36.86
CA TRP G 350 8.14 -32.49 35.89
C TRP G 350 9.52 -31.98 36.27
N ASN G 351 10.53 -32.82 36.06
CA ASN G 351 11.91 -32.41 36.32
C ASN G 351 12.45 -31.59 35.16
N ARG G 352 13.21 -30.55 35.48
CA ARG G 352 13.77 -29.64 34.51
C ARG G 352 15.29 -29.75 34.54
N LYS G 353 15.89 -30.02 33.39
CA LYS G 353 17.33 -30.19 33.27
C LYS G 353 17.90 -29.05 32.46
N ARG G 354 18.91 -28.37 33.01
CA ARG G 354 19.57 -27.27 32.31
C ARG G 354 20.88 -27.76 31.74
N ILE G 355 21.10 -27.53 30.45
CA ILE G 355 22.30 -27.96 29.76
C ILE G 355 22.98 -26.74 29.17
N SER G 356 24.28 -26.61 29.45
CA SER G 356 25.07 -25.47 29.01
C SER G 356 26.54 -25.83 29.12
N ASN G 357 27.40 -24.91 28.66
CA ASN G 357 28.85 -25.06 28.74
C ASN G 357 29.31 -26.38 28.10
N CYS G 358 28.95 -26.58 26.84
CA CYS G 358 29.34 -27.78 26.13
C CYS G 358 29.21 -27.53 24.63
N VAL G 359 29.80 -28.43 23.86
CA VAL G 359 29.54 -28.55 22.43
C VAL G 359 28.95 -29.93 22.20
N ALA G 360 27.79 -29.97 21.54
CA ALA G 360 27.04 -31.21 21.40
C ALA G 360 26.59 -31.38 19.97
N ASP G 361 26.43 -32.64 19.57
CA ASP G 361 25.95 -33.00 18.25
C ASP G 361 24.60 -33.71 18.36
N TYR G 362 23.75 -33.48 17.38
CA TYR G 362 22.41 -34.05 17.40
C TYR G 362 22.30 -35.35 16.61
N SER G 363 23.42 -35.83 16.05
CA SER G 363 23.39 -37.11 15.36
C SER G 363 23.11 -38.27 16.31
N VAL G 364 23.49 -38.12 17.58
CA VAL G 364 23.20 -39.17 18.57
C VAL G 364 21.72 -39.30 18.81
N LEU G 365 20.93 -38.25 18.55
CA LEU G 365 19.48 -38.35 18.72
C LEU G 365 18.88 -39.35 17.75
N TYR G 366 19.34 -39.37 16.51
CA TYR G 366 18.82 -40.34 15.55
C TYR G 366 19.17 -41.76 15.97
N ASN G 367 20.33 -41.94 16.61
CA ASN G 367 20.70 -43.24 17.15
C ASN G 367 19.91 -43.50 18.43
N PHE G 368 18.62 -43.78 18.29
CA PHE G 368 17.73 -43.96 19.43
C PHE G 368 16.51 -44.72 18.94
N ALA G 369 15.59 -44.98 19.86
CA ALA G 369 14.36 -45.70 19.52
C ALA G 369 13.55 -44.90 18.50
N PRO G 370 12.78 -45.57 17.65
CA PRO G 370 11.97 -44.85 16.67
C PRO G 370 11.04 -43.86 17.34
N PHE G 371 10.92 -42.68 16.74
CA PHE G 371 10.20 -41.57 17.34
C PHE G 371 8.72 -41.66 17.01
N PHE G 372 7.88 -41.55 18.03
CA PHE G 372 6.43 -41.52 17.81
C PHE G 372 6.05 -40.31 16.98
N ALA G 373 6.66 -39.15 17.27
CA ALA G 373 6.41 -37.94 16.50
C ALA G 373 7.65 -37.05 16.62
N PHE G 374 8.51 -37.09 15.60
CA PHE G 374 9.65 -36.19 15.52
C PHE G 374 9.25 -34.79 15.04
N LYS G 375 8.01 -34.62 14.60
CA LYS G 375 7.53 -33.31 14.20
C LYS G 375 7.71 -32.32 15.34
N CYS G 376 8.24 -31.15 15.03
CA CYS G 376 8.52 -30.18 16.07
C CYS G 376 8.45 -28.77 15.48
N TYR G 377 8.32 -27.80 16.38
CA TYR G 377 7.76 -26.49 16.10
C TYR G 377 8.78 -25.39 15.81
N GLY G 378 9.90 -25.36 16.54
CA GLY G 378 10.77 -24.21 16.50
C GLY G 378 11.59 -23.97 15.24
N VAL G 379 12.56 -24.85 14.99
CA VAL G 379 13.59 -24.63 13.97
C VAL G 379 13.72 -25.90 13.14
N SER G 380 14.17 -25.72 11.90
CA SER G 380 14.35 -26.86 11.00
C SER G 380 15.40 -27.81 11.57
N PRO G 381 15.10 -29.11 11.68
CA PRO G 381 16.07 -30.04 12.28
C PRO G 381 17.37 -30.16 11.50
N THR G 382 17.36 -29.88 10.19
CA THR G 382 18.57 -30.05 9.39
C THR G 382 19.66 -29.10 9.83
N LYS G 383 19.32 -27.85 10.11
CA LYS G 383 20.32 -26.84 10.45
C LYS G 383 20.57 -26.72 11.95
N LEU G 384 19.94 -27.57 12.75
CA LEU G 384 20.22 -27.56 14.19
C LEU G 384 21.67 -27.88 14.49
N ASN G 385 22.28 -28.73 13.66
CA ASN G 385 23.65 -29.16 13.91
C ASN G 385 24.65 -28.01 13.84
N ASP G 386 24.30 -26.91 13.19
CA ASP G 386 25.19 -25.74 13.08
C ASP G 386 24.45 -24.53 13.64
N LEU G 387 24.52 -24.35 14.97
CA LEU G 387 23.92 -23.21 15.64
C LEU G 387 24.58 -23.02 16.99
N CYS G 388 24.42 -21.83 17.55
CA CYS G 388 24.97 -21.48 18.85
C CYS G 388 23.87 -20.96 19.75
N PHE G 389 23.87 -21.42 21.01
CA PHE G 389 22.80 -21.14 21.95
C PHE G 389 23.39 -20.62 23.26
N THR G 390 22.54 -19.91 24.02
CA THR G 390 22.96 -19.46 25.34
C THR G 390 22.83 -20.58 26.36
N ASN G 391 21.64 -21.19 26.45
CA ASN G 391 21.41 -22.33 27.32
C ASN G 391 20.25 -23.13 26.75
N VAL G 392 20.17 -24.40 27.13
CA VAL G 392 19.05 -25.21 26.68
C VAL G 392 18.43 -25.92 27.88
N TYR G 393 17.16 -26.28 27.72
CA TYR G 393 16.39 -26.93 28.77
C TYR G 393 15.79 -28.22 28.25
N ALA G 394 15.62 -29.17 29.16
CA ALA G 394 15.01 -30.46 28.84
C ALA G 394 13.95 -30.76 29.89
N ASP G 395 12.72 -30.98 29.44
CA ASP G 395 11.60 -31.29 30.31
C ASP G 395 11.03 -32.63 29.88
N SER G 396 11.32 -33.68 30.64
CA SER G 396 10.98 -35.05 30.27
C SER G 396 9.94 -35.61 31.23
N PHE G 397 8.90 -36.23 30.68
CA PHE G 397 7.84 -36.79 31.52
C PHE G 397 7.03 -37.79 30.70
N VAL G 398 5.90 -38.21 31.26
CA VAL G 398 5.04 -39.23 30.66
C VAL G 398 3.63 -38.69 30.52
N ILE G 399 2.98 -39.03 29.42
CA ILE G 399 1.61 -38.66 29.13
C ILE G 399 0.87 -39.86 28.57
N ARG G 400 -0.38 -39.66 28.15
CA ARG G 400 -1.13 -40.70 27.47
C ARG G 400 -1.19 -40.39 25.97
N GLY G 401 -1.72 -41.34 25.21
CA GLY G 401 -1.87 -41.12 23.77
C GLY G 401 -2.79 -39.97 23.46
N ASN G 402 -3.96 -39.92 24.10
CA ASN G 402 -4.86 -38.79 23.96
C ASN G 402 -4.23 -37.48 24.38
N GLU G 403 -3.05 -37.52 25.00
CA GLU G 403 -2.33 -36.34 25.44
C GLU G 403 -1.16 -35.98 24.54
N VAL G 404 -0.82 -36.81 23.55
CA VAL G 404 0.32 -36.49 22.70
C VAL G 404 0.00 -35.45 21.64
N SER G 405 -1.28 -35.16 21.43
CA SER G 405 -1.69 -34.23 20.39
C SER G 405 -1.75 -32.78 20.87
N GLN G 406 -1.59 -32.53 22.17
CA GLN G 406 -1.68 -31.19 22.72
C GLN G 406 -0.33 -30.64 23.15
N ILE G 407 0.76 -31.22 22.66
CA ILE G 407 2.10 -30.73 23.02
C ILE G 407 2.33 -29.33 22.46
N ALA G 408 1.77 -29.03 21.29
CA ALA G 408 1.88 -27.69 20.74
C ALA G 408 1.13 -26.72 21.64
N PRO G 409 1.56 -25.45 21.70
CA PRO G 409 0.93 -24.50 22.63
C PRO G 409 -0.54 -24.28 22.38
N GLY G 410 -0.99 -24.32 21.13
CA GLY G 410 -2.35 -23.98 20.78
C GLY G 410 -3.38 -25.07 20.93
N GLN G 411 -2.99 -26.25 21.42
CA GLN G 411 -3.90 -27.39 21.54
C GLN G 411 -4.22 -27.73 22.99
N THR G 412 -4.04 -26.80 23.91
CA THR G 412 -4.29 -27.05 25.32
C THR G 412 -5.75 -27.44 25.57
N GLY G 413 -6.01 -27.92 26.78
CA GLY G 413 -7.37 -28.21 27.19
C GLY G 413 -7.58 -29.43 28.04
N ASN G 414 -6.71 -30.45 27.92
CA ASN G 414 -6.91 -31.70 28.62
C ASN G 414 -5.89 -31.93 29.73
N ILE G 415 -4.61 -31.96 29.40
CA ILE G 415 -3.56 -32.08 30.40
C ILE G 415 -2.77 -30.80 30.57
N ALA G 416 -2.68 -29.96 29.52
CA ALA G 416 -2.02 -28.67 29.63
C ALA G 416 -2.86 -27.67 30.42
N ASP G 417 -4.10 -28.01 30.76
CA ASP G 417 -4.97 -27.07 31.46
C ASP G 417 -4.40 -26.72 32.83
N TYR G 418 -4.00 -27.72 33.60
CA TYR G 418 -3.54 -27.52 34.97
C TYR G 418 -2.11 -27.98 35.23
N ASN G 419 -1.39 -28.44 34.22
CA ASN G 419 -0.06 -29.01 34.45
C ASN G 419 1.05 -28.23 33.76
N TYR G 420 0.97 -28.02 32.44
CA TYR G 420 2.10 -27.49 31.68
C TYR G 420 1.58 -26.60 30.57
N LYS G 421 2.03 -25.35 30.55
CA LYS G 421 1.62 -24.39 29.54
C LYS G 421 2.85 -23.74 28.91
N LEU G 422 2.67 -23.29 27.67
CA LEU G 422 3.74 -22.68 26.90
C LEU G 422 3.41 -21.23 26.58
N PRO G 423 4.42 -20.37 26.38
CA PRO G 423 4.16 -18.97 26.04
C PRO G 423 3.76 -18.72 24.59
N ASP G 424 3.43 -19.76 23.84
CA ASP G 424 3.00 -19.72 22.45
C ASP G 424 4.09 -19.31 21.49
N ASP G 425 5.29 -18.96 21.97
CA ASP G 425 6.43 -18.70 21.09
C ASP G 425 7.26 -19.97 20.92
N PHE G 426 7.81 -20.47 22.02
CA PHE G 426 8.39 -21.81 22.11
C PHE G 426 9.44 -22.04 21.03
N THR G 427 10.52 -21.28 21.12
CA THR G 427 11.70 -21.58 20.32
C THR G 427 12.25 -22.93 20.76
N GLY G 428 12.70 -23.72 19.79
CA GLY G 428 13.04 -25.11 20.03
C GLY G 428 11.81 -25.99 19.92
N CYS G 429 12.05 -27.30 20.00
CA CYS G 429 10.96 -28.22 19.70
C CYS G 429 11.16 -29.55 20.43
N VAL G 430 10.20 -30.45 20.25
CA VAL G 430 9.96 -31.55 21.16
C VAL G 430 10.36 -32.88 20.52
N ILE G 431 10.41 -33.92 21.36
CA ILE G 431 10.72 -35.28 20.94
C ILE G 431 9.78 -36.24 21.67
N ALA G 432 9.31 -37.26 20.95
CA ALA G 432 8.49 -38.33 21.55
C ALA G 432 8.96 -39.66 20.98
N TRP G 433 9.15 -40.65 21.87
CA TRP G 433 9.72 -41.92 21.44
C TRP G 433 9.05 -43.14 22.07
N ASN G 434 7.92 -42.96 22.75
CA ASN G 434 7.01 -44.02 23.23
C ASN G 434 7.74 -45.29 23.69
N SER G 435 8.64 -45.10 24.66
CA SER G 435 9.35 -46.23 25.25
C SER G 435 8.58 -46.92 26.36
N ASN G 436 7.25 -46.75 26.38
CA ASN G 436 6.43 -47.39 27.41
C ASN G 436 6.32 -48.89 27.24
N LYS G 437 6.79 -49.44 26.12
CA LYS G 437 6.61 -50.86 25.85
C LYS G 437 7.22 -51.72 26.96
N LEU G 438 8.46 -51.45 27.32
CA LEU G 438 9.06 -52.07 28.50
C LEU G 438 8.89 -51.20 29.74
N ASP G 439 7.68 -50.69 29.95
CA ASP G 439 7.35 -49.95 31.18
C ASP G 439 5.83 -49.97 31.34
N SER G 440 5.34 -50.88 32.17
CA SER G 440 3.90 -51.01 32.40
C SER G 440 3.70 -51.95 33.59
N LYS G 441 2.43 -52.23 33.89
CA LYS G 441 2.08 -53.12 34.99
C LYS G 441 0.81 -53.90 34.63
N VAL G 442 0.75 -55.14 35.10
CA VAL G 442 -0.40 -55.99 34.80
C VAL G 442 -1.67 -55.43 35.44
N SER G 443 -1.56 -54.89 36.65
CA SER G 443 -2.73 -54.29 37.31
C SER G 443 -2.86 -52.81 37.03
N GLY G 444 -1.76 -52.11 36.87
CA GLY G 444 -1.76 -50.69 36.58
C GLY G 444 -0.59 -49.99 37.26
N ASN G 445 -0.10 -48.94 36.62
CA ASN G 445 1.00 -48.14 37.16
C ASN G 445 0.41 -47.05 38.05
N TYR G 446 0.48 -47.26 39.36
CA TYR G 446 -0.05 -46.31 40.32
C TYR G 446 0.93 -45.20 40.66
N ASN G 447 2.19 -45.31 40.22
CA ASN G 447 3.20 -44.31 40.56
C ASN G 447 3.11 -43.06 39.70
N TYR G 448 2.27 -43.05 38.67
CA TYR G 448 2.12 -41.92 37.78
C TYR G 448 0.79 -41.24 38.06
N LEU G 449 0.83 -39.92 38.28
CA LEU G 449 -0.36 -39.16 38.65
C LEU G 449 -0.40 -37.88 37.84
N TYR G 450 -1.60 -37.31 37.70
CA TYR G 450 -1.78 -35.96 37.22
C TYR G 450 -2.79 -35.23 38.10
N ARG G 451 -2.59 -33.92 38.24
CA ARG G 451 -3.42 -33.07 39.09
C ARG G 451 -4.50 -32.43 38.22
N LEU G 452 -5.73 -32.92 38.35
CA LEU G 452 -6.86 -32.35 37.64
C LEU G 452 -7.74 -31.49 38.53
N PHE G 453 -7.63 -31.63 39.84
CA PHE G 453 -8.47 -30.88 40.78
C PHE G 453 -7.71 -29.62 41.24
N ARG G 454 -7.54 -28.70 40.29
CA ARG G 454 -6.88 -27.43 40.55
C ARG G 454 -7.87 -26.30 40.26
N LYS G 455 -7.68 -25.18 40.95
CA LYS G 455 -8.70 -24.14 40.96
C LYS G 455 -8.90 -23.52 39.58
N SER G 456 -7.82 -23.22 38.86
CA SER G 456 -7.93 -22.49 37.60
C SER G 456 -6.70 -22.75 36.76
N LYS G 457 -6.63 -22.07 35.62
CA LYS G 457 -5.50 -22.23 34.72
C LYS G 457 -4.22 -21.70 35.35
N LEU G 458 -3.10 -22.32 35.00
CA LEU G 458 -1.80 -21.96 35.54
C LEU G 458 -1.00 -21.18 34.50
N LYS G 459 0.00 -20.45 34.98
CA LYS G 459 0.86 -19.68 34.10
C LYS G 459 1.77 -20.60 33.31
N PRO G 460 2.24 -20.17 32.13
CA PRO G 460 3.20 -20.98 31.38
C PRO G 460 4.48 -21.21 32.18
N PHE G 461 5.03 -22.41 32.03
CA PHE G 461 6.23 -22.83 32.74
C PHE G 461 6.04 -22.71 34.26
N GLU G 462 5.05 -23.44 34.77
CA GLU G 462 4.74 -23.46 36.18
C GLU G 462 4.65 -24.89 36.68
N ARG G 463 5.20 -25.13 37.87
CA ARG G 463 5.18 -26.44 38.52
C ARG G 463 4.67 -26.24 39.95
N ASP G 464 3.36 -26.26 40.13
CA ASP G 464 2.80 -26.18 41.47
C ASP G 464 2.98 -27.51 42.19
N ILE G 465 3.30 -27.43 43.48
CA ILE G 465 3.63 -28.61 44.27
C ILE G 465 2.80 -28.73 45.54
N SER G 466 2.03 -27.71 45.90
CA SER G 466 1.24 -27.76 47.12
C SER G 466 0.08 -28.74 46.97
N THR G 467 -0.26 -29.41 48.08
CA THR G 467 -1.35 -30.37 48.13
C THR G 467 -2.41 -29.84 49.08
N GLU G 468 -3.51 -29.35 48.54
CA GLU G 468 -4.61 -28.80 49.32
C GLU G 468 -5.92 -29.41 48.86
N ILE G 469 -6.85 -29.55 49.81
CA ILE G 469 -8.15 -30.16 49.52
C ILE G 469 -8.91 -29.26 48.56
N TYR G 470 -9.49 -29.87 47.52
CA TYR G 470 -10.29 -29.13 46.56
C TYR G 470 -11.59 -28.66 47.21
N GLN G 471 -11.93 -27.39 47.02
CA GLN G 471 -13.10 -26.76 47.61
C GLN G 471 -14.24 -26.60 46.60
N ALA G 472 -14.39 -27.58 45.72
CA ALA G 472 -15.46 -27.54 44.72
C ALA G 472 -16.80 -27.74 45.42
N GLY G 473 -17.54 -26.65 45.62
CA GLY G 473 -18.82 -26.72 46.29
C GLY G 473 -19.08 -25.57 47.25
N ASN G 474 -19.85 -25.83 48.30
CA ASN G 474 -20.21 -24.81 49.27
C ASN G 474 -20.11 -25.36 50.69
N LYS G 475 -19.04 -26.09 50.99
CA LYS G 475 -18.87 -26.69 52.30
C LYS G 475 -17.46 -26.41 52.81
N PRO G 476 -17.31 -26.08 54.10
CA PRO G 476 -15.99 -25.78 54.69
C PRO G 476 -15.18 -27.04 55.00
N CYS G 477 -14.50 -27.53 53.97
CA CYS G 477 -13.68 -28.73 54.13
C CYS G 477 -12.53 -28.46 55.11
N ASN G 478 -12.35 -29.37 56.06
CA ASN G 478 -11.29 -29.26 57.05
C ASN G 478 -10.41 -30.50 57.10
N GLY G 479 -10.61 -31.45 56.18
CA GLY G 479 -9.82 -32.67 56.17
C GLY G 479 -10.70 -33.91 56.14
N VAL G 480 -12.00 -33.71 56.00
CA VAL G 480 -12.94 -34.84 56.00
C VAL G 480 -12.76 -35.68 54.74
N ALA G 481 -12.49 -35.05 53.60
CA ALA G 481 -12.33 -35.71 52.31
C ALA G 481 -13.59 -36.50 51.94
N GLY G 482 -14.71 -35.78 51.89
CA GLY G 482 -15.98 -36.35 51.51
C GLY G 482 -16.63 -35.56 50.38
N PHE G 483 -17.86 -35.11 50.61
CA PHE G 483 -18.52 -34.24 49.65
C PHE G 483 -17.86 -32.86 49.63
N ASN G 484 -17.71 -32.31 48.43
CA ASN G 484 -17.11 -30.99 48.20
C ASN G 484 -15.64 -30.96 48.62
N CYS G 485 -15.09 -32.09 49.05
CA CYS G 485 -13.70 -32.20 49.48
C CYS G 485 -13.01 -33.24 48.61
N TYR G 486 -12.04 -32.80 47.83
CA TYR G 486 -11.35 -33.67 46.89
C TYR G 486 -9.84 -33.45 46.97
N PHE G 487 -9.09 -34.51 46.69
CA PHE G 487 -7.65 -34.40 46.57
C PHE G 487 -7.27 -33.78 45.22
N PRO G 488 -6.15 -33.04 45.17
CA PRO G 488 -5.64 -32.51 43.90
C PRO G 488 -4.85 -33.53 43.10
N LEU G 489 -5.43 -34.73 42.94
CA LEU G 489 -4.79 -35.81 42.20
C LEU G 489 -5.86 -36.71 41.63
N GLN G 490 -5.49 -37.49 40.63
CA GLN G 490 -6.41 -38.41 39.95
C GLN G 490 -5.69 -39.73 39.71
N SER G 491 -6.06 -40.76 40.47
CA SER G 491 -5.40 -42.05 40.37
C SER G 491 -5.77 -42.77 39.08
N TYR G 492 -4.79 -43.48 38.52
CA TYR G 492 -5.02 -44.27 37.32
C TYR G 492 -3.96 -45.35 37.22
N GLY G 493 -4.21 -46.32 36.35
CA GLY G 493 -3.25 -47.37 36.07
C GLY G 493 -3.16 -47.63 34.58
N PHE G 494 -2.09 -48.32 34.20
CA PHE G 494 -1.85 -48.69 32.81
C PHE G 494 -1.88 -50.21 32.69
N ARG G 495 -2.66 -50.71 31.75
CA ARG G 495 -2.67 -52.14 31.42
C ARG G 495 -2.13 -52.34 30.02
N PRO G 496 -1.11 -53.19 29.84
CA PRO G 496 -0.48 -53.32 28.51
C PRO G 496 -1.40 -53.85 27.43
N THR G 497 -2.51 -54.50 27.79
CA THR G 497 -3.44 -54.98 26.79
C THR G 497 -4.22 -53.85 26.13
N TYR G 498 -4.12 -52.64 26.65
CA TYR G 498 -4.87 -51.52 26.10
C TYR G 498 -4.33 -51.12 24.73
N GLY G 499 -5.13 -50.35 24.01
CA GLY G 499 -4.72 -49.77 22.75
C GLY G 499 -4.14 -48.37 22.93
N VAL G 500 -3.97 -47.68 21.80
CA VAL G 500 -3.47 -46.31 21.83
C VAL G 500 -4.49 -45.41 22.51
N GLY G 501 -4.00 -44.52 23.37
CA GLY G 501 -4.85 -43.63 24.12
C GLY G 501 -5.04 -44.02 25.56
N HIS G 502 -4.69 -45.25 25.93
CA HIS G 502 -4.74 -45.70 27.31
C HIS G 502 -3.38 -46.14 27.83
N GLN G 503 -2.55 -46.72 26.97
CA GLN G 503 -1.18 -47.06 27.36
C GLN G 503 -0.37 -45.78 27.52
N PRO G 504 0.68 -45.81 28.34
CA PRO G 504 1.47 -44.60 28.57
C PRO G 504 2.37 -44.28 27.38
N TYR G 505 2.96 -43.09 27.41
CA TYR G 505 3.96 -42.66 26.45
C TYR G 505 4.91 -41.70 27.13
N ARG G 506 6.09 -41.53 26.56
CA ARG G 506 7.14 -40.69 27.11
C ARG G 506 7.45 -39.56 26.14
N VAL G 507 7.65 -38.36 26.67
CA VAL G 507 7.90 -37.19 25.83
C VAL G 507 8.88 -36.26 26.52
N VAL G 508 9.79 -35.68 25.74
CA VAL G 508 10.73 -34.69 26.23
C VAL G 508 10.57 -33.42 25.40
N VAL G 509 10.76 -32.27 26.05
CA VAL G 509 10.55 -30.97 25.44
C VAL G 509 11.82 -30.16 25.60
N LEU G 510 12.30 -29.56 24.52
CA LEU G 510 13.41 -28.63 24.55
C LEU G 510 12.89 -27.20 24.47
N SER G 511 13.82 -26.25 24.66
CA SER G 511 13.46 -24.84 24.58
C SER G 511 14.74 -24.03 24.42
N PHE G 512 14.80 -23.21 23.37
CA PHE G 512 15.96 -22.39 23.05
C PHE G 512 15.63 -20.92 23.32
N GLU G 513 16.60 -20.06 23.04
CA GLU G 513 16.42 -18.62 23.13
C GLU G 513 17.02 -17.83 21.98
N LEU G 514 18.04 -18.35 21.30
CA LEU G 514 18.72 -17.65 20.21
C LEU G 514 19.23 -16.28 20.66
N LEU G 515 19.70 -16.21 21.91
CA LEU G 515 20.32 -14.98 22.38
C LEU G 515 21.69 -14.80 21.73
N HIS G 516 22.14 -13.55 21.67
CA HIS G 516 23.35 -13.20 20.94
C HIS G 516 24.57 -13.02 21.84
N ALA G 517 24.42 -12.33 22.98
CA ALA G 517 25.60 -12.06 23.81
C ALA G 517 26.16 -13.32 24.44
N PRO G 518 25.42 -14.06 25.28
CA PRO G 518 26.02 -15.25 25.89
C PRO G 518 25.87 -16.48 25.01
N ALA G 519 26.96 -17.21 24.83
CA ALA G 519 26.96 -18.40 24.00
C ALA G 519 27.74 -19.50 24.72
N THR G 520 27.05 -20.57 25.08
CA THR G 520 27.66 -21.69 25.76
C THR G 520 27.54 -23.01 25.01
N VAL G 521 26.47 -23.20 24.23
CA VAL G 521 26.25 -24.43 23.48
C VAL G 521 26.35 -24.10 22.00
N CYS G 522 27.24 -24.78 21.30
CA CYS G 522 27.44 -24.56 19.87
C CYS G 522 27.61 -25.90 19.16
N GLY G 523 27.24 -25.91 17.88
CA GLY G 523 27.32 -27.10 17.08
C GLY G 523 28.75 -27.48 16.75
N PRO G 524 28.98 -28.75 16.43
CA PRO G 524 30.34 -29.22 16.13
C PRO G 524 30.73 -28.88 14.70
N LYS G 525 31.66 -27.94 14.56
CA LYS G 525 32.24 -27.61 13.27
C LYS G 525 33.72 -27.35 13.45
N LYS G 526 34.49 -27.60 12.39
CA LYS G 526 35.93 -27.42 12.42
C LYS G 526 36.23 -25.92 12.28
N SER G 527 36.61 -25.29 13.38
CA SER G 527 36.99 -23.88 13.33
C SER G 527 38.20 -23.72 12.42
N THR G 528 38.11 -22.76 11.51
CA THR G 528 39.16 -22.52 10.53
C THR G 528 40.03 -21.34 10.95
N ASN G 529 41.14 -21.19 10.25
CA ASN G 529 42.05 -20.09 10.51
C ASN G 529 41.40 -18.77 10.14
N LEU G 530 41.84 -17.70 10.78
CA LEU G 530 41.33 -16.37 10.53
C LEU G 530 42.15 -15.69 9.43
N VAL G 531 41.45 -14.99 8.55
CA VAL G 531 42.07 -14.17 7.51
C VAL G 531 41.50 -12.77 7.62
N LYS G 532 42.09 -11.84 6.87
CA LYS G 532 41.65 -10.46 6.94
C LYS G 532 42.09 -9.72 5.68
N ASN G 533 41.56 -8.51 5.52
CA ASN G 533 41.91 -7.60 4.43
C ASN G 533 41.53 -8.16 3.07
N LYS G 534 40.50 -8.99 3.01
CA LYS G 534 40.00 -9.49 1.73
C LYS G 534 38.57 -9.95 1.92
N CYS G 535 37.72 -9.68 0.93
CA CYS G 535 36.30 -10.00 1.00
C CYS G 535 36.11 -11.50 1.20
N VAL G 536 35.57 -11.89 2.35
CA VAL G 536 35.36 -13.30 2.68
C VAL G 536 34.04 -13.46 3.42
N ASN G 537 33.59 -14.71 3.50
CA ASN G 537 32.45 -15.08 4.31
C ASN G 537 32.90 -15.36 5.73
N PHE G 538 32.15 -14.86 6.71
CA PHE G 538 32.46 -15.12 8.11
C PHE G 538 31.23 -15.68 8.81
N ASN G 539 31.47 -16.61 9.74
CA ASN G 539 30.43 -17.30 10.49
C ASN G 539 30.74 -17.27 11.98
N PHE G 540 31.03 -16.07 12.52
CA PHE G 540 31.35 -15.90 13.92
C PHE G 540 30.12 -16.25 14.77
N ASN G 541 30.14 -17.42 15.38
CA ASN G 541 29.11 -17.88 16.31
C ASN G 541 27.71 -17.91 15.70
N GLY G 542 27.59 -17.76 14.38
CA GLY G 542 26.30 -17.71 13.72
C GLY G 542 25.98 -16.40 13.04
N LEU G 543 26.79 -15.36 13.25
CA LEU G 543 26.59 -14.08 12.57
C LEU G 543 27.07 -14.20 11.14
N THR G 544 26.32 -14.98 10.36
CA THR G 544 26.71 -15.25 8.98
C THR G 544 26.71 -13.96 8.17
N GLY G 545 27.81 -13.72 7.44
CA GLY G 545 27.86 -12.53 6.64
C GLY G 545 29.05 -12.56 5.70
N THR G 546 29.17 -11.51 4.90
CA THR G 546 30.29 -11.35 3.98
C THR G 546 30.86 -9.95 4.11
N GLY G 547 32.19 -9.84 4.03
CA GLY G 547 32.82 -8.55 4.11
C GLY G 547 34.31 -8.70 4.34
N VAL G 548 34.93 -7.57 4.67
CA VAL G 548 36.35 -7.52 4.99
C VAL G 548 36.51 -7.22 6.47
N LEU G 549 37.45 -7.91 7.11
CA LEU G 549 37.71 -7.77 8.53
C LEU G 549 39.04 -7.05 8.72
N THR G 550 39.02 -5.99 9.54
CA THR G 550 40.22 -5.22 9.85
C THR G 550 40.35 -5.09 11.35
N GLU G 551 41.46 -4.48 11.80
CA GLU G 551 41.70 -4.27 13.21
C GLU G 551 41.17 -2.90 13.62
N SER G 552 40.48 -2.86 14.76
CA SER G 552 39.81 -1.66 15.24
C SER G 552 40.40 -1.21 16.57
N ASN G 553 40.14 0.05 16.91
CA ASN G 553 40.58 0.63 18.18
C ASN G 553 39.41 0.87 19.12
N LYS G 554 38.36 0.05 19.01
CA LYS G 554 37.21 0.17 19.89
C LYS G 554 37.57 -0.25 21.31
N LYS G 555 36.79 0.24 22.27
CA LYS G 555 37.06 -0.05 23.67
C LYS G 555 36.59 -1.43 24.07
N PHE G 556 35.28 -1.68 23.96
CA PHE G 556 34.69 -3.00 24.18
C PHE G 556 35.01 -3.52 25.59
N LEU G 557 34.42 -2.86 26.57
CA LEU G 557 34.49 -3.29 27.96
C LEU G 557 34.19 -4.79 28.06
N PRO G 558 34.72 -5.48 29.07
CA PRO G 558 34.71 -6.96 29.04
C PRO G 558 33.35 -7.59 28.85
N PHE G 559 32.28 -7.01 29.40
CA PHE G 559 30.96 -7.58 29.19
C PHE G 559 30.48 -7.35 27.76
N GLN G 560 30.76 -6.18 27.18
CA GLN G 560 30.38 -5.91 25.80
C GLN G 560 31.19 -6.77 24.85
N GLN G 561 30.52 -7.34 23.85
CA GLN G 561 31.24 -8.08 22.83
C GLN G 561 30.69 -7.90 21.41
N PHE G 562 29.65 -7.11 21.21
CA PHE G 562 29.15 -6.81 19.87
C PHE G 562 29.20 -5.31 19.63
N GLY G 563 29.22 -4.94 18.36
CA GLY G 563 29.06 -3.57 17.93
C GLY G 563 27.74 -3.43 17.21
N ARG G 564 27.15 -2.25 17.28
CA ARG G 564 25.87 -2.02 16.64
C ARG G 564 25.78 -0.56 16.23
N ASP G 565 24.86 -0.29 15.31
CA ASP G 565 24.57 1.08 14.89
C ASP G 565 23.17 1.10 14.31
N ILE G 566 22.83 2.16 13.59
CA ILE G 566 21.52 2.29 12.98
C ILE G 566 21.30 1.13 12.01
N ALA G 567 20.06 0.68 11.90
CA ALA G 567 19.63 -0.39 11.00
C ALA G 567 20.17 -1.75 11.39
N ASP G 568 20.53 -1.93 12.66
CA ASP G 568 20.91 -3.25 13.20
C ASP G 568 22.03 -3.91 12.40
N THR G 569 23.05 -3.12 12.06
CA THR G 569 24.22 -3.64 11.36
C THR G 569 25.36 -3.80 12.35
N THR G 570 25.91 -5.00 12.43
CA THR G 570 27.00 -5.29 13.34
C THR G 570 28.31 -4.85 12.70
N ASP G 571 28.78 -3.67 13.09
CA ASP G 571 30.00 -3.10 12.50
C ASP G 571 31.27 -3.52 13.22
N ALA G 572 31.16 -4.29 14.30
CA ALA G 572 32.34 -4.78 15.00
C ALA G 572 31.97 -6.06 15.73
N VAL G 573 32.98 -6.87 16.03
CA VAL G 573 32.74 -8.15 16.67
C VAL G 573 34.00 -8.59 17.39
N ARG G 574 33.82 -9.28 18.52
CA ARG G 574 34.92 -9.79 19.31
C ARG G 574 35.23 -11.22 18.89
N ASP G 575 36.51 -11.51 18.69
CA ASP G 575 36.90 -12.85 18.28
C ASP G 575 36.59 -13.86 19.37
N PRO G 576 35.93 -14.97 19.05
CA PRO G 576 35.59 -15.95 20.09
C PRO G 576 36.78 -16.58 20.78
N GLN G 577 37.90 -16.76 20.08
CA GLN G 577 39.03 -17.49 20.64
C GLN G 577 40.14 -16.60 21.16
N THR G 578 40.68 -15.69 20.36
CA THR G 578 41.79 -14.85 20.77
C THR G 578 41.36 -13.55 21.41
N LEU G 579 40.04 -13.32 21.54
CA LEU G 579 39.50 -12.12 22.19
C LEU G 579 40.06 -10.85 21.57
N GLU G 580 40.12 -10.82 20.24
CA GLU G 580 40.55 -9.65 19.49
C GLU G 580 39.34 -9.02 18.82
N ILE G 581 39.28 -7.69 18.86
CA ILE G 581 38.17 -6.97 18.27
C ILE G 581 38.44 -6.74 16.79
N LEU G 582 37.41 -6.88 15.98
CA LEU G 582 37.51 -6.77 14.53
C LEU G 582 36.41 -5.87 14.00
N ASP G 583 36.76 -5.10 12.97
CA ASP G 583 35.83 -4.19 12.32
C ASP G 583 35.43 -4.77 10.97
N ILE G 584 34.13 -4.82 10.71
CA ILE G 584 33.58 -5.41 9.50
C ILE G 584 33.20 -4.29 8.54
N THR G 585 33.65 -4.39 7.30
CA THR G 585 33.32 -3.40 6.28
C THR G 585 32.81 -4.11 5.03
N PRO G 586 31.73 -3.63 4.43
CA PRO G 586 31.21 -4.27 3.22
C PRO G 586 32.19 -4.15 2.06
N CYS G 587 32.12 -5.12 1.15
CA CYS G 587 33.00 -5.17 0.00
C CYS G 587 32.67 -4.02 -0.97
N SER G 588 33.60 -3.78 -1.89
CA SER G 588 33.42 -2.71 -2.87
C SER G 588 32.25 -3.03 -3.79
N PHE G 589 31.48 -2.00 -4.13
CA PHE G 589 30.31 -2.15 -4.99
C PHE G 589 29.97 -0.79 -5.57
N GLY G 590 29.15 -0.81 -6.61
CA GLY G 590 28.70 0.43 -7.20
C GLY G 590 27.90 0.19 -8.46
N GLY G 591 27.58 1.29 -9.14
CA GLY G 591 26.86 1.25 -10.40
C GLY G 591 27.74 1.74 -11.54
N VAL G 592 27.33 1.40 -12.76
CA VAL G 592 28.07 1.77 -13.96
C VAL G 592 27.15 2.50 -14.91
N SER G 593 27.76 3.30 -15.78
CA SER G 593 27.02 4.05 -16.79
C SER G 593 27.78 3.99 -18.11
N VAL G 594 27.04 4.05 -19.20
CA VAL G 594 27.60 3.91 -20.54
C VAL G 594 27.43 5.23 -21.27
N ILE G 595 28.53 5.81 -21.70
CA ILE G 595 28.52 7.07 -22.44
C ILE G 595 28.74 6.72 -23.90
N THR G 596 27.74 6.98 -24.73
CA THR G 596 27.78 6.65 -26.15
C THR G 596 27.20 7.78 -26.97
N PRO G 597 27.69 7.97 -28.19
CA PRO G 597 26.95 8.76 -29.17
C PRO G 597 25.85 7.88 -29.77
N GLY G 598 25.08 8.47 -30.67
CA GLY G 598 24.00 7.73 -31.28
C GLY G 598 24.49 6.51 -32.04
N THR G 599 23.62 5.49 -32.10
CA THR G 599 23.97 4.30 -32.86
C THR G 599 24.11 4.61 -34.34
N ASN G 600 23.49 5.70 -34.79
CA ASN G 600 23.63 6.11 -36.19
C ASN G 600 25.04 6.56 -36.50
N THR G 601 25.63 7.38 -35.63
CA THR G 601 26.95 7.92 -35.90
C THR G 601 28.04 6.86 -35.79
N SER G 602 28.02 6.07 -34.71
CA SER G 602 29.09 5.11 -34.47
C SER G 602 28.71 4.07 -33.43
N ASN G 603 29.68 3.27 -32.99
CA ASN G 603 29.44 2.23 -32.01
C ASN G 603 30.41 2.23 -30.84
N GLN G 604 31.47 3.05 -30.88
CA GLN G 604 32.39 3.11 -29.75
C GLN G 604 31.72 3.75 -28.55
N VAL G 605 31.99 3.21 -27.36
CA VAL G 605 31.41 3.68 -26.12
C VAL G 605 32.49 3.85 -25.07
N ALA G 606 32.13 4.49 -23.96
CA ALA G 606 32.99 4.61 -22.80
C ALA G 606 32.19 4.23 -21.57
N VAL G 607 32.89 3.83 -20.51
CA VAL G 607 32.24 3.30 -19.31
C VAL G 607 32.68 4.11 -18.10
N LEU G 608 31.71 4.50 -17.27
CA LEU G 608 31.96 5.27 -16.07
C LEU G 608 31.54 4.43 -14.86
N TYR G 609 32.48 4.23 -13.94
CA TYR G 609 32.21 3.56 -12.67
C TYR G 609 32.03 4.59 -11.57
N GLN G 610 30.99 4.42 -10.77
CA GLN G 610 30.59 5.40 -9.77
C GLN G 610 31.49 5.30 -8.53
N GLY G 611 32.33 6.31 -8.34
CA GLY G 611 33.11 6.44 -7.12
C GLY G 611 33.91 5.22 -6.72
N VAL G 612 34.94 4.88 -7.50
CA VAL G 612 35.72 3.67 -7.24
C VAL G 612 37.19 4.06 -7.09
N ASN G 613 37.51 5.30 -7.49
CA ASN G 613 38.89 5.80 -7.48
C ASN G 613 39.80 4.93 -8.34
N CYS G 614 39.25 4.40 -9.44
CA CYS G 614 40.05 3.74 -10.48
C CYS G 614 40.95 2.64 -9.92
N THR G 615 42.22 2.98 -9.70
CA THR G 615 43.25 1.97 -9.47
C THR G 615 42.98 1.14 -8.22
N GLU G 616 42.15 1.64 -7.31
CA GLU G 616 41.87 0.92 -6.07
C GLU G 616 41.28 -0.45 -6.34
N VAL G 617 40.28 -0.51 -7.21
CA VAL G 617 39.66 -1.78 -7.59
C VAL G 617 38.91 -1.60 -8.92
N PRO G 618 39.62 -1.32 -10.01
CA PRO G 618 38.90 -1.08 -11.28
C PRO G 618 38.34 -2.35 -11.88
N VAL G 619 39.11 -3.44 -11.88
CA VAL G 619 38.67 -4.71 -12.42
C VAL G 619 39.11 -5.82 -11.47
N ALA G 620 38.23 -6.79 -11.25
CA ALA G 620 38.52 -7.89 -10.35
C ALA G 620 39.41 -8.93 -11.03
N THR G 629 34.76 -11.46 -19.82
CA THR G 629 33.37 -11.30 -20.22
C THR G 629 33.09 -9.89 -20.68
N TRP G 630 32.30 -9.16 -19.88
CA TRP G 630 32.00 -7.76 -20.18
C TRP G 630 33.19 -6.84 -19.91
N ARG G 631 34.18 -7.31 -19.16
CA ARG G 631 35.34 -6.50 -18.79
C ARG G 631 36.49 -6.63 -19.79
N VAL G 632 36.17 -6.85 -21.07
CA VAL G 632 37.19 -7.04 -22.09
C VAL G 632 37.87 -5.74 -22.50
N TYR G 633 37.53 -4.62 -21.85
CA TYR G 633 38.04 -3.32 -22.29
C TYR G 633 39.45 -3.08 -21.81
N SER G 634 40.33 -4.07 -22.01
CA SER G 634 41.79 -3.93 -21.87
C SER G 634 42.23 -3.60 -20.46
N THR G 635 41.27 -3.39 -19.54
CA THR G 635 41.57 -2.92 -18.19
C THR G 635 42.54 -1.74 -18.22
N GLY G 636 42.33 -0.84 -19.19
CA GLY G 636 43.28 0.22 -19.46
C GLY G 636 42.79 1.14 -20.57
N SER G 637 43.68 1.45 -21.52
CA SER G 637 43.35 2.31 -22.66
C SER G 637 42.90 3.70 -22.19
N ASN G 638 43.86 4.41 -21.59
CA ASN G 638 43.66 5.78 -21.13
C ASN G 638 42.62 5.85 -20.02
N VAL G 639 42.84 5.12 -18.93
CA VAL G 639 41.96 5.24 -17.77
C VAL G 639 42.15 6.62 -17.16
N PHE G 640 41.05 7.35 -17.00
CA PHE G 640 41.07 8.71 -16.48
C PHE G 640 40.28 8.76 -15.18
N GLN G 641 40.69 9.64 -14.28
CA GLN G 641 40.04 9.79 -12.98
C GLN G 641 39.40 11.16 -12.87
N THR G 642 38.17 11.19 -12.35
CA THR G 642 37.43 12.44 -12.14
C THR G 642 36.83 12.43 -10.75
N ARG G 643 36.20 13.54 -10.38
CA ARG G 643 35.56 13.65 -9.07
C ARG G 643 34.33 12.76 -8.94
N ALA G 644 33.77 12.30 -10.05
CA ALA G 644 32.56 11.50 -10.01
C ALA G 644 32.82 9.99 -10.08
N GLY G 645 33.99 9.58 -10.52
CA GLY G 645 34.29 8.15 -10.60
C GLY G 645 35.46 7.87 -11.50
N CYS G 646 35.43 6.69 -12.11
CA CYS G 646 36.50 6.23 -13.00
C CYS G 646 35.96 6.15 -14.43
N LEU G 647 36.63 6.83 -15.35
CA LEU G 647 36.22 6.89 -16.74
C LEU G 647 37.17 6.05 -17.58
N ILE G 648 36.63 5.10 -18.34
CA ILE G 648 37.42 4.19 -19.16
C ILE G 648 36.97 4.32 -20.59
N GLY G 649 37.91 4.60 -21.49
CA GLY G 649 37.62 4.69 -22.91
C GLY G 649 37.63 6.08 -23.48
N ALA G 650 38.09 7.08 -22.75
CA ALA G 650 38.14 8.44 -23.25
C ALA G 650 39.48 9.09 -22.90
N GLU G 651 39.92 9.99 -23.77
CA GLU G 651 41.14 10.75 -23.53
C GLU G 651 40.82 11.95 -22.64
N TYR G 652 41.77 12.88 -22.52
CA TYR G 652 41.55 14.10 -21.76
C TYR G 652 42.22 15.25 -22.51
N VAL G 653 41.45 15.94 -23.35
CA VAL G 653 41.99 17.05 -24.10
C VAL G 653 42.11 18.27 -23.21
N ASN G 654 43.21 19.01 -23.38
CA ASN G 654 43.44 20.26 -22.65
C ASN G 654 42.60 21.41 -23.17
N ASN G 655 41.90 21.23 -24.28
CA ASN G 655 41.12 22.29 -24.90
C ASN G 655 39.83 22.50 -24.12
N SER G 656 38.92 23.30 -24.67
CA SER G 656 37.63 23.58 -24.04
C SER G 656 36.59 23.85 -25.11
N TYR G 657 35.45 23.16 -25.01
CA TYR G 657 34.34 23.37 -25.93
C TYR G 657 33.03 23.43 -25.17
N GLU G 658 31.91 23.42 -25.88
CA GLU G 658 30.60 23.40 -25.25
C GLU G 658 30.24 21.97 -24.84
N CYS G 659 29.50 21.86 -23.75
CA CYS G 659 29.14 20.55 -23.22
C CYS G 659 28.18 19.83 -24.15
N ASP G 660 28.41 18.54 -24.34
CA ASP G 660 27.54 17.69 -25.13
C ASP G 660 26.85 16.62 -24.30
N ILE G 661 27.62 15.80 -23.58
CA ILE G 661 27.09 14.77 -22.71
C ILE G 661 27.58 15.04 -21.29
N PRO G 662 26.73 15.59 -20.42
CA PRO G 662 27.18 15.90 -19.06
C PRO G 662 27.60 14.66 -18.30
N ILE G 663 28.61 14.83 -17.46
CA ILE G 663 29.15 13.73 -16.68
C ILE G 663 29.04 14.04 -15.19
N GLY G 664 29.57 15.17 -14.78
CA GLY G 664 29.52 15.61 -13.40
C GLY G 664 30.79 16.30 -12.99
N ALA G 665 30.67 17.24 -12.05
CA ALA G 665 31.81 18.00 -11.53
C ALA G 665 32.57 18.72 -12.64
N GLY G 666 31.83 19.34 -13.55
CA GLY G 666 32.44 20.13 -14.61
C GLY G 666 33.24 19.33 -15.61
N ILE G 667 32.74 18.17 -16.02
CA ILE G 667 33.38 17.35 -17.03
C ILE G 667 32.32 16.91 -18.02
N CYS G 668 32.65 16.98 -19.32
CA CYS G 668 31.73 16.59 -20.37
C CYS G 668 32.41 15.59 -21.28
N ALA G 669 31.68 15.15 -22.30
CA ALA G 669 32.21 14.22 -23.28
C ALA G 669 31.56 14.50 -24.63
N SER G 670 32.21 14.05 -25.69
CA SER G 670 31.72 14.30 -27.04
C SER G 670 32.27 13.23 -27.97
N TYR G 671 32.10 13.44 -29.27
CA TYR G 671 32.57 12.52 -30.31
C TYR G 671 33.27 13.30 -31.41
N GLN G 672 34.20 14.15 -31.02
CA GLN G 672 34.92 14.97 -32.00
C GLN G 672 35.85 14.09 -32.84
N THR G 673 36.26 14.64 -33.97
CA THR G 673 37.08 13.94 -34.97
C THR G 673 38.52 14.44 -34.85
N GLN G 674 39.28 13.82 -33.96
CA GLN G 674 40.69 14.14 -33.73
C GLN G 674 40.91 15.63 -33.51
N SER G 686 40.16 8.27 -37.37
CA SER G 686 40.31 9.61 -36.83
C SER G 686 39.12 9.97 -35.94
N GLN G 687 38.43 8.95 -35.44
CA GLN G 687 37.26 9.12 -34.58
C GLN G 687 37.57 8.60 -33.19
N SER G 688 37.21 9.38 -32.18
CA SER G 688 37.48 9.01 -30.80
C SER G 688 36.46 9.70 -29.90
N ILE G 689 36.51 9.35 -28.62
CA ILE G 689 35.68 9.97 -27.60
C ILE G 689 36.59 10.73 -26.65
N ILE G 690 36.34 12.03 -26.49
CA ILE G 690 37.17 12.88 -25.66
C ILE G 690 36.36 13.33 -24.46
N ALA G 691 37.07 13.73 -23.41
CA ALA G 691 36.48 14.18 -22.15
C ALA G 691 37.18 15.46 -21.72
N TYR G 692 36.66 16.59 -22.17
CA TYR G 692 37.26 17.88 -21.91
C TYR G 692 36.66 18.49 -20.65
N THR G 693 36.92 19.78 -20.43
CA THR G 693 36.34 20.53 -19.32
C THR G 693 35.36 21.55 -19.88
N MET G 694 34.23 21.71 -19.19
CA MET G 694 33.17 22.59 -19.67
C MET G 694 33.68 24.01 -19.84
N SER G 695 33.31 24.63 -20.95
CA SER G 695 33.70 26.01 -21.25
C SER G 695 32.48 26.91 -21.15
N LEU G 696 32.61 27.98 -20.39
CA LEU G 696 31.49 28.88 -20.13
C LEU G 696 31.33 29.95 -21.21
N GLY G 697 32.21 30.00 -22.19
CA GLY G 697 32.13 30.97 -23.26
C GLY G 697 33.38 31.82 -23.35
N ALA G 698 33.44 32.58 -24.44
CA ALA G 698 34.58 33.45 -24.68
C ALA G 698 34.60 34.59 -23.68
N GLU G 699 35.79 34.88 -23.14
CA GLU G 699 35.92 36.01 -22.23
C GLU G 699 35.97 37.31 -23.01
N ASN G 700 35.21 38.29 -22.57
CA ASN G 700 35.11 39.57 -23.25
C ASN G 700 35.57 40.68 -22.33
N SER G 701 36.14 41.72 -22.92
CA SER G 701 36.66 42.86 -22.19
C SER G 701 35.88 44.11 -22.55
N VAL G 702 35.75 45.02 -21.58
CA VAL G 702 35.09 46.29 -21.78
C VAL G 702 36.04 47.37 -21.29
N ALA G 703 35.80 48.60 -21.74
CA ALA G 703 36.78 49.68 -21.63
C ALA G 703 36.17 50.83 -20.84
N TYR G 704 35.63 50.52 -19.67
CA TYR G 704 35.12 51.54 -18.75
C TYR G 704 36.09 52.70 -18.62
N SER G 705 35.56 53.92 -18.72
CA SER G 705 36.36 55.12 -18.58
C SER G 705 35.47 56.24 -18.07
N ASN G 706 36.09 57.32 -17.58
CA ASN G 706 35.32 58.41 -16.99
C ASN G 706 34.42 59.09 -18.02
N ASN G 707 34.91 59.25 -19.25
CA ASN G 707 34.18 59.96 -20.29
C ASN G 707 34.24 59.16 -21.59
N SER G 708 33.25 58.28 -21.77
CA SER G 708 33.14 57.50 -22.99
C SER G 708 31.76 56.89 -23.05
N ILE G 709 31.16 56.89 -24.25
CA ILE G 709 29.90 56.22 -24.49
C ILE G 709 30.05 55.45 -25.80
N ALA G 710 29.26 54.39 -25.95
CA ALA G 710 29.23 53.61 -27.18
C ALA G 710 27.77 53.51 -27.65
N ILE G 711 27.38 54.39 -28.55
CA ILE G 711 25.99 54.47 -29.02
C ILE G 711 25.88 53.74 -30.35
N PRO G 712 24.92 52.83 -30.51
CA PRO G 712 24.80 52.07 -31.76
C PRO G 712 24.36 52.96 -32.90
N THR G 713 24.70 52.52 -34.12
CA THR G 713 24.35 53.24 -35.33
C THR G 713 23.47 52.44 -36.29
N ASN G 714 23.12 51.20 -35.96
CA ASN G 714 22.22 50.46 -36.83
C ASN G 714 21.42 49.50 -35.97
N PHE G 715 20.43 48.85 -36.58
CA PHE G 715 19.62 47.92 -35.80
C PHE G 715 19.32 46.64 -36.56
N THR G 716 18.53 45.76 -35.95
CA THR G 716 18.13 44.52 -36.58
C THR G 716 16.82 44.08 -35.97
N ILE G 717 15.94 43.50 -36.79
CA ILE G 717 14.68 42.90 -36.35
C ILE G 717 14.81 41.40 -36.46
N SER G 718 14.52 40.70 -35.36
CA SER G 718 14.68 39.27 -35.30
C SER G 718 13.38 38.61 -34.85
N VAL G 719 13.25 37.33 -35.16
CA VAL G 719 12.08 36.53 -34.82
C VAL G 719 12.55 35.31 -34.03
N THR G 720 11.91 35.08 -32.89
CA THR G 720 12.30 33.98 -32.01
C THR G 720 11.06 33.19 -31.62
N THR G 721 11.16 31.87 -31.68
CA THR G 721 10.02 31.02 -31.38
C THR G 721 10.02 30.60 -29.91
N GLU G 722 8.85 30.14 -29.47
CA GLU G 722 8.70 29.63 -28.12
C GLU G 722 7.56 28.61 -28.11
N ILE G 723 7.73 27.52 -27.36
CA ILE G 723 6.79 26.41 -27.35
C ILE G 723 6.33 26.16 -25.93
N LEU G 724 5.02 26.08 -25.71
CA LEU G 724 4.48 25.82 -24.38
C LEU G 724 3.35 24.78 -24.44
N PRO G 725 3.43 23.72 -23.62
CA PRO G 725 2.29 22.81 -23.51
C PRO G 725 1.12 23.49 -22.82
N VAL G 726 -0.09 23.08 -23.18
CA VAL G 726 -1.29 23.69 -22.64
C VAL G 726 -2.20 22.66 -21.98
N SER G 727 -2.16 21.42 -22.45
CA SER G 727 -3.05 20.40 -21.91
C SER G 727 -2.48 19.02 -22.22
N MET G 728 -3.05 18.02 -21.58
CA MET G 728 -2.66 16.64 -21.77
C MET G 728 -3.90 15.80 -22.02
N THR G 729 -3.70 14.64 -22.64
CA THR G 729 -4.81 13.81 -23.06
C THR G 729 -5.64 13.33 -21.86
N LYS G 730 -6.95 13.44 -21.99
CA LYS G 730 -7.85 12.99 -20.94
C LYS G 730 -7.93 11.47 -20.92
N THR G 731 -8.43 10.93 -19.81
CA THR G 731 -8.55 9.49 -19.67
C THR G 731 -9.59 9.16 -18.63
N SER G 732 -10.04 7.91 -18.64
CA SER G 732 -10.99 7.40 -17.67
C SER G 732 -10.75 5.92 -17.52
N VAL G 733 -10.92 5.41 -16.29
CA VAL G 733 -10.61 4.03 -15.96
C VAL G 733 -11.82 3.40 -15.29
N ASP G 734 -12.17 2.20 -15.72
CA ASP G 734 -13.24 1.42 -15.11
C ASP G 734 -12.59 0.46 -14.10
N CYS G 735 -12.72 0.79 -12.82
CA CYS G 735 -12.03 0.01 -11.79
C CYS G 735 -12.54 -1.41 -11.71
N THR G 736 -13.86 -1.58 -11.64
CA THR G 736 -14.42 -2.90 -11.40
C THR G 736 -14.18 -3.85 -12.56
N MET G 737 -13.93 -3.34 -13.77
CA MET G 737 -13.60 -4.20 -14.89
C MET G 737 -12.11 -4.41 -15.03
N TYR G 738 -11.31 -3.42 -14.64
CA TYR G 738 -9.86 -3.61 -14.68
C TYR G 738 -9.40 -4.62 -13.64
N ILE G 739 -9.88 -4.48 -12.41
CA ILE G 739 -9.45 -5.39 -11.34
C ILE G 739 -9.99 -6.79 -11.58
N CYS G 740 -11.28 -6.91 -11.86
CA CYS G 740 -11.92 -8.18 -12.14
C CYS G 740 -12.57 -8.12 -13.51
N GLY G 741 -12.28 -9.13 -14.34
CA GLY G 741 -12.81 -9.13 -15.70
C GLY G 741 -14.32 -9.22 -15.74
N ASP G 742 -14.85 -10.40 -15.44
CA ASP G 742 -16.29 -10.60 -15.42
C ASP G 742 -16.80 -11.41 -14.23
N SER G 743 -15.93 -12.09 -13.49
CA SER G 743 -16.39 -12.94 -12.40
C SER G 743 -17.07 -12.12 -11.31
N THR G 744 -18.23 -12.60 -10.85
CA THR G 744 -19.01 -11.86 -9.87
C THR G 744 -18.44 -11.97 -8.47
N GLU G 745 -17.86 -13.13 -8.12
CA GLU G 745 -17.29 -13.29 -6.78
C GLU G 745 -16.10 -12.35 -6.56
N CYS G 746 -15.37 -12.04 -7.63
CA CYS G 746 -14.32 -11.03 -7.50
C CYS G 746 -14.92 -9.68 -7.12
N SER G 747 -16.05 -9.32 -7.74
CA SER G 747 -16.73 -8.09 -7.36
C SER G 747 -17.21 -8.17 -5.91
N ASN G 748 -17.74 -9.31 -5.49
CA ASN G 748 -18.20 -9.44 -4.12
C ASN G 748 -17.07 -9.24 -3.14
N LEU G 749 -15.90 -9.80 -3.44
CA LEU G 749 -14.74 -9.56 -2.58
C LEU G 749 -14.31 -8.11 -2.62
N LEU G 750 -14.39 -7.47 -3.80
CA LEU G 750 -13.97 -6.08 -3.92
C LEU G 750 -14.84 -5.13 -3.12
N LEU G 751 -16.13 -5.43 -3.01
CA LEU G 751 -17.01 -4.58 -2.18
C LEU G 751 -16.61 -4.59 -0.71
N GLN G 752 -15.82 -5.59 -0.27
CA GLN G 752 -15.38 -5.62 1.12
C GLN G 752 -14.28 -4.59 1.40
N TYR G 753 -13.74 -3.94 0.38
CA TYR G 753 -12.66 -2.99 0.57
C TYR G 753 -13.17 -1.56 0.73
N GLY G 754 -14.48 -1.37 0.87
CA GLY G 754 -15.00 -0.04 1.07
C GLY G 754 -14.99 0.79 -0.20
N SER G 755 -14.96 2.10 -0.02
CA SER G 755 -15.06 3.04 -1.13
C SER G 755 -13.65 3.45 -1.56
N PHE G 756 -13.05 2.60 -2.39
CA PHE G 756 -11.79 2.92 -3.06
C PHE G 756 -11.97 3.28 -4.52
N CYS G 757 -12.96 2.69 -5.19
CA CYS G 757 -13.19 3.02 -6.60
C CYS G 757 -13.70 4.45 -6.76
N THR G 758 -14.56 4.89 -5.83
CA THR G 758 -15.18 6.21 -5.98
C THR G 758 -14.13 7.32 -5.94
N GLN G 759 -13.13 7.19 -5.08
CA GLN G 759 -12.09 8.22 -4.99
C GLN G 759 -11.33 8.33 -6.32
N LEU G 760 -10.96 7.19 -6.90
CA LEU G 760 -10.24 7.22 -8.17
C LEU G 760 -11.09 7.82 -9.28
N LYS G 761 -12.37 7.42 -9.33
CA LYS G 761 -13.25 7.98 -10.36
C LYS G 761 -13.39 9.49 -10.20
N ARG G 762 -13.55 9.97 -8.96
CA ARG G 762 -13.68 11.40 -8.73
C ARG G 762 -12.41 12.14 -9.15
N ALA G 763 -11.25 11.60 -8.80
CA ALA G 763 -10.00 12.25 -9.15
C ALA G 763 -9.83 12.33 -10.67
N LEU G 764 -10.11 11.23 -11.37
CA LEU G 764 -9.94 11.22 -12.81
C LEU G 764 -10.93 12.18 -13.49
N THR G 765 -12.17 12.23 -13.01
CA THR G 765 -13.12 13.16 -13.59
C THR G 765 -12.68 14.61 -13.36
N GLY G 766 -12.17 14.92 -12.17
CA GLY G 766 -11.67 16.25 -11.92
C GLY G 766 -10.52 16.62 -12.84
N ILE G 767 -9.60 15.67 -13.05
CA ILE G 767 -8.49 15.92 -13.98
C ILE G 767 -9.00 16.20 -15.37
N ALA G 768 -9.98 15.41 -15.84
CA ALA G 768 -10.51 15.60 -17.18
C ALA G 768 -11.16 16.97 -17.32
N VAL G 769 -11.95 17.39 -16.33
CA VAL G 769 -12.60 18.68 -16.41
C VAL G 769 -11.57 19.81 -16.41
N GLU G 770 -10.54 19.69 -15.58
CA GLU G 770 -9.49 20.72 -15.57
C GLU G 770 -8.78 20.78 -16.92
N GLN G 771 -8.52 19.63 -17.53
CA GLN G 771 -7.88 19.63 -18.85
C GLN G 771 -8.75 20.31 -19.88
N ASP G 772 -10.06 20.08 -19.82
CA ASP G 772 -10.96 20.74 -20.75
C ASP G 772 -10.98 22.25 -20.53
N LYS G 773 -10.91 22.69 -19.27
CA LYS G 773 -10.96 24.12 -18.98
C LYS G 773 -9.66 24.83 -19.31
N ASN G 774 -8.53 24.13 -19.24
CA ASN G 774 -7.23 24.79 -19.41
C ASN G 774 -7.10 25.42 -20.80
N THR G 775 -7.51 24.70 -21.83
CA THR G 775 -7.36 25.18 -23.20
C THR G 775 -8.39 26.22 -23.58
N GLN G 776 -9.13 26.77 -22.61
CA GLN G 776 -10.16 27.75 -22.89
C GLN G 776 -9.70 29.18 -22.63
N GLU G 777 -9.17 29.45 -21.44
CA GLU G 777 -8.72 30.81 -21.14
C GLU G 777 -7.43 31.17 -21.84
N VAL G 778 -6.70 30.19 -22.38
CA VAL G 778 -5.53 30.51 -23.19
C VAL G 778 -5.96 31.11 -24.52
N PHE G 779 -7.00 30.56 -25.14
CA PHE G 779 -7.46 30.99 -26.45
C PHE G 779 -8.68 31.91 -26.39
N ALA G 780 -9.71 31.54 -25.63
CA ALA G 780 -10.97 32.28 -25.62
C ALA G 780 -10.79 33.56 -24.80
N GLN G 781 -9.96 34.45 -25.32
CA GLN G 781 -9.77 35.78 -24.74
C GLN G 781 -10.56 36.86 -25.49
N VAL G 782 -10.75 36.68 -26.80
CA VAL G 782 -11.51 37.63 -27.60
C VAL G 782 -13.00 37.37 -27.37
N LYS G 783 -13.84 38.29 -27.81
CA LYS G 783 -15.27 38.19 -27.64
C LYS G 783 -16.00 37.91 -28.95
N GLN G 784 -15.61 38.58 -30.03
CA GLN G 784 -16.22 38.40 -31.34
C GLN G 784 -15.16 37.95 -32.33
N ILE G 785 -15.50 36.96 -33.14
CA ILE G 785 -14.55 36.39 -34.09
C ILE G 785 -14.36 37.39 -35.24
N TYR G 786 -13.22 38.07 -35.25
CA TYR G 786 -12.91 38.98 -36.34
C TYR G 786 -12.56 38.19 -37.59
N LYS G 787 -12.75 38.83 -38.74
CA LYS G 787 -12.42 38.21 -40.02
C LYS G 787 -11.37 39.06 -40.73
N THR G 788 -10.52 38.39 -41.51
CA THR G 788 -9.44 39.08 -42.19
C THR G 788 -9.99 39.99 -43.28
N PRO G 789 -9.25 41.06 -43.62
CA PRO G 789 -9.70 41.93 -44.71
C PRO G 789 -9.69 41.18 -46.03
N PRO G 790 -10.49 41.61 -47.00
CA PRO G 790 -10.57 40.88 -48.28
C PRO G 790 -9.28 40.92 -49.07
N ILE G 791 -8.70 42.10 -49.26
CA ILE G 791 -7.47 42.27 -50.02
C ILE G 791 -6.34 42.54 -49.02
N LYS G 792 -5.27 41.75 -49.12
CA LYS G 792 -4.19 41.77 -48.15
C LYS G 792 -3.02 42.57 -48.68
N TYR G 793 -2.76 43.73 -48.07
CA TYR G 793 -1.57 44.52 -48.35
C TYR G 793 -1.32 45.43 -47.15
N PHE G 794 -0.10 45.38 -46.61
CA PHE G 794 0.23 46.08 -45.37
C PHE G 794 1.55 46.82 -45.50
N GLY G 795 1.72 47.56 -46.60
CA GLY G 795 2.87 48.43 -46.72
C GLY G 795 4.18 47.73 -47.01
N GLY G 796 4.16 46.43 -47.29
CA GLY G 796 5.39 45.72 -47.59
C GLY G 796 5.54 44.44 -46.79
N PHE G 797 4.92 44.38 -45.62
CA PHE G 797 4.99 43.20 -44.79
C PHE G 797 4.24 42.05 -45.45
N ASN G 798 4.82 40.86 -45.38
CA ASN G 798 4.24 39.67 -46.00
C ASN G 798 3.74 38.74 -44.89
N PHE G 799 2.44 38.79 -44.64
CA PHE G 799 1.80 37.97 -43.63
C PHE G 799 1.23 36.68 -44.18
N SER G 800 1.50 36.37 -45.46
CA SER G 800 0.93 35.17 -46.07
C SER G 800 1.44 33.89 -45.45
N GLN G 801 2.49 33.95 -44.64
CA GLN G 801 3.03 32.75 -44.01
C GLN G 801 2.34 32.40 -42.69
N ILE G 802 1.47 33.27 -42.18
CA ILE G 802 0.84 33.01 -40.89
C ILE G 802 -0.68 33.05 -41.02
N LEU G 803 -1.19 33.74 -42.02
CA LEU G 803 -2.63 33.80 -42.20
C LEU G 803 -3.16 32.49 -42.78
N PRO G 804 -4.44 32.18 -42.55
CA PRO G 804 -4.99 30.91 -43.05
C PRO G 804 -5.00 30.85 -44.57
N ASP G 805 -4.88 29.63 -45.09
CA ASP G 805 -4.88 29.38 -46.51
C ASP G 805 -6.19 28.73 -46.93
N PRO G 806 -7.03 29.38 -47.73
CA PRO G 806 -8.31 28.76 -48.13
C PRO G 806 -8.15 27.52 -48.98
N SER G 807 -7.00 27.34 -49.64
CA SER G 807 -6.83 26.18 -50.52
C SER G 807 -6.86 24.87 -49.74
N LYS G 808 -6.22 24.83 -48.58
CA LYS G 808 -6.17 23.60 -47.81
C LYS G 808 -7.56 23.25 -47.28
N PRO G 809 -7.90 21.97 -47.19
CA PRO G 809 -9.21 21.59 -46.65
C PRO G 809 -9.43 22.02 -45.21
N SER G 810 -8.38 22.00 -44.39
CA SER G 810 -8.51 22.29 -42.97
C SER G 810 -8.44 23.77 -42.64
N LYS G 811 -8.08 24.61 -43.60
CA LYS G 811 -7.98 26.06 -43.41
C LYS G 811 -6.99 26.39 -42.29
N ARG G 812 -5.74 26.01 -42.51
CA ARG G 812 -4.66 26.24 -41.55
C ARG G 812 -3.48 26.87 -42.25
N SER G 813 -2.73 27.68 -41.50
CA SER G 813 -1.57 28.37 -42.06
C SER G 813 -0.47 27.37 -42.36
N PRO G 814 0.44 27.71 -43.29
CA PRO G 814 1.51 26.76 -43.63
C PRO G 814 2.36 26.34 -42.44
N ILE G 815 2.67 27.27 -41.54
CA ILE G 815 3.46 26.91 -40.36
C ILE G 815 2.67 25.97 -39.46
N GLU G 816 1.36 26.19 -39.35
CA GLU G 816 0.53 25.26 -38.58
C GLU G 816 0.54 23.88 -39.21
N ASP G 817 0.51 23.80 -40.54
CA ASP G 817 0.57 22.51 -41.21
C ASP G 817 1.90 21.81 -40.94
N LEU G 818 3.00 22.56 -40.99
CA LEU G 818 4.29 21.97 -40.70
C LEU G 818 4.34 21.45 -39.26
N LEU G 819 3.82 22.23 -38.32
CA LEU G 819 3.80 21.80 -36.93
C LEU G 819 2.96 20.55 -36.73
N PHE G 820 1.81 20.49 -37.40
CA PHE G 820 0.97 19.30 -37.30
C PHE G 820 1.66 18.08 -37.87
N ASN G 821 2.35 18.24 -39.00
CA ASN G 821 3.05 17.11 -39.60
C ASN G 821 4.23 16.67 -38.75
N LYS G 822 4.83 17.61 -38.00
CA LYS G 822 6.03 17.26 -37.23
C LYS G 822 5.71 16.31 -36.08
N VAL G 823 4.60 16.53 -35.38
CA VAL G 823 4.24 15.76 -34.20
C VAL G 823 3.50 14.50 -34.62
N THR G 824 3.75 13.41 -33.91
CA THR G 824 3.13 12.12 -34.18
C THR G 824 2.21 11.72 -33.04
N LEU G 825 1.05 11.17 -33.39
CA LEU G 825 0.07 10.70 -32.41
C LEU G 825 -0.46 9.34 -32.84
N ALA G 826 -0.94 8.57 -31.86
CA ALA G 826 -1.45 7.23 -32.10
C ALA G 826 -2.97 7.16 -31.95
N ASP G 827 -3.51 7.56 -30.80
CA ASP G 827 -4.95 7.56 -30.55
C ASP G 827 -5.38 8.97 -30.18
N ALA G 828 -6.28 9.54 -30.99
CA ALA G 828 -6.76 10.90 -30.77
C ALA G 828 -8.14 10.94 -30.14
N GLY G 829 -8.63 9.81 -29.63
CA GLY G 829 -9.94 9.74 -29.03
C GLY G 829 -11.09 9.56 -29.99
N PHE G 830 -10.82 9.49 -31.29
CA PHE G 830 -11.87 9.30 -32.26
C PHE G 830 -12.43 7.88 -32.20
N ILE G 831 -13.67 7.73 -32.64
CA ILE G 831 -14.33 6.43 -32.58
C ILE G 831 -13.77 5.51 -33.65
N LYS G 832 -13.31 4.33 -33.23
CA LYS G 832 -12.81 3.31 -34.14
C LYS G 832 -13.28 1.92 -33.70
N GLN G 833 -14.47 1.85 -33.11
CA GLN G 833 -15.01 0.67 -32.43
C GLN G 833 -13.92 -0.11 -31.69
N LEU G 846 -2.17 -0.66 -33.14
CA LEU G 846 -2.45 -1.96 -32.55
C LEU G 846 -2.64 -1.83 -31.04
N ILE G 847 -1.71 -1.14 -30.38
CA ILE G 847 -1.82 -0.96 -28.94
C ILE G 847 -3.01 -0.09 -28.58
N CYS G 848 -3.44 0.79 -29.50
CA CYS G 848 -4.59 1.63 -29.23
C CYS G 848 -5.87 0.80 -29.09
N ALA G 849 -6.04 -0.21 -29.95
CA ALA G 849 -7.21 -1.07 -29.87
C ALA G 849 -7.10 -2.10 -28.76
N GLN G 850 -5.90 -2.33 -28.23
CA GLN G 850 -5.73 -3.29 -27.15
C GLN G 850 -6.40 -2.78 -25.87
N LYS G 851 -6.38 -1.47 -25.64
CA LYS G 851 -6.86 -0.89 -24.40
C LYS G 851 -8.39 -0.97 -24.36
N PHE G 852 -8.89 -2.17 -24.04
CA PHE G 852 -10.29 -2.37 -23.71
C PHE G 852 -10.47 -2.93 -22.31
N ASN G 853 -9.45 -2.79 -21.46
CA ASN G 853 -9.52 -3.22 -20.08
C ASN G 853 -10.13 -2.16 -19.16
N GLY G 854 -10.93 -1.26 -19.72
CA GLY G 854 -11.46 -0.14 -18.98
C GLY G 854 -10.75 1.17 -19.26
N LEU G 855 -9.62 1.14 -19.94
CA LEU G 855 -8.85 2.35 -20.22
C LEU G 855 -9.38 2.95 -21.51
N THR G 856 -10.10 4.06 -21.39
CA THR G 856 -10.67 4.76 -22.53
C THR G 856 -10.12 6.18 -22.59
N VAL G 857 -10.18 6.77 -23.76
CA VAL G 857 -9.71 8.14 -23.99
C VAL G 857 -10.89 8.97 -24.47
N LEU G 858 -11.28 9.94 -23.67
CA LEU G 858 -12.37 10.81 -24.05
C LEU G 858 -11.91 11.89 -25.02
N PRO G 859 -12.78 12.37 -25.90
CA PRO G 859 -12.38 13.39 -26.87
C PRO G 859 -12.40 14.77 -26.25
N PRO G 860 -11.55 15.68 -26.71
CA PRO G 860 -11.56 17.05 -26.18
C PRO G 860 -12.82 17.80 -26.57
N LEU G 861 -13.18 18.78 -25.74
CA LEU G 861 -14.41 19.53 -26.00
C LEU G 861 -14.28 20.38 -27.25
N LEU G 862 -13.16 21.09 -27.40
CA LEU G 862 -12.94 21.96 -28.55
C LEU G 862 -12.23 21.16 -29.64
N THR G 863 -12.91 20.97 -30.77
CA THR G 863 -12.28 20.29 -31.88
C THR G 863 -11.12 21.12 -32.41
N ASP G 864 -10.14 20.45 -33.01
CA ASP G 864 -8.98 21.17 -33.50
C ASP G 864 -9.31 21.78 -34.86
N GLU G 865 -10.45 22.45 -34.94
CA GLU G 865 -10.86 23.20 -36.11
C GLU G 865 -11.30 24.62 -35.76
N MET G 866 -11.97 24.80 -34.62
CA MET G 866 -12.31 26.13 -34.13
C MET G 866 -11.18 26.78 -33.36
N ILE G 867 -10.19 26.01 -32.90
CA ILE G 867 -8.99 26.61 -32.34
C ILE G 867 -8.29 27.44 -33.41
N ALA G 868 -8.28 26.94 -34.65
CA ALA G 868 -7.75 27.75 -35.75
C ALA G 868 -8.57 29.01 -35.94
N GLN G 869 -9.87 28.95 -35.71
CA GLN G 869 -10.70 30.14 -35.82
C GLN G 869 -10.33 31.16 -34.75
N TYR G 870 -10.11 30.71 -33.51
CA TYR G 870 -9.66 31.61 -32.46
C TYR G 870 -8.31 32.24 -32.81
N THR G 871 -7.38 31.43 -33.30
CA THR G 871 -6.08 31.97 -33.66
C THR G 871 -6.20 33.00 -34.79
N SER G 872 -7.03 32.72 -35.79
CA SER G 872 -7.20 33.66 -36.88
C SER G 872 -7.85 34.94 -36.40
N ALA G 873 -8.81 34.84 -35.48
CA ALA G 873 -9.43 36.04 -34.93
C ALA G 873 -8.40 36.89 -34.20
N LEU G 874 -7.57 36.26 -33.38
CA LEU G 874 -6.53 37.01 -32.67
C LEU G 874 -5.58 37.67 -33.66
N LEU G 875 -5.18 36.96 -34.70
CA LEU G 875 -4.25 37.53 -35.68
C LEU G 875 -4.87 38.71 -36.40
N ALA G 876 -6.12 38.58 -36.83
CA ALA G 876 -6.77 39.69 -37.55
C ALA G 876 -6.92 40.91 -36.65
N GLY G 877 -7.34 40.70 -35.40
CA GLY G 877 -7.48 41.81 -34.49
C GLY G 877 -6.15 42.50 -34.21
N THR G 878 -5.07 41.72 -34.08
CA THR G 878 -3.79 42.30 -33.73
C THR G 878 -3.06 42.89 -34.93
N ILE G 879 -3.45 42.56 -36.16
CA ILE G 879 -2.80 43.15 -37.33
C ILE G 879 -3.66 44.21 -38.01
N THR G 880 -4.91 44.39 -37.59
CA THR G 880 -5.74 45.44 -38.17
C THR G 880 -5.94 46.62 -37.22
N SER G 881 -6.36 46.35 -35.98
CA SER G 881 -6.75 47.38 -35.04
C SER G 881 -5.73 47.62 -33.94
N GLY G 882 -4.50 47.13 -34.10
CA GLY G 882 -3.52 47.31 -33.06
C GLY G 882 -3.88 46.53 -31.81
N TRP G 883 -3.50 47.07 -30.66
CA TRP G 883 -3.82 46.47 -29.37
C TRP G 883 -5.07 47.07 -28.74
N THR G 884 -5.74 48.00 -29.42
CA THR G 884 -6.90 48.66 -28.86
C THR G 884 -8.09 47.73 -28.69
N PHE G 885 -8.08 46.56 -29.30
CA PHE G 885 -9.17 45.61 -29.13
C PHE G 885 -9.06 44.79 -27.86
N GLY G 886 -7.99 44.98 -27.10
CA GLY G 886 -7.86 44.32 -25.82
C GLY G 886 -8.57 45.00 -24.67
N ALA G 887 -9.13 46.19 -24.91
CA ALA G 887 -9.82 46.95 -23.88
C ALA G 887 -11.32 47.05 -24.16
N GLY G 888 -11.71 47.57 -25.30
CA GLY G 888 -13.11 47.72 -25.62
C GLY G 888 -13.43 47.34 -27.05
N PRO G 889 -14.06 48.25 -27.79
CA PRO G 889 -14.30 47.99 -29.21
C PRO G 889 -13.04 48.27 -30.03
N ALA G 890 -12.80 47.42 -31.02
CA ALA G 890 -11.62 47.57 -31.86
C ALA G 890 -11.73 48.83 -32.72
N LEU G 891 -10.61 49.52 -32.89
CA LEU G 891 -10.55 50.73 -33.68
C LEU G 891 -9.51 50.56 -34.77
N GLN G 892 -9.91 50.82 -36.02
CA GLN G 892 -9.01 50.62 -37.15
C GLN G 892 -7.83 51.58 -37.08
N ILE G 893 -6.68 51.11 -37.53
CA ILE G 893 -5.46 51.91 -37.55
C ILE G 893 -4.52 51.32 -38.60
N PRO G 894 -3.96 52.13 -39.50
CA PRO G 894 -3.06 51.59 -40.51
C PRO G 894 -1.80 51.02 -39.88
N PHE G 895 -1.27 49.97 -40.52
CA PHE G 895 -0.14 49.24 -39.94
C PHE G 895 1.11 50.09 -39.72
N PRO G 896 1.58 50.91 -40.67
CA PRO G 896 2.76 51.72 -40.38
C PRO G 896 2.59 52.61 -39.17
N MET G 897 1.38 53.12 -38.94
CA MET G 897 1.16 53.92 -37.73
C MET G 897 1.25 53.05 -36.48
N GLN G 898 0.78 51.80 -36.55
CA GLN G 898 0.92 50.93 -35.39
C GLN G 898 2.38 50.66 -35.08
N MET G 899 3.19 50.42 -36.11
CA MET G 899 4.62 50.21 -35.85
C MET G 899 5.29 51.49 -35.37
N ALA G 900 4.80 52.65 -35.82
CA ALA G 900 5.32 53.90 -35.28
C ALA G 900 5.03 54.01 -33.79
N TYR G 901 3.82 53.64 -33.38
CA TYR G 901 3.51 53.58 -31.94
C TYR G 901 4.46 52.63 -31.22
N ARG G 902 4.70 51.47 -31.81
CA ARG G 902 5.48 50.45 -31.10
C ARG G 902 6.94 50.85 -30.96
N PHE G 903 7.52 51.49 -31.99
CA PHE G 903 8.85 52.09 -31.79
C PHE G 903 8.81 53.20 -30.75
N ASN G 904 7.78 54.05 -30.77
CA ASN G 904 7.71 55.11 -29.78
C ASN G 904 7.62 54.55 -28.38
N GLY G 905 7.16 53.33 -28.23
CA GLY G 905 7.03 52.71 -26.93
C GLY G 905 8.29 52.11 -26.32
N ILE G 906 9.43 52.14 -27.01
CA ILE G 906 10.66 51.56 -26.46
C ILE G 906 11.80 52.57 -26.50
N GLY G 907 11.45 53.85 -26.55
CA GLY G 907 12.48 54.89 -26.53
C GLY G 907 13.11 55.23 -27.85
N VAL G 908 12.44 54.96 -28.97
CA VAL G 908 12.92 55.33 -30.29
C VAL G 908 11.89 56.22 -30.95
N THR G 909 12.33 57.40 -31.40
CA THR G 909 11.44 58.34 -32.03
C THR G 909 10.91 57.78 -33.35
N GLN G 910 9.72 58.24 -33.73
CA GLN G 910 8.99 57.59 -34.82
C GLN G 910 9.55 57.88 -36.20
N ASN G 911 10.37 58.92 -36.35
CA ASN G 911 10.88 59.24 -37.67
C ASN G 911 11.78 58.13 -38.20
N VAL G 912 12.35 57.32 -37.31
CA VAL G 912 13.22 56.23 -37.74
C VAL G 912 12.49 55.30 -38.70
N LEU G 913 11.29 54.86 -38.32
CA LEU G 913 10.56 53.96 -39.20
C LEU G 913 10.06 54.69 -40.45
N TYR G 914 9.61 55.94 -40.30
CA TYR G 914 9.11 56.65 -41.47
C TYR G 914 10.22 56.95 -42.46
N GLU G 915 11.48 56.78 -42.07
CA GLU G 915 12.59 56.89 -43.01
C GLU G 915 13.22 55.56 -43.38
N ASN G 916 12.96 54.48 -42.63
CA ASN G 916 13.52 53.17 -42.94
C ASN G 916 12.44 52.12 -43.17
N GLN G 917 11.26 52.55 -43.63
CA GLN G 917 10.15 51.64 -43.83
C GLN G 917 10.51 50.49 -44.76
N LYS G 918 11.11 50.79 -45.92
CA LYS G 918 11.39 49.76 -46.90
C LYS G 918 12.38 48.74 -46.37
N LEU G 919 13.45 49.21 -45.73
CA LEU G 919 14.44 48.31 -45.17
C LEU G 919 13.85 47.45 -44.07
N ILE G 920 13.03 48.05 -43.20
CA ILE G 920 12.42 47.29 -42.11
C ILE G 920 11.49 46.22 -42.66
N ALA G 921 10.71 46.57 -43.68
CA ALA G 921 9.81 45.59 -44.29
C ALA G 921 10.59 44.44 -44.90
N ASN G 922 11.69 44.74 -45.59
CA ASN G 922 12.51 43.69 -46.18
C ASN G 922 13.07 42.76 -45.11
N GLN G 923 13.57 43.34 -44.01
CA GLN G 923 14.10 42.51 -42.93
C GLN G 923 13.02 41.64 -42.30
N PHE G 924 11.82 42.21 -42.10
CA PHE G 924 10.72 41.43 -41.53
C PHE G 924 10.37 40.26 -42.43
N ASN G 925 10.25 40.52 -43.74
CA ASN G 925 9.91 39.44 -44.67
C ASN G 925 10.99 38.37 -44.69
N SER G 926 12.26 38.77 -44.68
CA SER G 926 13.34 37.79 -44.67
C SER G 926 13.31 36.93 -43.41
N ALA G 927 13.06 37.55 -42.26
CA ALA G 927 13.00 36.78 -41.02
C ALA G 927 11.86 35.77 -41.05
N ILE G 928 10.67 36.21 -41.51
CA ILE G 928 9.54 35.30 -41.59
C ILE G 928 9.84 34.16 -42.56
N GLY G 929 10.52 34.45 -43.67
CA GLY G 929 10.88 33.40 -44.60
C GLY G 929 11.85 32.40 -44.00
N LYS G 930 12.83 32.89 -43.22
CA LYS G 930 13.84 32.01 -42.67
C LYS G 930 13.32 31.15 -41.54
N ILE G 931 12.31 31.64 -40.79
CA ILE G 931 11.86 30.88 -39.63
C ILE G 931 11.24 29.55 -40.05
N GLN G 932 10.56 29.50 -41.20
CA GLN G 932 9.96 28.24 -41.63
C GLN G 932 11.02 27.20 -41.97
N ASP G 933 12.09 27.62 -42.65
CA ASP G 933 13.18 26.70 -42.93
C ASP G 933 13.85 26.24 -41.65
N SER G 934 14.04 27.14 -40.69
CA SER G 934 14.64 26.75 -39.42
C SER G 934 13.78 25.72 -38.70
N LEU G 935 12.46 25.90 -38.74
CA LEU G 935 11.56 24.94 -38.10
C LEU G 935 11.56 23.60 -38.83
N SER G 936 11.63 23.64 -40.16
CA SER G 936 11.53 22.39 -40.93
C SER G 936 12.80 21.56 -40.82
N SER G 937 13.97 22.20 -40.94
CA SER G 937 15.22 21.47 -41.04
C SER G 937 15.87 21.18 -39.69
N THR G 938 15.34 21.73 -38.59
CA THR G 938 15.90 21.45 -37.29
C THR G 938 15.64 19.98 -36.93
N PRO G 939 16.58 19.34 -36.20
CA PRO G 939 16.40 17.93 -35.86
C PRO G 939 15.16 17.67 -35.02
N SER G 940 15.07 18.34 -33.86
CA SER G 940 13.91 18.19 -33.00
C SER G 940 13.81 19.46 -32.15
N ALA G 941 12.92 20.37 -32.56
CA ALA G 941 12.66 21.58 -31.79
C ALA G 941 11.39 21.48 -30.96
N LEU G 942 10.48 20.59 -31.32
CA LEU G 942 9.24 20.39 -30.56
C LEU G 942 9.45 19.29 -29.52
N GLY G 943 10.45 19.52 -28.67
CA GLY G 943 10.76 18.55 -27.63
C GLY G 943 9.67 18.46 -26.57
N LYS G 944 9.14 19.59 -26.15
CA LYS G 944 8.24 19.60 -24.99
C LYS G 944 6.93 18.90 -25.29
N LEU G 945 6.29 19.23 -26.42
CA LEU G 945 5.03 18.59 -26.77
C LEU G 945 5.23 17.10 -27.02
N GLN G 946 6.33 16.72 -27.67
CA GLN G 946 6.61 15.31 -27.89
C GLN G 946 6.78 14.57 -26.56
N ASP G 947 7.47 15.19 -25.61
CA ASP G 947 7.65 14.56 -24.31
C ASP G 947 6.32 14.40 -23.58
N VAL G 948 5.49 15.43 -23.61
CA VAL G 948 4.22 15.35 -22.89
C VAL G 948 3.31 14.33 -23.54
N VAL G 949 3.43 14.13 -24.85
CA VAL G 949 2.66 13.08 -25.51
C VAL G 949 3.20 11.70 -25.12
N ASN G 950 4.53 11.56 -25.08
CA ASN G 950 5.12 10.24 -24.85
C ASN G 950 4.91 9.77 -23.41
N HIS G 951 4.90 10.69 -22.45
CA HIS G 951 4.82 10.28 -21.04
C HIS G 951 3.52 9.54 -20.74
N ASN G 952 2.40 10.07 -21.24
CA ASN G 952 1.12 9.42 -20.98
C ASN G 952 1.04 8.04 -21.62
N ALA G 953 1.56 7.91 -22.84
CA ALA G 953 1.56 6.61 -23.49
C ALA G 953 2.42 5.62 -22.72
N GLN G 954 3.57 6.07 -22.23
CA GLN G 954 4.43 5.19 -21.43
C GLN G 954 3.73 4.74 -20.16
N ALA G 955 3.05 5.67 -19.47
CA ALA G 955 2.35 5.31 -18.25
C ALA G 955 1.23 4.32 -18.52
N LEU G 956 0.46 4.54 -19.59
CA LEU G 956 -0.60 3.61 -19.93
C LEU G 956 -0.06 2.23 -20.29
N ASN G 957 1.06 2.19 -21.01
CA ASN G 957 1.66 0.91 -21.37
C ASN G 957 2.10 0.15 -20.12
N THR G 958 2.72 0.86 -19.17
CA THR G 958 3.12 0.19 -17.93
C THR G 958 1.91 -0.32 -17.16
N LEU G 959 0.85 0.50 -17.10
CA LEU G 959 -0.35 0.08 -16.39
C LEU G 959 -0.97 -1.17 -17.02
N VAL G 960 -1.02 -1.22 -18.35
CA VAL G 960 -1.58 -2.40 -19.01
C VAL G 960 -0.70 -3.62 -18.76
N LYS G 961 0.62 -3.44 -18.89
CA LYS G 961 1.53 -4.56 -18.69
C LYS G 961 1.51 -5.08 -17.26
N GLN G 962 1.10 -4.25 -16.30
CA GLN G 962 1.05 -4.70 -14.93
C GLN G 962 0.01 -5.80 -14.70
N LEU G 963 -0.88 -6.05 -15.66
CA LEU G 963 -1.91 -7.07 -15.46
C LEU G 963 -1.30 -8.46 -15.36
N SER G 964 -0.29 -8.75 -16.18
CA SER G 964 0.27 -10.11 -16.26
C SER G 964 1.39 -10.30 -15.25
N SER G 965 1.05 -10.15 -13.98
CA SER G 965 1.99 -10.36 -12.88
C SER G 965 1.33 -11.26 -11.84
N LYS G 966 2.07 -12.26 -11.38
CA LYS G 966 1.50 -13.25 -10.47
C LYS G 966 1.16 -12.64 -9.12
N PHE G 967 1.97 -11.68 -8.65
CA PHE G 967 1.80 -11.06 -7.34
C PHE G 967 1.82 -12.09 -6.21
N GLY G 968 2.48 -13.22 -6.45
CA GLY G 968 2.53 -14.29 -5.47
C GLY G 968 1.40 -15.31 -5.57
N ALA G 969 0.48 -15.15 -6.52
CA ALA G 969 -0.61 -16.09 -6.68
C ALA G 969 -0.17 -17.27 -7.54
N ILE G 970 -1.10 -18.19 -7.78
CA ILE G 970 -0.80 -19.37 -8.60
C ILE G 970 -0.58 -18.95 -10.06
N SER G 971 -1.47 -18.12 -10.59
CA SER G 971 -1.37 -17.71 -11.98
C SER G 971 -1.98 -16.31 -12.14
N SER G 972 -1.61 -15.66 -13.22
CA SER G 972 -2.05 -14.29 -13.48
C SER G 972 -3.39 -14.22 -14.19
N VAL G 973 -3.98 -15.35 -14.54
CA VAL G 973 -5.27 -15.39 -15.22
C VAL G 973 -6.36 -15.59 -14.18
N LEU G 974 -7.38 -14.74 -14.22
CA LEU G 974 -8.46 -14.85 -13.25
C LEU G 974 -9.38 -16.02 -13.55
N ASN G 975 -9.39 -16.52 -14.78
CA ASN G 975 -10.33 -17.56 -15.19
C ASN G 975 -9.85 -18.97 -14.85
N ASP G 976 -8.58 -19.27 -15.10
CA ASP G 976 -8.10 -20.63 -14.87
C ASP G 976 -8.13 -20.97 -13.38
N ILE G 977 -7.87 -19.99 -12.51
CA ILE G 977 -7.97 -20.23 -11.08
C ILE G 977 -9.38 -20.66 -10.72
N LEU G 978 -10.38 -20.14 -11.44
CA LEU G 978 -11.77 -20.46 -11.14
C LEU G 978 -12.06 -21.93 -11.41
N SER G 979 -11.70 -22.42 -12.58
CA SER G 979 -11.90 -23.83 -12.89
C SER G 979 -10.68 -24.65 -12.53
N ARG G 980 -10.16 -24.40 -11.33
CA ARG G 980 -9.09 -25.20 -10.76
C ARG G 980 -9.28 -25.50 -9.28
N LEU G 981 -10.03 -24.69 -8.55
CA LEU G 981 -10.16 -24.82 -7.10
C LEU G 981 -11.55 -24.35 -6.68
N ASP G 982 -12.02 -24.88 -5.57
CA ASP G 982 -13.25 -24.40 -4.97
C ASP G 982 -13.00 -23.10 -4.21
N PRO G 983 -14.05 -22.33 -3.94
CA PRO G 983 -13.88 -20.98 -3.34
C PRO G 983 -13.09 -20.99 -2.04
N PRO G 984 -13.28 -21.96 -1.12
CA PRO G 984 -12.65 -21.81 0.21
C PRO G 984 -11.16 -21.56 0.19
N GLU G 985 -10.40 -22.17 -0.72
CA GLU G 985 -9.00 -21.82 -0.89
C GLU G 985 -8.70 -21.10 -2.19
N ALA G 986 -9.74 -20.67 -2.91
CA ALA G 986 -9.55 -19.74 -4.00
C ALA G 986 -9.60 -18.28 -3.54
N GLU G 987 -10.21 -18.04 -2.38
CA GLU G 987 -10.35 -16.67 -1.90
C GLU G 987 -8.99 -16.04 -1.63
N VAL G 988 -8.03 -16.81 -1.14
CA VAL G 988 -6.71 -16.26 -0.84
C VAL G 988 -6.03 -15.76 -2.12
N GLN G 989 -6.09 -16.57 -3.18
CA GLN G 989 -5.49 -16.14 -4.45
C GLN G 989 -6.22 -14.93 -5.01
N ILE G 990 -7.55 -14.94 -4.96
CA ILE G 990 -8.30 -13.81 -5.49
C ILE G 990 -7.95 -12.54 -4.72
N ASP G 991 -7.83 -12.64 -3.39
CA ASP G 991 -7.49 -11.48 -2.58
C ASP G 991 -6.09 -10.98 -2.88
N ARG G 992 -5.14 -11.89 -3.06
CA ARG G 992 -3.78 -11.47 -3.39
C ARG G 992 -3.75 -10.70 -4.70
N LEU G 993 -4.42 -11.24 -5.73
CA LEU G 993 -4.45 -10.54 -7.00
C LEU G 993 -5.15 -9.19 -6.88
N ILE G 994 -6.25 -9.13 -6.11
CA ILE G 994 -7.00 -7.89 -5.98
C ILE G 994 -6.14 -6.82 -5.32
N THR G 995 -5.47 -7.16 -4.22
CA THR G 995 -4.67 -6.15 -3.55
C THR G 995 -3.48 -5.71 -4.39
N GLY G 996 -2.88 -6.65 -5.14
CA GLY G 996 -1.82 -6.25 -6.05
C GLY G 996 -2.30 -5.28 -7.12
N ARG G 997 -3.46 -5.56 -7.71
CA ARG G 997 -3.97 -4.69 -8.76
C ARG G 997 -4.35 -3.32 -8.21
N LEU G 998 -4.93 -3.28 -7.01
CA LEU G 998 -5.24 -1.98 -6.40
C LEU G 998 -3.98 -1.17 -6.15
N GLN G 999 -2.95 -1.83 -5.62
CA GLN G 999 -1.69 -1.12 -5.37
C GLN G 999 -1.09 -0.60 -6.65
N SER G 1000 -1.18 -1.38 -7.73
CA SER G 1000 -0.67 -0.91 -9.02
C SER G 1000 -1.50 0.23 -9.58
N LEU G 1001 -2.81 0.23 -9.31
CA LEU G 1001 -3.69 1.25 -9.87
C LEU G 1001 -3.55 2.59 -9.16
N GLN G 1002 -3.26 2.58 -7.86
CA GLN G 1002 -3.17 3.84 -7.12
C GLN G 1002 -2.08 4.75 -7.68
N THR G 1003 -0.92 4.17 -8.00
CA THR G 1003 0.22 4.97 -8.45
C THR G 1003 -0.09 5.75 -9.73
N TYR G 1004 -0.94 5.20 -10.59
CA TYR G 1004 -1.27 5.88 -11.83
C TYR G 1004 -1.90 7.24 -11.55
N VAL G 1005 -2.96 7.26 -10.74
CA VAL G 1005 -3.60 8.54 -10.45
C VAL G 1005 -2.69 9.43 -9.60
N THR G 1006 -1.86 8.82 -8.74
CA THR G 1006 -0.95 9.63 -7.94
C THR G 1006 0.00 10.43 -8.84
N GLN G 1007 0.55 9.78 -9.87
CA GLN G 1007 1.43 10.50 -10.79
C GLN G 1007 0.63 11.46 -11.67
N GLN G 1008 -0.58 11.08 -12.05
CA GLN G 1008 -1.37 11.92 -12.93
C GLN G 1008 -1.69 13.26 -12.28
N LEU G 1009 -1.95 13.25 -10.97
CA LEU G 1009 -2.26 14.50 -10.28
C LEU G 1009 -1.10 15.49 -10.37
N ILE G 1010 0.12 15.01 -10.11
CA ILE G 1010 1.29 15.87 -10.17
C ILE G 1010 1.53 16.38 -11.59
N ARG G 1011 1.42 15.49 -12.57
CA ARG G 1011 1.63 15.91 -13.95
C ARG G 1011 0.60 16.95 -14.37
N ALA G 1012 -0.65 16.77 -13.93
CA ALA G 1012 -1.69 17.76 -14.23
C ALA G 1012 -1.40 19.09 -13.57
N ALA G 1013 -0.86 19.08 -12.35
CA ALA G 1013 -0.49 20.33 -11.70
C ALA G 1013 0.58 21.06 -12.49
N GLU G 1014 1.61 20.33 -12.96
CA GLU G 1014 2.65 20.97 -13.75
C GLU G 1014 2.08 21.55 -15.05
N ILE G 1015 1.21 20.79 -15.72
CA ILE G 1015 0.62 21.28 -16.95
C ILE G 1015 -0.24 22.52 -16.69
N ARG G 1016 -0.93 22.56 -15.55
CA ARG G 1016 -1.73 23.72 -15.22
C ARG G 1016 -0.86 24.94 -14.99
N ALA G 1017 0.29 24.77 -14.35
CA ALA G 1017 1.22 25.88 -14.19
C ALA G 1017 1.68 26.40 -15.55
N SER G 1018 2.01 25.48 -16.46
CA SER G 1018 2.42 25.89 -17.80
C SER G 1018 1.30 26.62 -18.52
N ALA G 1019 0.07 26.15 -18.38
CA ALA G 1019 -1.07 26.78 -19.03
C ALA G 1019 -1.30 28.18 -18.50
N ASN G 1020 -1.15 28.37 -17.19
CA ASN G 1020 -1.28 29.72 -16.63
C ASN G 1020 -0.20 30.64 -17.17
N LEU G 1021 1.03 30.15 -17.29
CA LEU G 1021 2.08 30.97 -17.88
C LEU G 1021 1.76 31.33 -19.32
N ALA G 1022 1.23 30.37 -20.09
CA ALA G 1022 0.86 30.65 -21.47
C ALA G 1022 -0.24 31.70 -21.55
N ALA G 1023 -1.24 31.61 -20.68
CA ALA G 1023 -2.30 32.59 -20.66
C ALA G 1023 -1.77 33.98 -20.34
N THR G 1024 -0.85 34.06 -19.38
CA THR G 1024 -0.26 35.35 -19.05
C THR G 1024 0.52 35.92 -20.23
N LYS G 1025 1.30 35.08 -20.91
CA LYS G 1025 2.06 35.56 -22.07
C LYS G 1025 1.14 36.06 -23.16
N MET G 1026 0.05 35.33 -23.44
CA MET G 1026 -0.88 35.75 -24.47
C MET G 1026 -1.57 37.05 -24.10
N SER G 1027 -1.96 37.21 -22.83
CA SER G 1027 -2.65 38.42 -22.44
C SER G 1027 -1.73 39.63 -22.43
N GLU G 1028 -0.46 39.46 -22.05
CA GLU G 1028 0.42 40.61 -21.88
C GLU G 1028 1.15 40.99 -23.16
N CYS G 1029 1.61 40.01 -23.94
CA CYS G 1029 2.47 40.33 -25.08
C CYS G 1029 1.70 40.44 -26.38
N VAL G 1030 0.72 39.56 -26.62
CA VAL G 1030 -0.03 39.63 -27.88
C VAL G 1030 -0.89 40.88 -27.92
N LEU G 1031 -1.59 41.17 -26.82
CA LEU G 1031 -2.47 42.33 -26.76
C LEU G 1031 -1.77 43.55 -26.16
N GLY G 1032 -0.62 43.91 -26.70
CA GLY G 1032 0.08 45.08 -26.22
C GLY G 1032 1.55 44.84 -25.95
N GLN G 1033 2.36 45.90 -26.02
CA GLN G 1033 3.78 45.80 -25.75
C GLN G 1033 4.03 45.47 -24.29
N SER G 1034 5.12 44.75 -24.04
CA SER G 1034 5.51 44.36 -22.69
C SER G 1034 6.84 45.01 -22.33
N LYS G 1035 6.89 45.61 -21.15
CA LYS G 1035 8.10 46.27 -20.68
C LYS G 1035 8.98 45.38 -19.83
N ARG G 1036 8.56 44.15 -19.57
CA ARG G 1036 9.38 43.23 -18.79
C ARG G 1036 10.58 42.79 -19.60
N VAL G 1037 11.77 42.88 -19.02
CA VAL G 1037 12.99 42.55 -19.73
C VAL G 1037 13.13 41.04 -19.82
N ASP G 1038 13.44 40.55 -21.02
CA ASP G 1038 13.64 39.13 -21.28
C ASP G 1038 12.43 38.31 -20.87
N PHE G 1039 11.24 38.82 -21.19
CA PHE G 1039 10.00 38.09 -21.01
C PHE G 1039 9.44 37.56 -22.31
N CYS G 1040 9.32 38.42 -23.32
CA CYS G 1040 8.88 38.02 -24.66
C CYS G 1040 10.00 38.35 -25.63
N GLY G 1041 10.91 37.41 -25.83
CA GLY G 1041 12.00 37.57 -26.75
C GLY G 1041 13.22 38.23 -26.11
N LYS G 1042 14.37 37.99 -26.73
CA LYS G 1042 15.64 38.54 -26.26
C LYS G 1042 15.85 39.87 -26.96
N GLY G 1043 15.56 40.97 -26.24
CA GLY G 1043 15.68 42.31 -26.74
C GLY G 1043 14.44 43.12 -26.39
N TYR G 1044 14.30 44.26 -27.04
CA TYR G 1044 13.12 45.10 -26.85
C TYR G 1044 11.97 44.52 -27.65
N HIS G 1045 10.89 44.14 -26.97
CA HIS G 1045 9.80 43.44 -27.61
C HIS G 1045 8.99 44.38 -28.49
N LEU G 1046 8.51 43.86 -29.62
CA LEU G 1046 7.67 44.63 -30.53
C LEU G 1046 6.26 44.06 -30.66
N MET G 1047 6.12 42.80 -31.06
CA MET G 1047 4.80 42.20 -31.30
C MET G 1047 4.84 40.74 -30.89
N SER G 1048 3.83 39.99 -31.31
CA SER G 1048 3.77 38.56 -31.11
C SER G 1048 2.64 37.98 -31.95
N PHE G 1049 2.82 36.74 -32.40
CA PHE G 1049 1.82 36.05 -33.19
C PHE G 1049 1.69 34.63 -32.64
N PRO G 1050 0.49 34.20 -32.28
CA PRO G 1050 0.31 32.84 -31.77
C PRO G 1050 -0.03 31.86 -32.87
N GLN G 1051 0.40 30.61 -32.65
CA GLN G 1051 0.05 29.51 -33.52
C GLN G 1051 -0.32 28.31 -32.67
N SER G 1052 -1.23 27.51 -33.17
CA SER G 1052 -1.67 26.33 -32.43
C SER G 1052 -0.76 25.15 -32.74
N ALA G 1053 -0.81 24.15 -31.86
CA ALA G 1053 -0.09 22.90 -32.09
C ALA G 1053 -0.73 21.83 -31.21
N PRO G 1054 -0.56 20.56 -31.55
CA PRO G 1054 -1.18 19.50 -30.73
C PRO G 1054 -0.81 19.63 -29.27
N HIS G 1055 -1.80 19.94 -28.43
CA HIS G 1055 -1.61 20.12 -27.00
C HIS G 1055 -0.55 21.17 -26.69
N GLY G 1056 -0.57 22.28 -27.42
CA GLY G 1056 0.40 23.33 -27.13
C GLY G 1056 0.20 24.54 -28.00
N VAL G 1057 0.94 25.59 -27.65
CA VAL G 1057 0.91 26.86 -28.36
C VAL G 1057 2.34 27.26 -28.68
N VAL G 1058 2.50 28.00 -29.77
CA VAL G 1058 3.80 28.44 -30.26
C VAL G 1058 3.75 29.93 -30.51
N PHE G 1059 4.73 30.65 -29.97
CA PHE G 1059 4.81 32.10 -30.11
C PHE G 1059 5.97 32.47 -31.01
N LEU G 1060 5.84 33.61 -31.67
CA LEU G 1060 6.73 34.10 -32.72
C LEU G 1060 7.24 35.50 -32.39
N HIS G 1061 7.81 35.65 -31.19
CA HIS G 1061 8.15 36.99 -30.70
C HIS G 1061 9.06 37.72 -31.67
N VAL G 1062 8.69 38.96 -31.98
CA VAL G 1062 9.46 39.83 -32.88
C VAL G 1062 10.15 40.89 -32.03
N THR G 1063 11.48 40.86 -32.02
CA THR G 1063 12.26 41.72 -31.15
C THR G 1063 13.00 42.79 -31.95
N TYR G 1064 13.85 43.55 -31.27
CA TYR G 1064 14.58 44.65 -31.88
C TYR G 1064 15.94 44.75 -31.19
N VAL G 1065 17.01 44.44 -31.90
CA VAL G 1065 18.35 44.35 -31.32
C VAL G 1065 19.25 45.37 -32.01
N PRO G 1066 19.90 46.25 -31.25
CA PRO G 1066 20.84 47.19 -31.88
C PRO G 1066 22.08 46.49 -32.38
N ALA G 1067 22.76 47.12 -33.34
CA ALA G 1067 23.96 46.57 -33.94
C ALA G 1067 24.84 47.69 -34.46
N GLN G 1068 26.14 47.37 -34.58
CA GLN G 1068 27.22 48.29 -34.93
C GLN G 1068 27.43 49.31 -33.81
N GLU G 1069 28.66 49.78 -33.65
CA GLU G 1069 29.00 50.62 -32.51
C GLU G 1069 29.96 51.72 -32.94
N LYS G 1070 30.07 52.73 -32.09
CA LYS G 1070 31.01 53.82 -32.29
C LYS G 1070 31.12 54.57 -30.97
N ASN G 1071 32.34 54.76 -30.48
CA ASN G 1071 32.52 55.39 -29.18
C ASN G 1071 32.83 56.88 -29.33
N PHE G 1072 32.46 57.63 -28.30
CA PHE G 1072 32.57 59.09 -28.33
C PHE G 1072 33.00 59.60 -26.96
N THR G 1073 33.08 60.92 -26.85
CA THR G 1073 33.46 61.60 -25.62
C THR G 1073 32.26 62.37 -25.09
N THR G 1074 32.09 62.36 -23.76
CA THR G 1074 30.90 62.89 -23.13
C THR G 1074 31.23 63.70 -21.89
N ALA G 1075 30.28 64.51 -21.46
CA ALA G 1075 30.34 65.27 -20.23
C ALA G 1075 28.92 65.42 -19.67
N PRO G 1076 28.74 65.25 -18.37
CA PRO G 1076 27.38 65.21 -17.81
C PRO G 1076 26.59 66.49 -17.97
N ALA G 1077 27.25 67.62 -18.21
CA ALA G 1077 26.52 68.88 -18.33
C ALA G 1077 27.35 69.86 -19.14
N ILE G 1078 26.68 70.92 -19.60
CA ILE G 1078 27.31 71.98 -20.39
C ILE G 1078 27.12 73.30 -19.65
N CYS G 1079 28.22 74.02 -19.47
CA CYS G 1079 28.18 75.34 -18.84
C CYS G 1079 28.25 76.40 -19.92
N HIS G 1080 27.37 77.40 -19.82
CA HIS G 1080 27.38 78.51 -20.76
C HIS G 1080 27.84 79.80 -20.10
N ASP G 1081 27.15 80.24 -19.05
CA ASP G 1081 27.58 81.43 -18.31
C ASP G 1081 27.10 81.26 -16.86
N GLY G 1082 27.96 80.71 -16.02
CA GLY G 1082 27.65 80.56 -14.61
C GLY G 1082 26.45 79.68 -14.32
N LYS G 1083 26.04 78.87 -15.28
CA LYS G 1083 24.86 78.01 -15.11
C LYS G 1083 25.11 76.68 -15.80
N ALA G 1084 24.43 75.64 -15.32
CA ALA G 1084 24.51 74.34 -15.93
C ALA G 1084 23.47 74.21 -17.04
N HIS G 1085 23.57 73.13 -17.81
CA HIS G 1085 22.60 72.85 -18.87
C HIS G 1085 22.55 71.33 -19.06
N PHE G 1086 21.54 70.73 -18.46
CA PHE G 1086 21.34 69.30 -18.63
C PHE G 1086 20.43 69.05 -19.83
N PRO G 1087 20.63 67.95 -20.54
CA PRO G 1087 19.77 67.67 -21.71
C PRO G 1087 18.36 67.32 -21.28
N ARG G 1088 17.41 67.58 -22.18
CA ARG G 1088 16.02 67.22 -21.90
C ARG G 1088 15.83 65.71 -21.99
N GLU G 1089 16.12 65.14 -23.16
CA GLU G 1089 16.05 63.68 -23.33
C GLU G 1089 17.14 63.29 -24.33
N GLY G 1090 18.24 62.80 -23.81
CA GLY G 1090 19.42 62.52 -24.61
C GLY G 1090 20.66 62.72 -23.78
N VAL G 1091 21.80 62.45 -24.40
CA VAL G 1091 23.09 62.66 -23.75
C VAL G 1091 23.94 63.54 -24.64
N PHE G 1092 24.91 64.20 -24.01
CA PHE G 1092 25.86 65.04 -24.73
C PHE G 1092 26.96 64.18 -25.33
N VAL G 1093 27.17 64.31 -26.62
CA VAL G 1093 28.16 63.54 -27.36
C VAL G 1093 28.95 64.48 -28.24
N SER G 1094 30.28 64.38 -28.20
CA SER G 1094 31.15 65.19 -29.03
C SER G 1094 31.98 64.28 -29.91
N ASN G 1095 32.06 64.61 -31.20
CA ASN G 1095 32.90 63.85 -32.13
C ASN G 1095 34.34 64.32 -32.13
N GLY G 1096 34.67 65.34 -31.33
CA GLY G 1096 36.05 65.80 -31.24
C GLY G 1096 36.17 67.31 -31.22
N THR G 1097 35.30 67.99 -31.96
CA THR G 1097 35.32 69.45 -31.98
C THR G 1097 34.00 70.01 -31.44
N HIS G 1098 32.90 69.52 -31.98
CA HIS G 1098 31.60 70.08 -31.66
C HIS G 1098 30.80 69.11 -30.79
N TRP G 1099 29.80 69.65 -30.12
CA TRP G 1099 28.95 68.88 -29.22
C TRP G 1099 27.54 68.78 -29.81
N PHE G 1100 26.85 67.71 -29.42
CA PHE G 1100 25.48 67.46 -29.87
C PHE G 1100 24.73 66.74 -28.78
N VAL G 1101 23.41 66.75 -28.88
CA VAL G 1101 22.55 65.96 -28.01
C VAL G 1101 22.05 64.78 -28.82
N THR G 1102 21.89 63.63 -28.17
CA THR G 1102 21.48 62.45 -28.92
C THR G 1102 20.59 61.56 -28.06
N GLN G 1103 19.98 60.57 -28.70
CA GLN G 1103 19.11 59.64 -28.01
C GLN G 1103 19.91 58.48 -27.43
N ARG G 1104 19.24 57.70 -26.59
CA ARG G 1104 19.88 56.61 -25.86
C ARG G 1104 20.18 55.39 -26.72
N ASN G 1105 19.47 55.20 -27.83
CA ASN G 1105 19.54 53.92 -28.53
C ASN G 1105 19.70 54.01 -30.03
N PHE G 1106 20.05 55.16 -30.58
CA PHE G 1106 20.23 55.30 -32.03
C PHE G 1106 20.96 56.61 -32.27
N TYR G 1107 22.04 56.57 -33.04
CA TYR G 1107 22.82 57.78 -33.27
C TYR G 1107 22.02 58.78 -34.08
N GLU G 1108 21.85 59.98 -33.54
CA GLU G 1108 21.11 61.04 -34.19
C GLU G 1108 21.49 62.38 -33.58
N PRO G 1109 22.64 62.93 -33.95
CA PRO G 1109 23.08 64.19 -33.34
C PRO G 1109 22.22 65.36 -33.74
N GLN G 1110 22.14 66.35 -32.85
CA GLN G 1110 21.44 67.59 -33.13
C GLN G 1110 22.20 68.74 -32.52
N ILE G 1111 22.05 69.93 -33.11
CA ILE G 1111 22.71 71.13 -32.61
C ILE G 1111 22.08 71.54 -31.29
N ILE G 1112 22.90 71.87 -30.31
CA ILE G 1112 22.40 72.24 -29.00
C ILE G 1112 21.68 73.58 -29.08
N THR G 1113 20.43 73.62 -28.61
CA THR G 1113 19.68 74.85 -28.53
C THR G 1113 19.01 74.95 -27.17
N THR G 1114 18.12 75.93 -27.01
CA THR G 1114 17.42 76.09 -25.74
C THR G 1114 16.20 75.19 -25.61
N ASP G 1115 15.85 74.45 -26.65
CA ASP G 1115 14.71 73.53 -26.61
C ASP G 1115 15.09 72.12 -26.20
N ASN G 1116 16.38 71.85 -25.98
CA ASN G 1116 16.83 70.53 -25.57
C ASN G 1116 17.41 70.51 -24.17
N THR G 1117 17.55 71.67 -23.53
CA THR G 1117 18.21 71.78 -22.23
C THR G 1117 17.33 72.54 -21.25
N PHE G 1118 17.44 72.16 -19.98
CA PHE G 1118 16.80 72.91 -18.90
C PHE G 1118 17.86 73.27 -17.87
N VAL G 1119 17.91 74.54 -17.50
CA VAL G 1119 18.95 75.05 -16.61
C VAL G 1119 18.59 74.75 -15.16
N SER G 1120 19.56 74.24 -14.41
CA SER G 1120 19.34 73.94 -12.99
C SER G 1120 20.70 73.92 -12.29
N GLY G 1121 21.03 75.00 -11.59
CA GLY G 1121 22.25 75.05 -10.82
C GLY G 1121 23.01 76.34 -11.07
N ASN G 1122 24.29 76.33 -10.68
CA ASN G 1122 25.12 77.51 -10.83
C ASN G 1122 26.53 77.18 -11.33
N CYS G 1123 26.71 76.02 -11.96
CA CYS G 1123 27.98 75.64 -12.61
C CYS G 1123 29.13 75.59 -11.60
N ASP G 1124 28.89 75.05 -10.41
CA ASP G 1124 29.96 74.83 -9.46
C ASP G 1124 29.91 73.50 -8.72
N VAL G 1125 28.79 72.78 -8.73
CA VAL G 1125 28.66 71.56 -7.94
C VAL G 1125 28.85 70.32 -8.80
N VAL G 1126 28.31 70.32 -10.02
CA VAL G 1126 28.45 69.17 -10.90
C VAL G 1126 29.92 69.01 -11.29
N ILE G 1127 30.34 67.76 -11.50
CA ILE G 1127 31.72 67.43 -11.77
C ILE G 1127 31.82 66.87 -13.19
N GLY G 1128 32.72 67.41 -13.98
CA GLY G 1128 32.89 67.01 -15.35
C GLY G 1128 32.21 67.89 -16.36
N ILE G 1129 31.63 69.02 -15.94
CA ILE G 1129 30.95 69.92 -16.85
C ILE G 1129 31.99 70.66 -17.70
N VAL G 1130 31.79 70.66 -19.01
CA VAL G 1130 32.75 71.30 -19.89
C VAL G 1130 32.17 72.60 -20.46
N ASN G 1131 33.05 73.48 -20.90
CA ASN G 1131 32.67 74.77 -21.44
C ASN G 1131 32.22 74.63 -22.90
N ASN G 1132 31.15 75.36 -23.24
CA ASN G 1132 30.63 75.38 -24.60
C ASN G 1132 29.58 76.47 -24.72
N THR G 1133 29.10 76.72 -25.95
CA THR G 1133 28.06 77.70 -26.19
C THR G 1133 26.83 77.01 -26.75
N VAL G 1134 25.66 77.58 -26.44
CA VAL G 1134 24.39 77.05 -26.95
C VAL G 1134 23.81 78.06 -27.91
N TYR G 1135 22.68 77.72 -28.52
CA TYR G 1135 22.04 78.54 -29.54
C TYR G 1135 20.77 79.15 -28.99
N ASP G 1136 20.51 80.41 -29.36
CA ASP G 1136 19.31 81.12 -28.97
C ASP G 1136 18.48 81.46 -30.21
N PRO G 1137 17.32 80.84 -30.43
CA PRO G 1137 16.48 81.13 -31.59
C PRO G 1137 15.46 82.23 -31.29
N VAL H 1 67.44 -33.54 -20.20
CA VAL H 1 66.16 -33.02 -19.73
C VAL H 1 65.88 -33.51 -18.31
N GLN H 2 65.81 -32.56 -17.37
CA GLN H 2 65.52 -32.88 -15.99
C GLN H 2 65.11 -31.61 -15.27
N LEU H 3 64.28 -31.77 -14.25
CA LEU H 3 63.78 -30.64 -13.47
C LEU H 3 63.70 -31.04 -12.01
N VAL H 4 64.11 -30.12 -11.13
CA VAL H 4 64.15 -30.36 -9.69
C VAL H 4 63.53 -29.18 -8.96
N GLU H 5 63.12 -29.43 -7.72
CA GLU H 5 62.35 -28.48 -6.93
C GLU H 5 63.14 -28.03 -5.70
N SER H 6 62.70 -26.91 -5.14
CA SER H 6 63.32 -26.35 -3.94
C SER H 6 62.34 -25.39 -3.27
N GLY H 7 62.62 -25.09 -2.00
CA GLY H 7 61.89 -24.06 -1.29
C GLY H 7 61.06 -24.55 -0.11
N GLY H 8 61.20 -25.81 0.26
CA GLY H 8 60.42 -26.36 1.34
C GLY H 8 60.91 -25.92 2.71
N GLY H 9 60.11 -26.22 3.72
CA GLY H 9 60.47 -25.89 5.09
C GLY H 9 59.29 -26.05 6.01
N LEU H 10 59.58 -25.93 7.31
CA LEU H 10 58.57 -26.03 8.35
C LEU H 10 58.04 -24.63 8.63
N VAL H 11 56.74 -24.44 8.39
CA VAL H 11 56.14 -23.11 8.48
C VAL H 11 54.90 -23.18 9.35
N GLN H 12 54.74 -22.18 10.23
CA GLN H 12 53.60 -22.11 11.12
C GLN H 12 52.32 -21.90 10.32
N PRO H 13 51.17 -22.31 10.87
CA PRO H 13 49.90 -22.16 10.14
C PRO H 13 49.60 -20.71 9.82
N GLY H 14 48.91 -20.51 8.70
CA GLY H 14 48.61 -19.17 8.23
C GLY H 14 49.82 -18.41 7.73
N GLY H 15 50.75 -19.08 7.06
CA GLY H 15 51.95 -18.47 6.55
C GLY H 15 51.94 -18.34 5.04
N SER H 16 53.14 -18.17 4.48
CA SER H 16 53.32 -18.02 3.04
C SER H 16 54.55 -18.80 2.61
N LEU H 17 54.44 -19.49 1.47
CA LEU H 17 55.54 -20.25 0.92
C LEU H 17 55.66 -19.95 -0.57
N ARG H 18 56.83 -20.26 -1.13
CA ARG H 18 57.06 -19.99 -2.56
C ARG H 18 58.01 -21.08 -3.09
N LEU H 19 57.43 -22.14 -3.61
CA LEU H 19 58.21 -23.25 -4.13
C LEU H 19 58.65 -22.98 -5.56
N SER H 20 59.86 -23.44 -5.89
CA SER H 20 60.46 -23.22 -7.20
C SER H 20 60.75 -24.56 -7.85
N CYS H 21 60.28 -24.73 -9.09
CA CYS H 21 60.57 -25.92 -9.87
C CYS H 21 61.36 -25.47 -11.09
N SER H 22 62.63 -25.87 -11.17
CA SER H 22 63.55 -25.43 -12.20
C SER H 22 63.83 -26.57 -13.16
N ALA H 23 63.71 -26.29 -14.46
CA ALA H 23 63.93 -27.27 -15.51
C ALA H 23 65.16 -26.89 -16.33
N SER H 24 65.80 -27.91 -16.91
CA SER H 24 67.03 -27.72 -17.67
C SER H 24 66.80 -27.84 -19.18
N GLY H 25 66.23 -28.95 -19.62
CA GLY H 25 66.01 -29.19 -21.03
C GLY H 25 64.59 -29.01 -21.53
N LEU H 26 63.69 -28.46 -20.72
CA LEU H 26 62.30 -28.26 -21.10
C LEU H 26 61.98 -26.77 -21.00
N THR H 27 61.74 -26.13 -22.15
CA THR H 27 61.40 -24.72 -22.14
C THR H 27 60.04 -24.50 -21.48
N VAL H 28 59.94 -23.47 -20.65
CA VAL H 28 58.66 -23.13 -20.02
C VAL H 28 57.82 -22.21 -20.89
N SER H 29 58.39 -21.67 -21.97
CA SER H 29 57.65 -20.73 -22.80
C SER H 29 56.42 -21.37 -23.42
N SER H 30 56.56 -22.58 -23.96
CA SER H 30 55.46 -23.26 -24.64
C SER H 30 55.45 -24.72 -24.20
N ASN H 31 54.72 -25.00 -23.13
CA ASN H 31 54.57 -26.37 -22.63
C ASN H 31 53.42 -26.41 -21.63
N HIS H 32 53.01 -27.63 -21.30
CA HIS H 32 51.98 -27.87 -20.30
C HIS H 32 52.65 -28.48 -19.08
N MET H 33 52.47 -27.87 -17.91
CA MET H 33 53.08 -28.37 -16.68
C MET H 33 52.06 -28.37 -15.56
N THR H 34 52.36 -29.16 -14.53
CA THR H 34 51.40 -29.43 -13.47
C THR H 34 52.13 -29.72 -12.17
N TRP H 35 51.41 -29.61 -11.07
CA TRP H 35 51.91 -29.90 -9.73
C TRP H 35 51.10 -31.02 -9.11
N VAL H 36 51.77 -31.97 -8.48
CA VAL H 36 51.13 -33.11 -7.85
C VAL H 36 51.56 -33.17 -6.39
N ARG H 37 50.59 -33.28 -5.49
CA ARG H 37 50.83 -33.30 -4.05
C ARG H 37 50.54 -34.71 -3.53
N GLN H 38 51.44 -35.22 -2.69
CA GLN H 38 51.26 -36.53 -2.08
C GLN H 38 51.36 -36.39 -0.57
N ALA H 39 50.24 -36.58 0.12
CA ALA H 39 50.25 -36.68 1.56
C ALA H 39 50.89 -38.01 1.96
N PRO H 40 51.47 -38.09 3.16
CA PRO H 40 52.19 -39.31 3.54
C PRO H 40 51.31 -40.56 3.51
N GLY H 41 51.61 -41.46 2.58
CA GLY H 41 50.90 -42.73 2.49
C GLY H 41 49.43 -42.63 2.15
N LYS H 42 48.99 -41.51 1.57
CA LYS H 42 47.59 -41.32 1.23
C LYS H 42 47.33 -41.21 -0.26
N GLY H 43 48.32 -41.51 -1.09
CA GLY H 43 48.14 -41.42 -2.53
C GLY H 43 48.47 -40.06 -3.08
N LEU H 44 48.15 -39.88 -4.36
CA LEU H 44 48.44 -38.66 -5.10
C LEU H 44 47.16 -37.87 -5.35
N GLU H 45 47.33 -36.59 -5.69
CA GLU H 45 46.19 -35.72 -5.97
C GLU H 45 46.71 -34.52 -6.75
N TRP H 46 46.22 -34.35 -7.98
CA TRP H 46 46.59 -33.18 -8.76
C TRP H 46 46.02 -31.92 -8.11
N VAL H 47 46.82 -30.85 -8.10
CA VAL H 47 46.43 -29.66 -7.35
C VAL H 47 46.44 -28.42 -8.23
N SER H 48 47.25 -28.41 -9.29
CA SER H 48 47.31 -27.22 -10.13
C SER H 48 47.95 -27.58 -11.46
N VAL H 49 47.62 -26.81 -12.49
CA VAL H 49 48.12 -27.06 -13.84
C VAL H 49 48.13 -25.73 -14.60
N ILE H 50 49.12 -25.56 -15.47
CA ILE H 50 49.21 -24.43 -16.37
C ILE H 50 49.52 -24.95 -17.77
N TYR H 51 48.91 -24.34 -18.78
CA TYR H 51 49.00 -24.81 -20.15
C TYR H 51 50.02 -24.00 -20.94
N ARG H 52 50.15 -24.35 -22.22
CA ARG H 52 51.02 -23.57 -23.10
C ARG H 52 50.51 -22.15 -23.29
N GLY H 53 49.19 -21.99 -23.42
CA GLY H 53 48.64 -20.67 -23.66
C GLY H 53 48.89 -19.70 -22.53
N GLY H 54 48.90 -20.20 -21.29
CA GLY H 54 49.12 -19.38 -20.12
C GLY H 54 47.97 -19.35 -19.14
N SER H 55 46.90 -20.10 -19.36
CA SER H 55 45.78 -20.15 -18.44
C SER H 55 46.07 -21.14 -17.32
N THR H 56 45.23 -21.09 -16.28
CA THR H 56 45.40 -21.91 -15.10
C THR H 56 44.07 -22.56 -14.74
N TYR H 57 44.15 -23.69 -14.04
CA TYR H 57 42.96 -24.40 -13.57
C TYR H 57 43.34 -25.16 -12.32
N TYR H 58 42.80 -24.75 -11.18
CA TYR H 58 43.14 -25.34 -9.89
C TYR H 58 42.13 -26.42 -9.52
N ALA H 59 42.51 -27.24 -8.55
CA ALA H 59 41.59 -28.24 -8.03
C ALA H 59 40.49 -27.57 -7.22
N ASP H 60 39.41 -28.32 -7.00
CA ASP H 60 38.28 -27.77 -6.26
C ASP H 60 38.65 -27.45 -4.81
N SER H 61 39.45 -28.31 -4.18
CA SER H 61 39.76 -28.13 -2.76
C SER H 61 40.64 -26.92 -2.53
N VAL H 62 41.83 -26.92 -3.12
CA VAL H 62 42.78 -25.80 -2.94
C VAL H 62 42.45 -24.77 -4.00
N LYS H 63 41.42 -23.97 -3.71
CA LYS H 63 40.95 -22.92 -4.61
C LYS H 63 40.94 -21.61 -3.85
N GLY H 64 41.51 -20.58 -4.47
CA GLY H 64 41.62 -19.28 -3.83
C GLY H 64 42.76 -19.14 -2.85
N ARG H 65 43.60 -20.17 -2.71
CA ARG H 65 44.75 -20.11 -1.83
C ARG H 65 46.06 -20.23 -2.61
N LEU H 66 46.23 -21.29 -3.39
CA LEU H 66 47.45 -21.50 -4.15
C LEU H 66 47.46 -20.60 -5.38
N THR H 67 48.65 -20.42 -5.96
CA THR H 67 48.77 -19.63 -7.18
C THR H 67 49.99 -20.11 -7.95
N ILE H 68 49.79 -20.59 -9.15
CA ILE H 68 50.89 -21.02 -10.00
C ILE H 68 51.29 -19.87 -10.92
N SER H 69 52.58 -19.81 -11.25
CA SER H 69 53.09 -18.73 -12.09
C SER H 69 54.28 -19.24 -12.88
N ARG H 70 54.46 -18.68 -14.07
CA ARG H 70 55.51 -19.08 -14.99
C ARG H 70 56.46 -17.92 -15.22
N ASP H 71 57.75 -18.22 -15.27
CA ASP H 71 58.77 -17.22 -15.55
C ASP H 71 58.98 -17.09 -17.05
N ASN H 72 59.16 -15.86 -17.51
CA ASN H 72 59.50 -15.59 -18.91
C ASN H 72 60.91 -16.13 -19.14
N SER H 73 60.99 -17.28 -19.82
CA SER H 73 62.24 -18.01 -19.97
C SER H 73 62.80 -18.36 -18.60
N LYS H 74 64.08 -18.73 -18.54
CA LYS H 74 64.80 -19.05 -17.31
C LYS H 74 64.36 -20.39 -16.72
N ASN H 75 63.29 -20.97 -17.29
CA ASN H 75 62.88 -22.36 -17.04
C ASN H 75 62.80 -22.69 -15.55
N THR H 76 62.03 -21.89 -14.81
CA THR H 76 61.82 -22.15 -13.38
C THR H 76 60.48 -21.55 -12.97
N LEU H 77 59.44 -22.39 -12.91
CA LEU H 77 58.13 -21.89 -12.51
C LEU H 77 58.00 -21.87 -11.00
N TYR H 78 57.04 -21.08 -10.53
CA TYR H 78 56.91 -20.75 -9.11
C TYR H 78 55.49 -21.01 -8.64
N LEU H 79 55.35 -21.77 -7.56
CA LEU H 79 54.05 -22.02 -6.94
C LEU H 79 54.01 -21.33 -5.59
N GLN H 80 53.11 -20.36 -5.44
CA GLN H 80 52.98 -19.59 -4.22
C GLN H 80 51.85 -20.16 -3.37
N MET H 81 52.15 -20.40 -2.10
CA MET H 81 51.22 -21.01 -1.16
C MET H 81 50.82 -19.97 -0.12
N ASN H 82 49.51 -19.74 0.00
CA ASN H 82 48.98 -18.81 0.99
C ASN H 82 48.64 -19.58 2.27
N SER H 83 47.76 -19.02 3.10
CA SER H 83 47.41 -19.58 4.40
C SER H 83 47.22 -21.09 4.34
N LEU H 84 47.83 -21.79 5.29
CA LEU H 84 47.84 -23.25 5.33
C LEU H 84 47.01 -23.73 6.51
N ARG H 85 46.32 -24.86 6.31
CA ARG H 85 45.40 -25.39 7.31
C ARG H 85 45.87 -26.73 7.86
N ALA H 86 47.18 -26.89 8.04
CA ALA H 86 47.79 -28.06 8.69
C ALA H 86 47.48 -29.36 7.97
N GLU H 87 46.88 -29.30 6.78
CA GLU H 87 46.66 -30.47 5.95
C GLU H 87 47.62 -30.55 4.77
N ASP H 88 48.07 -29.41 4.27
CA ASP H 88 48.97 -29.34 3.13
C ASP H 88 50.37 -29.86 3.44
N THR H 89 50.69 -30.35 4.63
CA THR H 89 52.01 -30.94 4.87
C THR H 89 52.14 -32.22 4.05
N ALA H 90 52.97 -32.17 3.01
CA ALA H 90 53.04 -33.26 2.05
C ALA H 90 54.27 -33.05 1.17
N VAL H 91 54.47 -33.98 0.24
CA VAL H 91 55.57 -33.92 -0.72
C VAL H 91 55.03 -33.43 -2.05
N TYR H 92 55.71 -32.46 -2.64
CA TYR H 92 55.25 -31.80 -3.85
C TYR H 92 56.18 -32.12 -5.01
N TYR H 93 55.60 -32.44 -6.16
CA TYR H 93 56.33 -32.69 -7.39
C TYR H 93 55.80 -31.79 -8.50
N CYS H 94 56.66 -31.48 -9.47
CA CYS H 94 56.26 -30.80 -10.69
C CYS H 94 56.51 -31.74 -11.86
N ALA H 95 55.61 -31.71 -12.85
CA ALA H 95 55.70 -32.61 -13.98
C ALA H 95 55.22 -31.90 -15.23
N ARG H 96 55.43 -32.56 -16.37
CA ARG H 96 55.09 -32.03 -17.68
C ARG H 96 54.11 -32.97 -18.38
N ALA H 97 53.14 -32.39 -19.07
CA ALA H 97 52.09 -33.13 -19.76
C ALA H 97 52.27 -33.02 -21.27
N GLN H 98 51.69 -33.99 -22.00
CA GLN H 98 52.01 -34.12 -23.41
C GLN H 98 51.32 -33.03 -24.24
N GLY H 99 50.00 -33.02 -24.27
CA GLY H 99 49.31 -32.00 -25.05
C GLY H 99 47.85 -32.33 -25.25
N GLY H 100 47.13 -31.32 -25.75
CA GLY H 100 45.70 -31.39 -26.00
C GLY H 100 45.16 -30.02 -26.35
N TRP H 101 44.15 -29.94 -27.22
CA TRP H 101 43.74 -28.65 -27.75
C TRP H 101 42.64 -28.03 -26.88
N GLU H 102 42.01 -26.98 -27.39
CA GLU H 102 41.34 -25.96 -26.59
C GLU H 102 39.90 -25.77 -27.04
N LEU H 103 39.13 -26.86 -27.07
CA LEU H 103 37.70 -26.81 -27.42
C LEU H 103 37.03 -25.60 -26.78
N PRO H 104 36.57 -24.64 -27.57
CA PRO H 104 35.97 -23.43 -27.00
C PRO H 104 34.69 -23.76 -26.25
N GLY H 105 34.40 -22.95 -25.24
CA GLY H 105 33.27 -23.24 -24.37
C GLY H 105 33.53 -24.33 -23.37
N ALA H 106 34.77 -24.78 -23.26
CA ALA H 106 35.15 -25.83 -22.33
C ALA H 106 36.65 -25.71 -22.06
N GLY H 107 37.23 -26.72 -21.45
CA GLY H 107 38.64 -26.75 -21.13
C GLY H 107 39.44 -27.59 -22.10
N TYR H 108 40.56 -28.10 -21.63
CA TYR H 108 41.39 -29.02 -22.39
C TYR H 108 41.05 -30.44 -21.95
N TYR H 109 40.80 -31.33 -22.91
CA TYR H 109 40.33 -32.67 -22.58
C TYR H 109 41.32 -33.77 -22.95
N TYR H 110 41.74 -33.86 -24.20
CA TYR H 110 42.49 -35.02 -24.66
C TYR H 110 43.96 -34.87 -24.23
N PHE H 111 44.31 -35.54 -23.15
CA PHE H 111 45.66 -35.53 -22.60
C PHE H 111 46.22 -36.95 -22.60
N TYR H 112 47.54 -37.06 -22.71
CA TYR H 112 48.21 -38.36 -22.77
C TYR H 112 48.74 -38.80 -21.42
N GLY H 113 49.62 -38.02 -20.81
CA GLY H 113 50.16 -38.34 -19.51
C GLY H 113 51.47 -37.66 -19.28
N MET H 114 51.90 -37.68 -18.03
CA MET H 114 53.15 -37.03 -17.66
C MET H 114 54.34 -37.81 -18.18
N ASP H 115 55.46 -37.12 -18.39
CA ASP H 115 56.66 -37.75 -18.93
C ASP H 115 57.84 -37.70 -17.98
N VAL H 116 58.15 -36.56 -17.38
CA VAL H 116 59.33 -36.39 -16.56
C VAL H 116 58.91 -35.92 -15.17
N TRP H 117 59.50 -36.53 -14.14
CA TRP H 117 59.17 -36.22 -12.77
C TRP H 117 60.43 -35.82 -12.01
N GLY H 118 60.26 -34.91 -11.06
CA GLY H 118 61.33 -34.53 -10.15
C GLY H 118 61.34 -35.42 -8.92
N GLN H 119 62.18 -35.03 -7.96
CA GLN H 119 62.24 -35.72 -6.69
C GLN H 119 61.29 -35.14 -5.65
N GLY H 120 60.85 -33.91 -5.84
CA GLY H 120 59.87 -33.30 -4.96
C GLY H 120 60.48 -32.73 -3.69
N THR H 121 59.71 -31.89 -3.02
CA THR H 121 60.13 -31.25 -1.79
C THR H 121 59.04 -31.41 -0.73
N THR H 122 59.46 -31.53 0.53
CA THR H 122 58.54 -31.75 1.63
C THR H 122 58.21 -30.44 2.31
N VAL H 123 56.91 -30.21 2.54
CA VAL H 123 56.43 -29.01 3.22
C VAL H 123 55.67 -29.44 4.46
N THR H 124 56.04 -28.89 5.61
CA THR H 124 55.46 -29.26 6.90
C THR H 124 54.94 -28.02 7.62
N VAL H 125 53.88 -28.23 8.41
CA VAL H 125 53.22 -27.18 9.15
C VAL H 125 53.19 -27.56 10.63
N SER H 126 53.66 -26.66 11.49
CA SER H 126 53.65 -26.88 12.92
C SER H 126 52.43 -26.22 13.56
N ILE I 1 34.46 -38.05 -12.09
CA ILE I 1 34.97 -39.31 -12.61
C ILE I 1 35.75 -40.04 -11.51
N VAL I 2 35.31 -41.24 -11.17
CA VAL I 2 35.91 -42.02 -10.10
C VAL I 2 36.31 -43.39 -10.65
N MET I 3 37.55 -43.78 -10.41
CA MET I 3 38.05 -45.08 -10.81
C MET I 3 38.40 -45.91 -9.57
N THR I 4 38.25 -47.22 -9.71
CA THR I 4 38.63 -48.17 -8.68
C THR I 4 39.48 -49.27 -9.28
N GLN I 5 40.48 -49.71 -8.53
CA GLN I 5 41.36 -50.79 -8.97
C GLN I 5 41.00 -52.08 -8.25
N SER I 6 41.22 -53.19 -8.95
CA SER I 6 40.93 -54.49 -8.37
C SER I 6 41.82 -55.56 -8.99
N PRO I 7 42.48 -56.40 -8.18
CA PRO I 7 42.47 -56.32 -6.71
C PRO I 7 43.45 -55.28 -6.17
N SER I 8 43.23 -54.83 -4.93
CA SER I 8 44.13 -53.84 -4.33
C SER I 8 45.43 -54.45 -3.87
N SER I 9 45.43 -55.71 -3.46
CA SER I 9 46.63 -56.39 -2.96
C SER I 9 47.03 -57.49 -3.93
N LEU I 10 48.27 -57.44 -4.39
CA LEU I 10 48.81 -58.42 -5.33
C LEU I 10 49.92 -59.20 -4.65
N SER I 11 49.78 -60.54 -4.65
CA SER I 11 50.76 -61.43 -4.05
C SER I 11 51.04 -62.57 -5.02
N ALA I 12 52.27 -62.64 -5.51
CA ALA I 12 52.67 -63.69 -6.44
C ALA I 12 54.16 -63.95 -6.23
N SER I 13 54.78 -64.63 -7.19
CA SER I 13 56.21 -64.93 -7.14
C SER I 13 56.79 -64.69 -8.52
N VAL I 14 58.05 -65.13 -8.70
CA VAL I 14 58.79 -64.80 -9.91
C VAL I 14 58.21 -65.54 -11.11
N GLY I 15 58.40 -64.96 -12.29
CA GLY I 15 57.94 -65.55 -13.53
C GLY I 15 56.44 -65.69 -13.64
N ASP I 16 55.70 -64.67 -13.23
CA ASP I 16 54.24 -64.73 -13.22
C ASP I 16 53.70 -63.51 -13.97
N ARG I 17 52.38 -63.39 -14.04
CA ARG I 17 51.71 -62.33 -14.78
C ARG I 17 50.74 -61.60 -13.86
N VAL I 18 50.43 -60.37 -14.21
CA VAL I 18 49.52 -59.54 -13.41
C VAL I 18 48.18 -59.46 -14.09
N THR I 19 47.13 -59.26 -13.30
CA THR I 19 45.78 -59.12 -13.83
C THR I 19 45.02 -58.04 -13.06
N ILE I 20 45.72 -57.01 -12.59
CA ILE I 20 45.06 -55.87 -11.97
C ILE I 20 44.28 -55.10 -13.03
N THR I 21 43.14 -54.54 -12.63
CA THR I 21 42.29 -53.84 -13.57
C THR I 21 41.75 -52.56 -12.96
N CYS I 22 41.44 -51.60 -13.84
CA CYS I 22 40.90 -50.30 -13.46
C CYS I 22 39.51 -50.15 -14.06
N ARG I 23 38.57 -49.69 -13.25
CA ARG I 23 37.15 -49.58 -13.58
C ARG I 23 36.73 -48.13 -13.35
N ALA I 24 36.26 -47.47 -14.39
CA ALA I 24 35.92 -46.05 -14.34
C ALA I 24 34.43 -45.86 -14.06
N SER I 25 33.97 -44.61 -14.17
CA SER I 25 32.56 -44.29 -13.97
C SER I 25 31.90 -43.82 -15.27
N GLN I 26 32.42 -42.76 -15.88
CA GLN I 26 31.92 -42.30 -17.17
C GLN I 26 32.77 -42.92 -18.28
N SER I 27 32.57 -42.46 -19.50
CA SER I 27 33.33 -42.94 -20.65
C SER I 27 34.52 -42.03 -20.88
N ILE I 28 35.71 -42.63 -20.93
CA ILE I 28 36.94 -41.89 -21.16
C ILE I 28 37.67 -42.40 -22.40
N SER I 29 36.96 -43.11 -23.28
CA SER I 29 37.51 -43.65 -24.52
C SER I 29 38.67 -44.57 -24.17
N THR I 30 39.88 -44.34 -24.67
CA THR I 30 41.04 -45.18 -24.37
C THR I 30 42.14 -44.38 -23.69
N TYR I 31 41.77 -43.29 -23.03
CA TYR I 31 42.75 -42.41 -22.39
C TYR I 31 42.89 -42.83 -20.93
N LEU I 32 43.91 -43.62 -20.64
CA LEU I 32 44.21 -44.02 -19.27
C LEU I 32 45.69 -44.33 -19.19
N ASN I 33 46.29 -44.03 -18.05
CA ASN I 33 47.72 -44.19 -17.84
C ASN I 33 47.99 -45.07 -16.63
N TRP I 34 48.97 -45.94 -16.76
CA TRP I 34 49.43 -46.80 -15.68
C TRP I 34 50.76 -46.27 -15.16
N TYR I 35 50.84 -46.07 -13.85
CA TYR I 35 52.02 -45.52 -13.20
C TYR I 35 52.56 -46.51 -12.18
N GLN I 36 53.88 -46.62 -12.11
CA GLN I 36 54.56 -47.38 -11.08
C GLN I 36 55.22 -46.40 -10.11
N GLN I 37 54.79 -46.45 -8.85
CA GLN I 37 55.36 -45.64 -7.79
C GLN I 37 56.26 -46.54 -6.95
N LYS I 38 57.56 -46.24 -6.94
CA LYS I 38 58.48 -46.94 -6.08
C LYS I 38 58.18 -46.59 -4.62
N PRO I 39 58.48 -47.49 -3.69
CA PRO I 39 58.18 -47.21 -2.28
C PRO I 39 59.05 -46.10 -1.70
N GLY I 40 58.80 -44.86 -2.13
CA GLY I 40 59.46 -43.72 -1.52
C GLY I 40 60.12 -42.75 -2.47
N LYS I 41 60.65 -43.22 -3.60
CA LYS I 41 61.51 -42.38 -4.42
C LYS I 41 60.72 -41.43 -5.33
N ALA I 42 59.97 -41.99 -6.29
CA ALA I 42 59.27 -41.19 -7.29
C ALA I 42 58.41 -42.08 -8.17
N PRO I 43 57.35 -41.54 -8.79
CA PRO I 43 56.55 -42.34 -9.72
C PRO I 43 57.27 -42.56 -11.04
N LYS I 44 56.80 -43.56 -11.77
CA LYS I 44 57.32 -43.85 -13.10
C LYS I 44 56.17 -44.18 -14.03
N LEU I 45 56.29 -43.78 -15.29
CA LEU I 45 55.24 -43.96 -16.30
C LEU I 45 55.56 -45.18 -17.16
N LEU I 46 54.56 -46.05 -17.33
CA LEU I 46 54.73 -47.27 -18.12
C LEU I 46 53.84 -47.29 -19.35
N ILE I 47 52.53 -47.16 -19.16
CA ILE I 47 51.56 -47.35 -20.23
C ILE I 47 50.75 -46.07 -20.37
N TYR I 48 50.67 -45.54 -21.58
CA TYR I 48 49.85 -44.38 -21.88
C TYR I 48 48.96 -44.71 -23.07
N ALA I 49 47.80 -44.04 -23.11
CA ALA I 49 46.75 -44.29 -24.09
C ALA I 49 46.20 -45.71 -23.98
N ALA I 50 46.45 -46.37 -22.85
CA ALA I 50 45.88 -47.66 -22.50
C ALA I 50 46.38 -48.80 -23.37
N SER I 51 47.18 -48.50 -24.40
CA SER I 51 47.75 -49.57 -25.22
C SER I 51 49.19 -49.35 -25.64
N SER I 52 49.74 -48.15 -25.52
CA SER I 52 51.06 -47.83 -26.06
C SER I 52 52.12 -48.00 -24.97
N LEU I 53 53.38 -47.80 -25.37
CA LEU I 53 54.53 -47.90 -24.48
C LEU I 53 55.37 -46.64 -24.57
N GLN I 54 56.00 -46.28 -23.44
CA GLN I 54 56.91 -45.14 -23.40
C GLN I 54 58.31 -45.48 -23.89
N SER I 55 58.57 -46.74 -24.21
CA SER I 55 59.82 -47.28 -24.73
C SER I 55 60.91 -47.35 -23.67
N GLY I 56 60.63 -46.95 -22.42
CA GLY I 56 61.60 -47.13 -21.37
C GLY I 56 61.82 -48.59 -21.02
N VAL I 57 60.74 -49.38 -21.04
CA VAL I 57 60.76 -50.77 -20.59
C VAL I 57 60.53 -51.70 -21.77
N PRO I 58 60.97 -52.97 -21.68
CA PRO I 58 60.74 -53.91 -22.79
C PRO I 58 59.28 -54.30 -22.94
N SER I 59 59.00 -55.21 -23.87
CA SER I 59 57.64 -55.62 -24.18
C SER I 59 56.97 -56.41 -23.07
N ARG I 60 57.64 -56.59 -21.93
CA ARG I 60 57.03 -57.32 -20.82
C ARG I 60 55.77 -56.63 -20.33
N PHE I 61 55.68 -55.31 -20.49
CA PHE I 61 54.52 -54.55 -20.06
C PHE I 61 53.56 -54.33 -21.24
N SER I 62 52.27 -54.46 -20.97
CA SER I 62 51.25 -54.22 -21.98
C SER I 62 49.95 -53.81 -21.30
N GLY I 63 49.09 -53.15 -22.06
CA GLY I 63 47.81 -52.71 -21.55
C GLY I 63 46.68 -52.98 -22.51
N SER I 64 45.57 -53.50 -22.01
CA SER I 64 44.41 -53.84 -22.82
C SER I 64 43.19 -53.07 -22.34
N ALA I 65 42.35 -52.67 -23.29
CA ALA I 65 41.16 -51.88 -23.00
C ALA I 65 39.95 -52.52 -23.65
N SER I 66 38.85 -52.59 -22.92
CA SER I 66 37.60 -53.15 -23.43
C SER I 66 36.44 -52.34 -22.85
N GLY I 67 35.69 -51.67 -23.71
CA GLY I 67 34.62 -50.82 -23.25
C GLY I 67 35.15 -49.67 -22.41
N THR I 68 34.93 -49.74 -21.10
CA THR I 68 35.50 -48.77 -20.16
C THR I 68 36.27 -49.48 -19.05
N ASP I 69 36.73 -50.70 -19.31
CA ASP I 69 37.46 -51.50 -18.34
C ASP I 69 38.86 -51.73 -18.86
N PHE I 70 39.87 -51.49 -18.02
CA PHE I 70 41.25 -51.55 -18.47
C PHE I 70 42.04 -52.54 -17.64
N THR I 71 42.99 -53.22 -18.28
CA THR I 71 43.75 -54.28 -17.61
C THR I 71 45.23 -54.14 -17.99
N LEU I 72 46.08 -54.47 -17.03
CA LEU I 72 47.53 -54.41 -17.19
C LEU I 72 48.10 -55.83 -17.21
N THR I 73 49.15 -56.02 -18.01
CA THR I 73 49.74 -57.34 -18.18
C THR I 73 51.26 -57.22 -18.18
N ILE I 74 51.91 -57.90 -17.23
CA ILE I 74 53.35 -58.03 -17.22
C ILE I 74 53.69 -59.48 -17.52
N SER I 75 54.54 -59.70 -18.53
CA SER I 75 54.83 -61.06 -18.97
C SER I 75 55.52 -61.86 -17.87
N SER I 76 56.61 -61.31 -17.31
CA SER I 76 57.35 -61.97 -16.25
C SER I 76 57.50 -61.01 -15.10
N LEU I 77 56.98 -61.40 -13.93
CA LEU I 77 57.06 -60.56 -12.73
C LEU I 77 58.41 -60.81 -12.07
N GLN I 78 59.43 -60.15 -12.63
CA GLN I 78 60.78 -60.30 -12.11
C GLN I 78 60.89 -59.67 -10.74
N PRO I 79 61.90 -60.06 -9.95
CA PRO I 79 62.05 -59.48 -8.60
C PRO I 79 62.16 -57.97 -8.59
N GLU I 80 62.66 -57.37 -9.67
CA GLU I 80 62.80 -55.92 -9.73
C GLU I 80 61.46 -55.20 -9.86
N ASP I 81 60.38 -55.92 -10.13
CA ASP I 81 59.06 -55.31 -10.27
C ASP I 81 58.28 -55.56 -8.98
N PHE I 82 58.47 -54.64 -8.02
CA PHE I 82 57.76 -54.71 -6.74
C PHE I 82 57.56 -53.28 -6.26
N ALA I 83 56.38 -52.73 -6.51
CA ALA I 83 56.08 -51.35 -6.17
C ALA I 83 54.56 -51.17 -6.15
N THR I 84 54.12 -49.92 -6.11
CA THR I 84 52.70 -49.60 -6.14
C THR I 84 52.29 -49.24 -7.56
N TYR I 85 51.05 -49.57 -7.92
CA TYR I 85 50.53 -49.32 -9.26
C TYR I 85 49.31 -48.41 -9.19
N TYR I 86 49.23 -47.46 -10.12
CA TYR I 86 48.15 -46.49 -10.16
C TYR I 86 47.58 -46.40 -11.57
N CYS I 87 46.27 -46.16 -11.66
CA CYS I 87 45.61 -45.88 -12.93
C CYS I 87 45.02 -44.47 -12.87
N GLN I 88 45.36 -43.65 -13.87
CA GLN I 88 44.92 -42.27 -13.92
C GLN I 88 44.20 -42.01 -15.23
N GLN I 89 43.03 -41.39 -15.14
CA GLN I 89 42.31 -40.97 -16.34
C GLN I 89 42.87 -39.65 -16.83
N SER I 90 42.81 -39.46 -18.15
CA SER I 90 43.29 -38.22 -18.76
C SER I 90 42.31 -37.66 -19.78
N PHE I 91 41.06 -38.15 -19.80
CA PHE I 91 40.08 -37.65 -20.74
C PHE I 91 39.67 -36.21 -20.44
N SER I 92 39.86 -35.74 -19.21
CA SER I 92 39.44 -34.41 -18.80
C SER I 92 40.64 -33.64 -18.29
N THR I 93 40.44 -32.35 -18.06
CA THR I 93 41.49 -31.52 -17.48
C THR I 93 41.84 -31.97 -16.07
N SER I 94 40.82 -32.11 -15.23
CA SER I 94 41.04 -32.47 -13.82
C SER I 94 41.41 -33.95 -13.75
N PHE I 95 42.70 -34.21 -13.66
CA PHE I 95 43.18 -35.58 -13.54
C PHE I 95 42.70 -36.20 -12.24
N THR I 96 42.62 -37.53 -12.23
CA THR I 96 42.19 -38.25 -11.05
C THR I 96 43.00 -39.53 -10.93
N PHE I 97 43.29 -39.93 -9.70
CA PHE I 97 44.14 -41.07 -9.42
C PHE I 97 43.36 -42.15 -8.67
N GLY I 98 43.79 -43.39 -8.84
CA GLY I 98 43.17 -44.49 -8.15
C GLY I 98 43.66 -44.61 -6.72
N PRO I 99 42.96 -45.40 -5.93
CA PRO I 99 43.35 -45.60 -4.52
C PRO I 99 44.73 -46.22 -4.37
N GLY I 100 45.14 -47.09 -5.28
CA GLY I 100 46.45 -47.72 -5.19
C GLY I 100 46.41 -49.23 -5.17
N THR I 101 47.47 -49.87 -5.65
CA THR I 101 47.56 -51.31 -5.71
C THR I 101 48.89 -51.75 -5.12
N LYS I 102 48.85 -52.76 -4.24
CA LYS I 102 50.04 -53.23 -3.56
C LYS I 102 50.50 -54.55 -4.14
N VAL I 103 51.81 -54.67 -4.37
CA VAL I 103 52.43 -55.87 -4.92
C VAL I 103 53.24 -56.53 -3.81
N ASP I 104 53.00 -57.82 -3.59
CA ASP I 104 53.63 -58.54 -2.49
C ASP I 104 54.31 -59.80 -3.01
N ILE I 105 55.30 -60.27 -2.27
CA ILE I 105 56.02 -61.49 -2.58
C ILE I 105 55.22 -62.71 -2.13
C1 NAG J . 36.37 -18.27 52.65
C2 NAG J . 35.37 -19.43 52.74
C3 NAG J . 36.07 -20.69 53.25
C4 NAG J . 37.32 -20.99 52.43
C5 NAG J . 38.22 -19.76 52.40
C6 NAG J . 39.44 -19.94 51.53
C7 NAG J . 33.26 -18.28 53.24
C8 NAG J . 32.19 -18.06 54.26
N2 NAG J . 34.25 -19.10 53.59
O3 NAG J . 35.17 -21.79 53.18
O4 NAG J . 38.02 -22.08 53.00
O5 NAG J . 37.49 -18.65 51.87
O6 NAG J . 40.06 -18.69 51.27
O7 NAG J . 33.23 -17.74 52.15
C1 NAG J . 38.10 -23.17 52.05
C2 NAG J . 39.00 -24.26 52.65
C3 NAG J . 39.10 -25.43 51.68
C4 NAG J . 37.71 -25.95 51.33
C5 NAG J . 36.84 -24.80 50.80
C6 NAG J . 35.41 -25.22 50.56
C7 NAG J . 40.59 -23.14 54.13
C8 NAG J . 42.01 -22.66 54.30
N2 NAG J . 40.31 -23.74 52.97
O3 NAG J . 39.87 -26.47 52.27
O4 NAG J . 37.80 -26.97 50.35
O5 NAG J . 36.81 -23.73 51.75
O6 NAG J . 34.84 -25.82 51.71
O7 NAG J . 39.75 -22.98 55.00
C1 NAG K . 36.76 7.86 24.73
C2 NAG K . 36.69 9.11 25.63
C3 NAG K . 37.79 10.10 25.24
C4 NAG K . 39.14 9.42 25.26
C5 NAG K . 39.12 8.19 24.36
C6 NAG K . 40.40 7.38 24.41
C7 NAG K . 34.67 10.10 26.61
C8 NAG K . 35.29 9.81 27.94
N2 NAG K . 35.38 9.73 25.54
O3 NAG K . 37.78 11.19 26.14
O4 NAG K . 40.15 10.31 24.80
O5 NAG K . 38.07 7.30 24.79
O6 NAG K . 40.64 6.89 25.71
O7 NAG K . 33.56 10.62 26.51
C1 NAG K . 41.05 10.58 25.90
C2 NAG K . 42.48 10.70 25.37
C3 NAG K . 43.44 11.02 26.51
C4 NAG K . 42.98 12.26 27.26
C5 NAG K . 41.53 12.10 27.71
C6 NAG K . 40.97 13.35 28.34
C7 NAG K . 43.51 9.50 23.49
C8 NAG K . 43.78 10.85 22.90
N2 NAG K . 42.89 9.49 24.67
O3 NAG K . 44.75 11.22 25.99
O4 NAG K . 43.81 12.48 28.38
O5 NAG K . 40.69 11.79 26.59
O6 NAG K . 41.95 14.38 28.42
O7 NAG K . 43.85 8.46 22.92
C1 NAG L . -14.02 70.88 2.29
C2 NAG L . -14.17 71.70 3.56
C3 NAG L . -15.47 71.34 4.28
C4 NAG L . -16.65 71.47 3.32
C5 NAG L . -16.39 70.69 2.04
C6 NAG L . -17.46 70.90 1.00
C7 NAG L . -11.97 72.31 4.48
C8 NAG L . -10.89 71.96 5.45
N2 NAG L . -13.03 71.50 4.45
O3 NAG L . -15.64 72.22 5.39
O4 NAG L . -17.83 70.96 3.94
O5 NAG L . -15.15 71.10 1.45
O6 NAG L . -17.89 72.26 0.96
O7 NAG L . -11.90 73.30 3.75
C1 NAG L . -18.67 72.02 4.42
C2 NAG L . -19.91 71.39 5.05
C3 NAG L . -20.81 72.47 5.65
C4 NAG L . -20.01 73.36 6.61
C5 NAG L . -18.78 73.90 5.90
C6 NAG L . -17.86 74.70 6.81
C7 NAG L . -21.32 69.48 4.40
C8 NAG L . -22.02 68.79 3.27
N2 NAG L . -20.65 70.60 4.08
O3 NAG L . -21.88 71.86 6.36
O4 NAG L . -20.81 74.43 7.06
O5 NAG L . -17.99 72.82 5.37
O6 NAG L . -16.51 74.29 6.67
O7 NAG L . -21.33 69.05 5.55
C1 NAG M . 19.19 64.66 4.20
C2 NAG M . 19.78 65.95 4.77
C3 NAG M . 21.29 65.80 4.93
C4 NAG M . 21.63 64.57 5.75
C5 NAG M . 20.96 63.34 5.14
C6 NAG M . 21.14 62.10 5.98
C7 NAG M . 19.04 68.26 4.43
C8 NAG M . 18.76 69.32 3.42
N2 NAG M . 19.47 67.09 3.93
O3 NAG M . 21.81 66.96 5.57
O4 NAG M . 23.04 64.37 5.76
O5 NAG M . 19.55 63.55 5.03
O6 NAG M . 19.96 61.75 6.68
O7 NAG M . 18.91 68.44 5.63
C1 NAG M . 23.54 64.52 7.11
C2 NAG M . 24.91 63.85 7.18
C3 NAG M . 25.50 64.00 8.57
C4 NAG M . 25.52 65.46 8.99
C5 NAG M . 24.15 66.11 8.80
C6 NAG M . 24.16 67.60 9.02
C7 NAG M . 25.63 61.87 5.92
C8 NAG M . 25.39 60.41 5.68
N2 NAG M . 24.81 62.45 6.82
O3 NAG M . 26.82 63.48 8.58
O4 NAG M . 25.88 65.56 10.36
O5 NAG M . 23.68 65.91 7.46
O6 NAG M . 24.63 68.30 7.88
O7 NAG M . 26.51 62.49 5.34
C1 BMA M . 27.21 66.08 10.51
C2 BMA M . 27.30 66.80 11.88
C3 BMA M . 28.74 67.19 12.20
C4 BMA M . 29.70 66.02 11.99
C5 BMA M . 29.54 65.45 10.58
C6 BMA M . 30.44 64.26 10.32
O2 BMA M . 26.87 65.94 12.92
O3 BMA M . 28.85 67.70 13.52
O4 BMA M . 31.04 66.46 12.18
O5 BMA M . 28.17 65.02 10.43
O6 BMA M . 30.41 63.96 8.93
C1 NAG N . 36.17 50.15 0.61
C2 NAG N . 37.37 51.07 0.85
C3 NAG N . 38.53 50.30 1.46
C4 NAG N . 38.08 49.55 2.70
C5 NAG N . 36.89 48.66 2.36
C6 NAG N . 36.30 47.94 3.54
C7 NAG N . 37.15 52.76 -0.92
C8 NAG N . 37.72 53.28 -2.21
N2 NAG N . 37.79 51.71 -0.39
O3 NAG N . 39.57 51.20 1.80
O4 NAG N . 39.14 48.75 3.20
O5 NAG N . 35.83 49.49 1.82
O6 NAG N . 35.14 47.21 3.18
O7 NAG N . 36.16 53.25 -0.39
C1 NAG N . 39.44 49.15 4.57
C2 NAG N . 39.94 47.92 5.34
C3 NAG N . 40.28 48.32 6.77
C4 NAG N . 41.26 49.49 6.78
C5 NAG N . 40.75 50.63 5.92
C6 NAG N . 41.75 51.75 5.76
C7 NAG N . 39.27 45.58 5.06
C8 NAG N . 38.13 44.60 5.08
N2 NAG N . 38.96 46.86 5.32
O3 NAG N . 40.85 47.20 7.44
O4 NAG N . 41.43 49.95 8.12
O5 NAG N . 40.44 50.17 4.60
O6 NAG N . 43.01 51.25 5.35
O7 NAG N . 40.42 45.23 4.80
C1 BMA N . 42.78 49.73 8.58
C2 BMA N . 42.81 50.00 10.10
C3 BMA N . 44.15 49.59 10.70
C4 BMA N . 44.56 48.19 10.25
C5 BMA N . 44.54 48.12 8.71
C6 BMA N . 44.95 46.76 8.18
O2 BMA N . 41.81 49.24 10.78
O3 BMA N . 44.14 49.65 12.12
O4 BMA N . 45.87 47.88 10.72
O5 BMA N . 43.21 48.39 8.28
O6 BMA N . 45.28 46.91 6.80
C1 NAG O . 0.62 71.06 8.66
C2 NAG O . -0.05 72.43 8.72
C3 NAG O . -0.09 72.94 10.15
C4 NAG O . -0.75 71.92 11.07
C5 NAG O . -0.07 70.56 10.91
C6 NAG O . -0.77 69.46 11.69
C7 NAG O . 0.00 74.35 7.18
C8 NAG O . 0.85 75.23 6.34
N2 NAG O . 0.63 73.37 7.85
O3 NAG O . -0.80 74.18 10.19
O4 NAG O . -0.64 72.35 12.42
O5 NAG O . -0.07 70.16 9.54
O6 NAG O . -1.89 68.97 10.98
O7 NAG O . -1.22 74.51 7.27
C1 NAG O . -1.94 72.64 12.97
C2 NAG O . -1.98 74.11 13.39
C3 NAG O . -3.36 74.47 13.94
C4 NAG O . -4.44 74.10 12.94
C5 NAG O . -4.31 72.63 12.55
C6 NAG O . -5.29 72.21 11.48
C7 NAG O . 0.22 74.95 14.06
C8 NAG O . 1.17 75.18 15.20
N2 NAG O . -0.95 74.40 14.37
O3 NAG O . -3.40 75.87 14.21
O4 NAG O . -5.73 74.32 13.52
O5 NAG O . -3.00 72.38 12.03
O6 NAG O . -5.81 73.34 10.78
O7 NAG O . 0.51 75.27 12.91
C1 NAG P . 7.34 82.15 0.39
C2 NAG P . 7.91 82.90 1.59
C3 NAG P . 8.33 84.31 1.18
C4 NAG P . 9.26 84.26 -0.02
C5 NAG P . 8.64 83.43 -1.15
C6 NAG P . 9.58 83.22 -2.31
C7 NAG P . 6.86 82.01 3.61
C8 NAG P . 5.80 82.23 4.66
N2 NAG P . 6.95 82.95 2.68
O3 NAG P . 8.98 84.95 2.28
O4 NAG P . 9.47 85.59 -0.50
O5 NAG P . 8.30 82.13 -0.65
O6 NAG P . 10.90 82.95 -1.88
O7 NAG P . 7.58 81.02 3.62
C1 NAG P . 10.86 85.96 -0.37
C2 NAG P . 11.10 87.22 -1.20
C3 NAG P . 12.54 87.67 -1.07
C4 NAG P . 12.93 87.82 0.39
C5 NAG P . 12.60 86.54 1.17
C6 NAG P . 12.82 86.66 2.65
C7 NAG P . 9.50 86.98 -3.05
C8 NAG P . 9.33 86.73 -4.52
N2 NAG P . 10.76 86.99 -2.60
O3 NAG P . 12.71 88.91 -1.75
O4 NAG P . 14.32 88.09 0.50
O5 NAG P . 11.22 86.20 0.98
O6 NAG P . 11.68 87.23 3.30
O7 NAG P . 8.55 87.15 -2.31
C1 BMA P . 14.55 89.34 1.17
C2 BMA P . 16.07 89.63 1.14
C3 BMA P . 16.35 91.01 1.75
C4 BMA P . 15.43 92.10 1.16
C5 BMA P . 13.96 91.66 1.24
C6 BMA P . 13.01 92.66 0.60
O2 BMA P . 16.54 89.68 -0.20
O3 BMA P . 17.71 91.39 1.60
O4 BMA P . 15.60 93.31 1.89
O5 BMA P . 13.83 90.41 0.54
O6 BMA P . 11.70 92.40 1.08
C1 NAG Q . -10.73 85.95 -9.87
C2 NAG Q . -11.96 85.91 -8.96
C3 NAG Q . -13.21 86.30 -9.74
C4 NAG Q . -13.00 87.64 -10.43
C5 NAG Q . -11.75 87.59 -11.30
C6 NAG Q . -11.42 88.91 -11.95
C7 NAG Q . -11.48 84.20 -7.26
C8 NAG Q . -11.77 82.82 -6.78
N2 NAG Q . -12.12 84.59 -8.36
O3 NAG Q . -14.31 86.37 -8.84
O4 NAG Q . -14.12 87.93 -11.26
O5 NAG Q . -10.62 87.24 -10.48
O6 NAG Q . -10.21 89.45 -11.43
O7 NAG Q . -10.69 84.94 -6.68
C1 NAG Q . -14.95 88.92 -10.60
C2 NAG Q . -15.67 89.74 -11.67
C3 NAG Q . -16.60 90.75 -10.99
C4 NAG Q . -17.55 90.05 -10.04
C5 NAG Q . -16.76 89.20 -9.04
C6 NAG Q . -17.65 88.38 -8.13
C7 NAG Q . -14.37 89.92 -13.73
C8 NAG Q . -13.38 90.73 -14.51
N2 NAG Q . -14.72 90.40 -12.54
O3 NAG Q . -17.33 91.45 -12.00
O4 NAG Q . -18.32 91.00 -9.33
O5 NAG Q . -15.91 88.28 -9.74
O6 NAG Q . -17.78 87.05 -8.61
O7 NAG Q . -14.84 88.87 -14.17
C1 NAG R . -60.89 -18.26 19.67
C2 NAG R . -60.33 -19.69 19.54
C3 NAG R . -60.94 -20.61 20.59
C4 NAG R . -60.80 -20.02 21.98
C5 NAG R . -61.37 -18.61 22.00
C6 NAG R . -61.18 -17.90 23.32
C7 NAG R . -59.89 -19.84 17.12
C8 NAG R . -60.28 -20.50 15.83
N2 NAG R . -60.57 -20.22 18.20
O3 NAG R . -60.30 -21.88 20.53
O4 NAG R . -61.50 -20.83 22.91
O5 NAG R . -60.72 -17.81 21.02
O6 NAG R . -61.40 -16.50 23.20
O7 NAG R . -58.99 -19.00 17.17
C1 NAG R . -60.57 -21.35 23.90
C2 NAG R . -61.38 -22.06 24.99
C3 NAG R . -60.45 -22.64 26.03
C4 NAG R . -59.41 -23.54 25.38
C5 NAG R . -58.68 -22.79 24.27
C6 NAG R . -57.73 -23.66 23.49
C7 NAG R . -63.58 -20.97 25.08
C8 NAG R . -64.46 -20.03 25.83
N2 NAG R . -62.35 -21.17 25.59
O3 NAG R . -61.20 -23.37 26.99
O4 NAG R . -58.46 -23.99 26.35
O5 NAG R . -59.63 -22.26 23.33
O6 NAG R . -58.38 -24.82 22.99
O7 NAG R . -63.95 -21.53 24.05
C1 NAG S . -40.17 13.52 15.12
C2 NAG S . -41.07 14.20 14.08
C3 NAG S . -41.38 15.65 14.51
C4 NAG S . -41.95 15.66 15.92
C5 NAG S . -41.01 14.96 16.87
C6 NAG S . -41.57 14.84 18.28
C7 NAG S . -41.08 13.79 11.66
C8 NAG S . -42.51 13.37 11.84
N2 NAG S . -40.44 14.19 12.77
O3 NAG S . -42.30 16.22 13.59
O4 NAG S . -42.16 17.01 16.35
O5 NAG S . -40.78 13.61 16.41
O6 NAG S . -42.75 14.07 18.30
O7 NAG S . -40.53 13.78 10.56
C1 NAG S . -43.58 17.22 16.50
C2 NAG S . -43.82 18.14 17.70
C3 NAG S . -45.31 18.41 17.85
C4 NAG S . -45.89 18.96 16.56
C5 NAG S . -45.56 18.04 15.40
C6 NAG S . -46.00 18.59 14.06
C7 NAG S . -42.55 18.27 19.80
C8 NAG S . -42.33 19.72 19.46
N2 NAG S . -43.27 17.56 18.91
O3 NAG S . -45.52 19.33 18.92
O4 NAG S . -47.30 19.10 16.68
O5 NAG S . -44.14 17.82 15.32
O6 NAG S . -46.64 19.86 14.21
O7 NAG S . -42.09 17.76 20.82
C1 NAG T . -4.17 51.54 -50.51
C2 NAG T . -5.29 51.70 -51.52
C3 NAG T . -5.23 50.57 -52.56
C4 NAG T . -3.84 50.51 -53.19
C5 NAG T . -2.76 50.45 -52.12
C6 NAG T . -1.36 50.56 -52.69
C7 NAG T . -7.21 52.82 -50.50
C8 NAG T . -8.54 52.64 -49.81
N2 NAG T . -6.58 51.69 -50.85
O3 NAG T . -6.21 50.83 -53.55
O4 NAG T . -3.73 49.36 -54.01
O5 NAG T . -2.92 51.54 -51.19
O6 NAG T . -1.33 51.38 -53.84
O7 NAG T . -6.73 53.92 -50.70
C1 NAG T . -3.87 49.69 -55.41
C2 NAG T . -3.75 48.40 -56.21
C3 NAG T . -3.98 48.67 -57.69
C4 NAG T . -5.30 49.41 -57.90
C5 NAG T . -5.34 50.66 -57.04
C6 NAG T . -6.67 51.38 -57.10
C7 NAG T . -2.27 46.45 -56.04
C8 NAG T . -0.87 45.98 -55.80
N2 NAG T . -2.45 47.78 -56.00
O3 NAG T . -3.99 47.45 -58.40
O4 NAG T . -5.44 49.78 -59.27
O5 NAG T . -5.13 50.30 -55.67
O6 NAG T . -7.16 51.67 -55.80
O7 NAG T . -3.19 45.67 -56.24
C1 NAG U . -21.03 60.13 -22.53
C2 NAG U . -21.96 61.25 -22.97
C3 NAG U . -22.80 61.73 -21.79
C4 NAG U . -23.53 60.56 -21.14
C5 NAG U . -22.54 59.46 -20.78
C6 NAG U . -23.20 58.22 -20.26
C7 NAG U . -21.59 62.98 -24.67
C8 NAG U . -20.71 64.10 -25.12
N2 NAG U . -21.22 62.35 -23.55
O3 NAG U . -23.74 62.69 -22.26
O4 NAG U . -24.19 61.00 -19.97
O5 NAG U . -21.79 59.08 -21.94
O6 NAG U . -23.22 57.18 -21.24
O7 NAG U . -22.60 62.66 -25.29
C1 NAG U . -25.62 60.87 -20.13
C2 NAG U . -26.25 60.89 -18.75
C3 NAG U . -27.77 60.77 -18.86
C4 NAG U . -28.32 61.85 -19.80
C5 NAG U . -27.58 61.83 -21.13
C6 NAG U . -27.95 62.99 -22.03
C7 NAG U . -25.27 60.03 -16.68
C8 NAG U . -24.75 58.82 -15.96
N2 NAG U . -25.72 59.82 -17.91
O3 NAG U . -28.35 60.93 -17.57
O4 NAG U . -29.70 61.58 -20.05
O5 NAG U . -26.16 61.93 -20.91
O6 NAG U . -27.29 64.19 -21.64
O7 NAG U . -25.27 61.14 -16.16
C1 BMA U . -30.53 62.53 -19.36
C2 BMA U . -31.84 62.67 -20.17
C3 BMA U . -32.86 63.51 -19.39
C4 BMA U . -33.00 63.03 -17.94
C5 BMA U . -31.62 63.01 -17.27
C6 BMA U . -31.67 62.52 -15.84
O2 BMA U . -32.44 61.40 -20.36
O3 BMA U . -34.13 63.49 -20.03
O4 BMA U . -33.85 63.91 -17.22
O5 BMA U . -30.77 62.12 -18.02
O6 BMA U . -30.40 62.75 -15.23
C1 NAG V . -24.27 56.88 -0.35
C2 NAG V . -25.17 58.08 -0.04
C3 NAG V . -26.16 57.73 1.06
C4 NAG V . -26.92 56.45 0.72
C5 NAG V . -25.92 55.34 0.42
C6 NAG V . -26.57 54.05 -0.02
C7 NAG V . -23.76 60.02 -0.55
C8 NAG V . -22.99 61.17 0.02
N2 NAG V . -24.38 59.24 0.34
O3 NAG V . -27.08 58.81 1.24
O4 NAG V . -27.77 56.07 1.79
O5 NAG V . -25.07 55.74 -0.65
O6 NAG V . -25.60 53.07 -0.36
O7 NAG V . -23.80 59.79 -1.75
C1 NAG V . -29.14 56.04 1.34
C2 NAG V . -29.89 54.98 2.13
C3 NAG V . -31.35 54.93 1.68
C4 NAG V . -31.98 56.32 1.77
C5 NAG V . -31.13 57.35 1.04
C6 NAG V . -31.62 58.76 1.24
C7 NAG V . -29.05 52.85 3.01
C8 NAG V . -28.40 51.54 2.68
N2 NAG V . -29.27 53.67 1.98
O3 NAG V . -32.06 54.01 2.49
O4 NAG V . -33.28 56.29 1.18
O5 NAG V . -29.77 57.31 1.52
O6 NAG V . -31.81 59.05 2.62
O7 NAG V . -29.36 53.14 4.15
C1 BMA V . -34.30 56.53 2.18
C2 BMA V . -35.67 56.22 1.52
C3 BMA V . -36.78 56.24 2.57
C4 BMA V . -36.41 55.43 3.82
C5 BMA V . -35.07 55.92 4.37
C6 BMA V . -34.61 55.17 5.60
O2 BMA V . -35.68 54.92 0.96
O3 BMA V . -38.01 55.76 2.04
O4 BMA V . -37.41 55.57 4.82
O5 BMA V . -34.08 55.72 3.34
O6 BMA V . -33.62 55.94 6.26
C1 NAG W . -16.71 55.74 -41.68
C2 NAG W . -16.60 56.56 -42.96
C3 NAG W . -17.89 56.46 -43.75
C4 NAG W . -18.24 55.00 -44.03
C5 NAG W . -18.26 54.22 -42.70
C6 NAG W . -18.45 52.73 -42.91
C7 NAG W . -15.55 58.72 -43.47
C8 NAG W . -15.33 60.13 -43.01
N2 NAG W . -16.29 57.96 -42.66
O3 NAG W . -17.74 57.16 -44.99
O4 NAG W . -19.51 54.92 -44.64
O5 NAG W . -17.02 54.38 -42.02
O6 NAG W . -17.23 52.10 -43.25
O7 NAG W . -15.08 58.30 -44.51
C1 NAG W . -19.40 54.38 -45.98
C2 NAG W . -19.94 55.42 -46.96
C3 NAG W . -19.81 54.92 -48.39
C4 NAG W . -18.37 54.50 -48.68
C5 NAG W . -17.90 53.49 -47.63
C6 NAG W . -16.45 53.11 -47.79
C7 NAG W . -21.70 56.83 -45.97
C8 NAG W . -23.17 57.02 -45.76
N2 NAG W . -21.33 55.75 -46.66
O3 NAG W . -20.20 55.95 -49.30
O4 NAG W . -18.29 53.91 -49.96
O5 NAG W . -18.05 54.05 -46.32
O6 NAG W . -15.73 54.10 -48.52
O7 NAG W . -20.87 57.63 -45.53
C1 NAG X . -14.20 70.80 -39.86
C2 NAG X . -15.60 71.24 -40.25
C3 NAG X . -15.62 72.74 -40.56
C4 NAG X . -15.01 73.53 -39.41
C5 NAG X . -13.64 72.97 -39.04
C6 NAG X . -13.05 73.62 -37.82
C7 NAG X . -16.74 69.32 -41.26
C8 NAG X . -17.18 68.67 -42.53
N2 NAG X . -16.09 70.48 -41.38
O3 NAG X . -16.95 73.15 -40.79
O4 NAG X . -14.86 74.89 -39.82
O5 NAG X . -13.73 71.57 -38.76
O6 NAG X . -14.02 73.80 -36.80
O7 NAG X . -16.97 68.82 -40.16
C1 NAG X . -15.68 75.75 -39.00
C2 NAG X . -15.23 77.19 -39.24
C3 NAG X . -16.11 78.14 -38.43
C4 NAG X . -17.58 77.91 -38.73
C5 NAG X . -17.94 76.44 -38.55
C6 NAG X . -19.34 76.09 -38.96
C7 NAG X . -12.84 76.96 -39.67
C8 NAG X . -11.45 77.21 -39.16
N2 NAG X . -13.83 77.36 -38.88
O3 NAG X . -15.76 79.49 -38.76
O4 NAG X . -18.38 78.70 -37.85
O5 NAG X . -17.06 75.61 -39.35
O6 NAG X . -19.41 75.79 -40.36
O7 NAG X . -13.04 76.42 -40.75
C1 BMA X . -19.23 79.60 -38.61
C2 BMA X . -19.97 80.51 -37.60
C3 BMA X . -20.81 81.54 -38.36
C4 BMA X . -19.99 82.25 -39.45
C5 BMA X . -19.30 81.22 -40.36
C6 BMA X . -18.42 81.87 -41.41
O2 BMA X . -19.05 81.24 -36.82
O3 BMA X . -21.39 82.49 -37.48
O4 BMA X . -20.85 83.06 -40.24
O5 BMA X . -18.47 80.37 -39.53
O6 BMA X . -18.19 80.91 -42.44
C1 NAG Y . 2.93 69.78 -52.17
C2 NAG Y . 2.75 68.89 -53.40
C3 NAG Y . 3.97 68.95 -54.29
C4 NAG Y . 4.32 70.39 -54.64
C5 NAG Y . 4.46 71.21 -53.36
C6 NAG Y . 4.70 72.68 -53.61
C7 NAG Y . 1.24 67.08 -52.68
C8 NAG Y . 1.15 65.63 -52.31
N2 NAG Y . 2.46 67.52 -53.01
O3 NAG Y . 3.71 68.21 -55.48
O4 NAG Y . 5.53 70.45 -55.37
O5 NAG Y . 3.26 71.11 -52.59
O6 NAG Y . 3.63 73.47 -53.13
O7 NAG Y . 0.27 67.82 -52.69
C1 NAG Y . 5.23 70.66 -56.77
C2 NAG Y . 6.39 71.40 -57.41
C3 NAG Y . 6.13 71.59 -58.90
C4 NAG Y . 5.84 70.25 -59.56
C5 NAG Y . 4.71 69.54 -58.82
C6 NAG Y . 4.45 68.14 -59.35
C7 NAG Y . 7.52 72.87 -55.80
C8 NAG Y . 7.62 74.25 -55.24
N2 NAG Y . 6.61 72.69 -56.75
O3 NAG Y . 7.26 72.21 -59.51
O4 NAG Y . 5.48 70.44 -60.92
O5 NAG Y . 5.03 69.40 -57.43
O6 NAG Y . 5.13 67.16 -58.57
O7 NAG Y . 8.25 71.95 -55.40
C1 NAG Z . 14.61 -48.66 -42.97
C2 NAG Z . 14.63 -49.55 -41.72
C3 NAG Z . 14.13 -50.95 -42.04
C4 NAG Z . 12.78 -50.90 -42.74
C5 NAG Z . 12.87 -49.98 -43.97
C6 NAG Z . 11.55 -49.79 -44.66
C7 NAG Z . 16.53 -48.62 -40.45
C8 NAG Z . 17.92 -48.88 -39.95
N2 NAG Z . 15.97 -49.61 -41.14
O3 NAG Z . 14.02 -51.71 -40.85
O4 NAG Z . 12.41 -52.20 -43.16
O5 NAG Z . 13.31 -48.68 -43.55
O6 NAG Z . 11.59 -48.67 -45.55
O7 NAG Z . 15.95 -47.56 -40.26
C1 NAG Z . 11.17 -52.58 -42.52
C2 NAG Z . 10.73 -53.92 -43.10
C3 NAG Z . 9.43 -54.37 -42.44
C4 NAG Z . 9.61 -54.41 -40.93
C5 NAG Z . 10.12 -53.07 -40.41
C6 NAG Z . 10.43 -53.09 -38.94
C7 NAG Z . 11.57 -54.04 -45.40
C8 NAG Z . 11.23 -53.92 -46.85
N2 NAG Z . 10.56 -53.85 -44.55
O3 NAG Z . 9.06 -55.66 -42.93
O4 NAG Z . 8.37 -54.72 -40.30
O5 NAG Z . 11.33 -52.71 -41.10
O6 NAG Z . 11.25 -54.21 -38.59
O7 NAG Z . 12.71 -54.28 -45.03
C1 NAG AA . 4.56 -11.77 -43.21
C2 NAG AA . 5.81 -11.24 -43.92
C3 NAG AA . 5.42 -10.35 -45.09
C4 NAG AA . 4.46 -11.08 -46.03
C5 NAG AA . 3.26 -11.58 -45.24
C6 NAG AA . 2.32 -12.42 -46.07
C7 NAG AA . 7.98 -10.74 -42.89
C8 NAG AA . 8.55 -11.78 -43.79
N2 NAG AA . 6.66 -10.53 -42.99
O3 NAG AA . 6.58 -9.95 -45.80
O4 NAG AA . 4.02 -10.21 -47.07
O5 NAG AA . 3.70 -12.42 -44.16
O6 NAG AA . 2.94 -13.59 -46.54
O7 NAG AA . 8.68 -10.11 -42.09
C1 NAG AA . 4.54 -10.72 -48.32
C2 NAG AA . 3.49 -10.50 -49.42
C3 NAG AA . 4.03 -10.99 -50.75
C4 NAG AA . 5.36 -10.32 -51.06
C5 NAG AA . 6.34 -10.52 -49.90
C6 NAG AA . 7.64 -9.77 -50.09
C7 NAG AA . 1.04 -10.58 -49.23
C8 NAG AA . 1.05 -9.17 -49.74
N2 NAG AA . 2.24 -11.16 -49.08
O3 NAG AA . 3.09 -10.71 -51.78
O4 NAG AA . 5.92 -10.87 -52.24
O5 NAG AA . 5.76 -10.05 -48.68
O6 NAG AA . 7.64 -9.04 -51.31
O7 NAG AA . 0.01 -11.17 -48.94
C1 NAG BA . 39.34 58.92 -14.27
C2 NAG BA . 40.73 58.93 -14.87
C3 NAG BA . 41.75 58.43 -13.86
C4 NAG BA . 41.65 59.20 -12.55
C5 NAG BA . 40.20 59.22 -12.05
C6 NAG BA . 40.00 60.11 -10.85
C7 NAG BA . 40.62 58.66 -17.31
C8 NAG BA . 40.70 57.69 -18.45
N2 NAG BA . 40.78 58.14 -16.09
O3 NAG BA . 43.05 58.58 -14.41
O4 NAG BA . 42.44 58.59 -11.55
O5 NAG BA . 39.33 59.71 -13.09
O6 NAG BA . 40.83 61.26 -10.92
O7 NAG BA . 40.42 59.86 -17.48
C1 NAG BA . 43.68 59.31 -11.36
C2 NAG BA . 44.48 58.60 -10.27
C3 NAG BA . 45.84 59.27 -10.08
C4 NAG BA . 46.57 59.38 -11.41
C5 NAG BA . 45.69 60.07 -12.44
C6 NAG BA . 46.30 60.11 -13.82
C7 NAG BA . 43.84 57.57 -8.13
C8 NAG BA . 43.01 57.70 -6.89
N2 NAG BA . 43.74 58.57 -9.02
O3 NAG BA . 46.61 58.52 -9.16
O4 NAG BA . 47.77 60.12 -11.25
O5 NAG BA . 44.44 59.36 -12.56
O6 NAG BA . 45.38 59.65 -14.81
O7 NAG BA . 44.57 56.60 -8.33
C1 NAG CA . 22.12 48.59 -41.42
C2 NAG CA . 22.81 49.27 -42.60
C3 NAG CA . 22.13 48.87 -43.91
C4 NAG CA . 22.08 47.36 -44.05
C5 NAG CA . 21.43 46.74 -42.81
C6 NAG CA . 21.45 45.24 -42.80
C7 NAG CA . 23.88 51.48 -42.67
C8 NAG CA . 23.70 52.95 -42.46
N2 NAG CA . 22.80 50.71 -42.44
O3 NAG CA . 22.86 49.43 -44.99
O4 NAG CA . 21.33 47.01 -45.20
O5 NAG CA . 22.12 47.17 -41.62
O6 NAG CA . 22.37 44.73 -41.85
O7 NAG CA . 24.95 51.00 -43.03
C1 NAG CA . 22.17 46.34 -46.15
C2 NAG CA . 21.27 45.57 -47.11
C3 NAG CA . 22.12 44.86 -48.17
C4 NAG CA . 23.06 45.83 -48.85
C5 NAG CA . 23.85 46.65 -47.82
C6 NAG CA . 24.67 47.75 -48.46
C7 NAG CA . 19.12 44.53 -46.59
C8 NAG CA . 18.40 43.50 -45.77
N2 NAG CA . 20.44 44.62 -46.41
O3 NAG CA . 21.25 44.26 -49.13
O4 NAG CA . 23.97 45.12 -49.67
O5 NAG CA . 22.97 47.27 -46.88
O6 NAG CA . 23.85 48.86 -48.80
O7 NAG CA . 18.52 45.26 -47.38
C1 BMA CA . 23.65 45.29 -51.07
C2 BMA CA . 24.97 45.12 -51.88
C3 BMA CA . 24.68 45.10 -53.38
C4 BMA CA . 23.55 44.11 -53.71
C5 BMA CA . 22.31 44.45 -52.87
C6 BMA CA . 21.16 43.49 -53.14
O2 BMA CA . 25.59 43.90 -51.55
O3 BMA CA . 25.85 44.76 -54.11
O4 BMA CA . 23.23 44.21 -55.09
O5 BMA CA . 22.67 44.35 -51.49
O6 BMA CA . 19.99 44.04 -52.54
C1 NAG DA . 4.86 36.47 -49.69
C2 NAG DA . 4.87 36.95 -51.14
C3 NAG DA . 4.44 35.84 -52.08
C4 NAG DA . 5.27 34.59 -51.85
C5 NAG DA . 5.20 34.20 -50.38
C6 NAG DA . 6.06 33.01 -50.02
C7 NAG DA . 4.36 39.35 -50.94
C8 NAG DA . 3.35 40.43 -51.18
N2 NAG DA . 4.00 38.11 -51.31
O3 NAG DA . 4.59 36.27 -53.43
O4 NAG DA . 4.79 33.51 -52.66
O5 NAG DA . 5.65 35.28 -49.58
O6 NAG DA . 6.01 32.74 -48.62
O7 NAG DA . 5.45 39.59 -50.44
C1 NAG DA . 5.86 33.06 -53.53
C2 NAG DA . 5.66 31.57 -53.78
C3 NAG DA . 6.77 31.05 -54.71
C4 NAG DA . 6.82 31.89 -55.99
C5 NAG DA . 6.93 33.37 -55.65
C6 NAG DA . 6.82 34.25 -56.87
C7 NAG DA . 4.74 29.87 -52.27
C8 NAG DA . 4.86 29.19 -50.95
N2 NAG DA . 5.65 30.81 -52.54
O3 NAG DA . 6.51 29.69 -55.03
O4 NAG DA . 7.96 31.50 -56.75
O5 NAG DA . 5.85 33.76 -54.77
O6 NAG DA . 5.68 33.92 -57.65
O7 NAG DA . 3.85 29.58 -53.07
C1 BMA DA . 7.56 30.90 -57.99
C2 BMA DA . 8.83 30.28 -58.64
C3 BMA DA . 8.45 29.44 -59.87
C4 BMA DA . 7.29 28.48 -59.56
C5 BMA DA . 6.10 29.28 -59.00
C6 BMA DA . 4.92 28.41 -58.67
O2 BMA DA . 9.47 29.40 -57.74
O3 BMA DA . 9.56 28.71 -60.36
O4 BMA DA . 6.88 27.81 -60.74
O5 BMA DA . 6.54 29.91 -57.79
O6 BMA DA . 3.76 29.25 -58.56
C1 NAG EA . 37.20 53.74 -29.16
C2 NAG EA . 38.16 54.93 -29.10
C3 NAG EA . 39.49 54.57 -29.74
C4 NAG EA . 40.07 53.31 -29.11
C5 NAG EA . 39.04 52.18 -29.15
C6 NAG EA . 39.49 50.95 -28.41
C7 NAG EA . 37.82 57.35 -29.32
C8 NAG EA . 37.15 58.44 -30.09
N2 NAG EA . 37.59 56.11 -29.73
O3 NAG EA . 40.41 55.66 -29.59
O4 NAG EA . 41.23 52.91 -29.82
O5 NAG EA . 37.81 52.61 -28.53
O6 NAG EA . 39.18 51.03 -27.02
O7 NAG EA . 38.55 57.59 -28.37
C1 NAG EA . 42.41 53.00 -28.98
C2 NAG EA . 43.38 53.99 -29.64
C3 NAG EA . 44.62 54.16 -28.76
C4 NAG EA . 44.22 54.54 -27.34
C5 NAG EA . 43.22 53.53 -26.78
C6 NAG EA . 42.70 53.90 -25.42
C7 NAG EA . 43.19 54.05 -32.09
C8 NAG EA . 43.69 53.48 -33.37
N2 NAG EA . 43.75 53.55 -30.98
O3 NAG EA . 45.45 55.18 -29.32
O4 NAG EA . 45.37 54.57 -26.51
O5 NAG EA . 42.08 53.44 -27.65
O6 NAG EA . 42.89 55.28 -25.15
O7 NAG EA . 42.30 54.90 -32.04
C1 NAG FA . 32.54 66.60 -36.17
C2 NAG FA . 33.49 66.50 -37.35
C3 NAG FA . 33.58 67.84 -38.08
C4 NAG FA . 32.20 68.34 -38.45
C5 NAG FA . 31.29 68.35 -37.23
C6 NAG FA . 29.85 68.70 -37.55
C7 NAG FA . 35.15 64.79 -36.81
C8 NAG FA . 36.55 64.52 -36.34
N2 NAG FA . 34.81 66.06 -36.92
O3 NAG FA . 34.37 67.68 -39.26
O4 NAG FA . 32.30 69.67 -38.95
O5 NAG FA . 31.26 67.05 -36.63
O6 NAG FA . 29.42 68.07 -38.76
O7 NAG FA . 34.38 63.87 -37.06
C1 NAG FA . 31.89 69.73 -40.33
C2 NAG FA . 31.69 71.20 -40.70
C3 NAG FA . 31.29 71.32 -42.17
C4 NAG FA . 32.30 70.59 -43.06
C5 NAG FA . 32.48 69.16 -42.57
C6 NAG FA . 33.56 68.40 -43.32
C7 NAG FA . 30.95 72.23 -38.60
C8 NAG FA . 29.82 72.85 -37.85
N2 NAG FA . 30.70 71.83 -39.85
O3 NAG FA . 31.24 72.70 -42.53
O4 NAG FA . 31.81 70.59 -44.40
O5 NAG FA . 32.85 69.14 -41.19
O6 NAG FA . 34.84 68.64 -42.75
O7 NAG FA . 32.05 72.07 -38.09
C1 BMA FA . 32.76 71.23 -45.28
C2 BMA FA . 32.13 71.29 -46.69
C3 BMA FA . 33.07 72.06 -47.64
C4 BMA FA . 33.53 73.39 -47.03
C5 BMA FA . 34.11 73.17 -45.62
C6 BMA FA . 34.52 74.47 -44.94
O2 BMA FA . 30.91 72.01 -46.66
O3 BMA FA . 32.46 72.28 -48.90
O4 BMA FA . 34.52 73.98 -47.86
O5 BMA FA . 33.10 72.53 -44.82
O6 BMA FA . 35.39 74.15 -43.87
C1 NAG GA . 35.08 77.66 -18.35
C2 NAG GA . 36.35 77.29 -17.60
C3 NAG GA . 36.53 78.18 -16.38
C4 NAG GA . 36.47 79.66 -16.79
C5 NAG GA . 35.18 79.92 -17.55
C6 NAG GA . 35.09 81.33 -18.08
C7 NAG GA . 36.69 74.89 -18.01
C8 NAG GA . 36.62 73.52 -17.42
N2 NAG GA . 36.34 75.89 -17.20
O3 NAG GA . 37.79 77.90 -15.77
O4 NAG GA . 36.52 80.49 -15.64
O5 NAG GA . 35.10 79.05 -18.68
O6 NAG GA . 35.17 81.37 -19.49
O7 NAG GA . 37.06 75.09 -19.16
C1 NAG GA . 37.85 81.04 -15.51
C2 NAG GA . 37.75 82.39 -14.81
C3 NAG GA . 39.15 82.98 -14.61
C4 NAG GA . 40.03 81.99 -13.87
C5 NAG GA . 40.04 80.64 -14.59
C6 NAG GA . 40.79 79.58 -13.84
C7 NAG GA . 35.63 83.52 -15.28
C8 NAG GA . 34.91 84.49 -16.16
N2 NAG GA . 36.91 83.30 -15.58
O3 NAG GA . 39.05 84.19 -13.88
O4 NAG GA . 41.36 82.49 -13.79
O5 NAG GA . 38.69 80.16 -14.74
O6 NAG GA . 39.92 78.78 -13.04
O7 NAG GA . 35.07 82.97 -14.34
C1 NAG HA . 11.08 13.90 50.04
C2 NAG HA . 9.61 14.26 49.83
C3 NAG HA . 9.36 15.72 50.17
C4 NAG HA . 9.87 16.05 51.57
C5 NAG HA . 11.34 15.64 51.68
C6 NAG HA . 11.89 15.83 53.08
C7 NAG HA . 8.32 13.01 48.16
C8 NAG HA . 8.00 12.86 46.70
N2 NAG HA . 9.20 13.97 48.47
O3 NAG HA . 7.95 15.98 50.10
O4 NAG HA . 9.74 17.44 51.83
O5 NAG HA . 11.47 14.24 51.37
O6 NAG HA . 10.93 15.52 54.06
O7 NAG HA . 7.80 12.30 49.02
C1 NAG IA . 13.08 -32.27 51.35
C2 NAG IA . 13.51 -33.27 52.43
C3 NAG IA . 12.50 -34.42 52.49
C4 NAG IA . 11.09 -33.89 52.68
C5 NAG IA . 10.77 -32.88 51.58
C6 NAG IA . 9.43 -32.22 51.76
C7 NAG IA . 15.80 -33.86 53.10
C8 NAG IA . 15.41 -33.40 54.47
N2 NAG IA . 14.84 -33.79 52.16
O3 NAG IA . 12.84 -35.28 53.57
O4 NAG IA . 10.16 -34.96 52.61
O5 NAG IA . 11.75 -31.83 51.60
O6 NAG IA . 9.28 -31.67 53.06
O7 NAG IA . 16.91 -34.30 52.85
C1 NAG JA . 5.66 -17.65 42.68
C2 NAG JA . 5.19 -19.10 42.55
C3 NAG JA . 3.96 -19.17 41.64
C4 NAG JA . 2.87 -18.23 42.14
C5 NAG JA . 3.43 -16.82 42.27
C6 NAG JA . 2.44 -15.84 42.85
C7 NAG JA . 6.32 -21.25 42.26
C8 NAG JA . 7.49 -21.97 41.66
N2 NAG JA . 6.26 -19.94 42.04
O3 NAG JA . 3.48 -20.50 41.62
O4 NAG JA . 1.78 -18.23 41.23
O5 NAG JA . 4.56 -16.83 43.14
O6 NAG JA . 2.60 -15.72 44.26
O7 NAG JA . 5.46 -21.85 42.91
C1 NAG KA . -37.47 -7.96 36.17
C2 NAG KA . -36.49 -7.80 37.35
C3 NAG KA . -37.27 -7.47 38.62
C4 NAG KA . -38.14 -6.24 38.40
C5 NAG KA . -39.03 -6.43 37.17
C6 NAG KA . -39.80 -5.18 36.81
C7 NAG KA . -34.36 -8.98 37.62
C8 NAG KA . -33.69 -10.31 37.81
N2 NAG KA . -35.69 -9.00 37.53
O3 NAG KA . -36.35 -7.25 39.68
O4 NAG KA . -38.96 -6.02 39.53
O5 NAG KA . -38.23 -6.76 36.02
O6 NAG KA . -38.93 -4.10 36.52
O7 NAG KA . -33.72 -7.94 37.55
C1 NAG LA . -28.57 -38.51 32.11
C2 NAG LA . -28.86 -40.00 31.87
C3 NAG LA . -28.15 -40.86 32.92
C4 NAG LA . -26.68 -40.53 32.97
C5 NAG LA . -26.48 -39.03 33.21
C6 NAG LA . -25.03 -38.61 33.20
C7 NAG LA . -30.86 -41.32 31.31
C8 NAG LA . -32.35 -41.42 31.42
N2 NAG LA . -30.30 -40.26 31.89
O3 NAG LA . -28.34 -42.23 32.62
O4 NAG LA . -26.05 -41.25 34.02
O5 NAG LA . -27.14 -38.29 32.17
O6 NAG LA . -24.82 -37.47 34.02
O7 NAG LA . -30.19 -42.17 30.71
C1 NAG MA . 23.00 30.97 25.14
C2 NAG MA . 23.87 30.87 23.88
C3 NAG MA . 25.17 31.62 24.09
C4 NAG MA . 24.91 33.05 24.55
C5 NAG MA . 23.99 33.06 25.76
C6 NAG MA . 23.58 34.45 26.18
C7 NAG MA . 24.03 29.02 22.28
C8 NAG MA . 24.34 27.57 22.09
N2 NAG MA . 24.12 29.48 23.53
O3 NAG MA . 25.92 31.63 22.88
O4 NAG MA . 26.14 33.69 24.87
O5 NAG MA . 22.78 32.34 25.47
O6 NAG MA . 22.26 34.76 25.72
O7 NAG MA . 23.72 29.76 21.33
C1 NAG NA . -17.34 26.25 30.21
C2 NAG NA . -17.95 27.20 29.17
C3 NAG NA . -18.70 28.33 29.88
C4 NAG NA . -19.73 27.74 30.85
C5 NAG NA . -19.07 26.74 31.79
C6 NAG NA . -20.07 26.02 32.67
C7 NAG NA . -16.97 27.61 26.97
C8 NAG NA . -15.83 28.24 26.21
N2 NAG NA . -16.93 27.75 28.30
O3 NAG NA . -19.35 29.15 28.92
O4 NAG NA . -20.32 28.79 31.61
O5 NAG NA . -18.38 25.73 31.05
O6 NAG NA . -20.85 25.11 31.92
O7 NAG NA . -17.87 27.01 26.40
C1 NAG OA . -7.93 44.73 32.27
C2 NAG OA . -8.66 45.98 32.80
C3 NAG OA . -10.01 45.59 33.39
C4 NAG OA . -10.82 44.80 32.38
C5 NAG OA . -10.02 43.60 31.88
C6 NAG OA . -10.73 42.83 30.80
C7 NAG OA . -6.99 47.65 33.47
C8 NAG OA . -6.24 48.26 34.62
N2 NAG OA . -7.85 46.67 33.78
O3 NAG OA . -10.71 46.77 33.76
O4 NAG OA . -12.03 44.35 32.98
O5 NAG OA . -8.77 44.05 31.33
O6 NAG OA . -12.12 43.10 30.79
O7 NAG OA . -6.82 48.02 32.32
C1 NAG PA . -50.49 -1.81 -16.38
C2 NAG PA . -49.64 -2.09 -17.61
C3 NAG PA . -49.98 -1.10 -18.73
C4 NAG PA . -51.48 -1.12 -19.01
C5 NAG PA . -52.25 -0.86 -17.71
C6 NAG PA . -53.75 -0.96 -17.88
C7 NAG PA . -47.39 -3.05 -17.34
C8 NAG PA . -45.97 -2.79 -16.97
N2 NAG PA . -48.22 -2.00 -17.29
O3 NAG PA . -49.28 -1.47 -19.91
O4 NAG PA . -51.81 -0.12 -19.95
O5 NAG PA . -51.88 -1.84 -16.73
O6 NAG PA . -54.10 -2.00 -18.78
O7 NAG PA . -47.78 -4.17 -17.66
C1 NAG QA . -46.77 -39.45 10.16
C2 NAG QA . -47.79 -40.49 10.64
C3 NAG QA . -47.24 -41.89 10.48
C4 NAG QA . -46.78 -42.12 9.05
C5 NAG QA . -45.79 -41.04 8.64
C6 NAG QA . -45.38 -41.14 7.19
C7 NAG QA . -49.42 -40.24 12.48
C8 NAG QA . -50.48 -40.52 11.44
N2 NAG QA . -48.16 -40.24 12.03
O3 NAG QA . -48.24 -42.84 10.83
O4 NAG QA . -46.15 -43.39 8.94
O5 NAG QA . -46.39 -39.75 8.80
O6 NAG QA . -46.51 -41.23 6.33
O7 NAG QA . -49.70 -40.04 13.65
C1 NAG RA . -37.44 -27.59 -0.62
C2 NAG RA . -36.90 -28.94 -0.14
C3 NAG RA . -35.51 -29.19 -0.74
C4 NAG RA . -35.55 -29.07 -2.25
C5 NAG RA . -36.13 -27.71 -2.64
C6 NAG RA . -36.30 -27.54 -4.14
C7 NAG RA . -36.97 -30.12 2.01
C8 NAG RA . -36.89 -29.98 3.50
N2 NAG RA . -36.85 -28.99 1.31
O3 NAG RA . -35.07 -30.50 -0.37
O4 NAG RA . -34.24 -29.19 -2.79
O5 NAG RA . -37.43 -27.55 -2.06
O6 NAG RA . -37.64 -27.81 -4.53
O7 NAG RA . -37.13 -31.21 1.46
C1 NAG SA . -12.33 -35.91 -36.50
C2 NAG SA . -13.84 -35.80 -36.26
C3 NAG SA . -14.59 -36.34 -37.48
C4 NAG SA . -14.13 -35.62 -38.74
C5 NAG SA . -12.61 -35.70 -38.88
C6 NAG SA . -12.09 -34.88 -40.03
C7 NAG SA . -14.95 -35.94 -34.07
C8 NAG SA . -15.27 -36.82 -32.91
N2 NAG SA . -14.24 -36.51 -35.05
O3 NAG SA . -15.99 -36.15 -37.28
O4 NAG SA . -14.73 -36.21 -39.88
O5 NAG SA . -11.98 -35.20 -37.69
O6 NAG SA . -12.38 -33.50 -39.85
O7 NAG SA . -15.31 -34.77 -34.14
C1 NAG TA . -9.35 -55.62 -11.46
C2 NAG TA . -8.87 -56.94 -10.87
C3 NAG TA . -10.04 -57.70 -10.24
C4 NAG TA . -10.77 -56.81 -9.25
C5 NAG TA . -11.22 -55.52 -9.93
C6 NAG TA . -11.88 -54.54 -8.99
C7 NAG TA . -7.32 -58.70 -11.59
C8 NAG TA . -6.74 -59.46 -12.75
N2 NAG TA . -8.23 -57.76 -11.88
O3 NAG TA . -9.57 -58.87 -9.58
O4 NAG TA . -11.93 -57.49 -8.74
O5 NAG TA . -10.06 -54.85 -10.46
O6 NAG TA . -12.98 -53.89 -9.63
O7 NAG TA . -6.98 -58.94 -10.43
C1 NAG UA . -36.76 26.46 -8.19
C2 NAG UA . -36.08 27.23 -7.05
C3 NAG UA . -36.99 28.36 -6.56
C4 NAG UA . -37.42 29.24 -7.73
C5 NAG UA . -38.04 28.39 -8.83
C6 NAG UA . -38.37 29.19 -10.07
C7 NAG UA . -34.53 26.35 -5.37
C8 NAG UA . -34.34 25.37 -4.26
N2 NAG UA . -35.73 26.34 -5.97
O3 NAG UA . -36.30 29.12 -5.59
O4 NAG UA . -38.37 30.19 -7.27
O5 NAG UA . -37.11 27.36 -9.24
O6 NAG UA . -37.37 29.03 -11.07
O7 NAG UA . -33.64 27.12 -5.71
C1 NAG VA . -21.14 3.18 -38.10
C2 NAG VA . -20.08 4.07 -38.72
C3 NAG VA . -20.46 4.42 -40.15
C4 NAG VA . -20.72 3.16 -40.96
C5 NAG VA . -21.74 2.26 -40.24
C6 NAG VA . -21.93 0.93 -40.92
C7 NAG VA . -18.70 5.60 -37.38
C8 NAG VA . -18.67 6.87 -36.60
N2 NAG VA . -19.88 5.28 -37.93
O3 NAG VA . -19.41 5.18 -40.76
O4 NAG VA . -21.22 3.50 -42.25
O5 NAG VA . -21.30 2.00 -38.90
O6 NAG VA . -20.81 0.08 -40.70
O7 NAG VA . -17.70 4.90 -37.51
C1 NAG WA . -29.77 21.80 -41.77
C2 NAG WA . -30.04 22.31 -43.19
C3 NAG WA . -29.86 21.18 -44.20
C4 NAG WA . -28.49 20.55 -44.05
C5 NAG WA . -28.29 20.09 -42.59
C6 NAG WA . -26.91 19.54 -42.34
C7 NAG WA . -31.64 24.17 -43.07
C8 NAG WA . -33.06 24.60 -43.23
N2 NAG WA . -31.37 22.88 -43.29
O3 NAG WA . -30.00 21.72 -45.51
O4 NAG WA . -28.37 19.42 -44.91
O5 NAG WA . -28.47 21.20 -41.71
O6 NAG WA . -26.28 19.14 -43.55
O7 NAG WA . -30.76 24.97 -42.77
C1 NAG XA . 38.77 -17.54 -31.78
C2 NAG XA . 39.46 -16.94 -30.55
C3 NAG XA . 40.48 -15.88 -30.98
C4 NAG XA . 41.44 -16.45 -32.02
C5 NAG XA . 40.66 -17.04 -33.19
C6 NAG XA . 41.54 -17.71 -34.22
C7 NAG XA . 38.25 -16.86 -28.43
C8 NAG XA . 37.21 -16.15 -27.62
N2 NAG XA . 38.49 -16.36 -29.65
O3 NAG XA . 41.20 -15.45 -29.84
O4 NAG XA . 42.29 -15.42 -32.50
O5 NAG XA . 39.76 -18.04 -32.70
O6 NAG XA . 42.60 -18.42 -33.59
O7 NAG XA . 38.84 -17.84 -28.00
C1 NAG YA . 18.70 -56.56 -17.28
C2 NAG YA . 18.88 -58.03 -17.66
C3 NAG YA . 18.93 -58.90 -16.40
C4 NAG YA . 19.98 -58.37 -15.43
C5 NAG YA . 19.72 -56.90 -15.14
C6 NAG YA . 20.80 -56.27 -14.27
C7 NAG YA . 18.05 -59.19 -19.66
C8 NAG YA . 19.48 -59.52 -19.96
N2 NAG YA . 17.82 -58.48 -18.55
O3 NAG YA . 19.22 -60.24 -16.76
O4 NAG YA . 19.92 -59.10 -14.21
O5 NAG YA . 19.71 -56.16 -16.36
O6 NAG YA . 22.10 -56.53 -14.79
O7 NAG YA . 17.13 -59.56 -20.39
C1 NAG ZA . 22.05 -38.83 -13.05
C2 NAG ZA . 21.54 -39.87 -12.05
C3 NAG ZA . 21.41 -39.26 -10.66
C4 NAG ZA . 22.73 -38.62 -10.25
C5 NAG ZA . 23.19 -37.62 -11.30
C6 NAG ZA . 24.54 -37.02 -11.01
C7 NAG ZA . 19.86 -41.66 -12.21
C8 NAG ZA . 18.52 -42.05 -12.73
N2 NAG ZA . 20.26 -40.41 -12.49
O3 NAG ZA . 21.04 -40.27 -9.73
O4 NAG ZA . 22.58 -37.95 -9.00
O5 NAG ZA . 23.28 -38.27 -12.57
O6 NAG ZA . 25.57 -37.67 -11.75
O7 NAG ZA . 20.56 -42.44 -11.57
C1 NAG AB . 42.11 -21.81 22.96
C2 NAG AB . 42.61 -22.45 21.67
C3 NAG AB . 44.09 -22.78 21.79
C4 NAG AB . 44.88 -21.54 22.18
C5 NAG AB . 44.28 -20.90 23.44
C6 NAG AB . 44.93 -19.58 23.79
C7 NAG AB . 41.27 -23.83 20.15
C8 NAG AB . 40.52 -25.12 19.98
N2 NAG AB . 41.85 -23.64 21.33
O3 NAG AB . 44.57 -23.29 20.55
O4 NAG AB . 46.24 -21.87 22.43
O5 NAG AB . 42.88 -20.65 23.25
O6 NAG AB . 44.65 -18.59 22.80
O7 NAG AB . 41.35 -23.00 19.24
C1 NAG BB . 21.43 -45.82 27.53
C2 NAG BB . 20.84 -46.93 28.43
C3 NAG BB . 20.97 -48.30 27.75
C4 NAG BB . 20.35 -48.25 26.36
C5 NAG BB . 20.99 -47.12 25.54
C6 NAG BB . 20.40 -46.97 24.17
C7 NAG BB . 20.93 -47.43 30.83
C8 NAG BB . 21.75 -47.38 32.08
N2 NAG BB . 21.50 -46.95 29.73
O3 NAG BB . 20.30 -49.28 28.53
O4 NAG BB . 20.55 -49.49 25.69
O5 NAG BB . 20.81 -45.88 26.23
O6 NAG BB . 21.39 -46.59 23.22
O7 NAG BB . 19.80 -47.91 30.82
C1 NAG CB . 21.51 8.80 -39.72
C2 NAG CB . 20.10 9.31 -40.02
C3 NAG CB . 19.96 9.64 -41.50
C4 NAG CB . 21.04 10.61 -41.93
C5 NAG CB . 22.42 10.06 -41.55
C6 NAG CB . 23.55 11.04 -41.83
C7 NAG CB . 18.00 8.64 -38.93
C8 NAG CB . 17.08 7.50 -38.60
N2 NAG CB . 19.10 8.33 -39.62
O3 NAG CB . 18.67 10.22 -41.73
O4 NAG CB . 20.98 10.81 -43.33
O5 NAG CB . 22.46 9.78 -40.14
O6 NAG CB . 23.96 11.69 -40.65
O7 NAG CB . 17.76 9.79 -38.58
C1 NAG DB . 42.76 7.17 -4.80
C2 NAG DB . 42.69 8.60 -4.27
C3 NAG DB . 44.08 9.23 -4.26
C4 NAG DB . 45.05 8.34 -3.49
C5 NAG DB . 45.02 6.92 -4.03
C6 NAG DB . 45.86 5.95 -3.21
C7 NAG DB . 40.70 10.01 -4.50
C8 NAG DB . 39.85 10.80 -5.45
N2 NAG DB . 41.76 9.41 -5.05
O3 NAG DB . 44.02 10.52 -3.67
O4 NAG DB . 46.38 8.87 -3.63
O5 NAG DB . 43.68 6.40 -4.00
O6 NAG DB . 45.28 5.72 -1.94
O7 NAG DB . 40.43 9.90 -3.32
C1 NAG EB . 47.82 20.09 -20.35
C2 NAG EB . 49.11 20.92 -20.36
C3 NAG EB . 50.04 20.45 -19.25
C4 NAG EB . 49.32 20.45 -17.90
C5 NAG EB . 48.04 19.63 -18.01
C6 NAG EB . 47.21 19.67 -16.74
C7 NAG EB . 49.55 21.72 -22.63
C8 NAG EB . 50.33 21.50 -23.89
N2 NAG EB . 49.78 20.85 -21.65
O3 NAG EB . 51.17 21.31 -19.19
O4 NAG EB . 50.16 19.90 -16.90
O5 NAG EB . 47.21 20.14 -19.06
O6 NAG EB . 47.99 20.08 -15.63
O7 NAG EB . 48.76 22.65 -22.51
#